data_5INF
#
_entry.id   5INF
#
_cell.length_a   110.072
_cell.length_b   165.453
_cell.length_c   190.261
_cell.angle_alpha   90.00
_cell.angle_beta   90.00
_cell.angle_gamma   90.00
#
_symmetry.space_group_name_H-M   'P 21 21 21'
#
loop_
_entity.id
_entity.type
_entity.pdbx_description
1 polymer 'Carboxyl transferase'
2 non-polymer 'HEXANOYL-COENZYME A'
3 water water
#
_entity_poly.entity_id   1
_entity_poly.type   'polypeptide(L)'
_entity_poly.pdbx_seq_one_letter_code
;GIDPFTMSLQEPVSPVEESPTSTADRIADLAARHEEAVVLAEKKAADRQHLKGKLTARARIDLLLDPGSFVELDEFVRHR
TVEAGIPRPYGDGVVTGHGTIDGRQVCVFSHDFTTLGGSMGEAFGSKVVKIYDFAMSVGCPVIGINDSGGARIQEGVMSI
AYYTELGVRNVHSSGVIPQISLIMGPCAGGSVYSPALTDFTVMVKDISYMFVTGPEVVSAVMGEQVTAEQLGGPAVHAEV
SGNAHYVGDDEQDAISWVQTLLGYLPPNNLDPAPVYDHDCAPGITEADLALDTVIPDSEQQVYDMADVITAVLDDGDYLE
IHPDFARNIICALGRVEGHSVAVVANQPRHLAGVLDIDASEKAARFIRFCDSFNIPVLTFMDVPGYLPGVGQEHQGIIRR
GIKLFYAYAESTVPKITVITRKAYGGGYAVMGSRQIGADRVMAWPTAEIAVMGANSAVPILHRRELAAVPPEERAAVKEN
LVDDYRRRFGNPYEAAAHGYVDMVISPSRTRYEVARALASLRNKRQARPARKHGNIPL
;
_entity_poly.pdbx_strand_id   A,B,C,D,E,F
#
loop_
_chem_comp.id
_chem_comp.type
_chem_comp.name
_chem_comp.formula
HXC non-polymer 'HEXANOYL-COENZYME A' 'C27 H46 N7 O17 P3 S'
#
# COMPACT_ATOMS: atom_id res chain seq x y z
N THR A 21 50.38 19.73 -18.78
CA THR A 21 50.71 20.95 -18.05
C THR A 21 49.62 21.99 -18.20
N SER A 22 49.50 22.56 -19.39
CA SER A 22 48.52 23.61 -19.66
C SER A 22 47.15 23.05 -20.01
N THR A 23 46.16 23.95 -20.07
CA THR A 23 44.81 23.50 -20.40
C THR A 23 44.77 22.90 -21.80
N ALA A 24 45.36 23.58 -22.77
CA ALA A 24 45.37 23.04 -24.12
C ALA A 24 46.11 21.71 -24.16
N ASP A 25 47.20 21.61 -23.41
CA ASP A 25 47.99 20.39 -23.38
C ASP A 25 47.21 19.23 -22.78
N ARG A 26 46.44 19.50 -21.72
CA ARG A 26 45.64 18.43 -21.12
C ARG A 26 44.53 17.99 -22.06
N ILE A 27 43.93 18.93 -22.79
CA ILE A 27 42.87 18.54 -23.71
C ILE A 27 43.44 17.70 -24.84
N ALA A 28 44.64 18.06 -25.29
CA ALA A 28 45.30 17.27 -26.32
C ALA A 28 45.67 15.90 -25.81
N ASP A 29 46.13 15.81 -24.57
CA ASP A 29 46.44 14.51 -23.99
C ASP A 29 45.20 13.61 -23.95
N LEU A 30 44.03 14.21 -23.72
CA LEU A 30 42.78 13.45 -23.72
C LEU A 30 42.47 12.92 -25.11
N ALA A 31 42.52 13.80 -26.12
CA ALA A 31 42.40 13.33 -27.50
C ALA A 31 43.37 12.21 -27.79
N ALA A 32 44.56 12.26 -27.19
CA ALA A 32 45.56 11.22 -27.42
C ALA A 32 45.12 9.91 -26.82
N ARG A 33 44.65 9.97 -25.57
CA ARG A 33 44.18 8.76 -24.91
C ARG A 33 42.91 8.23 -25.57
N HIS A 34 41.99 9.11 -25.97
CA HIS A 34 40.78 8.67 -26.67
C HIS A 34 41.10 7.99 -27.99
N GLU A 35 42.28 8.23 -28.53
CA GLU A 35 42.68 7.60 -29.77
C GLU A 35 43.28 6.23 -29.52
N GLU A 36 44.05 6.11 -28.45
CA GLU A 36 44.60 4.82 -28.08
C GLU A 36 43.50 3.84 -27.66
N ALA A 37 42.40 4.34 -27.08
CA ALA A 37 41.36 3.47 -26.55
C ALA A 37 40.32 3.08 -27.59
N VAL A 38 40.05 3.95 -28.57
CA VAL A 38 38.97 3.75 -29.52
C VAL A 38 39.46 3.45 -30.93
N VAL A 39 40.60 3.97 -31.35
CA VAL A 39 41.05 3.76 -32.73
C VAL A 39 42.15 2.70 -32.82
N LEU A 40 43.27 2.91 -32.11
CA LEU A 40 44.36 1.95 -32.16
C LEU A 40 43.93 0.60 -31.58
N ALA A 41 43.32 0.61 -30.39
CA ALA A 41 42.84 -0.64 -29.79
C ALA A 41 41.81 -1.32 -30.67
N GLU A 42 41.19 -0.57 -31.58
CA GLU A 42 40.14 -1.09 -32.45
C GLU A 42 40.67 -1.66 -33.75
N LYS A 43 41.65 -1.01 -34.38
CA LYS A 43 42.21 -1.59 -35.59
C LYS A 43 43.06 -2.82 -35.28
N LYS A 44 43.74 -2.84 -34.14
CA LYS A 44 44.25 -4.10 -33.61
C LYS A 44 43.17 -5.17 -33.63
N ALA A 45 42.03 -4.87 -33.00
CA ALA A 45 40.96 -5.86 -32.87
C ALA A 45 40.28 -6.16 -34.20
N ALA A 46 40.23 -5.19 -35.10
CA ALA A 46 39.72 -5.48 -36.44
C ALA A 46 40.60 -6.50 -37.16
N ASP A 47 41.92 -6.34 -37.07
CA ASP A 47 42.84 -7.30 -37.70
C ASP A 47 42.67 -8.70 -37.10
N ARG A 48 42.73 -8.81 -35.77
CA ARG A 48 42.65 -10.14 -35.17
C ARG A 48 41.30 -10.80 -35.39
N GLN A 49 40.22 -10.01 -35.47
CA GLN A 49 38.88 -10.58 -35.45
C GLN A 49 38.37 -10.90 -36.86
N HIS A 50 38.69 -10.05 -37.84
CA HIS A 50 38.34 -10.38 -39.22
C HIS A 50 38.94 -11.72 -39.66
N LEU A 51 40.11 -12.09 -39.14
CA LEU A 51 40.74 -13.34 -39.54
C LEU A 51 39.90 -14.55 -39.16
N LYS A 52 39.07 -14.42 -38.12
CA LYS A 52 38.16 -15.50 -37.72
C LYS A 52 36.74 -15.27 -38.24
N GLY A 53 36.56 -14.35 -39.18
CA GLY A 53 35.25 -14.11 -39.75
C GLY A 53 34.29 -13.36 -38.84
N LYS A 54 34.82 -12.56 -37.92
CA LYS A 54 34.01 -11.91 -36.89
C LYS A 54 34.19 -10.40 -36.97
N LEU A 55 33.21 -9.68 -36.44
CA LEU A 55 33.28 -8.24 -36.33
C LEU A 55 33.89 -7.83 -34.99
N THR A 56 34.09 -6.54 -34.79
CA THR A 56 34.67 -6.13 -33.52
C THR A 56 33.60 -5.70 -32.54
N ALA A 57 34.02 -5.55 -31.29
CA ALA A 57 33.09 -5.11 -30.25
C ALA A 57 32.41 -3.81 -30.66
N ARG A 58 33.20 -2.80 -31.02
CA ARG A 58 32.57 -1.53 -31.38
C ARG A 58 31.80 -1.64 -32.68
N ALA A 59 32.23 -2.49 -33.62
CA ALA A 59 31.46 -2.62 -34.85
C ALA A 59 30.09 -3.18 -34.57
N ARG A 60 30.00 -4.16 -33.67
CA ARG A 60 28.71 -4.74 -33.34
C ARG A 60 27.80 -3.73 -32.65
N ILE A 61 28.34 -2.91 -31.75
CA ILE A 61 27.52 -1.89 -31.13
C ILE A 61 26.98 -0.92 -32.17
N ASP A 62 27.78 -0.56 -33.17
CA ASP A 62 27.34 0.48 -34.08
C ASP A 62 26.36 -0.03 -35.12
N LEU A 63 26.36 -1.34 -35.37
CA LEU A 63 25.28 -1.97 -36.12
C LEU A 63 24.00 -1.97 -35.35
N LEU A 64 24.09 -2.17 -34.04
CA LEU A 64 22.90 -2.34 -33.21
C LEU A 64 22.16 -1.03 -32.96
N LEU A 65 22.88 0.01 -32.55
CA LEU A 65 22.22 1.24 -32.15
C LEU A 65 21.99 2.16 -33.33
N ASP A 66 21.06 3.07 -33.14
CA ASP A 66 20.86 4.12 -34.11
C ASP A 66 22.16 4.90 -34.25
N PRO A 67 22.56 5.23 -35.47
CA PRO A 67 23.74 6.09 -35.63
C PRO A 67 23.62 7.36 -34.81
N GLY A 68 24.72 7.71 -34.13
CA GLY A 68 24.86 8.93 -33.40
C GLY A 68 24.45 8.85 -31.94
N SER A 69 23.84 7.75 -31.53
CA SER A 69 23.15 7.70 -30.26
C SER A 69 23.94 7.06 -29.15
N PHE A 70 25.05 6.43 -29.46
CA PHE A 70 25.83 5.74 -28.44
C PHE A 70 26.61 6.71 -27.55
N VAL A 71 26.45 6.56 -26.25
CA VAL A 71 27.27 7.24 -25.24
C VAL A 71 28.04 6.16 -24.52
N GLU A 72 29.36 6.19 -24.65
CA GLU A 72 30.20 5.17 -24.07
C GLU A 72 30.59 5.56 -22.66
N LEU A 73 30.48 4.62 -21.73
CA LEU A 73 30.87 4.82 -20.36
C LEU A 73 32.13 4.05 -20.06
N ASP A 74 32.91 4.54 -19.09
CA ASP A 74 34.04 3.78 -18.57
C ASP A 74 35.10 3.50 -19.65
N GLU A 75 35.31 4.47 -20.53
CA GLU A 75 36.28 4.33 -21.62
C GLU A 75 37.69 4.16 -21.10
N PHE A 76 38.03 4.85 -20.01
CA PHE A 76 39.37 4.83 -19.47
C PHE A 76 39.49 3.96 -18.21
N VAL A 77 38.47 3.16 -17.88
CA VAL A 77 38.62 2.17 -16.83
C VAL A 77 39.83 1.26 -17.14
N ARG A 78 40.54 0.83 -16.08
CA ARG A 78 41.64 -0.12 -16.19
C ARG A 78 41.64 -1.03 -14.98
N HIS A 79 42.14 -2.26 -15.14
CA HIS A 79 42.35 -3.12 -13.97
C HIS A 79 43.56 -2.61 -13.20
N ARG A 80 43.85 -3.23 -12.06
CA ARG A 80 44.64 -2.56 -11.05
C ARG A 80 46.15 -2.85 -11.12
N THR A 81 46.54 -4.10 -11.36
CA THR A 81 47.97 -4.44 -11.38
C THR A 81 48.75 -3.69 -12.47
N PRO A 87 50.48 -5.14 -18.95
CA PRO A 87 49.65 -4.48 -19.97
C PRO A 87 48.20 -4.20 -19.49
N ARG A 88 47.82 -2.92 -19.41
CA ARG A 88 46.52 -2.51 -18.86
C ARG A 88 45.77 -1.67 -19.89
N PRO A 89 45.06 -2.31 -20.81
CA PRO A 89 44.36 -1.56 -21.86
C PRO A 89 43.14 -0.83 -21.31
N TYR A 90 42.82 0.27 -21.97
CA TYR A 90 41.64 1.02 -21.59
C TYR A 90 40.40 0.21 -21.90
N GLY A 91 39.49 0.10 -20.92
CA GLY A 91 38.27 -0.66 -21.04
C GLY A 91 38.32 -2.07 -20.46
N ASP A 92 39.50 -2.60 -20.16
CA ASP A 92 39.65 -3.94 -19.60
C ASP A 92 38.95 -5.02 -20.43
N GLY A 93 38.65 -4.76 -21.71
CA GLY A 93 38.18 -5.82 -22.60
C GLY A 93 36.70 -5.85 -22.93
N VAL A 94 35.97 -4.78 -22.66
CA VAL A 94 34.54 -4.74 -22.90
C VAL A 94 34.19 -3.29 -23.15
N VAL A 95 33.20 -3.07 -23.98
CA VAL A 95 32.73 -1.74 -24.32
C VAL A 95 31.30 -1.63 -23.84
N THR A 96 31.03 -0.64 -23.00
CA THR A 96 29.75 -0.52 -22.33
C THR A 96 29.23 0.89 -22.47
N GLY A 97 27.91 1.02 -22.62
CA GLY A 97 27.32 2.32 -22.78
C GLY A 97 25.83 2.19 -22.96
N HIS A 98 25.18 3.29 -23.32
CA HIS A 98 23.77 3.27 -23.62
C HIS A 98 23.52 4.05 -24.90
N GLY A 99 22.46 3.74 -25.61
CA GLY A 99 22.11 4.42 -26.84
C GLY A 99 20.62 4.26 -27.06
N THR A 100 20.20 4.34 -28.32
CA THR A 100 18.82 4.08 -28.72
C THR A 100 18.78 3.10 -29.87
N ILE A 101 17.74 2.31 -29.87
CA ILE A 101 17.37 1.49 -31.00
C ILE A 101 15.98 1.94 -31.39
N ASP A 102 15.83 2.33 -32.66
CA ASP A 102 14.58 2.87 -33.20
C ASP A 102 14.00 3.94 -32.29
N GLY A 103 14.88 4.77 -31.73
CA GLY A 103 14.46 5.92 -31.00
C GLY A 103 14.11 5.68 -29.56
N ARG A 104 14.05 4.43 -29.09
CA ARG A 104 13.83 4.14 -27.68
C ARG A 104 15.14 3.72 -27.03
N GLN A 105 15.30 4.12 -25.78
CA GLN A 105 16.55 3.98 -25.07
C GLN A 105 16.82 2.53 -24.69
N VAL A 106 18.10 2.10 -24.80
CA VAL A 106 18.58 0.79 -24.33
C VAL A 106 20.00 0.93 -23.79
N CYS A 107 20.41 -0.06 -23.02
CA CYS A 107 21.80 -0.18 -22.58
C CYS A 107 22.48 -1.25 -23.44
N VAL A 108 23.79 -1.41 -23.30
CA VAL A 108 24.49 -2.38 -24.12
C VAL A 108 25.88 -2.65 -23.55
N PHE A 109 26.32 -3.89 -23.62
CA PHE A 109 27.72 -4.20 -23.42
C PHE A 109 28.20 -5.12 -24.53
N SER A 110 29.48 -5.02 -24.84
CA SER A 110 30.05 -5.76 -25.96
C SER A 110 31.44 -6.23 -25.57
N HIS A 111 31.63 -7.55 -25.48
CA HIS A 111 32.95 -8.11 -25.21
C HIS A 111 33.91 -7.85 -26.37
N ASP A 112 35.17 -7.56 -26.03
CA ASP A 112 36.25 -7.47 -26.99
C ASP A 112 37.14 -8.69 -26.79
N PHE A 113 37.03 -9.64 -27.72
CA PHE A 113 37.71 -10.92 -27.60
C PHE A 113 39.21 -10.79 -27.83
N THR A 114 39.64 -9.68 -28.43
CA THR A 114 41.06 -9.51 -28.69
C THR A 114 41.81 -9.09 -27.44
N THR A 115 41.15 -8.32 -26.57
CA THR A 115 41.70 -7.88 -25.29
C THR A 115 41.54 -9.01 -24.28
N LEU A 116 42.58 -9.83 -24.18
CA LEU A 116 42.64 -10.92 -23.19
C LEU A 116 41.43 -11.85 -23.28
N GLY A 117 41.05 -12.22 -24.51
CA GLY A 117 39.94 -13.14 -24.67
C GLY A 117 38.64 -12.64 -24.09
N GLY A 118 38.53 -11.32 -23.90
CA GLY A 118 37.32 -10.74 -23.32
C GLY A 118 36.96 -11.38 -22.01
N SER A 119 37.96 -11.69 -21.21
CA SER A 119 37.76 -12.46 -19.99
C SER A 119 37.33 -11.57 -18.84
N MET A 120 36.56 -12.15 -17.93
CA MET A 120 35.89 -11.41 -16.86
C MET A 120 36.88 -11.09 -15.74
N GLY A 121 37.31 -9.83 -15.65
CA GLY A 121 38.06 -9.34 -14.53
C GLY A 121 37.21 -8.48 -13.62
N GLU A 122 37.87 -7.81 -12.67
CA GLU A 122 37.11 -6.97 -11.76
C GLU A 122 36.75 -5.65 -12.42
N ALA A 123 37.64 -5.09 -13.23
CA ALA A 123 37.31 -3.86 -13.95
C ALA A 123 36.21 -4.11 -14.98
N PHE A 124 36.47 -5.04 -15.90
CA PHE A 124 35.50 -5.58 -16.84
C PHE A 124 34.11 -5.76 -16.20
N GLY A 125 34.03 -6.51 -15.11
CA GLY A 125 32.75 -6.78 -14.49
C GLY A 125 32.10 -5.55 -13.89
N SER A 126 32.90 -4.65 -13.32
CA SER A 126 32.35 -3.44 -12.73
C SER A 126 31.75 -2.54 -13.79
N LYS A 127 32.26 -2.60 -15.02
CA LYS A 127 31.64 -1.87 -16.12
C LYS A 127 30.28 -2.47 -16.47
N VAL A 128 30.22 -3.77 -16.66
CA VAL A 128 28.95 -4.38 -16.99
C VAL A 128 27.96 -4.23 -15.84
N VAL A 129 28.45 -4.33 -14.59
CA VAL A 129 27.55 -4.14 -13.45
C VAL A 129 26.99 -2.73 -13.47
N LYS A 130 27.83 -1.75 -13.77
CA LYS A 130 27.39 -0.37 -13.80
C LYS A 130 26.35 -0.14 -14.89
N ILE A 131 26.55 -0.73 -16.07
CA ILE A 131 25.57 -0.57 -17.15
C ILE A 131 24.26 -1.27 -16.79
N TYR A 132 24.32 -2.42 -16.12
CA TYR A 132 23.08 -3.07 -15.72
C TYR A 132 22.36 -2.25 -14.66
N ASP A 133 23.09 -1.73 -13.68
CA ASP A 133 22.45 -0.87 -12.70
C ASP A 133 21.72 0.27 -13.39
N PHE A 134 22.29 0.82 -14.46
CA PHE A 134 21.66 1.95 -15.12
C PHE A 134 20.36 1.54 -15.79
N ALA A 135 20.36 0.45 -16.55
CA ALA A 135 19.12 0.00 -17.16
C ALA A 135 18.06 -0.31 -16.11
N MET A 136 18.45 -0.93 -14.99
CA MET A 136 17.47 -1.19 -13.94
C MET A 136 16.99 0.11 -13.29
N SER A 137 17.86 1.11 -13.28
CA SER A 137 17.52 2.36 -12.64
C SER A 137 16.47 3.11 -13.43
N VAL A 138 16.62 3.12 -14.76
CA VAL A 138 15.73 3.90 -15.62
C VAL A 138 14.72 3.03 -16.33
N GLY A 139 14.74 1.72 -16.10
CA GLY A 139 13.84 0.81 -16.77
C GLY A 139 13.95 0.78 -18.28
N CYS A 140 15.07 0.26 -18.80
CA CYS A 140 15.25 0.13 -20.24
C CYS A 140 15.86 -1.23 -20.56
N PRO A 141 15.66 -1.74 -21.78
CA PRO A 141 16.20 -3.06 -22.09
C PRO A 141 17.73 -3.10 -22.05
N VAL A 142 18.27 -4.30 -21.85
CA VAL A 142 19.70 -4.52 -21.88
C VAL A 142 20.01 -5.51 -22.99
N ILE A 143 20.94 -5.16 -23.85
CA ILE A 143 21.44 -6.04 -24.89
C ILE A 143 22.88 -6.36 -24.57
N GLY A 144 23.16 -7.65 -24.39
CA GLY A 144 24.51 -8.13 -24.15
C GLY A 144 25.05 -8.84 -25.37
N ILE A 145 26.25 -8.44 -25.79
CA ILE A 145 26.94 -9.02 -26.93
C ILE A 145 28.16 -9.76 -26.40
N ASN A 146 28.13 -11.10 -26.49
CA ASN A 146 29.11 -11.97 -25.83
C ASN A 146 30.11 -12.56 -26.83
N ASP A 147 31.39 -12.49 -26.47
CA ASP A 147 32.46 -12.95 -27.34
C ASP A 147 33.67 -13.05 -26.40
N SER A 148 33.81 -14.20 -25.77
CA SER A 148 34.54 -14.23 -24.52
C SER A 148 35.29 -15.55 -24.43
N GLY A 149 36.50 -15.50 -23.88
CA GLY A 149 37.20 -16.72 -23.48
C GLY A 149 36.53 -17.40 -22.31
N GLY A 150 36.52 -16.70 -21.18
CA GLY A 150 35.91 -17.21 -19.96
C GLY A 150 36.37 -16.35 -18.79
N ALA A 151 36.72 -17.00 -17.68
CA ALA A 151 37.20 -16.32 -16.49
C ALA A 151 38.72 -16.16 -16.53
N ARG A 152 39.19 -14.99 -16.09
CA ARG A 152 40.62 -14.76 -15.90
C ARG A 152 41.12 -15.59 -14.72
N ILE A 153 41.86 -16.66 -15.02
CA ILE A 153 42.55 -17.41 -13.98
C ILE A 153 43.55 -16.52 -13.26
N GLN A 154 43.97 -15.43 -13.89
CA GLN A 154 44.97 -14.53 -13.35
C GLN A 154 44.39 -13.59 -12.27
N GLU A 155 43.07 -13.40 -12.24
CA GLU A 155 42.43 -12.62 -11.20
C GLU A 155 41.74 -13.49 -10.14
N GLY A 156 41.89 -14.81 -10.20
CA GLY A 156 41.44 -15.72 -9.16
C GLY A 156 39.96 -15.64 -8.84
N VAL A 157 39.62 -15.94 -7.58
CA VAL A 157 38.22 -16.00 -7.15
C VAL A 157 37.46 -14.74 -7.54
N MET A 158 38.17 -13.64 -7.66
CA MET A 158 37.56 -12.37 -7.98
C MET A 158 36.72 -12.43 -9.24
N SER A 159 37.21 -13.13 -10.26
CA SER A 159 36.43 -13.22 -11.48
C SER A 159 35.12 -13.94 -11.23
N ILE A 160 35.14 -14.98 -10.39
CA ILE A 160 33.91 -15.68 -10.06
C ILE A 160 32.95 -14.74 -9.37
N ALA A 161 33.46 -14.02 -8.38
CA ALA A 161 32.65 -13.04 -7.69
C ALA A 161 31.95 -12.13 -8.68
N TYR A 162 32.66 -11.65 -9.68
CA TYR A 162 31.99 -10.77 -10.61
C TYR A 162 30.91 -11.52 -11.35
N TYR A 163 31.26 -12.56 -12.12
CA TYR A 163 30.24 -13.42 -12.74
C TYR A 163 28.97 -13.55 -11.90
N THR A 164 29.13 -13.79 -10.60
CA THR A 164 27.97 -14.01 -9.76
C THR A 164 27.20 -12.73 -9.55
N GLU A 165 27.87 -11.61 -9.36
CA GLU A 165 27.12 -10.39 -9.12
C GLU A 165 26.40 -9.93 -10.38
N LEU A 166 27.03 -10.10 -11.55
CA LEU A 166 26.30 -9.91 -12.81
C LEU A 166 25.11 -10.86 -12.91
N GLY A 167 25.29 -12.11 -12.49
CA GLY A 167 24.18 -13.04 -12.53
C GLY A 167 23.03 -12.60 -11.64
N VAL A 168 23.35 -12.13 -10.44
CA VAL A 168 22.30 -11.74 -9.50
C VAL A 168 21.50 -10.58 -10.06
N ARG A 169 22.14 -9.70 -10.80
CA ARG A 169 21.42 -8.63 -11.44
C ARG A 169 20.50 -9.15 -12.55
N ASN A 170 20.90 -10.21 -13.23
CA ASN A 170 19.96 -10.80 -14.19
C ASN A 170 18.71 -11.33 -13.47
N VAL A 171 18.90 -11.99 -12.34
CA VAL A 171 17.76 -12.55 -11.63
C VAL A 171 16.87 -11.44 -11.11
N HIS A 172 17.47 -10.35 -10.60
CA HIS A 172 16.63 -9.26 -10.07
C HIS A 172 16.00 -8.45 -11.19
N SER A 173 16.53 -8.56 -12.42
CA SER A 173 15.92 -7.93 -13.58
C SER A 173 14.88 -8.78 -14.25
N SER A 174 14.89 -10.10 -13.98
CA SER A 174 14.01 -11.01 -14.68
C SER A 174 12.55 -10.57 -14.59
N GLY A 175 11.96 -10.29 -15.75
CA GLY A 175 10.60 -9.84 -15.82
C GLY A 175 10.39 -8.37 -15.49
N VAL A 176 11.46 -7.60 -15.33
CA VAL A 176 11.36 -6.20 -14.99
C VAL A 176 11.76 -5.33 -16.18
N ILE A 177 12.90 -5.62 -16.79
CA ILE A 177 13.31 -5.02 -18.06
C ILE A 177 13.66 -6.14 -19.05
N PRO A 178 13.33 -6.01 -20.33
CA PRO A 178 13.69 -7.08 -21.27
C PRO A 178 15.20 -7.24 -21.33
N GLN A 179 15.67 -8.50 -21.43
CA GLN A 179 17.11 -8.78 -21.50
C GLN A 179 17.42 -9.78 -22.61
N ILE A 180 18.32 -9.38 -23.50
CA ILE A 180 18.65 -10.15 -24.71
C ILE A 180 20.17 -10.36 -24.77
N SER A 181 20.58 -11.58 -25.11
CA SER A 181 21.98 -11.98 -25.27
C SER A 181 22.25 -12.39 -26.70
N LEU A 182 23.23 -11.73 -27.33
CA LEU A 182 23.77 -12.10 -28.64
C LEU A 182 25.05 -12.89 -28.40
N ILE A 183 25.11 -14.10 -28.90
CA ILE A 183 26.32 -14.91 -28.78
C ILE A 183 27.06 -14.77 -30.11
N MET A 184 28.14 -14.01 -30.10
CA MET A 184 28.84 -13.72 -31.34
C MET A 184 30.27 -14.23 -31.28
N GLY A 185 30.47 -15.32 -30.55
CA GLY A 185 31.78 -15.88 -30.30
C GLY A 185 31.68 -17.04 -29.33
N PRO A 186 32.81 -17.56 -28.90
CA PRO A 186 32.77 -18.61 -27.86
C PRO A 186 32.07 -18.12 -26.61
N CYS A 187 31.51 -19.06 -25.87
CA CYS A 187 30.79 -18.77 -24.64
C CYS A 187 30.92 -20.02 -23.78
N ALA A 188 31.92 -20.03 -22.90
CA ALA A 188 32.25 -21.22 -22.16
C ALA A 188 32.40 -20.90 -20.70
N GLY A 189 32.19 -21.90 -19.86
CA GLY A 189 32.28 -21.69 -18.43
C GLY A 189 31.33 -20.63 -17.92
N GLY A 190 31.85 -19.74 -17.08
CA GLY A 190 31.03 -18.71 -16.48
C GLY A 190 30.37 -17.78 -17.48
N SER A 191 30.99 -17.60 -18.64
CA SER A 191 30.40 -16.76 -19.64
C SER A 191 29.03 -17.25 -20.08
N VAL A 192 28.65 -18.47 -19.72
CA VAL A 192 27.38 -18.99 -20.16
C VAL A 192 26.27 -18.77 -19.15
N TYR A 193 26.60 -18.44 -17.91
CA TYR A 193 25.61 -18.32 -16.85
C TYR A 193 24.73 -17.09 -17.05
N SER A 194 25.35 -15.97 -17.36
CA SER A 194 24.58 -14.74 -17.48
C SER A 194 23.65 -14.79 -18.69
N PRO A 195 24.10 -15.18 -19.90
CA PRO A 195 23.13 -15.29 -21.01
C PRO A 195 21.98 -16.22 -20.74
N ALA A 196 22.17 -17.29 -19.97
CA ALA A 196 21.07 -18.21 -19.71
C ALA A 196 19.95 -17.58 -18.88
N LEU A 197 20.24 -16.57 -18.06
CA LEU A 197 19.21 -15.92 -17.27
C LEU A 197 18.51 -14.79 -18.01
N THR A 198 19.04 -14.35 -19.13
CA THR A 198 18.33 -13.37 -19.93
C THR A 198 17.15 -14.04 -20.63
N ASP A 199 16.28 -13.22 -21.18
CA ASP A 199 15.02 -13.72 -21.72
C ASP A 199 15.17 -14.37 -23.08
N PHE A 200 16.13 -13.93 -23.90
CA PHE A 200 16.34 -14.46 -25.23
C PHE A 200 17.83 -14.55 -25.54
N THR A 201 18.28 -15.69 -26.04
CA THR A 201 19.67 -15.88 -26.44
C THR A 201 19.70 -16.06 -27.96
N VAL A 202 20.53 -15.28 -28.65
CA VAL A 202 20.60 -15.25 -30.11
C VAL A 202 22.02 -15.57 -30.54
N MET A 203 22.19 -16.63 -31.31
CA MET A 203 23.51 -17.08 -31.75
C MET A 203 23.71 -16.75 -33.22
N VAL A 204 24.95 -16.91 -33.69
CA VAL A 204 25.32 -16.62 -35.07
C VAL A 204 25.93 -17.87 -35.66
N LYS A 205 25.57 -18.17 -36.91
CA LYS A 205 26.08 -19.38 -37.54
C LYS A 205 27.60 -19.36 -37.62
N ASP A 206 28.21 -20.53 -37.47
CA ASP A 206 29.65 -20.74 -37.66
C ASP A 206 30.58 -20.09 -36.65
N ILE A 207 30.30 -18.87 -36.18
CA ILE A 207 31.29 -18.17 -35.38
C ILE A 207 31.07 -18.30 -33.89
N SER A 208 30.02 -18.98 -33.43
CA SER A 208 29.73 -19.01 -32.00
C SER A 208 29.42 -20.41 -31.48
N TYR A 209 29.67 -20.63 -30.20
CA TYR A 209 29.28 -21.88 -29.56
C TYR A 209 29.19 -21.63 -28.06
N MET A 210 28.42 -22.47 -27.38
CA MET A 210 28.16 -22.37 -25.95
C MET A 210 28.31 -23.74 -25.31
N PHE A 211 28.93 -23.80 -24.14
CA PHE A 211 28.89 -25.01 -23.35
C PHE A 211 29.49 -24.74 -21.98
N VAL A 212 29.03 -25.49 -20.99
CA VAL A 212 29.56 -25.38 -19.64
C VAL A 212 30.98 -25.94 -19.62
N THR A 213 31.10 -27.25 -19.85
CA THR A 213 32.40 -27.91 -19.94
C THR A 213 32.84 -27.99 -21.40
N GLY A 214 34.11 -27.67 -21.63
CA GLY A 214 34.66 -27.64 -22.96
C GLY A 214 34.79 -29.00 -23.61
N PRO A 215 34.97 -29.00 -24.94
CA PRO A 215 34.93 -30.27 -25.68
C PRO A 215 36.15 -31.16 -25.46
N GLU A 216 37.29 -30.60 -25.09
CA GLU A 216 38.42 -31.50 -24.89
C GLU A 216 38.26 -32.27 -23.59
N VAL A 217 37.78 -31.60 -22.53
CA VAL A 217 37.55 -32.28 -21.25
C VAL A 217 36.50 -33.38 -21.41
N VAL A 218 35.50 -33.17 -22.26
CA VAL A 218 34.46 -34.17 -22.47
C VAL A 218 34.94 -35.40 -23.26
N VAL A 226 34.89 -35.44 -29.90
CA VAL A 226 33.88 -34.39 -29.90
C VAL A 226 34.44 -33.00 -30.17
N THR A 227 33.88 -32.29 -31.15
CA THR A 227 34.28 -30.92 -31.44
C THR A 227 33.37 -29.93 -30.74
N ALA A 228 33.80 -28.67 -30.75
CA ALA A 228 33.00 -27.64 -30.09
C ALA A 228 31.63 -27.49 -30.74
N GLU A 229 31.49 -27.86 -32.02
CA GLU A 229 30.22 -27.65 -32.70
C GLU A 229 29.27 -28.82 -32.52
N GLN A 230 29.77 -30.05 -32.61
CA GLN A 230 28.98 -31.18 -32.16
C GLN A 230 28.53 -30.98 -30.72
N LEU A 231 29.33 -30.29 -29.91
CA LEU A 231 29.02 -30.18 -28.50
C LEU A 231 28.01 -29.07 -28.23
N GLY A 232 28.26 -27.89 -28.78
CA GLY A 232 27.41 -26.77 -28.47
C GLY A 232 27.38 -25.70 -29.53
N GLY A 233 27.38 -26.09 -30.79
CA GLY A 233 27.19 -25.17 -31.88
C GLY A 233 25.76 -24.69 -32.01
N PRO A 234 25.55 -23.65 -32.81
CA PRO A 234 24.22 -23.05 -32.89
C PRO A 234 23.12 -24.04 -33.14
N ALA A 235 23.35 -25.04 -34.00
CA ALA A 235 22.24 -25.93 -34.30
C ALA A 235 21.92 -26.82 -33.12
N VAL A 236 22.94 -27.20 -32.35
CA VAL A 236 22.69 -27.99 -31.16
C VAL A 236 21.75 -27.24 -30.22
N HIS A 237 21.99 -25.95 -30.03
CA HIS A 237 21.18 -25.20 -29.08
C HIS A 237 19.85 -24.78 -29.68
N ALA A 238 19.79 -24.58 -30.99
CA ALA A 238 18.55 -24.18 -31.62
C ALA A 238 17.59 -25.34 -31.86
N GLU A 239 18.09 -26.57 -31.93
CA GLU A 239 17.25 -27.68 -32.35
C GLU A 239 17.16 -28.78 -31.32
N VAL A 240 18.10 -28.86 -30.38
CA VAL A 240 18.18 -29.99 -29.45
C VAL A 240 18.03 -29.56 -28.00
N SER A 241 18.87 -28.62 -27.55
CA SER A 241 18.82 -28.17 -26.17
C SER A 241 17.83 -27.05 -25.94
N GLY A 242 17.51 -26.26 -26.96
CA GLY A 242 16.62 -25.14 -26.77
C GLY A 242 17.21 -23.93 -26.05
N ASN A 243 18.52 -23.88 -25.87
CA ASN A 243 19.14 -22.70 -25.28
C ASN A 243 19.04 -21.48 -26.18
N ALA A 244 18.96 -21.68 -27.51
CA ALA A 244 18.99 -20.58 -28.47
C ALA A 244 17.60 -20.33 -29.02
N HIS A 245 17.19 -19.08 -29.00
CA HIS A 245 15.90 -18.72 -29.55
C HIS A 245 15.99 -18.42 -31.03
N TYR A 246 17.19 -18.19 -31.56
CA TYR A 246 17.38 -17.80 -32.95
C TYR A 246 18.84 -17.95 -33.30
N VAL A 247 19.10 -18.31 -34.56
CA VAL A 247 20.46 -18.39 -35.10
C VAL A 247 20.49 -17.52 -36.35
N GLY A 248 21.25 -16.44 -36.32
CA GLY A 248 21.38 -15.60 -37.49
C GLY A 248 22.39 -16.22 -38.46
N ASP A 249 22.09 -16.10 -39.75
CA ASP A 249 23.02 -16.58 -40.77
C ASP A 249 24.36 -15.87 -40.66
N ASP A 250 24.33 -14.61 -40.25
CA ASP A 250 25.53 -13.82 -40.03
C ASP A 250 25.23 -12.86 -38.90
N GLU A 251 26.24 -12.12 -38.46
CA GLU A 251 26.04 -11.20 -37.36
C GLU A 251 24.97 -10.18 -37.67
N GLN A 252 24.94 -9.68 -38.91
CA GLN A 252 23.96 -8.66 -39.24
C GLN A 252 22.54 -9.21 -39.14
N ASP A 253 22.34 -10.49 -39.43
CA ASP A 253 21.00 -11.07 -39.34
C ASP A 253 20.59 -11.31 -37.89
N ALA A 254 21.53 -11.67 -37.04
CA ALA A 254 21.20 -11.81 -35.64
C ALA A 254 20.91 -10.44 -35.00
N ILE A 255 21.71 -9.42 -35.35
CA ILE A 255 21.50 -8.10 -34.77
C ILE A 255 20.21 -7.48 -35.31
N SER A 256 19.87 -7.78 -36.54
CA SER A 256 18.69 -7.22 -37.16
C SER A 256 17.43 -7.89 -36.63
N TRP A 257 17.60 -9.03 -35.96
CA TRP A 257 16.49 -9.76 -35.37
C TRP A 257 16.23 -9.27 -33.97
N VAL A 258 17.31 -9.06 -33.21
CA VAL A 258 17.22 -8.39 -31.93
C VAL A 258 16.48 -7.07 -32.07
N GLN A 259 16.83 -6.27 -33.07
CA GLN A 259 16.17 -4.99 -33.22
C GLN A 259 14.66 -5.17 -33.42
N THR A 260 14.27 -6.09 -34.32
CA THR A 260 12.86 -6.36 -34.57
C THR A 260 12.17 -6.80 -33.28
N LEU A 261 12.74 -7.78 -32.59
CA LEU A 261 12.19 -8.22 -31.31
C LEU A 261 11.97 -7.06 -30.34
N LEU A 262 12.95 -6.15 -30.22
CA LEU A 262 12.75 -5.02 -29.30
C LEU A 262 11.60 -4.15 -29.77
N GLY A 263 11.33 -4.15 -31.08
CA GLY A 263 10.27 -3.33 -31.63
C GLY A 263 8.90 -3.77 -31.21
N TYR A 264 8.74 -5.01 -30.78
CA TYR A 264 7.46 -5.46 -30.24
C TYR A 264 7.34 -5.26 -28.74
N LEU A 265 8.45 -5.00 -28.05
CA LEU A 265 8.34 -5.09 -26.61
C LEU A 265 8.25 -3.71 -25.98
N PRO A 266 7.77 -3.66 -24.74
CA PRO A 266 7.83 -2.45 -23.98
C PRO A 266 9.24 -2.20 -23.49
N PRO A 267 9.50 -1.02 -22.91
CA PRO A 267 10.81 -0.79 -22.30
C PRO A 267 10.98 -1.45 -20.96
N ASN A 268 9.89 -1.80 -20.30
CA ASN A 268 9.95 -2.41 -18.98
C ASN A 268 8.57 -2.98 -18.69
N ASN A 269 8.37 -3.46 -17.48
CA ASN A 269 7.10 -4.08 -17.13
C ASN A 269 6.03 -3.09 -16.67
N LEU A 270 6.32 -1.79 -16.67
CA LEU A 270 5.30 -0.80 -16.36
C LEU A 270 4.85 0.02 -17.56
N ASP A 271 5.75 0.51 -18.41
CA ASP A 271 5.36 1.41 -19.50
C ASP A 271 4.76 0.61 -20.66
N PRO A 272 3.93 1.25 -21.47
CA PRO A 272 3.25 0.51 -22.54
C PRO A 272 4.18 0.09 -23.66
N ALA A 273 3.70 -0.90 -24.40
CA ALA A 273 4.34 -1.34 -25.64
C ALA A 273 4.05 -0.32 -26.74
N PRO A 274 4.89 -0.28 -27.77
CA PRO A 274 4.62 0.64 -28.88
C PRO A 274 3.36 0.24 -29.63
N VAL A 275 2.61 1.25 -30.05
CA VAL A 275 1.42 1.06 -30.87
C VAL A 275 1.71 1.70 -32.22
N TYR A 276 1.60 0.91 -33.28
CA TYR A 276 1.92 1.35 -34.64
C TYR A 276 0.63 1.66 -35.41
N ASP A 277 0.80 2.30 -36.56
CA ASP A 277 -0.37 2.53 -37.41
C ASP A 277 -0.66 1.26 -38.21
N HIS A 278 -1.89 1.16 -38.70
CA HIS A 278 -2.24 -0.06 -39.43
C HIS A 278 -3.18 0.23 -40.59
N ASP A 279 -3.18 -0.72 -41.53
CA ASP A 279 -3.96 -0.69 -42.76
C ASP A 279 -4.88 -1.91 -42.83
N CYS A 280 -5.69 -2.10 -41.79
CA CYS A 280 -6.53 -3.28 -41.72
C CYS A 280 -7.87 -3.00 -42.38
N ALA A 281 -8.45 -4.05 -42.94
CA ALA A 281 -9.71 -3.90 -43.65
C ALA A 281 -10.88 -4.07 -42.68
N PRO A 282 -11.79 -3.09 -42.62
CA PRO A 282 -12.97 -3.23 -41.76
C PRO A 282 -13.97 -4.28 -42.24
N GLY A 283 -13.71 -4.91 -43.39
CA GLY A 283 -14.61 -5.91 -43.94
C GLY A 283 -13.85 -7.15 -44.30
N ILE A 284 -14.57 -8.12 -44.84
CA ILE A 284 -14.03 -9.43 -45.16
C ILE A 284 -13.15 -9.29 -46.38
N THR A 285 -12.01 -9.97 -46.37
CA THR A 285 -11.11 -10.00 -47.51
C THR A 285 -10.98 -11.43 -48.00
N GLU A 286 -10.20 -11.62 -49.06
CA GLU A 286 -10.02 -12.96 -49.59
C GLU A 286 -9.13 -13.79 -48.69
N ALA A 287 -8.19 -13.15 -48.00
CA ALA A 287 -7.46 -13.86 -46.95
C ALA A 287 -8.41 -14.37 -45.89
N ASP A 288 -9.42 -13.57 -45.52
CA ASP A 288 -10.36 -14.02 -44.51
C ASP A 288 -11.13 -15.24 -45.00
N LEU A 289 -11.62 -15.18 -46.25
CA LEU A 289 -12.46 -16.24 -46.80
C LEU A 289 -11.69 -17.53 -46.96
N ALA A 290 -10.37 -17.44 -47.14
CA ALA A 290 -9.57 -18.64 -47.32
C ALA A 290 -9.58 -19.51 -46.08
N LEU A 291 -9.77 -18.92 -44.91
CA LEU A 291 -9.78 -19.71 -43.69
C LEU A 291 -10.92 -20.70 -43.66
N ASP A 292 -11.99 -20.45 -44.42
CA ASP A 292 -13.09 -21.40 -44.50
C ASP A 292 -12.70 -22.71 -45.18
N THR A 293 -11.66 -22.74 -46.01
CA THR A 293 -11.26 -23.98 -46.68
C THR A 293 -9.90 -24.48 -46.25
N VAL A 294 -9.26 -23.84 -45.26
CA VAL A 294 -7.94 -24.25 -44.84
C VAL A 294 -7.95 -25.55 -44.05
N ILE A 295 -9.08 -25.99 -43.51
CA ILE A 295 -9.15 -27.19 -42.69
C ILE A 295 -9.62 -28.34 -43.58
N PRO A 296 -8.81 -29.37 -43.80
CA PRO A 296 -9.15 -30.40 -44.78
C PRO A 296 -10.40 -31.17 -44.38
N ASP A 297 -11.03 -31.80 -45.38
CA ASP A 297 -12.20 -32.62 -45.11
C ASP A 297 -11.80 -33.89 -44.37
N SER A 298 -10.70 -34.50 -44.77
CA SER A 298 -10.29 -35.75 -44.17
C SER A 298 -9.60 -35.51 -42.84
N GLU A 299 -9.91 -36.37 -41.88
CA GLU A 299 -9.18 -36.33 -40.62
C GLU A 299 -7.74 -36.77 -40.79
N GLN A 300 -7.43 -37.50 -41.86
CA GLN A 300 -6.04 -37.91 -42.06
C GLN A 300 -5.12 -36.76 -42.49
N GLN A 301 -5.65 -35.71 -43.10
CA GLN A 301 -4.80 -34.66 -43.67
C GLN A 301 -4.51 -33.59 -42.65
N VAL A 302 -3.43 -32.85 -42.87
CA VAL A 302 -3.10 -31.73 -41.99
C VAL A 302 -3.13 -30.46 -42.81
N TYR A 303 -2.77 -29.35 -42.16
CA TYR A 303 -2.71 -28.04 -42.78
C TYR A 303 -1.55 -27.30 -42.12
N ASP A 304 -1.24 -26.10 -42.61
CA ASP A 304 -0.18 -25.30 -42.02
C ASP A 304 -0.79 -24.23 -41.12
N MET A 305 -0.58 -24.34 -39.81
CA MET A 305 -1.18 -23.37 -38.89
C MET A 305 -0.71 -21.96 -39.20
N ALA A 306 0.48 -21.84 -39.77
CA ALA A 306 0.97 -20.54 -40.22
C ALA A 306 -0.02 -19.87 -41.15
N ASP A 307 -0.85 -20.64 -41.85
CA ASP A 307 -1.83 -20.01 -42.73
C ASP A 307 -2.88 -19.25 -41.92
N VAL A 308 -3.31 -19.82 -40.80
CA VAL A 308 -4.26 -19.13 -39.95
C VAL A 308 -3.62 -17.90 -39.33
N ILE A 309 -2.46 -18.07 -38.71
CA ILE A 309 -1.77 -16.98 -38.02
C ILE A 309 -1.54 -15.78 -38.95
N THR A 310 -1.07 -16.03 -40.17
CA THR A 310 -0.85 -14.89 -41.06
C THR A 310 -2.18 -14.25 -41.49
N ALA A 311 -3.25 -15.02 -41.61
CA ALA A 311 -4.53 -14.42 -41.94
C ALA A 311 -4.96 -13.41 -40.87
N VAL A 312 -4.69 -13.71 -39.62
CA VAL A 312 -5.18 -12.86 -38.55
C VAL A 312 -4.26 -11.67 -38.25
N LEU A 313 -2.96 -11.81 -38.46
CA LEU A 313 -2.02 -10.80 -37.99
C LEU A 313 -1.81 -9.70 -39.02
N ASP A 314 -1.59 -8.49 -38.53
CA ASP A 314 -1.28 -7.36 -39.39
C ASP A 314 -0.22 -7.74 -40.41
N ASP A 315 -0.53 -7.47 -41.69
CA ASP A 315 0.36 -7.65 -42.83
C ASP A 315 0.76 -9.10 -43.03
N GLY A 316 0.12 -10.04 -42.33
CA GLY A 316 0.55 -11.43 -42.36
C GLY A 316 1.97 -11.65 -41.88
N ASP A 317 2.51 -10.72 -41.08
CA ASP A 317 3.90 -10.79 -40.65
C ASP A 317 3.98 -11.19 -39.19
N TYR A 318 5.09 -11.83 -38.83
CA TYR A 318 5.34 -12.17 -37.44
C TYR A 318 6.80 -12.56 -37.25
N LEU A 319 7.25 -12.39 -36.02
CA LEU A 319 8.60 -12.75 -35.60
C LEU A 319 8.49 -14.03 -34.76
N GLU A 320 9.08 -15.13 -35.25
CA GLU A 320 8.95 -16.43 -34.61
C GLU A 320 10.05 -16.67 -33.59
N ILE A 321 9.66 -17.12 -32.42
CA ILE A 321 10.59 -17.45 -31.35
C ILE A 321 10.81 -18.96 -31.36
N HIS A 322 12.09 -19.39 -31.24
CA HIS A 322 12.42 -20.81 -31.27
C HIS A 322 11.91 -21.48 -32.55
N PRO A 323 12.14 -20.90 -33.73
CA PRO A 323 11.55 -21.50 -34.94
C PRO A 323 12.06 -22.90 -35.27
N ASP A 324 13.30 -23.22 -34.91
CA ASP A 324 13.86 -24.54 -35.18
C ASP A 324 13.78 -25.49 -33.99
N PHE A 325 13.18 -25.08 -32.88
CA PHE A 325 13.07 -25.91 -31.69
C PHE A 325 11.60 -26.25 -31.49
N ALA A 326 11.31 -27.52 -31.25
CA ALA A 326 9.97 -27.99 -30.93
C ALA A 326 8.94 -27.42 -31.91
N ARG A 327 9.13 -27.76 -33.18
CA ARG A 327 8.39 -27.18 -34.29
C ARG A 327 6.95 -27.63 -34.38
N ASN A 328 6.50 -28.50 -33.47
CA ASN A 328 5.08 -28.80 -33.35
C ASN A 328 4.33 -27.73 -32.56
N ILE A 329 4.98 -26.68 -32.11
CA ILE A 329 4.27 -25.54 -31.55
C ILE A 329 4.90 -24.27 -32.12
N ILE A 330 4.08 -23.24 -32.29
CA ILE A 330 4.55 -21.97 -32.80
C ILE A 330 4.41 -20.92 -31.71
N CYS A 331 5.50 -20.21 -31.45
CA CYS A 331 5.52 -19.06 -30.55
C CYS A 331 6.00 -17.86 -31.37
N ALA A 332 5.22 -16.78 -31.38
CA ALA A 332 5.62 -15.67 -32.23
C ALA A 332 5.09 -14.37 -31.65
N LEU A 333 5.68 -13.26 -32.07
CA LEU A 333 5.14 -11.93 -31.82
C LEU A 333 4.61 -11.34 -33.13
N GLY A 334 3.36 -10.88 -33.11
CA GLY A 334 2.80 -10.18 -34.24
C GLY A 334 2.09 -8.92 -33.81
N ARG A 335 1.25 -8.36 -34.66
CA ARG A 335 0.44 -7.22 -34.28
C ARG A 335 -0.97 -7.43 -34.79
N VAL A 336 -1.93 -6.88 -34.03
CA VAL A 336 -3.32 -6.79 -34.44
C VAL A 336 -3.69 -5.34 -34.25
N GLU A 337 -4.13 -4.70 -35.33
CA GLU A 337 -4.50 -3.30 -35.33
C GLU A 337 -3.43 -2.45 -34.65
N GLY A 338 -2.18 -2.81 -34.87
CA GLY A 338 -1.06 -2.04 -34.39
C GLY A 338 -0.57 -2.41 -33.01
N HIS A 339 -1.19 -3.34 -32.33
CA HIS A 339 -0.84 -3.64 -30.96
C HIS A 339 -0.13 -4.99 -30.90
N SER A 340 0.90 -5.08 -30.05
CA SER A 340 1.63 -6.32 -29.93
C SER A 340 0.74 -7.42 -29.41
N VAL A 341 0.87 -8.57 -30.03
CA VAL A 341 0.17 -9.78 -29.66
C VAL A 341 1.18 -10.91 -29.71
N ALA A 342 1.12 -11.79 -28.71
CA ALA A 342 1.87 -13.03 -28.72
C ALA A 342 0.97 -14.17 -29.21
N VAL A 343 1.56 -15.11 -29.94
CA VAL A 343 0.83 -16.20 -30.55
C VAL A 343 1.42 -17.52 -30.07
N VAL A 344 0.56 -18.40 -29.58
CA VAL A 344 0.93 -19.74 -29.19
C VAL A 344 -0.02 -20.65 -29.94
N ALA A 345 0.52 -21.50 -30.82
CA ALA A 345 -0.33 -22.25 -31.73
C ALA A 345 0.28 -23.59 -32.08
N ASN A 346 -0.48 -24.66 -31.85
CA ASN A 346 -0.04 -25.99 -32.26
C ASN A 346 0.14 -26.03 -33.77
N GLN A 347 1.19 -26.71 -34.20
CA GLN A 347 1.54 -26.80 -35.61
C GLN A 347 1.31 -28.22 -36.09
N PRO A 348 0.21 -28.50 -36.79
CA PRO A 348 -0.04 -29.88 -37.22
C PRO A 348 0.96 -30.39 -38.25
N ARG A 349 1.79 -29.53 -38.83
CA ARG A 349 2.75 -30.05 -39.79
C ARG A 349 3.89 -30.81 -39.13
N HIS A 350 4.04 -30.76 -37.81
CA HIS A 350 5.06 -31.53 -37.11
C HIS A 350 4.39 -32.27 -35.97
N LEU A 351 4.54 -33.59 -35.96
CA LEU A 351 4.04 -34.46 -34.90
C LEU A 351 2.54 -34.34 -34.72
N ALA A 352 1.84 -33.85 -35.74
CA ALA A 352 0.40 -33.65 -35.72
C ALA A 352 0.01 -32.61 -34.67
N GLY A 353 0.97 -31.78 -34.29
CA GLY A 353 0.68 -30.74 -33.32
C GLY A 353 0.51 -31.24 -31.91
N VAL A 354 1.00 -32.42 -31.57
CA VAL A 354 0.87 -32.87 -30.20
C VAL A 354 1.78 -32.05 -29.29
N LEU A 355 1.55 -32.14 -28.01
CA LEU A 355 2.47 -31.55 -27.05
C LEU A 355 3.51 -32.59 -26.60
N ASP A 356 4.71 -32.09 -26.28
CA ASP A 356 5.75 -32.92 -25.70
C ASP A 356 6.57 -32.05 -24.75
N ILE A 357 7.60 -32.64 -24.15
CA ILE A 357 8.45 -31.86 -23.26
C ILE A 357 8.92 -30.57 -23.94
N ASP A 358 9.51 -30.69 -25.12
CA ASP A 358 10.11 -29.51 -25.73
C ASP A 358 9.06 -28.44 -26.02
N ALA A 359 8.00 -28.78 -26.74
CA ALA A 359 6.96 -27.79 -27.02
C ALA A 359 6.42 -27.14 -25.75
N SER A 360 6.21 -27.94 -24.70
CA SER A 360 5.71 -27.41 -23.45
C SER A 360 6.64 -26.34 -22.89
N GLU A 361 7.93 -26.65 -22.81
CA GLU A 361 8.84 -25.68 -22.20
C GLU A 361 9.03 -24.46 -23.09
N LYS A 362 9.08 -24.68 -24.40
CA LYS A 362 9.20 -23.57 -25.33
C LYS A 362 8.09 -22.55 -25.11
N ALA A 363 6.85 -23.03 -25.00
CA ALA A 363 5.70 -22.17 -24.91
C ALA A 363 5.46 -21.67 -23.51
N ALA A 364 5.80 -22.47 -22.50
CA ALA A 364 5.61 -22.00 -21.14
C ALA A 364 6.45 -20.77 -20.90
N ARG A 365 7.73 -20.82 -21.25
CA ARG A 365 8.56 -19.66 -20.99
C ARG A 365 8.18 -18.47 -21.87
N PHE A 366 7.78 -18.73 -23.11
CA PHE A 366 7.35 -17.63 -23.96
C PHE A 366 6.15 -16.92 -23.34
N ILE A 367 5.17 -17.69 -22.86
CA ILE A 367 3.97 -17.11 -22.23
C ILE A 367 4.33 -16.39 -20.93
N ARG A 368 5.18 -16.96 -20.09
CA ARG A 368 5.49 -16.26 -18.84
C ARG A 368 6.22 -14.94 -19.10
N PHE A 369 7.08 -14.89 -20.11
CA PHE A 369 7.75 -13.66 -20.42
C PHE A 369 6.75 -12.63 -20.93
N CYS A 370 5.86 -13.05 -21.83
CA CYS A 370 4.86 -12.13 -22.36
C CYS A 370 3.96 -11.60 -21.25
N ASP A 371 3.55 -12.47 -20.32
CA ASP A 371 2.74 -12.01 -19.19
C ASP A 371 3.49 -11.01 -18.35
N SER A 372 4.78 -11.21 -18.20
CA SER A 372 5.58 -10.27 -17.40
C SER A 372 5.53 -8.86 -17.99
N PHE A 373 5.57 -8.75 -19.32
CA PHE A 373 5.66 -7.49 -20.01
C PHE A 373 4.36 -7.10 -20.68
N ASN A 374 3.24 -7.68 -20.23
CA ASN A 374 1.89 -7.18 -20.49
C ASN A 374 1.43 -7.36 -21.92
N ILE A 375 1.86 -8.42 -22.58
CA ILE A 375 1.49 -8.68 -23.96
C ILE A 375 0.35 -9.69 -23.96
N PRO A 376 -0.77 -9.40 -24.63
CA PRO A 376 -1.88 -10.35 -24.61
C PRO A 376 -1.53 -11.59 -25.41
N VAL A 377 -2.15 -12.71 -25.07
CA VAL A 377 -1.79 -14.03 -25.62
C VAL A 377 -2.95 -14.56 -26.46
N LEU A 378 -2.68 -14.77 -27.74
CA LEU A 378 -3.62 -15.34 -28.68
C LEU A 378 -3.19 -16.78 -28.99
N THR A 379 -4.01 -17.74 -28.62
CA THR A 379 -3.74 -19.15 -28.83
C THR A 379 -4.59 -19.68 -29.99
N PHE A 380 -3.97 -20.46 -30.86
CA PHE A 380 -4.69 -21.26 -31.87
C PHE A 380 -4.55 -22.73 -31.51
N MET A 381 -5.67 -23.39 -31.26
CA MET A 381 -5.66 -24.73 -30.67
C MET A 381 -6.06 -25.79 -31.68
N ASP A 382 -5.18 -26.76 -31.85
CA ASP A 382 -5.46 -27.98 -32.60
C ASP A 382 -4.52 -29.06 -32.09
N VAL A 383 -4.87 -29.68 -30.96
CA VAL A 383 -3.94 -30.50 -30.20
C VAL A 383 -4.65 -31.82 -29.96
N PRO A 384 -4.15 -32.93 -30.47
CA PRO A 384 -4.77 -34.23 -30.19
C PRO A 384 -4.39 -34.88 -28.88
N GLY A 385 -3.32 -34.45 -28.22
CA GLY A 385 -2.87 -35.09 -27.00
C GLY A 385 -1.37 -34.92 -26.89
N TYR A 386 -0.78 -35.64 -25.95
CA TYR A 386 0.66 -35.59 -25.75
C TYR A 386 1.37 -36.69 -26.55
N LEU A 387 2.56 -36.37 -27.05
CA LEU A 387 3.37 -37.40 -27.67
C LEU A 387 3.65 -38.50 -26.66
N PRO A 388 3.25 -39.74 -26.94
CA PRO A 388 3.45 -40.83 -25.98
C PRO A 388 4.81 -41.52 -26.14
N GLY A 389 5.24 -42.12 -25.06
CA GLY A 389 6.48 -42.88 -25.06
C GLY A 389 7.06 -42.97 -23.68
N VAL A 390 7.89 -43.99 -23.47
CA VAL A 390 8.63 -44.08 -22.23
C VAL A 390 9.65 -42.96 -22.16
N GLY A 391 10.12 -42.48 -23.31
CA GLY A 391 11.07 -41.37 -23.29
C GLY A 391 10.46 -40.11 -22.69
N GLN A 392 9.29 -39.71 -23.20
CA GLN A 392 8.59 -38.58 -22.63
C GLN A 392 8.29 -38.79 -21.15
N GLU A 393 7.93 -40.00 -20.76
CA GLU A 393 7.59 -40.21 -19.37
C GLU A 393 8.83 -40.18 -18.47
N HIS A 394 9.90 -40.85 -18.88
CA HIS A 394 11.05 -40.99 -18.01
C HIS A 394 11.85 -39.70 -17.90
N GLN A 395 11.73 -38.82 -18.87
CA GLN A 395 12.42 -37.54 -18.74
C GLN A 395 11.52 -36.45 -18.22
N GLY A 396 10.35 -36.80 -17.71
CA GLY A 396 9.58 -35.93 -16.86
C GLY A 396 8.51 -35.12 -17.54
N ILE A 397 7.68 -35.73 -18.38
CA ILE A 397 6.64 -34.94 -19.05
C ILE A 397 5.68 -34.37 -18.02
N ILE A 398 5.53 -35.07 -16.88
CA ILE A 398 4.58 -34.63 -15.86
C ILE A 398 4.98 -33.27 -15.30
N ARG A 399 6.19 -33.16 -14.76
CA ARG A 399 6.58 -31.88 -14.20
C ARG A 399 7.08 -30.91 -15.25
N ARG A 400 7.48 -31.37 -16.43
CA ARG A 400 7.93 -30.42 -17.43
C ARG A 400 6.82 -30.01 -18.37
N GLY A 401 5.90 -30.92 -18.67
CA GLY A 401 4.77 -30.52 -19.46
C GLY A 401 3.83 -29.65 -18.69
N ILE A 402 3.72 -29.87 -17.38
CA ILE A 402 2.80 -29.09 -16.55
C ILE A 402 3.22 -27.63 -16.48
N LYS A 403 4.45 -27.33 -16.86
CA LYS A 403 4.90 -25.94 -16.84
C LYS A 403 4.01 -25.08 -17.73
N LEU A 404 3.53 -25.62 -18.86
CA LEU A 404 2.69 -24.82 -19.73
C LEU A 404 1.34 -24.54 -19.09
N PHE A 405 0.83 -25.50 -18.32
CA PHE A 405 -0.39 -25.28 -17.55
C PHE A 405 -0.19 -24.12 -16.59
N TYR A 406 0.85 -24.19 -15.78
CA TYR A 406 1.10 -23.11 -14.83
C TYR A 406 1.19 -21.79 -15.57
N ALA A 407 1.98 -21.75 -16.64
CA ALA A 407 2.19 -20.48 -17.33
C ALA A 407 0.87 -19.88 -17.78
N TYR A 408 -0.06 -20.70 -18.25
CA TYR A 408 -1.34 -20.13 -18.62
C TYR A 408 -2.13 -19.68 -17.39
N ALA A 409 -2.23 -20.56 -16.39
CA ALA A 409 -3.05 -20.24 -15.22
C ALA A 409 -2.49 -19.04 -14.47
N GLU A 410 -1.18 -18.89 -14.42
CA GLU A 410 -0.64 -17.77 -13.66
C GLU A 410 -0.83 -16.44 -14.40
N SER A 411 -0.93 -16.49 -15.73
CA SER A 411 -0.97 -15.27 -16.49
C SER A 411 -2.22 -14.45 -16.18
N THR A 412 -2.07 -13.13 -16.24
CA THR A 412 -3.20 -12.24 -16.05
C THR A 412 -3.49 -11.36 -17.25
N VAL A 413 -2.65 -11.38 -18.28
CA VAL A 413 -2.89 -10.67 -19.54
C VAL A 413 -4.13 -11.18 -20.27
N PRO A 414 -4.68 -10.40 -21.19
CA PRO A 414 -5.78 -10.91 -22.00
C PRO A 414 -5.39 -12.18 -22.73
N LYS A 415 -6.33 -13.10 -22.84
CA LYS A 415 -6.13 -14.35 -23.51
C LYS A 415 -7.33 -14.59 -24.41
N ILE A 416 -7.09 -14.68 -25.72
CA ILE A 416 -8.08 -15.05 -26.71
C ILE A 416 -7.64 -16.37 -27.31
N THR A 417 -8.53 -17.34 -27.34
CA THR A 417 -8.20 -18.68 -27.81
C THR A 417 -9.11 -19.03 -28.96
N VAL A 418 -8.52 -19.39 -30.09
CA VAL A 418 -9.26 -19.76 -31.29
C VAL A 418 -9.04 -21.25 -31.50
N ILE A 419 -10.10 -22.06 -31.46
CA ILE A 419 -9.99 -23.51 -31.64
C ILE A 419 -10.31 -23.88 -33.08
N THR A 420 -9.34 -24.44 -33.80
CA THR A 420 -9.49 -24.78 -35.21
C THR A 420 -9.92 -26.21 -35.42
N ARG A 421 -9.24 -27.17 -34.82
CA ARG A 421 -9.72 -28.54 -35.00
C ARG A 421 -9.67 -29.34 -33.69
N LYS A 422 -8.65 -30.16 -33.47
CA LYS A 422 -8.64 -31.07 -32.32
C LYS A 422 -8.56 -30.33 -31.00
N ALA A 423 -9.30 -30.85 -30.03
CA ALA A 423 -9.47 -30.21 -28.75
C ALA A 423 -9.69 -31.28 -27.68
N TYR A 424 -8.69 -32.09 -27.40
CA TYR A 424 -8.87 -33.33 -26.65
C TYR A 424 -8.19 -33.25 -25.30
N GLY A 425 -8.95 -33.56 -24.25
CA GLY A 425 -8.37 -33.94 -22.97
C GLY A 425 -7.43 -32.89 -22.44
N GLY A 426 -6.26 -33.34 -21.99
CA GLY A 426 -5.34 -32.41 -21.35
C GLY A 426 -4.85 -31.35 -22.30
N GLY A 427 -4.56 -31.74 -23.55
CA GLY A 427 -4.19 -30.74 -24.53
C GLY A 427 -5.19 -29.61 -24.61
N TYR A 428 -6.48 -29.95 -24.76
CA TYR A 428 -7.49 -28.91 -24.76
C TYR A 428 -7.40 -28.08 -23.49
N ALA A 429 -7.23 -28.71 -22.34
CA ALA A 429 -7.26 -27.96 -21.09
C ALA A 429 -6.13 -26.96 -21.02
N VAL A 430 -4.93 -27.37 -21.45
CA VAL A 430 -3.72 -26.54 -21.35
C VAL A 430 -3.73 -25.38 -22.35
N MET A 431 -4.13 -25.63 -23.61
CA MET A 431 -3.95 -24.65 -24.68
C MET A 431 -4.99 -23.55 -24.59
N GLY A 432 -5.05 -22.88 -23.44
CA GLY A 432 -5.84 -21.68 -23.36
C GLY A 432 -7.33 -21.88 -23.23
N SER A 433 -7.77 -22.93 -22.58
CA SER A 433 -9.19 -23.12 -22.45
C SER A 433 -9.78 -22.09 -21.51
N ARG A 434 -11.11 -21.97 -21.51
CA ARG A 434 -11.71 -20.96 -20.66
C ARG A 434 -11.45 -21.25 -19.18
N GLN A 435 -11.47 -22.52 -18.81
CA GLN A 435 -11.35 -22.83 -17.40
C GLN A 435 -9.97 -22.53 -16.87
N ILE A 436 -8.96 -22.45 -17.74
CA ILE A 436 -7.61 -22.13 -17.30
C ILE A 436 -7.41 -20.64 -17.17
N GLY A 437 -8.36 -19.84 -17.64
CA GLY A 437 -8.27 -18.39 -17.50
C GLY A 437 -8.52 -17.61 -18.77
N ALA A 438 -8.76 -18.28 -19.88
CA ALA A 438 -8.94 -17.54 -21.12
C ALA A 438 -10.15 -16.64 -21.03
N ASP A 439 -9.98 -15.39 -21.48
CA ASP A 439 -11.03 -14.38 -21.49
C ASP A 439 -12.06 -14.61 -22.59
N ARG A 440 -11.63 -15.02 -23.77
CA ARG A 440 -12.53 -15.22 -24.90
C ARG A 440 -12.08 -16.47 -25.63
N VAL A 441 -12.97 -17.44 -25.80
CA VAL A 441 -12.66 -18.68 -26.49
C VAL A 441 -13.70 -18.82 -27.60
N MET A 442 -13.23 -18.86 -28.86
CA MET A 442 -14.10 -19.09 -30.00
C MET A 442 -13.66 -20.34 -30.74
N ALA A 443 -14.64 -21.14 -31.14
CA ALA A 443 -14.40 -22.43 -31.78
C ALA A 443 -14.92 -22.37 -33.21
N TRP A 444 -14.16 -22.92 -34.14
CA TRP A 444 -14.62 -23.12 -35.51
C TRP A 444 -15.56 -24.32 -35.59
N PRO A 445 -16.29 -24.46 -36.70
CA PRO A 445 -17.16 -25.64 -36.85
C PRO A 445 -16.41 -26.95 -36.91
N THR A 446 -15.13 -26.93 -37.26
CA THR A 446 -14.28 -28.10 -37.26
C THR A 446 -13.67 -28.41 -35.89
N ALA A 447 -13.98 -27.65 -34.85
CA ALA A 447 -13.41 -27.93 -33.54
C ALA A 447 -14.07 -29.16 -32.91
N GLU A 448 -13.24 -30.08 -32.44
CA GLU A 448 -13.73 -31.30 -31.81
C GLU A 448 -13.29 -31.29 -30.36
N ILE A 449 -14.16 -30.80 -29.47
CA ILE A 449 -13.85 -30.65 -28.05
C ILE A 449 -14.46 -31.82 -27.30
N ALA A 450 -13.62 -32.68 -26.74
CA ALA A 450 -14.05 -33.91 -26.07
C ALA A 450 -12.93 -34.42 -25.16
N VAL A 451 -13.32 -35.30 -24.23
CA VAL A 451 -12.36 -35.84 -23.27
C VAL A 451 -11.24 -36.58 -23.99
N MET A 452 -11.59 -37.25 -25.09
CA MET A 452 -10.64 -37.89 -26.00
C MET A 452 -11.45 -38.28 -27.22
N GLY A 453 -10.75 -38.72 -28.26
CA GLY A 453 -11.46 -39.05 -29.47
C GLY A 453 -11.27 -40.49 -29.90
N ALA A 454 -12.38 -41.21 -30.12
CA ALA A 454 -12.38 -42.55 -30.73
C ALA A 454 -11.63 -43.57 -29.87
N ASN A 455 -11.97 -43.63 -28.59
CA ASN A 455 -11.53 -44.68 -27.70
C ASN A 455 -12.76 -45.35 -27.12
N SER A 456 -13.06 -46.55 -27.63
CA SER A 456 -14.22 -47.31 -27.24
C SER A 456 -13.88 -48.20 -26.05
N ALA A 457 -14.64 -48.04 -24.98
CA ALA A 457 -14.38 -48.70 -23.72
C ALA A 457 -15.71 -48.79 -22.95
N ARG A 486 -20.40 -41.96 -31.98
CA ARG A 486 -19.37 -40.97 -31.60
C ARG A 486 -18.71 -40.03 -32.62
N ARG A 487 -19.53 -39.33 -33.39
CA ARG A 487 -19.30 -37.94 -33.76
C ARG A 487 -20.51 -37.14 -33.31
N ARG A 488 -21.13 -37.67 -32.28
CA ARG A 488 -21.78 -36.80 -31.34
C ARG A 488 -20.76 -35.82 -30.73
N PHE A 489 -19.54 -36.30 -30.39
CA PHE A 489 -18.45 -35.48 -29.84
C PHE A 489 -17.62 -34.75 -30.89
N GLY A 490 -17.71 -35.11 -32.17
CA GLY A 490 -16.85 -34.51 -33.20
C GLY A 490 -17.12 -33.06 -33.59
N ASN A 491 -17.58 -32.25 -32.66
CA ASN A 491 -18.03 -30.89 -32.94
C ASN A 491 -17.90 -30.09 -31.65
N PRO A 492 -18.11 -28.79 -31.70
CA PRO A 492 -17.96 -27.97 -30.47
C PRO A 492 -19.25 -27.71 -29.70
N TYR A 493 -20.34 -28.39 -30.01
CA TYR A 493 -21.60 -27.90 -29.48
C TYR A 493 -21.87 -28.40 -28.07
N GLU A 494 -21.19 -29.45 -27.60
CA GLU A 494 -21.34 -29.79 -26.19
C GLU A 494 -20.62 -28.78 -25.32
N ALA A 495 -19.38 -28.41 -25.66
CA ALA A 495 -18.70 -27.34 -24.95
C ALA A 495 -19.52 -26.06 -25.02
N ALA A 496 -19.96 -25.69 -26.23
CA ALA A 496 -20.77 -24.49 -26.37
C ALA A 496 -22.02 -24.55 -25.51
N ALA A 497 -22.65 -25.72 -25.41
CA ALA A 497 -23.88 -25.79 -24.63
C ALA A 497 -23.62 -25.50 -23.17
N HIS A 498 -22.50 -25.97 -22.65
CA HIS A 498 -22.10 -25.67 -21.27
C HIS A 498 -21.39 -24.33 -21.11
N GLY A 499 -21.29 -23.53 -22.16
CA GLY A 499 -20.64 -22.26 -21.98
C GLY A 499 -19.14 -22.31 -21.87
N TYR A 500 -18.53 -23.47 -22.10
CA TYR A 500 -17.08 -23.62 -22.07
C TYR A 500 -16.42 -22.91 -23.23
N VAL A 501 -17.10 -22.79 -24.36
CA VAL A 501 -16.62 -21.91 -25.41
C VAL A 501 -17.67 -20.82 -25.53
N ASP A 502 -17.24 -19.65 -25.96
CA ASP A 502 -18.14 -18.51 -25.92
C ASP A 502 -18.85 -18.28 -27.23
N MET A 503 -18.21 -18.65 -28.35
CA MET A 503 -18.72 -18.40 -29.68
C MET A 503 -18.35 -19.58 -30.58
N VAL A 504 -19.23 -19.93 -31.52
CA VAL A 504 -18.87 -20.84 -32.60
C VAL A 504 -19.04 -20.03 -33.88
N ILE A 505 -17.93 -19.78 -34.57
CA ILE A 505 -17.90 -18.84 -35.68
C ILE A 505 -17.46 -19.55 -36.95
N SER A 506 -17.95 -19.07 -38.09
CA SER A 506 -17.36 -19.47 -39.35
C SER A 506 -15.89 -19.06 -39.38
N PRO A 507 -15.01 -19.90 -39.94
CA PRO A 507 -13.58 -19.57 -39.93
C PRO A 507 -13.23 -18.21 -40.50
N SER A 508 -13.97 -17.71 -41.49
CA SER A 508 -13.58 -16.47 -42.14
C SER A 508 -13.75 -15.25 -41.24
N ARG A 509 -14.40 -15.39 -40.10
CA ARG A 509 -14.61 -14.26 -39.23
C ARG A 509 -13.58 -14.16 -38.12
N THR A 510 -12.54 -15.01 -38.16
CA THR A 510 -11.58 -15.07 -37.08
C THR A 510 -10.84 -13.75 -36.91
N ARG A 511 -10.25 -13.23 -37.97
CA ARG A 511 -9.49 -11.99 -37.82
C ARG A 511 -10.35 -10.91 -37.20
N TYR A 512 -11.61 -10.85 -37.59
CA TYR A 512 -12.47 -9.76 -37.17
C TYR A 512 -12.89 -9.92 -35.72
N GLU A 513 -13.22 -11.15 -35.29
CA GLU A 513 -13.62 -11.34 -33.91
C GLU A 513 -12.43 -11.24 -32.96
N VAL A 514 -11.28 -11.77 -33.36
CA VAL A 514 -10.09 -11.59 -32.54
C VAL A 514 -9.80 -10.12 -32.33
N ALA A 515 -9.82 -9.35 -33.41
CA ALA A 515 -9.51 -7.93 -33.28
C ALA A 515 -10.47 -7.24 -32.31
N ARG A 516 -11.77 -7.52 -32.42
CA ARG A 516 -12.76 -7.00 -31.48
C ARG A 516 -12.45 -7.43 -30.05
N ALA A 517 -12.13 -8.71 -29.87
CA ALA A 517 -11.95 -9.20 -28.52
C ALA A 517 -10.75 -8.53 -27.87
N LEU A 518 -9.70 -8.31 -28.65
CA LEU A 518 -8.50 -7.68 -28.11
C LEU A 518 -8.78 -6.24 -27.70
N ALA A 519 -9.44 -5.49 -28.56
CA ALA A 519 -9.78 -4.13 -28.18
C ALA A 519 -10.57 -4.12 -26.87
N SER A 520 -11.41 -5.13 -26.68
CA SER A 520 -12.36 -5.10 -25.57
C SER A 520 -11.67 -5.32 -24.24
N LEU A 521 -10.51 -5.97 -24.26
CA LEU A 521 -9.82 -6.39 -23.06
C LEU A 521 -8.62 -5.52 -22.73
N ARG A 522 -8.45 -4.40 -23.43
CA ARG A 522 -7.28 -3.57 -23.18
C ARG A 522 -7.23 -3.04 -21.75
N ASN A 523 -8.37 -2.86 -21.12
CA ASN A 523 -8.41 -2.32 -19.78
C ASN A 523 -8.61 -3.41 -18.74
N LYS A 524 -8.31 -4.67 -19.08
CA LYS A 524 -8.42 -5.76 -18.13
C LYS A 524 -7.50 -5.56 -16.93
N ARG A 525 -8.01 -5.88 -15.75
CA ARG A 525 -7.26 -5.91 -14.49
C ARG A 525 -7.47 -7.27 -13.87
N GLN A 526 -6.42 -7.87 -13.33
CA GLN A 526 -6.65 -9.14 -12.64
C GLN A 526 -5.84 -9.21 -11.36
N ALA A 527 -6.50 -9.71 -10.31
CA ALA A 527 -5.83 -9.85 -9.04
C ALA A 527 -4.82 -10.99 -9.10
N ARG A 528 -3.90 -10.97 -8.14
CA ARG A 528 -2.75 -11.85 -8.11
C ARG A 528 -2.49 -12.28 -6.68
N PRO A 529 -2.12 -13.55 -6.47
CA PRO A 529 -1.88 -14.04 -5.11
C PRO A 529 -0.89 -13.17 -4.37
N ALA A 530 -1.08 -13.06 -3.05
CA ALA A 530 -0.13 -12.38 -2.18
C ALA A 530 0.94 -13.38 -1.76
N ARG A 531 2.16 -13.18 -2.24
CA ARG A 531 3.24 -14.15 -2.07
C ARG A 531 4.56 -13.60 -2.59
N LYS A 532 5.65 -14.02 -1.95
CA LYS A 532 6.98 -13.80 -2.51
C LYS A 532 7.03 -14.24 -3.97
N HIS A 533 6.67 -15.48 -4.21
CA HIS A 533 6.63 -16.04 -5.54
C HIS A 533 5.94 -17.39 -5.41
N GLY A 534 5.57 -17.96 -6.53
CA GLY A 534 5.03 -19.29 -6.54
C GLY A 534 6.13 -20.30 -6.59
N ASN A 535 5.74 -21.57 -6.73
CA ASN A 535 6.69 -22.67 -6.76
C ASN A 535 6.42 -23.50 -8.01
N ILE A 536 6.57 -22.85 -9.18
CA ILE A 536 6.34 -23.56 -10.44
C ILE A 536 7.29 -24.76 -10.52
N PRO A 537 6.84 -25.90 -11.04
CA PRO A 537 7.76 -27.02 -11.19
C PRO A 537 8.91 -26.70 -12.15
N LEU A 538 10.06 -27.31 -11.88
CA LEU A 538 11.27 -27.01 -12.65
C LEU A 538 11.88 -28.27 -13.29
N THR B 21 -36.59 45.09 2.75
CA THR B 21 -37.46 43.93 2.58
C THR B 21 -37.29 43.26 1.21
N SER B 22 -37.21 44.10 0.18
CA SER B 22 -37.23 43.63 -1.19
C SER B 22 -35.91 42.94 -1.56
N THR B 23 -36.03 41.88 -2.38
CA THR B 23 -34.85 41.23 -2.91
C THR B 23 -33.88 42.21 -3.53
N ALA B 24 -34.38 43.20 -4.26
CA ALA B 24 -33.48 44.17 -4.89
C ALA B 24 -32.78 45.02 -3.84
N ASP B 25 -33.43 45.24 -2.69
CA ASP B 25 -32.79 45.95 -1.58
C ASP B 25 -31.65 45.13 -0.98
N ARG B 26 -31.83 43.83 -0.85
CA ARG B 26 -30.77 43.00 -0.28
C ARG B 26 -29.57 42.95 -1.21
N ILE B 27 -29.81 42.93 -2.52
CA ILE B 27 -28.69 42.94 -3.45
C ILE B 27 -27.95 44.27 -3.34
N ALA B 28 -28.69 45.36 -3.23
CA ALA B 28 -28.07 46.67 -3.09
C ALA B 28 -27.28 46.77 -1.80
N ASP B 29 -27.85 46.24 -0.70
CA ASP B 29 -27.11 46.17 0.54
C ASP B 29 -25.81 45.38 0.37
N LEU B 30 -25.86 44.26 -0.34
CA LEU B 30 -24.61 43.56 -0.65
C LEU B 30 -23.62 44.47 -1.36
N ALA B 31 -24.07 45.20 -2.39
CA ALA B 31 -23.16 46.05 -3.16
C ALA B 31 -22.52 47.09 -2.25
N ALA B 32 -23.28 47.55 -1.25
CA ALA B 32 -22.78 48.55 -0.32
C ALA B 32 -21.71 47.96 0.59
N ARG B 33 -21.93 46.73 1.06
CA ARG B 33 -20.93 46.07 1.88
C ARG B 33 -19.68 45.75 1.07
N HIS B 34 -19.85 45.42 -0.20
CA HIS B 34 -18.70 45.14 -1.06
C HIS B 34 -17.90 46.41 -1.26
N GLU B 35 -18.59 47.51 -1.51
CA GLU B 35 -17.88 48.79 -1.62
C GLU B 35 -17.18 49.09 -0.31
N GLU B 36 -17.84 48.81 0.80
CA GLU B 36 -17.24 49.09 2.10
C GLU B 36 -15.97 48.29 2.32
N ALA B 37 -15.95 47.03 1.86
CA ALA B 37 -14.91 46.09 2.24
C ALA B 37 -13.69 46.15 1.34
N VAL B 38 -13.88 46.53 0.08
CA VAL B 38 -12.84 46.39 -0.92
C VAL B 38 -12.40 47.73 -1.51
N VAL B 39 -13.31 48.70 -1.63
CA VAL B 39 -13.00 49.97 -2.27
C VAL B 39 -12.59 51.05 -1.27
N LEU B 40 -13.39 51.26 -0.23
CA LEU B 40 -13.12 52.35 0.69
C LEU B 40 -11.99 52.01 1.64
N ALA B 41 -12.01 50.79 2.17
CA ALA B 41 -10.90 50.34 2.99
C ALA B 41 -9.60 50.31 2.20
N GLU B 42 -9.67 50.16 0.88
CA GLU B 42 -8.45 50.20 0.08
C GLU B 42 -7.87 51.60 0.03
N LYS B 43 -8.73 52.62 -0.09
CA LYS B 43 -8.20 53.98 -0.12
C LYS B 43 -7.66 54.36 1.24
N LYS B 44 -8.21 53.80 2.31
CA LYS B 44 -7.61 54.01 3.62
C LYS B 44 -6.21 53.44 3.65
N ALA B 45 -6.06 52.22 3.12
CA ALA B 45 -4.79 51.53 3.15
C ALA B 45 -3.79 52.19 2.22
N ALA B 46 -4.20 52.58 1.03
CA ALA B 46 -3.28 53.23 0.11
C ALA B 46 -2.79 54.53 0.70
N ASP B 47 -3.69 55.22 1.40
CA ASP B 47 -3.31 56.46 2.08
C ASP B 47 -2.09 56.21 2.95
N ARG B 48 -2.20 55.30 3.90
CA ARG B 48 -1.15 55.15 4.90
C ARG B 48 0.08 54.46 4.36
N GLN B 49 -0.10 53.42 3.56
CA GLN B 49 1.04 52.65 3.05
C GLN B 49 1.88 53.49 2.12
N HIS B 50 1.24 54.25 1.23
CA HIS B 50 2.00 55.06 0.28
C HIS B 50 2.92 56.05 1.00
N LEU B 51 2.46 56.62 2.12
CA LEU B 51 3.29 57.53 2.92
C LEU B 51 4.55 56.87 3.44
N LYS B 52 4.60 55.54 3.48
CA LYS B 52 5.78 54.79 3.88
C LYS B 52 6.43 54.07 2.71
N GLY B 53 6.01 54.35 1.49
CA GLY B 53 6.66 53.77 0.33
C GLY B 53 6.24 52.36 0.03
N LYS B 54 5.05 51.95 0.49
CA LYS B 54 4.58 50.59 0.34
C LYS B 54 3.28 50.54 -0.46
N LEU B 55 3.00 49.36 -0.99
CA LEU B 55 1.74 49.05 -1.62
C LEU B 55 0.78 48.45 -0.61
N THR B 56 -0.44 48.22 -1.04
CA THR B 56 -1.43 47.61 -0.15
C THR B 56 -1.54 46.12 -0.42
N ALA B 57 -2.20 45.42 0.49
CA ALA B 57 -2.33 43.97 0.34
C ALA B 57 -3.02 43.63 -0.97
N ARG B 58 -4.10 44.32 -1.31
CA ARG B 58 -4.81 43.99 -2.54
C ARG B 58 -4.03 44.42 -3.76
N ALA B 59 -3.24 45.47 -3.66
CA ALA B 59 -2.43 45.87 -4.80
C ALA B 59 -1.41 44.81 -5.09
N ARG B 60 -0.80 44.28 -4.04
CA ARG B 60 0.24 43.28 -4.20
C ARG B 60 -0.33 42.01 -4.81
N ILE B 61 -1.53 41.62 -4.40
CA ILE B 61 -2.15 40.45 -4.99
C ILE B 61 -2.44 40.71 -6.47
N ASP B 62 -2.73 41.96 -6.82
CA ASP B 62 -3.05 42.20 -8.21
C ASP B 62 -1.82 42.11 -9.07
N LEU B 63 -0.68 42.57 -8.56
CA LEU B 63 0.55 42.42 -9.33
C LEU B 63 0.91 40.95 -9.48
N LEU B 64 0.68 40.15 -8.44
CA LEU B 64 1.17 38.79 -8.43
C LEU B 64 0.35 37.90 -9.36
N LEU B 65 -0.97 37.98 -9.26
CA LEU B 65 -1.86 37.08 -9.99
C LEU B 65 -2.13 37.56 -11.39
N ASP B 66 -2.47 36.62 -12.26
CA ASP B 66 -2.94 36.95 -13.58
C ASP B 66 -4.16 37.88 -13.47
N PRO B 67 -4.28 38.86 -14.35
CA PRO B 67 -5.41 39.80 -14.27
C PRO B 67 -6.75 39.10 -14.44
N GLY B 68 -7.66 39.39 -13.52
CA GLY B 68 -8.99 38.83 -13.52
C GLY B 68 -9.12 37.45 -12.90
N SER B 69 -8.05 36.85 -12.42
CA SER B 69 -8.11 35.49 -11.95
C SER B 69 -8.36 35.36 -10.46
N PHE B 70 -8.28 36.45 -9.71
CA PHE B 70 -8.35 36.38 -8.26
C PHE B 70 -9.77 36.13 -7.79
N VAL B 71 -9.94 35.05 -7.06
CA VAL B 71 -11.18 34.73 -6.37
C VAL B 71 -10.93 34.93 -4.89
N GLU B 72 -11.51 35.98 -4.33
CA GLU B 72 -11.36 36.27 -2.91
C GLU B 72 -12.30 35.41 -2.06
N LEU B 73 -11.78 34.79 -1.00
CA LEU B 73 -12.60 34.12 0.00
C LEU B 73 -12.61 34.91 1.29
N ASP B 74 -13.64 34.70 2.08
CA ASP B 74 -13.73 35.29 3.40
C ASP B 74 -13.70 36.82 3.34
N GLU B 75 -14.29 37.38 2.30
CA GLU B 75 -14.37 38.84 2.22
C GLU B 75 -15.03 39.43 3.46
N PHE B 76 -16.14 38.87 3.91
CA PHE B 76 -16.91 39.50 4.97
C PHE B 76 -16.64 38.89 6.33
N VAL B 77 -15.43 38.38 6.54
CA VAL B 77 -15.08 37.83 7.83
C VAL B 77 -14.79 39.00 8.77
N ARG B 78 -15.30 38.90 10.00
CA ARG B 78 -15.13 39.93 11.01
C ARG B 78 -14.83 39.28 12.36
N HIS B 79 -13.98 39.96 13.15
CA HIS B 79 -13.89 39.69 14.57
C HIS B 79 -15.28 39.82 15.21
N ARG B 80 -15.45 39.20 16.36
CA ARG B 80 -16.79 38.96 16.91
C ARG B 80 -17.32 40.10 17.79
N THR B 81 -16.72 40.30 18.96
CA THR B 81 -17.25 41.36 19.84
C THR B 81 -17.00 42.74 19.21
N PRO B 87 -14.23 49.08 16.37
CA PRO B 87 -14.17 48.78 14.94
C PRO B 87 -13.76 47.33 14.64
N ARG B 88 -14.60 46.64 13.85
CA ARG B 88 -14.37 45.27 13.39
C ARG B 88 -14.43 45.29 11.87
N PRO B 89 -13.37 45.71 11.20
CA PRO B 89 -13.42 45.80 9.74
C PRO B 89 -13.58 44.43 9.11
N TYR B 90 -14.22 44.40 7.95
CA TYR B 90 -14.31 43.17 7.20
C TYR B 90 -12.91 42.68 6.88
N GLY B 91 -12.70 41.36 7.03
CA GLY B 91 -11.43 40.74 6.72
C GLY B 91 -10.47 40.62 7.87
N ASP B 92 -10.68 41.33 8.96
CA ASP B 92 -9.87 41.26 10.17
C ASP B 92 -8.39 41.50 9.91
N GLY B 93 -8.02 42.06 8.76
CA GLY B 93 -6.65 42.47 8.52
C GLY B 93 -5.92 41.73 7.44
N VAL B 94 -6.55 40.76 6.78
CA VAL B 94 -5.89 39.97 5.76
C VAL B 94 -6.82 39.81 4.58
N VAL B 95 -6.25 39.71 3.38
CA VAL B 95 -6.97 39.38 2.16
C VAL B 95 -6.51 37.98 1.74
N THR B 96 -7.45 37.11 1.46
CA THR B 96 -7.09 35.76 1.06
C THR B 96 -7.86 35.38 -0.18
N GLY B 97 -7.33 34.43 -0.94
CA GLY B 97 -8.06 33.86 -2.06
C GLY B 97 -7.15 33.02 -2.93
N HIS B 98 -7.69 32.58 -4.05
CA HIS B 98 -6.87 31.82 -4.98
C HIS B 98 -6.89 32.52 -6.34
N GLY B 99 -5.95 32.17 -7.19
CA GLY B 99 -5.92 32.70 -8.53
C GLY B 99 -5.03 31.82 -9.34
N THR B 100 -4.62 32.32 -10.51
CA THR B 100 -3.60 31.66 -11.31
C THR B 100 -2.41 32.57 -11.53
N ILE B 101 -1.23 31.98 -11.63
CA ILE B 101 -0.01 32.68 -12.06
C ILE B 101 0.53 31.99 -13.29
N ASP B 102 0.59 32.73 -14.38
CA ASP B 102 0.88 32.18 -15.71
C ASP B 102 0.10 30.90 -15.95
N GLY B 103 -1.18 30.97 -15.63
CA GLY B 103 -2.09 29.96 -16.06
C GLY B 103 -2.22 28.79 -15.14
N ARG B 104 -1.36 28.66 -14.13
CA ARG B 104 -1.46 27.59 -13.15
C ARG B 104 -1.94 28.12 -11.81
N GLN B 105 -2.71 27.31 -11.13
CA GLN B 105 -3.42 27.77 -9.94
C GLN B 105 -2.47 27.97 -8.75
N VAL B 106 -2.71 29.01 -7.96
CA VAL B 106 -1.99 29.28 -6.72
C VAL B 106 -2.99 29.81 -5.72
N CYS B 107 -2.64 29.70 -4.44
CA CYS B 107 -3.36 30.34 -3.35
C CYS B 107 -2.48 31.44 -2.78
N VAL B 108 -3.14 32.40 -2.15
CA VAL B 108 -2.41 33.59 -1.72
C VAL B 108 -3.08 34.20 -0.49
N PHE B 109 -2.27 34.82 0.35
CA PHE B 109 -2.80 35.71 1.36
C PHE B 109 -1.89 36.92 1.45
N SER B 110 -2.43 38.01 1.92
CA SER B 110 -1.67 39.24 1.97
C SER B 110 -2.14 39.98 3.20
N HIS B 111 -1.20 40.32 4.08
CA HIS B 111 -1.51 41.05 5.30
C HIS B 111 -1.83 42.52 5.02
N ASP B 112 -2.83 43.05 5.71
CA ASP B 112 -3.10 44.49 5.64
C ASP B 112 -2.52 45.16 6.88
N PHE B 113 -1.34 45.79 6.71
CA PHE B 113 -0.58 46.28 7.85
C PHE B 113 -1.30 47.40 8.54
N THR B 114 -2.22 48.05 7.82
CA THR B 114 -2.90 49.23 8.34
C THR B 114 -3.94 48.86 9.38
N THR B 115 -4.38 47.61 9.40
CA THR B 115 -5.35 47.14 10.39
C THR B 115 -4.59 46.50 11.54
N LEU B 116 -4.35 47.27 12.60
CA LEU B 116 -3.74 46.74 13.81
C LEU B 116 -2.36 46.16 13.55
N GLY B 117 -1.58 46.85 12.71
CA GLY B 117 -0.19 46.48 12.51
C GLY B 117 0.02 45.16 11.81
N GLY B 118 -0.98 44.70 11.07
CA GLY B 118 -0.97 43.40 10.44
C GLY B 118 -1.08 42.23 11.38
N SER B 119 -1.49 42.44 12.62
CA SER B 119 -1.47 41.36 13.61
C SER B 119 -2.58 40.33 13.36
N MET B 120 -2.31 39.11 13.78
CA MET B 120 -3.22 38.00 13.58
C MET B 120 -4.14 37.86 14.77
N GLY B 121 -5.43 38.06 14.56
CA GLY B 121 -6.43 37.69 15.53
C GLY B 121 -7.07 36.36 15.18
N GLU B 122 -8.26 36.14 15.74
CA GLU B 122 -8.96 34.89 15.50
C GLU B 122 -9.47 34.80 14.07
N ALA B 123 -10.14 35.84 13.59
CA ALA B 123 -10.71 35.80 12.25
C ALA B 123 -9.62 35.82 11.19
N PHE B 124 -8.69 36.75 11.29
CA PHE B 124 -7.47 36.78 10.49
C PHE B 124 -6.92 35.38 10.28
N GLY B 125 -6.68 34.68 11.40
CA GLY B 125 -6.02 33.39 11.35
C GLY B 125 -6.88 32.36 10.65
N SER B 126 -8.18 32.35 10.95
CA SER B 126 -9.06 31.39 10.31
C SER B 126 -9.03 31.55 8.79
N LYS B 127 -8.89 32.78 8.31
CA LYS B 127 -8.80 33.01 6.87
C LYS B 127 -7.53 32.37 6.30
N VAL B 128 -6.40 32.56 6.97
CA VAL B 128 -5.16 32.01 6.45
C VAL B 128 -5.18 30.49 6.50
N VAL B 129 -5.79 29.91 7.53
CA VAL B 129 -5.82 28.46 7.62
C VAL B 129 -6.74 27.88 6.54
N LYS B 130 -7.78 28.61 6.17
CA LYS B 130 -8.68 28.12 5.14
C LYS B 130 -7.99 28.04 3.79
N ILE B 131 -7.31 29.11 3.34
CA ILE B 131 -6.62 28.99 2.05
C ILE B 131 -5.48 28.01 2.10
N TYR B 132 -4.85 27.81 3.27
CA TYR B 132 -3.83 26.76 3.37
C TYR B 132 -4.43 25.37 3.25
N ASP B 133 -5.56 25.13 3.89
CA ASP B 133 -6.19 23.83 3.74
C ASP B 133 -6.61 23.61 2.29
N PHE B 134 -7.08 24.66 1.62
CA PHE B 134 -7.49 24.51 0.23
C PHE B 134 -6.32 24.10 -0.65
N ALA B 135 -5.18 24.79 -0.50
CA ALA B 135 -3.98 24.46 -1.27
C ALA B 135 -3.53 23.03 -1.00
N MET B 136 -3.54 22.62 0.25
CA MET B 136 -3.22 21.23 0.52
C MET B 136 -4.25 20.28 -0.10
N SER B 137 -5.47 20.75 -0.26
CA SER B 137 -6.54 19.92 -0.77
C SER B 137 -6.37 19.62 -2.27
N VAL B 138 -6.05 20.64 -3.06
CA VAL B 138 -5.95 20.51 -4.51
C VAL B 138 -4.51 20.48 -5.01
N GLY B 139 -3.54 20.70 -4.14
CA GLY B 139 -2.15 20.53 -4.48
C GLY B 139 -1.67 21.67 -5.35
N CYS B 140 -1.66 22.88 -4.82
CA CYS B 140 -1.10 23.99 -5.57
C CYS B 140 -0.20 24.79 -4.62
N PRO B 141 0.62 25.67 -5.16
CA PRO B 141 1.50 26.47 -4.29
C PRO B 141 0.71 27.42 -3.42
N VAL B 142 1.31 27.83 -2.29
CA VAL B 142 0.80 28.96 -1.51
C VAL B 142 1.83 30.07 -1.54
N ILE B 143 1.39 31.30 -1.78
CA ILE B 143 2.25 32.47 -1.67
C ILE B 143 1.68 33.35 -0.57
N GLY B 144 2.46 33.55 0.50
CA GLY B 144 2.05 34.44 1.56
C GLY B 144 2.81 35.75 1.44
N ILE B 145 2.08 36.84 1.50
CA ILE B 145 2.63 38.20 1.48
C ILE B 145 2.55 38.77 2.90
N ASN B 146 3.69 38.97 3.53
CA ASN B 146 3.75 39.37 4.93
C ASN B 146 4.17 40.80 5.20
N ASP B 147 3.40 41.48 6.04
CA ASP B 147 3.61 42.86 6.42
C ASP B 147 2.81 42.91 7.69
N SER B 148 3.44 42.43 8.75
CA SER B 148 2.80 42.29 10.01
C SER B 148 3.65 42.25 11.25
N GLY B 149 3.10 42.73 12.35
CA GLY B 149 3.78 42.60 13.62
C GLY B 149 3.45 41.33 14.40
N GLY B 150 3.03 40.29 13.71
CA GLY B 150 2.86 39.00 14.33
C GLY B 150 1.53 38.78 15.03
N ALA B 151 1.58 38.02 16.12
CA ALA B 151 0.39 37.68 16.88
C ALA B 151 -0.19 38.89 17.62
N ARG B 152 -1.52 38.94 17.70
CA ARG B 152 -2.22 40.07 18.28
C ARG B 152 -2.28 39.92 19.81
N ILE B 153 -1.61 40.83 20.52
CA ILE B 153 -1.45 40.67 21.96
C ILE B 153 -2.78 40.71 22.68
N GLN B 154 -3.69 41.58 22.25
CA GLN B 154 -4.94 41.76 22.96
C GLN B 154 -5.81 40.52 22.89
N GLU B 155 -5.57 39.64 21.92
CA GLU B 155 -6.33 38.40 21.85
C GLU B 155 -5.66 37.25 22.57
N GLY B 156 -4.49 37.47 23.18
CA GLY B 156 -3.89 36.52 24.09
C GLY B 156 -3.50 35.22 23.42
N VAL B 157 -3.62 34.13 24.18
CA VAL B 157 -3.23 32.81 23.72
C VAL B 157 -3.90 32.43 22.41
N MET B 158 -5.05 33.02 22.12
CA MET B 158 -5.75 32.66 20.89
C MET B 158 -4.94 33.02 19.66
N SER B 159 -4.31 34.20 19.63
CA SER B 159 -3.49 34.52 18.47
C SER B 159 -2.23 33.67 18.41
N ILE B 160 -1.67 33.24 19.54
CA ILE B 160 -0.60 32.24 19.47
C ILE B 160 -1.13 30.93 18.89
N ALA B 161 -2.29 30.50 19.37
CA ALA B 161 -2.90 29.29 18.84
C ALA B 161 -2.99 29.33 17.31
N TYR B 162 -3.52 30.42 16.76
CA TYR B 162 -3.75 30.46 15.32
C TYR B 162 -2.46 30.47 14.52
N TYR B 163 -1.46 31.25 14.96
CA TYR B 163 -0.15 31.20 14.33
C TYR B 163 0.45 29.81 14.43
N THR B 164 0.20 29.12 15.54
CA THR B 164 0.68 27.75 15.68
C THR B 164 0.02 26.87 14.64
N GLU B 165 -1.27 27.06 14.40
CA GLU B 165 -1.95 26.24 13.42
C GLU B 165 -1.48 26.58 12.00
N LEU B 166 -1.17 27.83 11.73
CA LEU B 166 -0.59 28.13 10.45
C LEU B 166 0.74 27.40 10.28
N GLY B 167 1.61 27.48 11.30
CA GLY B 167 2.89 26.79 11.22
C GLY B 167 2.72 25.30 11.04
N VAL B 168 1.73 24.73 11.72
CA VAL B 168 1.53 23.30 11.59
C VAL B 168 1.26 22.95 10.15
N ARG B 169 0.54 23.81 9.45
CA ARG B 169 0.29 23.56 8.05
C ARG B 169 1.50 23.83 7.17
N ASN B 170 2.42 24.70 7.61
CA ASN B 170 3.70 24.82 6.93
C ASN B 170 4.48 23.52 6.98
N VAL B 171 4.51 22.87 8.13
CA VAL B 171 5.28 21.64 8.28
C VAL B 171 4.65 20.50 7.51
N HIS B 172 3.33 20.33 7.62
CA HIS B 172 2.66 19.27 6.88
C HIS B 172 2.67 19.50 5.37
N SER B 173 2.92 20.74 4.93
CA SER B 173 3.09 21.07 3.52
C SER B 173 4.54 20.96 3.07
N SER B 174 5.47 21.05 4.01
CA SER B 174 6.88 20.95 3.67
C SER B 174 7.12 19.71 2.81
N GLY B 175 7.64 19.94 1.60
CA GLY B 175 7.83 18.90 0.62
C GLY B 175 6.60 18.42 -0.12
N VAL B 176 5.45 19.05 0.09
CA VAL B 176 4.20 18.63 -0.53
C VAL B 176 3.76 19.65 -1.57
N ILE B 177 3.68 20.92 -1.19
CA ILE B 177 3.34 22.00 -2.10
C ILE B 177 4.37 23.11 -1.93
N PRO B 178 4.80 23.76 -3.01
CA PRO B 178 5.71 24.90 -2.84
C PRO B 178 5.08 26.00 -2.00
N GLN B 179 5.89 26.58 -1.14
CA GLN B 179 5.42 27.65 -0.27
C GLN B 179 6.42 28.77 -0.37
N ILE B 180 5.97 29.96 -0.74
CA ILE B 180 6.87 31.09 -0.91
C ILE B 180 6.40 32.25 -0.04
N SER B 181 7.34 32.96 0.60
CA SER B 181 7.03 34.08 1.48
C SER B 181 7.57 35.38 0.91
N LEU B 182 6.68 36.34 0.66
CA LEU B 182 7.09 37.70 0.33
C LEU B 182 7.07 38.51 1.60
N ILE B 183 8.18 39.14 1.96
CA ILE B 183 8.27 39.96 3.16
C ILE B 183 8.29 41.40 2.71
N MET B 184 7.24 42.15 3.01
CA MET B 184 7.09 43.47 2.41
C MET B 184 6.82 44.56 3.45
N GLY B 185 7.39 44.43 4.65
CA GLY B 185 7.15 45.35 5.72
C GLY B 185 7.81 44.88 7.01
N PRO B 186 7.56 45.55 8.09
CA PRO B 186 8.19 45.16 9.35
C PRO B 186 7.58 43.91 9.92
N CYS B 187 8.32 42.81 9.93
CA CYS B 187 7.82 41.52 10.35
C CYS B 187 8.53 41.07 11.61
N ALA B 188 7.75 40.71 12.61
CA ALA B 188 8.27 40.16 13.87
C ALA B 188 7.44 38.97 14.25
N GLY B 189 7.91 38.26 15.27
CA GLY B 189 7.20 37.12 15.85
C GLY B 189 6.72 36.13 14.80
N GLY B 190 5.47 35.71 14.92
CA GLY B 190 4.96 34.66 14.06
C GLY B 190 5.09 35.00 12.59
N SER B 191 5.14 36.29 12.25
CA SER B 191 5.27 36.68 10.86
C SER B 191 6.69 36.52 10.34
N VAL B 192 7.65 36.13 11.18
CA VAL B 192 8.96 35.73 10.65
C VAL B 192 9.11 34.23 10.83
N TYR B 193 8.42 33.65 11.82
CA TYR B 193 8.51 32.22 12.10
C TYR B 193 7.84 31.39 11.02
N SER B 194 6.63 31.75 10.61
CA SER B 194 5.98 30.98 9.54
C SER B 194 6.76 31.06 8.23
N PRO B 195 7.18 32.22 7.75
CA PRO B 195 7.98 32.21 6.51
C PRO B 195 9.26 31.40 6.62
N ALA B 196 9.82 31.26 7.83
CA ALA B 196 11.02 30.45 7.97
C ALA B 196 10.75 28.98 7.74
N LEU B 197 9.49 28.54 7.89
CA LEU B 197 9.14 27.19 7.50
C LEU B 197 8.79 27.07 6.03
N THR B 198 8.50 28.16 5.35
CA THR B 198 8.25 28.01 3.93
C THR B 198 9.56 27.76 3.19
N ASP B 199 9.45 27.44 1.92
CA ASP B 199 10.63 27.05 1.16
C ASP B 199 11.51 28.24 0.74
N PHE B 200 10.94 29.43 0.58
CA PHE B 200 11.69 30.58 0.13
C PHE B 200 11.17 31.85 0.78
N THR B 201 12.08 32.71 1.20
CA THR B 201 11.71 33.96 1.84
C THR B 201 12.32 35.08 1.01
N VAL B 202 11.48 35.97 0.50
CA VAL B 202 11.89 37.05 -0.41
C VAL B 202 11.59 38.38 0.24
N MET B 203 12.63 39.19 0.46
CA MET B 203 12.49 40.49 1.09
C MET B 203 12.58 41.63 0.05
N VAL B 204 12.24 42.85 0.50
CA VAL B 204 12.25 44.00 -0.39
C VAL B 204 13.10 45.09 0.22
N LYS B 205 13.91 45.73 -0.60
CA LYS B 205 14.81 46.74 -0.09
C LYS B 205 14.08 47.86 0.67
N ASP B 206 14.75 48.37 1.72
CA ASP B 206 14.35 49.58 2.44
C ASP B 206 13.06 49.49 3.25
N ILE B 207 12.04 48.80 2.73
CA ILE B 207 10.74 48.78 3.39
C ILE B 207 10.49 47.60 4.32
N SER B 208 11.32 46.54 4.27
CA SER B 208 11.01 45.29 4.96
C SER B 208 12.09 44.94 5.97
N TYR B 209 11.69 44.21 7.00
CA TYR B 209 12.54 43.82 8.11
C TYR B 209 12.08 42.46 8.59
N MET B 210 12.97 41.72 9.24
CA MET B 210 12.63 40.47 9.90
C MET B 210 13.40 40.39 11.22
N PHE B 211 12.71 40.10 12.31
CA PHE B 211 13.39 39.84 13.56
C PHE B 211 12.36 39.30 14.53
N VAL B 212 12.83 38.51 15.50
CA VAL B 212 11.89 37.84 16.40
C VAL B 212 11.18 38.85 17.29
N THR B 213 11.88 39.92 17.67
CA THR B 213 11.19 41.09 18.23
C THR B 213 11.98 42.34 17.88
N GLY B 214 11.27 43.47 17.87
CA GLY B 214 11.76 44.71 17.33
C GLY B 214 12.81 45.37 18.19
N PRO B 215 13.50 46.36 17.61
CA PRO B 215 14.59 47.01 18.36
C PRO B 215 14.14 47.71 19.62
N GLU B 216 12.93 48.27 19.63
CA GLU B 216 12.45 48.97 20.81
C GLU B 216 12.31 48.01 21.98
N VAL B 217 11.89 46.77 21.70
CA VAL B 217 11.76 45.76 22.73
C VAL B 217 13.12 45.21 23.09
N VAL B 218 14.01 45.09 22.11
CA VAL B 218 15.37 44.62 22.39
C VAL B 218 16.04 45.56 23.38
N SER B 219 15.79 46.87 23.25
CA SER B 219 16.39 47.84 24.16
C SER B 219 15.73 47.84 25.52
N ALA B 220 14.39 47.91 25.56
CA ALA B 220 13.66 47.99 26.82
C ALA B 220 13.80 46.73 27.68
N VAL B 221 14.27 45.64 27.08
CA VAL B 221 14.34 44.34 27.75
C VAL B 221 15.76 43.90 27.97
N MET B 222 16.65 44.14 27.01
CA MET B 222 18.02 43.67 27.07
C MET B 222 19.07 44.78 27.11
N GLY B 223 18.69 46.05 27.00
CA GLY B 223 19.66 47.13 26.99
C GLY B 223 20.51 47.18 25.75
N GLU B 224 20.09 46.53 24.67
CA GLU B 224 20.78 46.62 23.38
C GLU B 224 20.15 47.72 22.54
N GLN B 225 20.97 48.67 22.10
CA GLN B 225 20.50 49.78 21.26
C GLN B 225 20.95 49.55 19.83
N VAL B 226 19.99 49.21 18.96
CA VAL B 226 20.27 48.91 17.56
C VAL B 226 19.13 49.47 16.72
N THR B 227 19.44 49.81 15.48
CA THR B 227 18.36 50.18 14.59
C THR B 227 17.67 48.94 14.04
N ALA B 228 16.57 49.16 13.31
CA ALA B 228 15.92 48.04 12.64
C ALA B 228 16.80 47.48 11.52
N GLU B 229 17.44 48.37 10.75
CA GLU B 229 18.24 47.93 9.62
C GLU B 229 19.35 47.00 10.05
N GLN B 230 19.95 47.26 11.21
CA GLN B 230 21.06 46.43 11.65
C GLN B 230 20.60 45.19 12.38
N LEU B 231 19.41 45.22 12.95
CA LEU B 231 18.90 44.05 13.66
C LEU B 231 18.30 43.03 12.71
N GLY B 232 17.65 43.49 11.64
CA GLY B 232 17.09 42.58 10.67
C GLY B 232 16.65 43.23 9.38
N GLY B 233 17.47 44.10 8.83
CA GLY B 233 17.19 44.63 7.52
C GLY B 233 17.43 43.60 6.44
N PRO B 234 16.98 43.88 5.23
CA PRO B 234 17.20 42.94 4.12
C PRO B 234 18.66 42.54 3.93
N ALA B 235 19.59 43.47 3.98
CA ALA B 235 20.98 43.10 3.73
C ALA B 235 21.49 42.12 4.78
N VAL B 236 21.11 42.31 6.04
CA VAL B 236 21.57 41.41 7.09
C VAL B 236 21.12 39.98 6.81
N HIS B 237 19.85 39.79 6.46
CA HIS B 237 19.33 38.44 6.18
C HIS B 237 19.81 37.87 4.85
N ALA B 238 20.13 38.69 3.86
CA ALA B 238 20.58 38.18 2.58
C ALA B 238 22.06 37.81 2.56
N GLU B 239 22.88 38.44 3.42
CA GLU B 239 24.33 38.23 3.38
C GLU B 239 24.92 37.60 4.63
N VAL B 240 24.25 37.66 5.78
CA VAL B 240 24.85 37.28 7.06
C VAL B 240 24.13 36.11 7.70
N SER B 241 22.81 36.18 7.81
CA SER B 241 22.06 35.09 8.42
C SER B 241 21.61 34.01 7.45
N GLY B 242 21.36 34.34 6.18
CA GLY B 242 20.81 33.37 5.27
C GLY B 242 19.29 33.25 5.29
N ASN B 243 18.58 34.07 6.06
CA ASN B 243 17.14 33.91 6.15
C ASN B 243 16.43 34.26 4.85
N ALA B 244 17.01 35.16 4.05
CA ALA B 244 16.38 35.67 2.86
C ALA B 244 17.06 35.09 1.65
N HIS B 245 16.29 34.49 0.73
CA HIS B 245 16.82 33.90 -0.50
C HIS B 245 16.99 34.92 -1.61
N TYR B 246 16.48 36.13 -1.45
CA TYR B 246 16.54 37.16 -2.48
C TYR B 246 15.97 38.46 -1.92
N VAL B 247 16.52 39.57 -2.39
CA VAL B 247 16.06 40.89 -2.00
C VAL B 247 15.75 41.69 -3.26
N GLY B 248 14.48 41.99 -3.48
CA GLY B 248 14.10 42.76 -4.65
C GLY B 248 14.34 44.24 -4.47
N ASP B 249 14.69 44.89 -5.58
CA ASP B 249 14.99 46.32 -5.55
C ASP B 249 13.79 47.15 -5.16
N ASP B 250 12.60 46.72 -5.59
CA ASP B 250 11.34 47.27 -5.14
C ASP B 250 10.35 46.13 -5.03
N GLU B 251 9.12 46.45 -4.64
CA GLU B 251 8.11 45.42 -4.52
C GLU B 251 7.93 44.69 -5.84
N GLN B 252 7.90 45.42 -6.95
CA GLN B 252 7.68 44.77 -8.24
C GLN B 252 8.81 43.79 -8.57
N ASP B 253 10.05 44.15 -8.28
CA ASP B 253 11.13 43.22 -8.54
C ASP B 253 10.96 41.90 -7.77
N ALA B 254 10.60 41.99 -6.49
CA ALA B 254 10.43 40.78 -5.69
C ALA B 254 9.28 39.93 -6.18
N ILE B 255 8.19 40.55 -6.61
CA ILE B 255 7.05 39.77 -7.07
C ILE B 255 7.40 39.10 -8.38
N SER B 256 8.15 39.79 -9.24
CA SER B 256 8.57 39.18 -10.50
C SER B 256 9.50 38.01 -10.23
N TRP B 257 10.41 38.16 -9.26
CA TRP B 257 11.26 37.04 -8.91
C TRP B 257 10.43 35.84 -8.45
N VAL B 258 9.33 36.07 -7.73
CA VAL B 258 8.50 34.95 -7.28
C VAL B 258 7.79 34.30 -8.47
N GLN B 259 7.20 35.12 -9.35
CA GLN B 259 6.54 34.56 -10.52
C GLN B 259 7.50 33.74 -11.38
N THR B 260 8.76 34.19 -11.51
CA THR B 260 9.76 33.41 -12.26
C THR B 260 10.10 32.13 -11.53
N LEU B 261 10.21 32.19 -10.21
CA LEU B 261 10.49 30.98 -9.45
C LEU B 261 9.42 29.94 -9.69
N LEU B 262 8.16 30.33 -9.56
CA LEU B 262 7.09 29.37 -9.74
C LEU B 262 7.12 28.76 -11.12
N GLY B 263 7.66 29.47 -12.10
CA GLY B 263 7.70 28.94 -13.45
C GLY B 263 8.60 27.74 -13.65
N TYR B 264 9.54 27.50 -12.74
CA TYR B 264 10.36 26.29 -12.76
C TYR B 264 9.76 25.17 -11.93
N LEU B 265 8.76 25.47 -11.06
CA LEU B 265 8.44 24.44 -10.10
C LEU B 265 7.15 23.74 -10.46
N PRO B 266 7.02 22.47 -10.12
CA PRO B 266 5.74 21.79 -10.20
C PRO B 266 4.69 22.39 -9.28
N PRO B 267 3.47 21.96 -9.40
CA PRO B 267 2.45 22.47 -8.49
C PRO B 267 2.43 21.79 -7.12
N ASN B 268 2.95 20.57 -7.04
CA ASN B 268 2.98 19.77 -5.83
C ASN B 268 4.00 18.69 -6.10
N ASN B 269 4.10 17.71 -5.22
CA ASN B 269 5.20 16.76 -5.33
C ASN B 269 4.89 15.58 -6.22
N LEU B 270 3.68 15.50 -6.79
CA LEU B 270 3.28 14.42 -7.67
C LEU B 270 3.16 14.84 -9.13
N ASP B 271 2.59 15.95 -9.40
CA ASP B 271 2.41 16.35 -10.78
C ASP B 271 3.72 16.88 -11.38
N PRO B 272 3.93 16.74 -12.66
CA PRO B 272 5.23 17.09 -13.24
C PRO B 272 5.40 18.60 -13.42
N ALA B 273 6.67 19.02 -13.46
CA ALA B 273 7.06 20.40 -13.65
C ALA B 273 6.87 20.81 -15.11
N PRO B 274 6.71 22.10 -15.38
CA PRO B 274 6.41 22.52 -16.75
C PRO B 274 7.53 22.21 -17.70
N VAL B 275 7.18 21.95 -18.95
CA VAL B 275 8.16 21.76 -20.01
C VAL B 275 7.96 22.87 -21.02
N TYR B 276 9.04 23.45 -21.52
CA TYR B 276 8.92 24.55 -22.46
C TYR B 276 9.55 24.16 -23.80
N ASP B 277 9.16 24.89 -24.84
CA ASP B 277 9.86 24.79 -26.11
C ASP B 277 11.27 25.31 -25.94
N HIS B 278 12.18 24.77 -26.74
CA HIS B 278 13.58 25.19 -26.67
C HIS B 278 14.14 25.24 -28.08
N ASP B 279 15.11 26.14 -28.27
CA ASP B 279 15.82 26.30 -29.54
C ASP B 279 17.27 25.86 -29.45
N CYS B 280 17.60 25.00 -28.47
CA CYS B 280 18.96 24.46 -28.33
C CYS B 280 19.48 23.95 -29.66
N ALA B 281 20.76 24.08 -29.86
CA ALA B 281 21.46 23.71 -31.07
C ALA B 281 21.94 22.26 -31.01
N PRO B 282 21.74 21.49 -32.06
CA PRO B 282 22.10 20.05 -32.00
C PRO B 282 23.59 19.78 -32.11
N GLY B 283 24.38 20.75 -32.55
CA GLY B 283 25.79 20.51 -32.78
C GLY B 283 26.66 21.44 -31.96
N ILE B 284 27.97 21.39 -32.14
CA ILE B 284 28.84 22.26 -31.37
C ILE B 284 28.64 23.69 -31.85
N THR B 285 28.57 24.62 -30.91
CA THR B 285 28.50 26.05 -31.19
C THR B 285 29.77 26.74 -30.69
N GLU B 286 29.87 28.04 -30.96
CA GLU B 286 31.00 28.79 -30.43
C GLU B 286 30.92 28.91 -28.90
N ALA B 287 29.72 28.99 -28.32
CA ALA B 287 29.62 29.03 -26.87
C ALA B 287 30.11 27.72 -26.28
N ASP B 288 29.82 26.61 -26.96
CA ASP B 288 30.33 25.34 -26.50
C ASP B 288 31.84 25.34 -26.53
N LEU B 289 32.42 25.81 -27.65
CA LEU B 289 33.87 25.76 -27.80
C LEU B 289 34.55 26.68 -26.80
N ALA B 290 33.90 27.76 -26.41
CA ALA B 290 34.53 28.66 -25.47
C ALA B 290 34.93 27.97 -24.18
N LEU B 291 34.30 26.83 -23.84
CA LEU B 291 34.61 26.13 -22.61
C LEU B 291 35.98 25.48 -22.63
N ASP B 292 36.55 25.25 -23.82
CA ASP B 292 37.87 24.65 -23.87
C ASP B 292 38.95 25.57 -23.31
N THR B 293 38.72 26.88 -23.31
CA THR B 293 39.70 27.85 -22.83
C THR B 293 39.25 28.57 -21.57
N VAL B 294 38.23 28.07 -20.89
CA VAL B 294 37.71 28.78 -19.73
C VAL B 294 38.56 28.50 -18.48
N ILE B 295 39.24 27.36 -18.42
CA ILE B 295 40.06 27.03 -17.26
C ILE B 295 41.46 27.61 -17.48
N PRO B 296 41.95 28.46 -16.59
CA PRO B 296 43.28 29.03 -16.76
C PRO B 296 44.38 27.97 -16.71
N ASP B 297 45.52 28.30 -17.37
CA ASP B 297 46.70 27.45 -17.32
C ASP B 297 47.27 27.36 -15.90
N SER B 298 47.25 28.47 -15.19
CA SER B 298 47.83 28.52 -13.86
C SER B 298 46.85 27.93 -12.86
N GLU B 299 47.33 27.07 -11.96
CA GLU B 299 46.44 26.67 -10.89
C GLU B 299 46.15 27.84 -9.95
N GLN B 300 47.00 28.87 -9.96
CA GLN B 300 46.86 30.07 -9.13
C GLN B 300 45.74 31.03 -9.57
N GLN B 301 45.24 30.90 -10.80
CA GLN B 301 44.30 31.86 -11.37
C GLN B 301 42.89 31.29 -11.36
N VAL B 302 41.90 32.17 -11.33
CA VAL B 302 40.54 31.70 -11.14
C VAL B 302 39.70 32.04 -12.36
N TYR B 303 38.46 31.62 -12.33
CA TYR B 303 37.52 31.80 -13.43
C TYR B 303 36.14 31.94 -12.81
N ASP B 304 35.18 32.40 -13.63
CA ASP B 304 33.81 32.61 -13.20
C ASP B 304 33.00 31.37 -13.58
N MET B 305 32.66 30.56 -12.58
CA MET B 305 31.86 29.37 -12.84
C MET B 305 30.57 29.74 -13.56
N ALA B 306 30.05 30.95 -13.34
CA ALA B 306 28.82 31.34 -14.04
C ALA B 306 28.99 31.26 -15.54
N ASP B 307 30.22 31.39 -16.05
CA ASP B 307 30.41 31.26 -17.49
C ASP B 307 30.19 29.83 -17.93
N VAL B 308 30.56 28.87 -17.08
CA VAL B 308 30.35 27.48 -17.42
C VAL B 308 28.86 27.15 -17.39
N ILE B 309 28.20 27.60 -16.32
CA ILE B 309 26.78 27.34 -16.16
C ILE B 309 26.02 27.91 -17.34
N THR B 310 26.16 29.22 -17.60
CA THR B 310 25.43 29.84 -18.70
C THR B 310 25.67 29.09 -20.01
N ALA B 311 26.89 28.62 -20.26
CA ALA B 311 27.13 27.84 -21.48
C ALA B 311 26.27 26.59 -21.56
N VAL B 312 25.93 25.96 -20.42
CA VAL B 312 25.18 24.70 -20.47
C VAL B 312 23.66 24.90 -20.44
N LEU B 313 23.15 25.91 -19.77
CA LEU B 313 21.73 26.06 -19.60
C LEU B 313 21.07 26.68 -20.83
N ASP B 314 19.82 26.30 -21.05
CA ASP B 314 18.99 26.93 -22.08
C ASP B 314 19.04 28.45 -21.99
N ASP B 315 19.46 29.07 -23.10
CA ASP B 315 19.53 30.51 -23.28
C ASP B 315 20.51 31.14 -22.33
N GLY B 316 21.37 30.33 -21.72
CA GLY B 316 22.31 30.86 -20.75
C GLY B 316 21.64 31.54 -19.58
N ASP B 317 20.47 31.07 -19.21
CA ASP B 317 19.63 31.78 -18.26
C ASP B 317 19.43 30.94 -17.03
N TYR B 318 19.23 31.62 -15.91
CA TYR B 318 18.99 30.90 -14.67
C TYR B 318 18.53 31.90 -13.64
N LEU B 319 17.73 31.42 -12.69
CA LEU B 319 17.34 32.17 -11.52
C LEU B 319 18.21 31.71 -10.36
N GLU B 320 18.96 32.62 -9.77
CA GLU B 320 19.89 32.27 -8.70
C GLU B 320 19.21 32.38 -7.33
N ILE B 321 19.32 31.34 -6.52
CA ILE B 321 18.83 31.32 -5.15
C ILE B 321 19.99 31.74 -4.26
N HIS B 322 19.73 32.55 -3.25
CA HIS B 322 20.74 33.03 -2.30
C HIS B 322 21.93 33.73 -3.00
N PRO B 323 21.68 34.58 -4.00
CA PRO B 323 22.82 35.14 -4.77
C PRO B 323 23.86 35.87 -3.91
N ASP B 324 23.48 36.51 -2.80
CA ASP B 324 24.39 37.32 -2.01
C ASP B 324 24.84 36.62 -0.73
N PHE B 325 24.44 35.37 -0.52
CA PHE B 325 24.79 34.61 0.66
C PHE B 325 25.72 33.50 0.22
N ALA B 326 26.79 33.27 0.98
CA ALA B 326 27.74 32.20 0.72
C ALA B 326 28.12 32.14 -0.76
N ARG B 327 28.76 33.21 -1.22
CA ARG B 327 28.96 33.33 -2.66
C ARG B 327 30.01 32.38 -3.22
N ASN B 328 30.71 31.62 -2.36
CA ASN B 328 31.59 30.56 -2.83
C ASN B 328 30.82 29.35 -3.40
N ILE B 329 29.49 29.35 -3.33
CA ILE B 329 28.71 28.34 -4.01
C ILE B 329 27.58 29.03 -4.78
N ILE B 330 27.14 28.40 -5.85
CA ILE B 330 26.03 28.91 -6.65
C ILE B 330 24.90 27.91 -6.55
N CYS B 331 23.71 28.36 -6.17
CA CYS B 331 22.49 27.61 -6.35
C CYS B 331 21.60 28.34 -7.34
N ALA B 332 21.08 27.61 -8.33
CA ALA B 332 20.27 28.24 -9.35
C ALA B 332 19.33 27.26 -10.03
N LEU B 333 18.24 27.79 -10.57
CA LEU B 333 17.29 27.01 -11.36
C LEU B 333 17.38 27.44 -12.83
N GLY B 334 17.51 26.46 -13.71
CA GLY B 334 17.59 26.75 -15.12
C GLY B 334 16.83 25.70 -15.89
N ARG B 335 17.11 25.58 -17.19
CA ARG B 335 16.49 24.55 -17.99
C ARG B 335 17.49 24.03 -18.99
N VAL B 336 17.35 22.76 -19.31
CA VAL B 336 18.04 22.13 -20.42
C VAL B 336 16.99 21.46 -21.28
N GLU B 337 16.91 21.87 -22.55
CA GLU B 337 15.95 21.33 -23.52
C GLU B 337 14.53 21.48 -22.99
N GLY B 338 14.29 22.61 -22.33
CA GLY B 338 12.98 22.94 -21.83
C GLY B 338 12.58 22.34 -20.49
N HIS B 339 13.42 21.55 -19.85
CA HIS B 339 13.07 20.94 -18.58
C HIS B 339 13.82 21.61 -17.43
N SER B 340 13.15 21.80 -16.30
CA SER B 340 13.80 22.39 -15.12
C SER B 340 14.98 21.58 -14.64
N VAL B 341 16.05 22.27 -14.31
CA VAL B 341 17.27 21.63 -13.85
C VAL B 341 17.76 22.46 -12.67
N ALA B 342 18.23 21.81 -11.61
CA ALA B 342 18.82 22.52 -10.48
C ALA B 342 20.35 22.49 -10.57
N VAL B 343 20.98 23.63 -10.28
CA VAL B 343 22.41 23.79 -10.47
C VAL B 343 23.04 24.10 -9.12
N VAL B 344 24.02 23.31 -8.74
CA VAL B 344 24.80 23.52 -7.53
C VAL B 344 26.24 23.49 -7.98
N ALA B 345 26.98 24.57 -7.71
CA ALA B 345 28.30 24.74 -8.34
C ALA B 345 29.23 25.54 -7.44
N ASN B 346 30.40 24.98 -7.18
CA ASN B 346 31.45 25.72 -6.51
C ASN B 346 31.86 26.93 -7.34
N GLN B 347 32.02 28.06 -6.65
CA GLN B 347 32.33 29.31 -7.34
C GLN B 347 33.75 29.82 -6.99
N PRO B 348 34.70 29.66 -7.89
CA PRO B 348 36.09 30.03 -7.59
C PRO B 348 36.31 31.52 -7.32
N ARG B 349 35.45 32.39 -7.80
CA ARG B 349 35.66 33.82 -7.64
C ARG B 349 35.30 34.33 -6.27
N HIS B 350 34.94 33.46 -5.34
CA HIS B 350 34.87 33.85 -3.94
C HIS B 350 35.41 32.75 -3.06
N LEU B 351 36.36 33.08 -2.19
CA LEU B 351 37.06 32.13 -1.31
C LEU B 351 37.58 30.91 -2.06
N ALA B 352 37.94 31.06 -3.34
CA ALA B 352 38.45 29.97 -4.18
C ALA B 352 37.47 28.81 -4.35
N GLY B 353 36.20 28.98 -4.00
CA GLY B 353 35.23 27.91 -4.19
C GLY B 353 35.29 26.84 -3.13
N VAL B 354 35.94 27.09 -2.00
CA VAL B 354 35.91 26.08 -0.95
C VAL B 354 34.54 26.11 -0.27
N LEU B 355 34.24 25.02 0.44
CA LEU B 355 33.05 24.88 1.25
C LEU B 355 33.27 25.43 2.66
N ASP B 356 32.28 26.13 3.19
CA ASP B 356 32.25 26.52 4.59
C ASP B 356 30.86 26.24 5.16
N ILE B 357 30.59 26.65 6.38
CA ILE B 357 29.30 26.39 7.00
C ILE B 357 28.15 26.95 6.14
N ASP B 358 28.22 28.22 5.77
CA ASP B 358 27.13 28.88 5.03
C ASP B 358 26.91 28.22 3.67
N ALA B 359 27.97 27.99 2.90
CA ALA B 359 27.77 27.31 1.62
C ALA B 359 27.20 25.91 1.79
N SER B 360 27.50 25.24 2.90
CA SER B 360 26.95 23.90 3.06
C SER B 360 25.45 23.96 3.35
N GLU B 361 25.02 24.94 4.14
CA GLU B 361 23.61 24.97 4.51
C GLU B 361 22.76 25.57 3.41
N LYS B 362 23.33 26.48 2.63
CA LYS B 362 22.69 27.01 1.43
C LYS B 362 22.42 25.90 0.43
N ALA B 363 23.44 25.12 0.10
CA ALA B 363 23.29 24.11 -0.93
C ALA B 363 22.51 22.91 -0.41
N ALA B 364 22.66 22.57 0.87
CA ALA B 364 21.92 21.43 1.42
C ALA B 364 20.42 21.62 1.28
N ARG B 365 19.88 22.70 1.82
CA ARG B 365 18.44 22.84 1.77
C ARG B 365 17.94 23.03 0.34
N PHE B 366 18.71 23.68 -0.52
CA PHE B 366 18.32 23.77 -1.91
C PHE B 366 18.18 22.39 -2.53
N ILE B 367 19.14 21.51 -2.26
CA ILE B 367 19.07 20.18 -2.81
C ILE B 367 17.88 19.42 -2.27
N ARG B 368 17.60 19.53 -0.98
CA ARG B 368 16.52 18.77 -0.38
C ARG B 368 15.18 19.23 -0.92
N PHE B 369 15.03 20.54 -1.10
CA PHE B 369 13.86 21.08 -1.77
C PHE B 369 13.71 20.52 -3.17
N CYS B 370 14.76 20.61 -3.98
CA CYS B 370 14.66 20.10 -5.34
C CYS B 370 14.37 18.62 -5.38
N ASP B 371 14.97 17.85 -4.52
CA ASP B 371 14.64 16.44 -4.48
C ASP B 371 13.20 16.22 -4.08
N SER B 372 12.69 17.02 -3.13
CA SER B 372 11.29 16.92 -2.73
C SER B 372 10.36 17.11 -3.90
N PHE B 373 10.71 18.03 -4.80
CA PHE B 373 9.87 18.31 -5.94
C PHE B 373 10.45 17.77 -7.25
N ASN B 374 11.27 16.73 -7.19
CA ASN B 374 11.58 15.95 -8.39
C ASN B 374 12.28 16.75 -9.48
N ILE B 375 13.15 17.66 -9.08
CA ILE B 375 13.95 18.45 -10.00
C ILE B 375 15.35 17.87 -10.01
N PRO B 376 15.89 17.50 -11.15
CA PRO B 376 17.20 16.86 -11.16
C PRO B 376 18.31 17.88 -10.88
N VAL B 377 19.43 17.39 -10.36
CA VAL B 377 20.50 18.25 -9.87
C VAL B 377 21.72 18.03 -10.74
N LEU B 378 22.17 19.10 -11.37
CA LEU B 378 23.38 19.15 -12.15
C LEU B 378 24.43 19.88 -11.32
N THR B 379 25.55 19.22 -11.02
CA THR B 379 26.57 19.76 -10.11
C THR B 379 27.84 20.05 -10.89
N PHE B 380 28.41 21.25 -10.69
CA PHE B 380 29.69 21.66 -11.27
C PHE B 380 30.69 21.78 -10.14
N MET B 381 31.72 20.93 -10.17
CA MET B 381 32.63 20.72 -9.04
C MET B 381 33.97 21.36 -9.33
N ASP B 382 34.39 22.25 -8.43
CA ASP B 382 35.74 22.79 -8.40
C ASP B 382 35.94 23.25 -6.96
N VAL B 383 36.27 22.28 -6.12
CA VAL B 383 36.31 22.43 -4.66
C VAL B 383 37.66 22.02 -4.10
N PRO B 384 38.44 22.94 -3.53
CA PRO B 384 39.75 22.53 -3.04
C PRO B 384 39.75 21.97 -1.65
N GLY B 385 38.61 21.94 -0.98
CA GLY B 385 38.58 21.55 0.41
C GLY B 385 37.68 22.46 1.21
N TYR B 386 37.81 22.42 2.54
CA TYR B 386 36.99 23.24 3.43
C TYR B 386 37.77 24.45 3.96
N LEU B 387 37.03 25.49 4.30
CA LEU B 387 37.64 26.68 4.85
C LEU B 387 38.13 26.38 6.26
N PRO B 388 39.40 26.59 6.57
CA PRO B 388 39.90 26.26 7.92
C PRO B 388 39.75 27.43 8.88
N GLY B 389 39.78 27.08 10.16
CA GLY B 389 39.81 28.08 11.19
C GLY B 389 39.16 27.61 12.47
N VAL B 390 39.50 28.28 13.56
CA VAL B 390 38.84 28.00 14.82
C VAL B 390 37.38 28.34 14.73
N GLY B 391 37.05 29.42 14.02
CA GLY B 391 35.67 29.82 13.80
C GLY B 391 34.84 28.70 13.19
N GLN B 392 35.14 28.31 11.96
CA GLN B 392 34.46 27.19 11.33
C GLN B 392 34.26 25.99 12.25
N GLU B 393 35.32 25.62 12.98
CA GLU B 393 35.33 24.41 13.77
C GLU B 393 34.50 24.57 15.05
N HIS B 394 34.65 25.69 15.74
CA HIS B 394 33.82 25.92 16.93
C HIS B 394 32.36 26.26 16.59
N GLN B 395 32.07 26.75 15.40
CA GLN B 395 30.67 26.93 15.09
C GLN B 395 30.03 25.69 14.52
N GLY B 396 30.77 24.59 14.40
CA GLY B 396 30.14 23.34 14.10
C GLY B 396 30.15 22.91 12.66
N ILE B 397 31.26 23.12 11.96
CA ILE B 397 31.39 22.67 10.57
C ILE B 397 31.11 21.18 10.40
N ILE B 398 31.43 20.36 11.41
CA ILE B 398 31.18 18.92 11.28
C ILE B 398 29.68 18.67 11.18
N ARG B 399 28.96 19.20 12.17
CA ARG B 399 27.54 18.95 12.30
C ARG B 399 26.74 19.68 11.24
N ARG B 400 27.30 20.76 10.68
CA ARG B 400 26.59 21.60 9.74
C ARG B 400 27.02 21.38 8.30
N GLY B 401 28.31 21.19 8.06
CA GLY B 401 28.72 20.86 6.72
C GLY B 401 28.20 19.52 6.27
N ILE B 402 28.00 18.58 7.21
CA ILE B 402 27.52 17.23 6.90
C ILE B 402 26.10 17.24 6.41
N LYS B 403 25.38 18.34 6.62
CA LYS B 403 24.06 18.51 6.03
C LYS B 403 24.12 18.40 4.50
N LEU B 404 25.19 18.88 3.87
CA LEU B 404 25.24 18.77 2.42
C LEU B 404 25.49 17.33 1.98
N PHE B 405 26.32 16.61 2.74
CA PHE B 405 26.52 15.19 2.46
C PHE B 405 25.20 14.44 2.52
N TYR B 406 24.43 14.63 3.60
CA TYR B 406 23.14 13.96 3.75
C TYR B 406 22.19 14.35 2.63
N ALA B 407 22.10 15.64 2.33
CA ALA B 407 21.18 16.06 1.27
C ALA B 407 21.48 15.35 -0.04
N TYR B 408 22.75 15.23 -0.40
CA TYR B 408 23.11 14.57 -1.66
C TYR B 408 22.79 13.08 -1.58
N ALA B 409 23.25 12.42 -0.51
CA ALA B 409 23.05 10.99 -0.41
C ALA B 409 21.60 10.61 -0.25
N GLU B 410 20.76 11.51 0.21
CA GLU B 410 19.38 11.14 0.41
C GLU B 410 18.57 11.33 -0.86
N SER B 411 18.99 12.26 -1.70
CA SER B 411 18.24 12.59 -2.90
C SER B 411 18.15 11.40 -3.82
N THR B 412 16.99 11.22 -4.43
CA THR B 412 16.79 10.18 -5.43
C THR B 412 16.61 10.73 -6.83
N VAL B 413 16.48 12.04 -7.02
CA VAL B 413 16.37 12.66 -8.35
C VAL B 413 17.59 12.30 -9.20
N PRO B 414 17.50 12.39 -10.51
CA PRO B 414 18.71 12.22 -11.33
C PRO B 414 19.78 13.19 -10.88
N LYS B 415 21.03 12.76 -10.97
CA LYS B 415 22.16 13.60 -10.60
C LYS B 415 23.25 13.49 -11.66
N ILE B 416 23.59 14.62 -12.29
CA ILE B 416 24.71 14.70 -13.22
C ILE B 416 25.77 15.64 -12.65
N THR B 417 27.01 15.16 -12.57
CA THR B 417 28.13 15.95 -12.06
C THR B 417 29.19 16.12 -13.13
N VAL B 418 29.59 17.37 -13.37
CA VAL B 418 30.67 17.78 -14.26
C VAL B 418 31.77 18.34 -13.39
N ILE B 419 32.90 17.66 -13.34
CA ILE B 419 34.04 18.11 -12.54
C ILE B 419 34.94 18.94 -13.44
N THR B 420 35.11 20.23 -13.12
CA THR B 420 35.92 21.11 -13.96
C THR B 420 37.36 21.27 -13.46
N ARG B 421 37.60 21.28 -12.17
CA ARG B 421 39.00 21.43 -11.80
C ARG B 421 39.32 20.72 -10.49
N LYS B 422 39.43 21.47 -9.40
CA LYS B 422 39.92 20.87 -8.17
C LYS B 422 38.85 19.97 -7.54
N ALA B 423 39.31 18.83 -7.01
CA ALA B 423 38.47 17.70 -6.63
C ALA B 423 39.17 16.94 -5.50
N TYR B 424 39.30 17.56 -4.34
CA TYR B 424 40.11 17.01 -3.27
C TYR B 424 39.25 16.47 -2.13
N GLY B 425 39.55 15.27 -1.68
CA GLY B 425 39.13 14.82 -0.37
C GLY B 425 37.62 14.84 -0.17
N GLY B 426 37.20 15.25 1.04
CA GLY B 426 35.79 15.31 1.36
C GLY B 426 35.01 16.22 0.42
N GLY B 427 35.64 17.30 -0.03
CA GLY B 427 34.98 18.17 -0.99
C GLY B 427 34.53 17.43 -2.23
N TYR B 428 35.43 16.67 -2.82
CA TYR B 428 35.05 15.82 -3.95
C TYR B 428 33.90 14.87 -3.55
N ALA B 429 34.06 14.16 -2.43
CA ALA B 429 33.04 13.21 -2.00
C ALA B 429 31.67 13.85 -1.99
N VAL B 430 31.58 15.06 -1.41
CA VAL B 430 30.33 15.72 -1.10
C VAL B 430 29.64 16.24 -2.35
N MET B 431 30.40 16.83 -3.27
CA MET B 431 29.86 17.58 -4.40
C MET B 431 29.36 16.67 -5.52
N GLY B 432 28.47 15.76 -5.17
CA GLY B 432 27.82 14.93 -6.16
C GLY B 432 28.71 13.91 -6.83
N SER B 433 29.55 13.24 -6.06
CA SER B 433 30.37 12.22 -6.66
C SER B 433 29.53 10.97 -6.91
N ARG B 434 30.14 9.99 -7.58
CA ARG B 434 29.42 8.77 -7.91
C ARG B 434 29.11 7.98 -6.67
N GLN B 435 29.97 8.07 -5.66
CA GLN B 435 29.80 7.25 -4.48
C GLN B 435 28.71 7.79 -3.55
N ILE B 436 28.38 9.08 -3.67
CA ILE B 436 27.28 9.60 -2.89
C ILE B 436 25.95 9.45 -3.63
N GLY B 437 25.95 8.91 -4.83
CA GLY B 437 24.69 8.70 -5.49
C GLY B 437 24.53 9.24 -6.90
N ALA B 438 25.54 9.92 -7.43
CA ALA B 438 25.35 10.54 -8.74
C ALA B 438 25.15 9.49 -9.82
N ASP B 439 24.25 9.78 -10.75
CA ASP B 439 23.93 8.83 -11.81
C ASP B 439 24.93 8.85 -12.95
N ARG B 440 25.51 10.01 -13.24
CA ARG B 440 26.45 10.15 -14.34
C ARG B 440 27.49 11.17 -13.90
N VAL B 441 28.75 10.80 -13.92
CA VAL B 441 29.81 11.71 -13.52
C VAL B 441 30.80 11.81 -14.68
N MET B 442 31.01 13.02 -15.19
CA MET B 442 31.96 13.27 -16.28
C MET B 442 33.01 14.29 -15.82
N ALA B 443 34.25 14.11 -16.25
CA ALA B 443 35.34 14.96 -15.84
C ALA B 443 35.99 15.65 -17.02
N TRP B 444 36.36 16.92 -16.85
CA TRP B 444 37.24 17.63 -17.78
C TRP B 444 38.70 17.21 -17.58
N PRO B 445 39.54 17.39 -18.62
CA PRO B 445 40.97 17.05 -18.49
C PRO B 445 41.67 17.83 -17.41
N THR B 446 41.11 18.93 -16.94
CA THR B 446 41.74 19.71 -15.90
C THR B 446 41.29 19.30 -14.52
N ALA B 447 40.47 18.25 -14.43
CA ALA B 447 40.01 17.79 -13.13
C ALA B 447 41.17 17.18 -12.37
N GLU B 448 41.33 17.54 -11.12
CA GLU B 448 42.34 16.94 -10.26
C GLU B 448 41.59 16.23 -9.15
N ILE B 449 41.41 14.93 -9.31
CA ILE B 449 40.68 14.11 -8.36
C ILE B 449 41.70 13.31 -7.56
N ALA B 450 41.86 13.67 -6.30
CA ALA B 450 42.84 13.05 -5.42
C ALA B 450 42.37 13.26 -3.98
N VAL B 451 43.13 12.69 -3.03
CA VAL B 451 42.78 12.84 -1.61
C VAL B 451 43.28 14.17 -1.06
N MET B 452 44.31 14.74 -1.65
CA MET B 452 44.74 16.11 -1.35
C MET B 452 45.66 16.54 -2.47
N GLY B 453 46.14 17.77 -2.41
CA GLY B 453 47.11 18.24 -3.38
C GLY B 453 48.56 18.35 -2.95
N ALA B 454 48.91 17.95 -1.72
CA ALA B 454 50.23 18.14 -1.07
C ALA B 454 50.55 19.61 -0.83
N ARG B 488 51.63 13.12 -12.92
CA ARG B 488 51.16 13.47 -11.59
C ARG B 488 50.00 12.58 -11.05
N PHE B 489 49.38 13.05 -9.97
CA PHE B 489 48.00 12.73 -9.65
C PHE B 489 47.06 13.89 -9.97
N GLY B 490 47.56 14.94 -10.63
CA GLY B 490 46.77 16.12 -10.87
C GLY B 490 45.95 16.08 -12.14
N ASN B 491 45.29 14.96 -12.37
CA ASN B 491 44.49 14.71 -13.55
C ASN B 491 43.34 13.80 -13.10
N PRO B 492 42.39 13.52 -13.97
CA PRO B 492 41.25 12.65 -13.58
C PRO B 492 41.40 11.17 -13.90
N TYR B 493 42.59 10.70 -14.30
CA TYR B 493 42.67 9.38 -14.91
C TYR B 493 42.73 8.25 -13.89
N GLU B 494 43.19 8.51 -12.66
CA GLU B 494 43.12 7.47 -11.65
C GLU B 494 41.66 7.19 -11.30
N ALA B 495 40.88 8.26 -11.09
CA ALA B 495 39.46 8.11 -10.81
C ALA B 495 38.76 7.43 -11.96
N ALA B 496 39.05 7.83 -13.20
CA ALA B 496 38.46 7.15 -14.36
C ALA B 496 38.88 5.70 -14.41
N ALA B 497 40.11 5.41 -13.99
CA ALA B 497 40.57 4.03 -14.09
C ALA B 497 39.75 3.13 -13.20
N HIS B 498 39.26 3.65 -12.08
CA HIS B 498 38.46 2.86 -11.17
C HIS B 498 36.97 2.86 -11.51
N GLY B 499 36.54 3.70 -12.43
CA GLY B 499 35.13 3.83 -12.70
C GLY B 499 34.44 4.81 -11.79
N TYR B 500 35.18 5.57 -10.99
CA TYR B 500 34.58 6.57 -10.11
C TYR B 500 34.08 7.76 -10.88
N VAL B 501 34.58 8.00 -12.08
CA VAL B 501 33.98 8.93 -13.01
C VAL B 501 33.74 8.15 -14.29
N ASP B 502 32.66 8.50 -14.99
CA ASP B 502 32.17 7.67 -16.07
C ASP B 502 32.71 8.11 -17.41
N MET B 503 33.01 9.40 -17.55
CA MET B 503 33.55 9.94 -18.79
C MET B 503 34.61 10.97 -18.47
N VAL B 504 35.59 11.08 -19.35
CA VAL B 504 36.47 12.24 -19.40
C VAL B 504 36.22 12.89 -20.75
N ILE B 505 35.71 14.10 -20.72
CA ILE B 505 35.26 14.78 -21.92
C ILE B 505 36.08 16.04 -22.14
N SER B 506 36.17 16.45 -23.39
CA SER B 506 36.61 17.80 -23.70
C SER B 506 35.55 18.80 -23.24
N PRO B 507 35.95 19.96 -22.73
CA PRO B 507 34.95 20.87 -22.14
C PRO B 507 33.89 21.32 -23.09
N SER B 508 34.21 21.46 -24.38
CA SER B 508 33.20 21.92 -25.32
C SER B 508 32.04 20.94 -25.42
N ARG B 509 32.25 19.70 -25.04
CA ARG B 509 31.22 18.69 -25.16
C ARG B 509 30.31 18.59 -23.97
N THR B 510 30.49 19.43 -22.96
CA THR B 510 29.67 19.41 -21.76
C THR B 510 28.18 19.51 -22.06
N ARG B 511 27.77 20.59 -22.74
CA ARG B 511 26.34 20.80 -22.98
C ARG B 511 25.71 19.63 -23.70
N TYR B 512 26.39 19.07 -24.69
CA TYR B 512 25.85 17.93 -25.42
C TYR B 512 25.64 16.72 -24.51
N GLU B 513 26.58 16.49 -23.60
CA GLU B 513 26.58 15.29 -22.78
C GLU B 513 25.67 15.42 -21.55
N VAL B 514 25.65 16.59 -20.91
CA VAL B 514 24.68 16.85 -19.85
C VAL B 514 23.26 16.63 -20.37
N ALA B 515 22.94 17.21 -21.53
CA ALA B 515 21.57 17.08 -22.03
C ALA B 515 21.20 15.61 -22.29
N ARG B 516 22.03 14.86 -23.00
CA ARG B 516 21.75 13.44 -23.21
C ARG B 516 21.55 12.70 -21.89
N ALA B 517 22.39 12.96 -20.89
CA ALA B 517 22.28 12.25 -19.63
C ALA B 517 20.95 12.55 -18.97
N LEU B 518 20.55 13.83 -18.98
CA LEU B 518 19.26 14.21 -18.40
C LEU B 518 18.14 13.46 -19.09
N ALA B 519 18.13 13.46 -20.41
CA ALA B 519 17.09 12.75 -21.14
C ALA B 519 17.11 11.28 -20.76
N SER B 520 18.30 10.74 -20.51
CA SER B 520 18.38 9.32 -20.26
C SER B 520 17.87 8.95 -18.88
N LEU B 521 17.81 9.91 -17.96
CA LEU B 521 17.43 9.65 -16.59
C LEU B 521 16.01 10.10 -16.25
N ARG B 522 15.19 10.45 -17.24
CA ARG B 522 13.92 11.04 -16.87
C ARG B 522 13.01 10.01 -16.21
N ASN B 523 13.12 8.76 -16.63
CA ASN B 523 12.32 7.68 -16.08
C ASN B 523 12.98 7.04 -14.88
N LYS B 524 13.98 7.69 -14.29
CA LYS B 524 14.65 7.12 -13.13
C LYS B 524 13.67 6.90 -12.00
N ARG B 525 13.85 5.80 -11.27
CA ARG B 525 13.06 5.49 -10.09
C ARG B 525 13.98 4.90 -9.02
N GLN B 526 13.89 5.40 -7.79
CA GLN B 526 14.80 4.97 -6.75
C GLN B 526 14.05 4.63 -5.47
N ALA B 527 14.50 3.56 -4.83
CA ALA B 527 13.90 3.07 -3.60
C ALA B 527 14.36 3.90 -2.40
N ARG B 528 13.44 4.12 -1.47
CA ARG B 528 13.60 4.94 -0.30
C ARG B 528 13.59 4.09 0.97
N PRO B 529 14.26 4.53 2.03
CA PRO B 529 14.15 3.82 3.32
C PRO B 529 12.72 3.83 3.81
N ALA B 530 12.32 2.73 4.43
CA ALA B 530 11.05 2.68 5.15
C ALA B 530 11.27 3.29 6.52
N ARG B 531 10.76 4.51 6.74
CA ARG B 531 10.96 5.24 7.98
C ARG B 531 9.96 6.38 8.05
N LYS B 532 9.60 6.77 9.27
CA LYS B 532 8.84 8.01 9.38
C LYS B 532 9.59 9.12 8.68
N HIS B 533 10.83 9.34 9.10
CA HIS B 533 11.70 10.35 8.52
C HIS B 533 13.09 9.97 8.99
N GLY B 534 14.09 10.64 8.43
CA GLY B 534 15.45 10.46 8.89
C GLY B 534 15.73 11.30 10.10
N ASN B 535 17.00 11.36 10.50
CA ASN B 535 17.45 12.23 11.58
C ASN B 535 18.66 13.06 11.11
N ILE B 536 18.44 13.86 10.07
CA ILE B 536 19.48 14.72 9.53
C ILE B 536 20.03 15.59 10.66
N PRO B 537 21.34 15.90 10.69
CA PRO B 537 21.86 16.79 11.72
C PRO B 537 21.32 18.21 11.54
N LEU B 538 20.94 18.84 12.64
CA LEU B 538 20.37 20.17 12.61
C LEU B 538 21.33 21.25 13.18
N PRO C 20 -22.53 -34.71 -40.58
CA PRO C 20 -21.81 -33.47 -40.87
C PRO C 20 -20.29 -33.72 -40.86
N THR C 21 -19.81 -34.11 -42.04
CA THR C 21 -18.48 -34.67 -42.23
C THR C 21 -17.48 -33.58 -42.60
N SER C 22 -17.68 -33.00 -43.79
CA SER C 22 -16.70 -32.15 -44.44
C SER C 22 -16.69 -30.75 -43.82
N THR C 23 -15.68 -29.99 -44.18
CA THR C 23 -15.53 -28.65 -43.65
C THR C 23 -16.65 -27.73 -44.10
N ALA C 24 -16.98 -27.76 -45.40
CA ALA C 24 -18.10 -26.98 -45.88
C ALA C 24 -19.41 -27.41 -45.22
N ASP C 25 -19.61 -28.71 -45.06
CA ASP C 25 -20.84 -29.20 -44.43
C ASP C 25 -20.97 -28.66 -43.02
N ARG C 26 -19.88 -28.65 -42.26
CA ARG C 26 -19.90 -28.14 -40.89
C ARG C 26 -20.18 -26.66 -40.86
N ILE C 27 -19.64 -25.92 -41.83
CA ILE C 27 -19.89 -24.49 -41.87
C ILE C 27 -21.37 -24.22 -42.12
N ALA C 28 -21.97 -24.93 -43.07
CA ALA C 28 -23.38 -24.70 -43.36
C ALA C 28 -24.29 -25.19 -42.23
N ASP C 29 -23.90 -26.23 -41.51
CA ASP C 29 -24.67 -26.67 -40.35
C ASP C 29 -24.65 -25.61 -39.26
N LEU C 30 -23.53 -24.90 -39.11
CA LEU C 30 -23.45 -23.80 -38.16
C LEU C 30 -24.39 -22.66 -38.59
N ALA C 31 -24.41 -22.35 -39.89
CA ALA C 31 -25.34 -21.34 -40.38
C ALA C 31 -26.78 -21.75 -40.09
N ALA C 32 -27.08 -23.06 -40.13
CA ALA C 32 -28.42 -23.54 -39.81
C ALA C 32 -28.73 -23.34 -38.34
N ARG C 33 -27.78 -23.67 -37.46
CA ARG C 33 -27.97 -23.49 -36.02
C ARG C 33 -28.06 -22.02 -35.68
N HIS C 34 -27.30 -21.18 -36.39
CA HIS C 34 -27.41 -19.75 -36.19
C HIS C 34 -28.77 -19.25 -36.62
N GLU C 35 -29.32 -19.84 -37.69
CA GLU C 35 -30.65 -19.49 -38.14
C GLU C 35 -31.69 -19.90 -37.12
N GLU C 36 -31.56 -21.07 -36.53
CA GLU C 36 -32.47 -21.48 -35.45
C GLU C 36 -32.44 -20.50 -34.28
N ALA C 37 -31.23 -20.16 -33.81
CA ALA C 37 -31.06 -19.54 -32.50
C ALA C 37 -31.34 -18.06 -32.49
N VAL C 38 -31.24 -17.39 -33.64
CA VAL C 38 -31.31 -15.94 -33.70
C VAL C 38 -32.44 -15.48 -34.63
N VAL C 39 -32.78 -16.28 -35.64
CA VAL C 39 -33.76 -15.88 -36.65
C VAL C 39 -35.12 -16.48 -36.38
N LEU C 40 -35.18 -17.78 -36.18
CA LEU C 40 -36.47 -18.42 -36.02
C LEU C 40 -37.00 -18.18 -34.62
N ALA C 41 -36.10 -18.11 -33.64
CA ALA C 41 -36.49 -17.78 -32.29
C ALA C 41 -36.92 -16.33 -32.16
N GLU C 42 -36.35 -15.44 -32.98
CA GLU C 42 -36.72 -14.04 -32.91
C GLU C 42 -38.10 -13.81 -33.53
N LYS C 43 -38.40 -14.45 -34.65
CA LYS C 43 -39.74 -14.32 -35.20
C LYS C 43 -40.77 -14.99 -34.32
N LYS C 44 -40.44 -16.15 -33.80
CA LYS C 44 -41.31 -16.77 -32.81
C LYS C 44 -41.51 -15.86 -31.60
N ALA C 45 -40.46 -15.13 -31.20
CA ALA C 45 -40.58 -14.25 -30.05
C ALA C 45 -41.39 -13.01 -30.40
N ALA C 46 -41.22 -12.50 -31.62
CA ALA C 46 -41.96 -11.31 -32.02
C ALA C 46 -43.45 -11.59 -32.00
N ASP C 47 -43.87 -12.76 -32.53
CA ASP C 47 -45.28 -13.07 -32.56
C ASP C 47 -45.89 -13.06 -31.17
N ARG C 48 -45.19 -13.59 -30.18
CA ARG C 48 -45.78 -13.59 -28.84
C ARG C 48 -45.66 -12.23 -28.18
N GLN C 49 -44.51 -11.57 -28.29
CA GLN C 49 -44.36 -10.35 -27.50
C GLN C 49 -45.18 -9.21 -28.04
N HIS C 50 -45.48 -9.21 -29.33
CA HIS C 50 -46.10 -8.03 -29.93
C HIS C 50 -47.60 -7.98 -29.70
N LEU C 51 -48.21 -9.11 -29.36
CA LEU C 51 -49.58 -9.09 -28.91
C LEU C 51 -49.69 -8.35 -27.60
N LYS C 52 -48.69 -8.49 -26.73
CA LYS C 52 -48.75 -7.86 -25.43
C LYS C 52 -48.26 -6.43 -25.48
N GLY C 53 -47.85 -5.97 -26.66
CA GLY C 53 -47.31 -4.63 -26.82
C GLY C 53 -45.87 -4.50 -26.40
N LYS C 54 -45.09 -5.55 -26.57
CA LYS C 54 -43.74 -5.62 -26.06
C LYS C 54 -42.78 -5.89 -27.21
N LEU C 55 -41.53 -5.47 -27.05
CA LEU C 55 -40.46 -5.78 -27.98
C LEU C 55 -39.74 -7.07 -27.58
N THR C 56 -38.88 -7.55 -28.47
CA THR C 56 -38.18 -8.79 -28.19
C THR C 56 -36.88 -8.53 -27.46
N ALA C 57 -36.33 -9.60 -26.89
CA ALA C 57 -35.08 -9.43 -26.17
C ALA C 57 -34.00 -8.87 -27.09
N ARG C 58 -33.91 -9.38 -28.32
CA ARG C 58 -32.85 -8.93 -29.22
C ARG C 58 -33.11 -7.54 -29.79
N ALA C 59 -34.38 -7.21 -30.03
CA ALA C 59 -34.75 -5.88 -30.47
C ALA C 59 -34.43 -4.83 -29.42
N ARG C 60 -34.53 -5.18 -28.13
CA ARG C 60 -34.20 -4.23 -27.07
C ARG C 60 -32.71 -3.95 -27.03
N ILE C 61 -31.90 -4.98 -27.29
CA ILE C 61 -30.46 -4.79 -27.41
C ILE C 61 -30.12 -3.95 -28.64
N ASP C 62 -30.77 -4.19 -29.77
CA ASP C 62 -30.42 -3.38 -30.95
C ASP C 62 -30.82 -1.92 -30.79
N LEU C 63 -31.88 -1.65 -30.05
CA LEU C 63 -32.19 -0.28 -29.68
C LEU C 63 -31.12 0.30 -28.76
N LEU C 64 -30.66 -0.49 -27.79
CA LEU C 64 -29.71 0.02 -26.80
C LEU C 64 -28.33 0.28 -27.39
N LEU C 65 -27.77 -0.67 -28.14
CA LEU C 65 -26.36 -0.58 -28.56
C LEU C 65 -26.18 0.22 -29.85
N ASP C 66 -24.95 0.68 -30.05
CA ASP C 66 -24.62 1.30 -31.33
C ASP C 66 -24.74 0.25 -32.43
N PRO C 67 -25.31 0.59 -33.57
CA PRO C 67 -25.50 -0.40 -34.64
C PRO C 67 -24.20 -1.07 -35.03
N GLY C 68 -24.23 -2.38 -35.15
CA GLY C 68 -23.07 -3.12 -35.56
C GLY C 68 -22.13 -3.58 -34.46
N SER C 69 -22.31 -3.13 -33.23
CA SER C 69 -21.32 -3.35 -32.19
C SER C 69 -21.60 -4.54 -31.29
N PHE C 70 -22.73 -5.22 -31.46
CA PHE C 70 -23.11 -6.27 -30.52
C PHE C 70 -22.31 -7.53 -30.83
N VAL C 71 -21.61 -8.05 -29.84
CA VAL C 71 -21.00 -9.37 -29.90
C VAL C 71 -21.76 -10.24 -28.94
N GLU C 72 -22.52 -11.20 -29.45
CA GLU C 72 -23.28 -12.09 -28.59
C GLU C 72 -22.39 -13.18 -28.00
N LEU C 73 -22.53 -13.44 -26.71
CA LEU C 73 -21.83 -14.55 -26.10
C LEU C 73 -22.83 -15.65 -25.77
N ASP C 74 -22.33 -16.88 -25.69
CA ASP C 74 -23.11 -18.03 -25.25
C ASP C 74 -24.39 -18.17 -26.08
N GLU C 75 -24.28 -17.90 -27.38
CA GLU C 75 -25.39 -18.08 -28.28
C GLU C 75 -25.94 -19.51 -28.22
N PHE C 76 -25.07 -20.52 -28.15
CA PHE C 76 -25.49 -21.91 -28.21
C PHE C 76 -25.43 -22.62 -26.87
N VAL C 77 -25.47 -21.86 -25.76
CA VAL C 77 -25.68 -22.47 -24.46
C VAL C 77 -27.06 -23.12 -24.42
N ARG C 78 -27.16 -24.27 -23.76
CA ARG C 78 -28.45 -24.90 -23.48
C ARG C 78 -28.41 -25.56 -22.13
N HIS C 79 -29.59 -25.68 -21.50
CA HIS C 79 -29.61 -26.34 -20.20
C HIS C 79 -29.40 -27.84 -20.38
N ARG C 80 -29.20 -28.51 -19.25
CA ARG C 80 -28.69 -29.89 -19.28
C ARG C 80 -29.80 -30.92 -19.53
N THR C 81 -30.68 -31.11 -18.54
CA THR C 81 -31.76 -32.13 -18.49
C THR C 81 -31.84 -33.15 -19.65
N PRO C 87 -38.17 -29.49 -24.72
CA PRO C 87 -37.54 -28.37 -25.42
C PRO C 87 -36.32 -27.79 -24.67
N ARG C 88 -35.22 -27.65 -25.40
CA ARG C 88 -33.96 -27.10 -24.89
C ARG C 88 -33.45 -26.09 -25.89
N PRO C 89 -34.04 -24.90 -25.94
CA PRO C 89 -33.65 -23.92 -26.95
C PRO C 89 -32.27 -23.34 -26.71
N TYR C 90 -31.62 -22.97 -27.80
CA TYR C 90 -30.38 -22.22 -27.75
C TYR C 90 -30.56 -20.93 -26.98
N GLY C 91 -29.59 -20.60 -26.12
CA GLY C 91 -29.62 -19.41 -25.31
C GLY C 91 -30.23 -19.55 -23.92
N ASP C 92 -30.96 -20.64 -23.67
CA ASP C 92 -31.65 -20.93 -22.40
C ASP C 92 -32.50 -19.76 -21.88
N GLY C 93 -32.90 -18.82 -22.73
CA GLY C 93 -33.87 -17.83 -22.34
C GLY C 93 -33.35 -16.44 -22.10
N VAL C 94 -32.06 -16.20 -22.33
CA VAL C 94 -31.47 -14.88 -22.15
C VAL C 94 -30.47 -14.66 -23.28
N VAL C 95 -30.40 -13.43 -23.76
CA VAL C 95 -29.40 -12.99 -24.73
C VAL C 95 -28.39 -12.11 -24.02
N THR C 96 -27.12 -12.46 -24.14
CA THR C 96 -26.07 -11.76 -23.41
C THR C 96 -24.92 -11.40 -24.35
N GLY C 97 -24.20 -10.34 -24.04
CA GLY C 97 -23.05 -9.98 -24.85
C GLY C 97 -22.45 -8.65 -24.45
N HIS C 98 -21.65 -8.08 -25.36
CA HIS C 98 -21.05 -6.77 -25.11
C HIS C 98 -21.10 -5.93 -26.38
N GLY C 99 -21.18 -4.63 -26.21
CA GLY C 99 -21.22 -3.74 -27.35
C GLY C 99 -20.73 -2.37 -26.97
N THR C 100 -21.14 -1.37 -27.72
CA THR C 100 -20.83 -0.01 -27.32
C THR C 100 -22.10 0.80 -27.32
N ILE C 101 -22.10 1.86 -26.50
CA ILE C 101 -23.14 2.87 -26.47
C ILE C 101 -22.42 4.20 -26.63
N ASP C 102 -22.73 4.90 -27.72
CA ASP C 102 -22.04 6.11 -28.12
C ASP C 102 -20.54 5.94 -27.95
N GLY C 103 -20.04 4.86 -28.54
CA GLY C 103 -18.64 4.68 -28.74
C GLY C 103 -17.85 4.15 -27.58
N ARG C 104 -18.47 3.94 -26.41
CA ARG C 104 -17.82 3.40 -25.21
C ARG C 104 -18.47 2.08 -24.83
N GLN C 105 -17.66 1.19 -24.28
CA GLN C 105 -17.98 -0.22 -24.14
C GLN C 105 -18.95 -0.48 -22.98
N VAL C 106 -19.90 -1.39 -23.19
CA VAL C 106 -20.87 -1.80 -22.17
C VAL C 106 -21.13 -3.28 -22.34
N CYS C 107 -21.63 -3.89 -21.27
CA CYS C 107 -22.12 -5.26 -21.30
C CYS C 107 -23.63 -5.20 -21.19
N VAL C 108 -24.31 -6.27 -21.62
CA VAL C 108 -25.76 -6.29 -21.63
C VAL C 108 -26.24 -7.72 -21.45
N PHE C 109 -27.41 -7.86 -20.84
CA PHE C 109 -28.15 -9.11 -20.89
C PHE C 109 -29.62 -8.75 -21.04
N SER C 110 -30.33 -9.58 -21.78
CA SER C 110 -31.72 -9.27 -22.11
C SER C 110 -32.56 -10.54 -21.94
N HIS C 111 -33.46 -10.55 -20.98
CA HIS C 111 -34.29 -11.72 -20.79
C HIS C 111 -35.19 -11.94 -22.01
N ASP C 112 -35.43 -13.18 -22.33
CA ASP C 112 -36.42 -13.54 -23.33
C ASP C 112 -37.63 -14.14 -22.60
N PHE C 113 -38.67 -13.32 -22.40
CA PHE C 113 -39.88 -13.76 -21.69
C PHE C 113 -40.62 -14.86 -22.41
N THR C 114 -40.43 -15.01 -23.72
CA THR C 114 -41.16 -16.03 -24.45
C THR C 114 -40.65 -17.43 -24.13
N THR C 115 -39.35 -17.57 -23.85
CA THR C 115 -38.76 -18.82 -23.39
C THR C 115 -38.93 -18.92 -21.87
N LEU C 116 -39.83 -19.80 -21.42
CA LEU C 116 -40.04 -20.14 -20.01
C LEU C 116 -40.37 -18.93 -19.13
N GLY C 117 -40.86 -17.84 -19.73
CA GLY C 117 -41.02 -16.64 -18.94
C GLY C 117 -39.69 -16.06 -18.53
N GLY C 118 -38.65 -16.22 -19.36
CA GLY C 118 -37.32 -15.71 -19.10
C GLY C 118 -36.84 -15.93 -17.69
N SER C 119 -36.96 -17.16 -17.20
CA SER C 119 -36.73 -17.39 -15.78
C SER C 119 -35.41 -18.11 -15.52
N MET C 120 -34.90 -17.87 -14.32
CA MET C 120 -33.53 -18.20 -13.97
C MET C 120 -33.31 -19.70 -13.94
N GLY C 121 -32.40 -20.20 -14.75
CA GLY C 121 -31.97 -21.59 -14.68
C GLY C 121 -30.47 -21.63 -14.54
N GLU C 122 -29.86 -22.82 -14.59
CA GLU C 122 -28.41 -22.86 -14.42
C GLU C 122 -27.69 -22.35 -15.67
N ALA C 123 -28.18 -22.70 -16.85
CA ALA C 123 -27.53 -22.23 -18.07
C ALA C 123 -27.83 -20.74 -18.30
N PHE C 124 -29.10 -20.35 -18.17
CA PHE C 124 -29.52 -18.96 -18.11
C PHE C 124 -28.63 -18.15 -17.16
N GLY C 125 -28.51 -18.57 -15.91
CA GLY C 125 -27.80 -17.77 -14.93
C GLY C 125 -26.30 -17.77 -15.19
N SER C 126 -25.75 -18.90 -15.61
CA SER C 126 -24.34 -18.90 -15.92
C SER C 126 -24.04 -17.89 -17.02
N LYS C 127 -24.96 -17.71 -17.95
CA LYS C 127 -24.76 -16.75 -19.03
C LYS C 127 -24.70 -15.36 -18.46
N VAL C 128 -25.67 -15.01 -17.62
CA VAL C 128 -25.64 -13.69 -17.00
C VAL C 128 -24.44 -13.50 -16.10
N VAL C 129 -23.98 -14.57 -15.45
CA VAL C 129 -22.79 -14.48 -14.64
C VAL C 129 -21.57 -14.27 -15.51
N LYS C 130 -21.52 -14.91 -16.67
CA LYS C 130 -20.37 -14.68 -17.54
C LYS C 130 -20.26 -13.21 -17.92
N ILE C 131 -21.33 -12.61 -18.45
CA ILE C 131 -21.10 -11.24 -18.89
C ILE C 131 -20.87 -10.31 -17.71
N TYR C 132 -21.45 -10.56 -16.54
CA TYR C 132 -21.10 -9.71 -15.41
C TYR C 132 -19.61 -9.81 -15.06
N ASP C 133 -19.07 -11.02 -15.01
CA ASP C 133 -17.65 -11.16 -14.73
C ASP C 133 -16.81 -10.38 -15.73
N PHE C 134 -17.17 -10.41 -17.00
CA PHE C 134 -16.43 -9.64 -17.99
C PHE C 134 -16.47 -8.14 -17.69
N ALA C 135 -17.63 -7.61 -17.31
CA ALA C 135 -17.72 -6.19 -17.03
C ALA C 135 -16.88 -5.80 -15.82
N MET C 136 -16.81 -6.67 -14.80
CA MET C 136 -15.93 -6.40 -13.67
C MET C 136 -14.48 -6.57 -14.07
N SER C 137 -14.21 -7.48 -15.00
CA SER C 137 -12.85 -7.72 -15.47
C SER C 137 -12.26 -6.54 -16.23
N VAL C 138 -13.03 -5.89 -17.11
CA VAL C 138 -12.50 -4.84 -17.97
C VAL C 138 -12.95 -3.45 -17.57
N GLY C 139 -13.80 -3.32 -16.55
CA GLY C 139 -14.29 -2.03 -16.12
C GLY C 139 -15.24 -1.29 -17.04
N CYS C 140 -16.44 -1.81 -17.25
CA CYS C 140 -17.43 -1.11 -18.03
C CYS C 140 -18.80 -1.30 -17.39
N PRO C 141 -19.77 -0.47 -17.74
CA PRO C 141 -21.11 -0.63 -17.15
C PRO C 141 -21.78 -1.92 -17.61
N VAL C 142 -22.70 -2.43 -16.78
CA VAL C 142 -23.62 -3.50 -17.17
C VAL C 142 -25.03 -2.95 -17.23
N ILE C 143 -25.72 -3.22 -18.32
CA ILE C 143 -27.14 -2.92 -18.46
C ILE C 143 -27.91 -4.23 -18.56
N GLY C 144 -28.79 -4.48 -17.59
CA GLY C 144 -29.67 -5.62 -17.63
C GLY C 144 -31.08 -5.24 -18.07
N ILE C 145 -31.63 -6.02 -18.99
CA ILE C 145 -32.98 -5.82 -19.48
C ILE C 145 -33.82 -6.96 -18.96
N ASN C 146 -34.82 -6.65 -18.13
CA ASN C 146 -35.55 -7.65 -17.37
C ASN C 146 -36.99 -7.82 -17.79
N ASP C 147 -37.37 -9.07 -18.02
CA ASP C 147 -38.73 -9.44 -18.40
C ASP C 147 -38.93 -10.93 -18.16
N SER C 148 -39.11 -11.30 -16.90
CA SER C 148 -39.10 -12.71 -16.52
C SER C 148 -40.47 -13.03 -15.95
N GLY C 149 -40.85 -14.30 -16.03
CA GLY C 149 -41.93 -14.89 -15.27
C GLY C 149 -41.46 -15.57 -14.00
N GLY C 150 -40.66 -14.86 -13.20
CA GLY C 150 -40.26 -15.36 -11.88
C GLY C 150 -39.12 -16.38 -11.95
N ALA C 151 -39.35 -17.56 -11.37
CA ALA C 151 -38.30 -18.53 -11.11
C ALA C 151 -38.63 -19.89 -11.71
N ARG C 152 -37.58 -20.64 -12.01
CA ARG C 152 -37.69 -21.98 -12.59
C ARG C 152 -37.88 -23.01 -11.48
N ILE C 153 -39.11 -23.52 -11.32
CA ILE C 153 -39.34 -24.51 -10.28
C ILE C 153 -38.66 -25.82 -10.62
N GLN C 154 -38.78 -26.28 -11.86
CA GLN C 154 -38.26 -27.59 -12.20
C GLN C 154 -36.76 -27.69 -11.89
N GLU C 155 -36.03 -26.58 -11.98
CA GLU C 155 -34.62 -26.61 -11.61
C GLU C 155 -34.40 -26.47 -10.09
N GLY C 156 -35.46 -26.44 -9.30
CA GLY C 156 -35.31 -26.52 -7.86
C GLY C 156 -34.49 -25.41 -7.25
N VAL C 157 -33.73 -25.77 -6.23
CA VAL C 157 -32.92 -24.79 -5.53
C VAL C 157 -31.90 -24.16 -6.49
N MET C 158 -31.50 -24.88 -7.53
CA MET C 158 -30.51 -24.34 -8.46
C MET C 158 -30.86 -22.92 -8.90
N SER C 159 -32.12 -22.67 -9.23
CA SER C 159 -32.45 -21.34 -9.69
C SER C 159 -32.21 -20.33 -8.58
N ILE C 160 -32.48 -20.71 -7.34
CA ILE C 160 -32.21 -19.79 -6.24
C ILE C 160 -30.72 -19.53 -6.15
N ALA C 161 -29.93 -20.60 -6.22
CA ALA C 161 -28.49 -20.47 -6.11
C ALA C 161 -27.94 -19.48 -7.12
N TYR C 162 -28.45 -19.50 -8.35
CA TYR C 162 -27.92 -18.59 -9.35
C TYR C 162 -28.46 -17.18 -9.17
N TYR C 163 -29.71 -17.06 -8.69
CA TYR C 163 -30.21 -15.75 -8.29
C TYR C 163 -29.29 -15.14 -7.27
N THR C 164 -28.85 -15.94 -6.28
CA THR C 164 -27.95 -15.45 -5.26
C THR C 164 -26.56 -15.19 -5.82
N GLU C 165 -26.07 -16.04 -6.71
CA GLU C 165 -24.80 -15.75 -7.35
C GLU C 165 -24.84 -14.47 -8.17
N LEU C 166 -25.98 -14.15 -8.76
CA LEU C 166 -26.05 -12.90 -9.49
C LEU C 166 -26.16 -11.70 -8.56
N GLY C 167 -26.84 -11.86 -7.42
CA GLY C 167 -26.94 -10.75 -6.50
C GLY C 167 -25.61 -10.48 -5.83
N VAL C 168 -24.85 -11.53 -5.55
CA VAL C 168 -23.55 -11.33 -4.93
C VAL C 168 -22.68 -10.48 -5.85
N ARG C 169 -22.77 -10.70 -7.16
CA ARG C 169 -21.97 -9.90 -8.08
C ARG C 169 -22.46 -8.47 -8.16
N ASN C 170 -23.76 -8.25 -7.97
CA ASN C 170 -24.24 -6.88 -7.89
C ASN C 170 -23.60 -6.15 -6.73
N VAL C 171 -23.55 -6.81 -5.57
CA VAL C 171 -22.97 -6.23 -4.37
C VAL C 171 -21.46 -5.94 -4.55
N HIS C 172 -20.70 -6.91 -5.06
CA HIS C 172 -19.29 -6.63 -5.29
C HIS C 172 -19.05 -5.59 -6.37
N SER C 173 -20.03 -5.32 -7.24
CA SER C 173 -19.86 -4.29 -8.25
C SER C 173 -20.33 -2.91 -7.81
N SER C 174 -21.10 -2.85 -6.75
CA SER C 174 -21.64 -1.61 -6.21
C SER C 174 -20.54 -0.64 -5.88
N GLY C 175 -20.56 0.52 -6.57
CA GLY C 175 -19.54 1.52 -6.49
C GLY C 175 -18.32 1.29 -7.35
N VAL C 176 -18.26 0.21 -8.12
CA VAL C 176 -17.09 -0.11 -8.92
C VAL C 176 -17.35 0.14 -10.41
N ILE C 177 -18.49 -0.34 -10.91
CA ILE C 177 -18.95 -0.11 -12.28
C ILE C 177 -20.42 0.29 -12.24
N PRO C 178 -20.84 1.27 -13.04
CA PRO C 178 -22.28 1.62 -13.09
C PRO C 178 -23.11 0.42 -13.48
N GLN C 179 -24.25 0.25 -12.81
CA GLN C 179 -25.16 -0.87 -13.01
C GLN C 179 -26.57 -0.34 -13.23
N ILE C 180 -27.16 -0.60 -14.39
CA ILE C 180 -28.50 -0.12 -14.72
C ILE C 180 -29.43 -1.28 -15.09
N SER C 181 -30.66 -1.20 -14.58
CA SER C 181 -31.66 -2.21 -14.85
C SER C 181 -32.82 -1.58 -15.59
N LEU C 182 -33.14 -2.12 -16.76
CA LEU C 182 -34.40 -1.81 -17.44
C LEU C 182 -35.43 -2.87 -17.05
N ILE C 183 -36.61 -2.42 -16.65
CA ILE C 183 -37.70 -3.31 -16.28
C ILE C 183 -38.72 -3.24 -17.40
N MET C 184 -38.72 -4.21 -18.29
CA MET C 184 -39.50 -4.09 -19.51
C MET C 184 -40.52 -5.21 -19.68
N GLY C 185 -41.17 -5.57 -18.57
CA GLY C 185 -42.08 -6.69 -18.49
C GLY C 185 -42.34 -7.00 -17.04
N PRO C 186 -42.93 -8.16 -16.77
CA PRO C 186 -43.11 -8.59 -15.38
C PRO C 186 -41.78 -8.90 -14.71
N CYS C 187 -41.68 -8.58 -13.42
CA CYS C 187 -40.46 -8.76 -12.65
C CYS C 187 -40.89 -9.12 -11.24
N ALA C 188 -40.93 -10.42 -10.92
CA ALA C 188 -41.55 -10.90 -9.69
C ALA C 188 -40.68 -11.95 -9.00
N GLY C 189 -40.79 -12.01 -7.68
CA GLY C 189 -40.06 -13.02 -6.92
C GLY C 189 -38.59 -12.76 -7.03
N GLY C 190 -37.82 -13.83 -7.33
CA GLY C 190 -36.38 -13.72 -7.31
C GLY C 190 -35.84 -12.72 -8.31
N SER C 191 -36.61 -12.47 -9.36
CA SER C 191 -36.19 -11.55 -10.40
C SER C 191 -36.08 -10.12 -9.90
N VAL C 192 -36.63 -9.81 -8.73
CA VAL C 192 -36.49 -8.42 -8.27
C VAL C 192 -35.19 -8.17 -7.53
N TYR C 193 -34.44 -9.21 -7.18
CA TYR C 193 -33.29 -9.02 -6.30
C TYR C 193 -32.16 -8.33 -7.06
N SER C 194 -31.72 -8.89 -8.17
CA SER C 194 -30.61 -8.23 -8.86
C SER C 194 -30.92 -6.78 -9.25
N PRO C 195 -32.04 -6.43 -9.86
CA PRO C 195 -32.25 -5.00 -10.17
C PRO C 195 -32.28 -4.09 -8.96
N ALA C 196 -32.65 -4.59 -7.78
CA ALA C 196 -32.67 -3.69 -6.63
C ALA C 196 -31.27 -3.39 -6.11
N LEU C 197 -30.29 -4.21 -6.46
CA LEU C 197 -28.91 -3.90 -6.12
C LEU C 197 -28.25 -2.98 -7.13
N THR C 198 -28.79 -2.88 -8.35
CA THR C 198 -28.18 -1.99 -9.31
C THR C 198 -28.42 -0.54 -8.92
N ASP C 199 -27.84 0.38 -9.68
CA ASP C 199 -27.80 1.78 -9.27
C ASP C 199 -29.02 2.58 -9.72
N PHE C 200 -29.64 2.19 -10.84
CA PHE C 200 -30.80 2.86 -11.37
C PHE C 200 -31.72 1.80 -11.94
N THR C 201 -33.00 1.87 -11.60
CA THR C 201 -34.01 0.97 -12.14
C THR C 201 -35.01 1.79 -12.96
N VAL C 202 -35.23 1.39 -14.20
CA VAL C 202 -36.03 2.17 -15.13
C VAL C 202 -37.19 1.30 -15.57
N MET C 203 -38.41 1.79 -15.41
CA MET C 203 -39.56 1.01 -15.80
C MET C 203 -40.20 1.61 -17.05
N VAL C 204 -41.15 0.88 -17.62
CA VAL C 204 -41.86 1.31 -18.82
C VAL C 204 -43.36 1.27 -18.57
N LYS C 205 -44.07 2.30 -19.03
CA LYS C 205 -45.52 2.37 -18.89
C LYS C 205 -46.23 1.15 -19.47
N ASP C 206 -47.38 0.83 -18.91
CA ASP C 206 -48.34 -0.14 -19.44
C ASP C 206 -47.81 -1.56 -19.26
N ILE C 207 -46.60 -1.86 -19.71
CA ILE C 207 -46.16 -3.25 -19.82
C ILE C 207 -45.32 -3.83 -18.69
N SER C 208 -44.92 -3.04 -17.69
CA SER C 208 -43.94 -3.47 -16.68
C SER C 208 -44.49 -3.34 -15.27
N TYR C 209 -44.19 -4.34 -14.41
CA TYR C 209 -44.56 -4.26 -13.00
C TYR C 209 -43.61 -5.12 -12.16
N MET C 210 -43.42 -4.72 -10.91
CA MET C 210 -42.49 -5.38 -9.97
C MET C 210 -43.15 -5.66 -8.66
N PHE C 211 -42.88 -6.81 -8.10
CA PHE C 211 -43.31 -7.02 -6.72
C PHE C 211 -42.63 -8.28 -6.20
N VAL C 212 -42.47 -8.32 -4.89
CA VAL C 212 -41.89 -9.50 -4.27
C VAL C 212 -42.85 -10.64 -4.38
N THR C 213 -44.04 -10.44 -3.85
CA THR C 213 -45.08 -11.43 -3.76
C THR C 213 -46.20 -10.96 -4.68
N GLY C 214 -46.82 -11.89 -5.41
CA GLY C 214 -47.75 -11.52 -6.47
C GLY C 214 -49.15 -11.20 -5.99
N PRO C 215 -49.98 -10.72 -6.91
CA PRO C 215 -51.31 -10.21 -6.53
C PRO C 215 -52.26 -11.26 -5.98
N GLU C 216 -52.21 -12.50 -6.45
CA GLU C 216 -53.18 -13.47 -5.98
C GLU C 216 -52.96 -13.77 -4.51
N VAL C 217 -51.71 -13.81 -4.10
CA VAL C 217 -51.43 -14.05 -2.72
C VAL C 217 -51.65 -12.76 -1.93
N VAL C 218 -51.18 -11.64 -2.41
CA VAL C 218 -51.36 -10.38 -1.69
C VAL C 218 -52.81 -10.01 -1.69
N SER C 219 -53.54 -10.56 -2.62
CA SER C 219 -54.95 -10.30 -2.76
C SER C 219 -55.83 -11.27 -1.96
N ALA C 220 -55.53 -12.55 -2.07
CA ALA C 220 -56.24 -13.58 -1.36
C ALA C 220 -55.90 -13.48 0.09
N VAL C 221 -54.68 -13.84 0.43
CA VAL C 221 -54.23 -13.76 1.81
C VAL C 221 -54.43 -12.32 2.20
N MET C 222 -55.31 -12.08 3.15
CA MET C 222 -55.67 -10.76 3.59
C MET C 222 -56.55 -10.14 2.55
N GLY C 223 -57.71 -10.74 2.42
CA GLY C 223 -58.73 -10.30 1.51
C GLY C 223 -58.65 -9.14 0.58
N GLU C 224 -57.50 -8.47 0.51
CA GLU C 224 -57.44 -7.21 -0.25
C GLU C 224 -57.60 -7.57 -1.77
N GLN C 225 -58.42 -6.85 -2.55
CA GLN C 225 -58.53 -7.17 -3.99
C GLN C 225 -57.65 -6.20 -4.72
N VAL C 226 -56.47 -6.64 -5.11
CA VAL C 226 -55.44 -5.78 -5.70
C VAL C 226 -55.06 -6.32 -7.07
N THR C 227 -54.80 -5.42 -8.01
CA THR C 227 -54.30 -5.80 -9.33
C THR C 227 -52.77 -5.73 -9.37
N ALA C 228 -52.20 -6.26 -10.45
CA ALA C 228 -50.75 -6.21 -10.58
C ALA C 228 -50.28 -4.77 -10.71
N GLU C 229 -51.09 -3.89 -11.30
CA GLU C 229 -50.65 -2.53 -11.47
C GLU C 229 -50.81 -1.73 -10.19
N GLN C 230 -51.89 -1.96 -9.45
CA GLN C 230 -52.06 -1.25 -8.19
C GLN C 230 -51.02 -1.70 -7.18
N LEU C 231 -50.59 -2.95 -7.28
CA LEU C 231 -49.63 -3.48 -6.33
C LEU C 231 -48.21 -3.00 -6.63
N GLY C 232 -47.81 -3.03 -7.90
CA GLY C 232 -46.45 -2.72 -8.24
C GLY C 232 -46.23 -2.27 -9.66
N GLY C 233 -47.07 -1.35 -10.16
CA GLY C 233 -46.89 -0.76 -11.47
C GLY C 233 -45.90 0.40 -11.46
N PRO C 234 -45.62 0.93 -12.65
CA PRO C 234 -44.62 1.99 -12.74
C PRO C 234 -44.93 3.21 -11.90
N ALA C 235 -46.19 3.61 -11.77
CA ALA C 235 -46.47 4.80 -10.97
C ALA C 235 -46.26 4.49 -9.52
N VAL C 236 -46.50 3.25 -9.11
CA VAL C 236 -46.34 2.92 -7.71
C VAL C 236 -44.88 3.06 -7.30
N HIS C 237 -43.99 2.58 -8.16
CA HIS C 237 -42.59 2.55 -7.83
C HIS C 237 -41.92 3.86 -8.14
N ALA C 238 -42.48 4.65 -9.06
CA ALA C 238 -41.89 5.96 -9.31
C ALA C 238 -42.29 7.01 -8.27
N GLU C 239 -43.49 6.90 -7.70
CA GLU C 239 -44.08 7.98 -6.92
C GLU C 239 -44.28 7.64 -5.46
N VAL C 240 -44.46 6.39 -5.10
CA VAL C 240 -44.80 5.99 -3.75
C VAL C 240 -43.65 5.28 -3.07
N SER C 241 -43.14 4.22 -3.69
CA SER C 241 -42.11 3.40 -3.06
C SER C 241 -40.72 3.90 -3.34
N GLY C 242 -40.54 4.65 -4.42
CA GLY C 242 -39.21 5.09 -4.78
C GLY C 242 -38.29 4.04 -5.36
N ASN C 243 -38.80 2.87 -5.73
CA ASN C 243 -37.93 1.86 -6.35
C ASN C 243 -37.50 2.24 -7.76
N ALA C 244 -38.27 3.03 -8.48
CA ALA C 244 -37.97 3.34 -9.88
C ALA C 244 -37.44 4.77 -9.99
N HIS C 245 -36.31 4.92 -10.69
CA HIS C 245 -35.70 6.23 -10.89
C HIS C 245 -36.29 6.94 -12.07
N TYR C 246 -36.96 6.22 -12.94
CA TYR C 246 -37.54 6.79 -14.14
C TYR C 246 -38.57 5.84 -14.73
N VAL C 247 -39.58 6.42 -15.37
CA VAL C 247 -40.57 5.63 -16.09
C VAL C 247 -40.63 6.17 -17.51
N GLY C 248 -40.30 5.32 -18.47
CA GLY C 248 -40.37 5.72 -19.86
C GLY C 248 -41.80 5.74 -20.34
N ASP C 249 -42.08 6.66 -21.27
CA ASP C 249 -43.40 6.64 -21.90
C ASP C 249 -43.58 5.41 -22.77
N ASP C 250 -42.52 4.93 -23.41
CA ASP C 250 -42.53 3.70 -24.17
C ASP C 250 -41.18 3.04 -23.96
N GLU C 251 -40.94 1.93 -24.63
CA GLU C 251 -39.64 1.31 -24.45
C GLU C 251 -38.54 2.18 -25.01
N GLN C 252 -38.82 2.88 -26.09
CA GLN C 252 -37.79 3.71 -26.70
C GLN C 252 -37.41 4.87 -25.79
N ASP C 253 -38.37 5.39 -25.05
CA ASP C 253 -38.08 6.48 -24.14
C ASP C 253 -37.19 6.02 -22.99
N ALA C 254 -37.47 4.83 -22.45
CA ALA C 254 -36.67 4.30 -21.36
C ALA C 254 -35.25 4.06 -21.81
N ILE C 255 -35.09 3.37 -22.95
CA ILE C 255 -33.76 3.06 -23.43
C ILE C 255 -32.99 4.35 -23.70
N SER C 256 -33.65 5.30 -24.34
CA SER C 256 -33.03 6.58 -24.60
C SER C 256 -32.54 7.26 -23.31
N TRP C 257 -33.28 7.09 -22.21
CA TRP C 257 -32.89 7.66 -20.94
C TRP C 257 -31.64 6.97 -20.36
N VAL C 258 -31.61 5.64 -20.39
CA VAL C 258 -30.40 4.92 -20.00
C VAL C 258 -29.21 5.35 -20.85
N GLN C 259 -29.43 5.52 -22.14
CA GLN C 259 -28.33 5.98 -22.99
C GLN C 259 -27.81 7.33 -22.52
N THR C 260 -28.71 8.26 -22.24
CA THR C 260 -28.27 9.58 -21.84
C THR C 260 -27.60 9.54 -20.47
N LEU C 261 -28.10 8.71 -19.57
CA LEU C 261 -27.47 8.57 -18.26
C LEU C 261 -26.02 8.13 -18.40
N LEU C 262 -25.79 7.04 -19.15
CA LEU C 262 -24.42 6.59 -19.37
C LEU C 262 -23.53 7.70 -19.94
N GLY C 263 -24.07 8.61 -20.73
CA GLY C 263 -23.23 9.62 -21.32
C GLY C 263 -22.69 10.60 -20.30
N TYR C 264 -23.29 10.66 -19.12
CA TYR C 264 -22.75 11.45 -18.02
C TYR C 264 -21.79 10.68 -17.16
N LEU C 265 -21.73 9.34 -17.30
CA LEU C 265 -21.07 8.63 -16.24
C LEU C 265 -19.70 8.15 -16.66
N PRO C 266 -18.75 7.94 -15.74
CA PRO C 266 -17.50 7.22 -16.10
C PRO C 266 -17.78 5.76 -16.37
N PRO C 267 -16.87 5.03 -17.00
CA PRO C 267 -17.10 3.58 -17.16
C PRO C 267 -16.88 2.78 -15.87
N ASN C 268 -16.25 3.35 -14.87
CA ASN C 268 -15.91 2.65 -13.64
C ASN C 268 -15.47 3.71 -12.64
N ASN C 269 -14.94 3.27 -11.51
CA ASN C 269 -14.61 4.17 -10.42
C ASN C 269 -13.17 4.67 -10.48
N LEU C 270 -12.37 4.20 -11.42
CA LEU C 270 -11.03 4.73 -11.61
C LEU C 270 -10.89 5.65 -12.81
N ASP C 271 -11.54 5.34 -13.94
CA ASP C 271 -11.33 6.06 -15.17
C ASP C 271 -12.17 7.32 -15.19
N PRO C 272 -11.79 8.33 -15.97
CA PRO C 272 -12.50 9.62 -15.93
C PRO C 272 -13.80 9.61 -16.72
N ALA C 273 -14.72 10.49 -16.30
CA ALA C 273 -15.98 10.72 -17.00
C ALA C 273 -15.73 11.41 -18.35
N PRO C 274 -16.70 11.39 -19.23
CA PRO C 274 -16.49 12.05 -20.52
C PRO C 274 -16.53 13.55 -20.37
N VAL C 275 -15.67 14.22 -21.13
CA VAL C 275 -15.61 15.67 -21.18
C VAL C 275 -16.01 16.14 -22.57
N TYR C 276 -17.06 16.95 -22.65
CA TYR C 276 -17.59 17.47 -23.91
C TYR C 276 -17.17 18.94 -24.06
N ASP C 277 -17.36 19.45 -25.29
CA ASP C 277 -17.14 20.86 -25.56
C ASP C 277 -18.34 21.67 -25.11
N HIS C 278 -18.16 22.97 -24.98
CA HIS C 278 -19.26 23.77 -24.47
C HIS C 278 -19.32 25.13 -25.16
N ASP C 279 -20.50 25.73 -25.07
CA ASP C 279 -20.76 27.07 -25.57
C ASP C 279 -21.20 27.96 -24.42
N CYS C 280 -20.36 28.08 -23.39
CA CYS C 280 -20.65 28.93 -22.25
C CYS C 280 -20.23 30.37 -22.51
N ALA C 281 -20.98 31.31 -21.93
CA ALA C 281 -20.54 32.67 -22.18
C ALA C 281 -19.61 33.15 -21.06
N PRO C 282 -18.50 33.81 -21.43
CA PRO C 282 -17.54 34.25 -20.41
C PRO C 282 -18.01 35.42 -19.54
N GLY C 283 -19.03 36.18 -19.98
CA GLY C 283 -19.52 37.32 -19.22
C GLY C 283 -20.94 37.18 -18.73
N ILE C 284 -21.51 38.29 -18.29
CA ILE C 284 -22.89 38.28 -17.78
C ILE C 284 -23.85 38.18 -18.96
N THR C 285 -24.79 37.25 -18.86
CA THR C 285 -25.80 37.09 -19.89
C THR C 285 -27.19 37.42 -19.35
N GLU C 286 -28.17 37.39 -20.24
CA GLU C 286 -29.51 37.69 -19.78
C GLU C 286 -29.98 36.60 -18.85
N ALA C 287 -29.56 35.36 -19.12
CA ALA C 287 -29.92 34.24 -18.25
C ALA C 287 -29.30 34.42 -16.88
N ASP C 288 -28.08 34.95 -16.83
CA ASP C 288 -27.44 35.24 -15.54
C ASP C 288 -28.17 36.35 -14.82
N LEU C 289 -28.53 37.44 -15.52
CA LEU C 289 -29.22 38.54 -14.85
C LEU C 289 -30.59 38.13 -14.34
N ALA C 290 -31.24 37.18 -15.01
CA ALA C 290 -32.53 36.70 -14.51
C ALA C 290 -32.46 36.23 -13.05
N LEU C 291 -31.32 35.68 -12.62
CA LEU C 291 -31.22 35.17 -11.25
C LEU C 291 -31.34 36.27 -10.21
N ASP C 292 -31.07 37.53 -10.58
CA ASP C 292 -31.25 38.59 -9.61
C ASP C 292 -32.72 38.76 -9.22
N THR C 293 -33.65 38.40 -10.09
CA THR C 293 -35.05 38.61 -9.78
C THR C 293 -35.80 37.31 -9.54
N VAL C 294 -35.12 36.17 -9.58
CA VAL C 294 -35.78 34.90 -9.35
C VAL C 294 -36.35 34.76 -7.95
N ILE C 295 -35.84 35.47 -6.94
CA ILE C 295 -36.31 35.29 -5.57
C ILE C 295 -37.45 36.29 -5.31
N PRO C 296 -38.64 35.82 -4.98
CA PRO C 296 -39.74 36.74 -4.65
C PRO C 296 -39.39 37.59 -3.44
N ASP C 297 -39.99 38.79 -3.38
CA ASP C 297 -39.78 39.65 -2.22
C ASP C 297 -40.44 39.10 -0.97
N SER C 298 -41.55 38.41 -1.13
CA SER C 298 -42.29 37.87 0.00
C SER C 298 -41.64 36.57 0.51
N GLU C 299 -41.51 36.47 1.84
CA GLU C 299 -40.98 35.23 2.44
C GLU C 299 -41.88 34.04 2.14
N GLN C 300 -43.18 34.27 1.99
CA GLN C 300 -44.19 33.23 1.84
C GLN C 300 -44.33 32.76 0.40
N GLN C 301 -43.72 33.45 -0.56
CA GLN C 301 -43.90 33.16 -1.98
C GLN C 301 -42.77 32.26 -2.48
N VAL C 302 -43.12 31.25 -3.26
CA VAL C 302 -42.14 30.28 -3.73
C VAL C 302 -41.74 30.58 -5.17
N TYR C 303 -40.71 29.88 -5.62
CA TYR C 303 -40.18 30.00 -6.96
C TYR C 303 -39.85 28.59 -7.40
N ASP C 304 -39.40 28.45 -8.63
CA ASP C 304 -39.03 27.16 -9.21
C ASP C 304 -37.51 27.02 -9.19
N MET C 305 -36.99 26.09 -8.36
CA MET C 305 -35.55 25.98 -8.26
C MET C 305 -34.94 25.59 -9.60
N ALA C 306 -35.72 24.92 -10.45
CA ALA C 306 -35.21 24.49 -11.75
C ALA C 306 -34.73 25.68 -12.56
N ASP C 307 -35.26 26.87 -12.30
CA ASP C 307 -34.86 28.05 -13.07
C ASP C 307 -33.45 28.47 -12.69
N VAL C 308 -33.08 28.31 -11.42
CA VAL C 308 -31.71 28.57 -11.00
C VAL C 308 -30.78 27.53 -11.56
N ILE C 309 -31.22 26.27 -11.53
CA ILE C 309 -30.43 25.15 -12.04
C ILE C 309 -30.17 25.32 -13.53
N THR C 310 -31.20 25.61 -14.33
CA THR C 310 -30.93 25.76 -15.76
C THR C 310 -30.10 26.99 -16.05
N ALA C 311 -30.13 28.00 -15.20
CA ALA C 311 -29.28 29.15 -15.42
C ALA C 311 -27.80 28.77 -15.35
N VAL C 312 -27.45 27.82 -14.49
CA VAL C 312 -26.03 27.55 -14.20
C VAL C 312 -25.46 26.43 -15.10
N LEU C 313 -26.29 25.46 -15.47
CA LEU C 313 -25.80 24.32 -16.23
C LEU C 313 -25.67 24.63 -17.73
N ASP C 314 -24.70 23.96 -18.37
CA ASP C 314 -24.50 24.05 -19.82
C ASP C 314 -25.81 23.85 -20.55
N ASP C 315 -26.15 24.77 -21.45
CA ASP C 315 -27.37 24.74 -22.27
C ASP C 315 -28.66 24.66 -21.47
N GLY C 316 -28.61 24.92 -20.16
CA GLY C 316 -29.77 24.73 -19.32
C GLY C 316 -30.34 23.33 -19.37
N ASP C 317 -29.51 22.33 -19.58
CA ASP C 317 -30.02 20.98 -19.73
C ASP C 317 -29.56 20.11 -18.58
N TYR C 318 -30.42 19.18 -18.14
CA TYR C 318 -30.01 18.21 -17.14
C TYR C 318 -30.90 16.98 -17.20
N LEU C 319 -30.36 15.86 -16.70
CA LEU C 319 -31.10 14.59 -16.65
C LEU C 319 -31.55 14.35 -15.21
N GLU C 320 -32.84 14.42 -14.94
CA GLU C 320 -33.32 14.29 -13.58
C GLU C 320 -33.53 12.83 -13.19
N ILE C 321 -33.03 12.48 -12.01
CA ILE C 321 -33.18 11.18 -11.37
C ILE C 321 -34.36 11.27 -10.44
N HIS C 322 -35.25 10.25 -10.45
CA HIS C 322 -36.45 10.23 -9.61
C HIS C 322 -37.32 11.46 -9.82
N PRO C 323 -37.57 11.91 -11.05
CA PRO C 323 -38.32 13.16 -11.21
C PRO C 323 -39.71 13.18 -10.60
N ASP C 324 -40.32 12.03 -10.37
CA ASP C 324 -41.69 11.97 -9.85
C ASP C 324 -41.75 11.50 -8.41
N PHE C 325 -40.61 11.24 -7.79
CA PHE C 325 -40.53 10.80 -6.41
C PHE C 325 -39.92 11.92 -5.60
N ALA C 326 -40.48 12.18 -4.42
CA ALA C 326 -39.98 13.24 -3.53
C ALA C 326 -39.68 14.52 -4.30
N ARG C 327 -40.71 15.06 -4.93
CA ARG C 327 -40.46 16.18 -5.79
C ARG C 327 -40.06 17.43 -5.02
N ASN C 328 -40.03 17.37 -3.68
CA ASN C 328 -39.55 18.47 -2.87
C ASN C 328 -38.02 18.60 -2.91
N ILE C 329 -37.32 17.64 -3.52
CA ILE C 329 -35.91 17.78 -3.82
C ILE C 329 -35.65 17.36 -5.26
N ILE C 330 -34.62 17.97 -5.86
CA ILE C 330 -34.21 17.66 -7.23
C ILE C 330 -32.86 16.97 -7.18
N CYS C 331 -32.74 15.84 -7.86
CA CYS C 331 -31.48 15.17 -8.15
C CYS C 331 -31.34 15.04 -9.65
N ALA C 332 -30.23 15.54 -10.18
CA ALA C 332 -30.05 15.58 -11.61
C ALA C 332 -28.58 15.54 -11.96
N LEU C 333 -28.29 15.16 -13.18
CA LEU C 333 -26.95 15.22 -13.71
C LEU C 333 -26.90 16.26 -14.81
N GLY C 334 -25.84 17.06 -14.81
CA GLY C 334 -25.71 18.12 -15.78
C GLY C 334 -24.27 18.29 -16.21
N ARG C 335 -23.96 19.41 -16.82
CA ARG C 335 -22.60 19.70 -17.18
C ARG C 335 -22.35 21.18 -16.89
N VAL C 336 -21.15 21.47 -16.45
CA VAL C 336 -20.65 22.83 -16.39
C VAL C 336 -19.34 22.82 -17.14
N GLU C 337 -19.26 23.63 -18.20
CA GLU C 337 -18.04 23.71 -19.00
C GLU C 337 -17.59 22.32 -19.40
N GLY C 338 -18.56 21.50 -19.82
CA GLY C 338 -18.33 20.20 -20.43
C GLY C 338 -18.14 19.02 -19.49
N HIS C 339 -18.15 19.23 -18.19
CA HIS C 339 -17.82 18.19 -17.22
C HIS C 339 -19.08 17.81 -16.47
N SER C 340 -19.18 16.53 -16.11
CA SER C 340 -20.35 16.10 -15.37
C SER C 340 -20.40 16.79 -14.02
N VAL C 341 -21.61 17.09 -13.57
CA VAL C 341 -21.83 17.72 -12.28
C VAL C 341 -23.13 17.18 -11.76
N ALA C 342 -23.13 16.65 -10.54
CA ALA C 342 -24.37 16.24 -9.93
C ALA C 342 -25.00 17.43 -9.24
N VAL C 343 -26.34 17.51 -9.32
CA VAL C 343 -27.08 18.59 -8.71
C VAL C 343 -28.04 18.03 -7.68
N VAL C 344 -27.95 18.55 -6.47
CA VAL C 344 -28.91 18.28 -5.43
C VAL C 344 -29.48 19.62 -5.02
N ALA C 345 -30.79 19.77 -5.12
CA ALA C 345 -31.40 21.06 -4.86
C ALA C 345 -32.74 20.90 -4.18
N ASN C 346 -32.96 21.64 -3.09
CA ASN C 346 -34.30 21.79 -2.54
C ASN C 346 -35.19 22.50 -3.53
N GLN C 347 -36.41 21.99 -3.69
CA GLN C 347 -37.38 22.54 -4.64
C GLN C 347 -38.54 23.18 -3.86
N PRO C 348 -38.59 24.51 -3.75
CA PRO C 348 -39.66 25.15 -2.97
C PRO C 348 -41.05 25.01 -3.57
N ARG C 349 -41.12 24.60 -4.83
CA ARG C 349 -42.41 24.45 -5.52
C ARG C 349 -43.20 23.21 -5.10
N HIS C 350 -42.68 22.46 -4.12
CA HIS C 350 -43.37 21.26 -3.64
C HIS C 350 -43.02 21.05 -2.18
N LEU C 351 -44.03 21.01 -1.32
CA LEU C 351 -43.87 21.00 0.15
C LEU C 351 -42.96 22.14 0.64
N ALA C 352 -42.83 23.21 -0.14
CA ALA C 352 -42.02 24.39 0.19
C ALA C 352 -40.55 24.07 0.34
N GLY C 353 -40.11 22.94 -0.19
CA GLY C 353 -38.71 22.59 -0.15
C GLY C 353 -38.23 21.92 1.11
N VAL C 354 -39.14 21.45 1.97
CA VAL C 354 -38.72 20.80 3.20
C VAL C 354 -38.08 19.46 2.90
N LEU C 355 -37.36 18.95 3.88
CA LEU C 355 -36.83 17.62 3.80
C LEU C 355 -37.77 16.69 4.53
N ASP C 356 -37.90 15.48 4.02
CA ASP C 356 -38.68 14.45 4.68
C ASP C 356 -37.99 13.12 4.41
N ILE C 357 -38.62 12.03 4.85
CA ILE C 357 -38.02 10.71 4.68
C ILE C 357 -37.67 10.46 3.22
N ASP C 358 -38.65 10.61 2.33
CA ASP C 358 -38.46 10.27 0.92
C ASP C 358 -37.37 11.12 0.28
N ALA C 359 -37.41 12.43 0.49
CA ALA C 359 -36.39 13.29 -0.12
C ALA C 359 -35.01 12.97 0.42
N SER C 360 -34.93 12.65 1.71
CA SER C 360 -33.63 12.33 2.29
C SER C 360 -33.01 11.10 1.65
N GLU C 361 -33.80 10.07 1.41
CA GLU C 361 -33.24 8.86 0.87
C GLU C 361 -32.99 8.97 -0.63
N LYS C 362 -33.75 9.82 -1.31
CA LYS C 362 -33.55 10.02 -2.74
C LYS C 362 -32.19 10.68 -2.98
N ALA C 363 -31.93 11.76 -2.23
CA ALA C 363 -30.69 12.50 -2.37
C ALA C 363 -29.53 11.69 -1.80
N ALA C 364 -29.76 10.98 -0.69
CA ALA C 364 -28.69 10.22 -0.06
C ALA C 364 -28.10 9.20 -1.02
N ARG C 365 -28.93 8.35 -1.62
CA ARG C 365 -28.36 7.38 -2.53
C ARG C 365 -27.75 8.05 -3.77
N PHE C 366 -28.37 9.12 -4.27
CA PHE C 366 -27.79 9.82 -5.39
C PHE C 366 -26.38 10.32 -5.07
N ILE C 367 -26.21 11.01 -3.95
CA ILE C 367 -24.90 11.53 -3.59
C ILE C 367 -23.89 10.42 -3.40
N ARG C 368 -24.28 9.33 -2.76
CA ARG C 368 -23.31 8.27 -2.53
C ARG C 368 -22.91 7.61 -3.84
N PHE C 369 -23.86 7.47 -4.78
CA PHE C 369 -23.50 6.95 -6.10
C PHE C 369 -22.52 7.89 -6.80
N CYS C 370 -22.81 9.18 -6.79
CA CYS C 370 -21.93 10.13 -7.45
C CYS C 370 -20.55 10.14 -6.80
N ASP C 371 -20.49 10.12 -5.47
CA ASP C 371 -19.19 10.09 -4.82
C ASP C 371 -18.43 8.84 -5.21
N SER C 372 -19.12 7.72 -5.35
CA SER C 372 -18.45 6.50 -5.79
C SER C 372 -17.81 6.66 -7.13
N PHE C 373 -18.46 7.39 -8.04
CA PHE C 373 -17.98 7.49 -9.41
C PHE C 373 -17.38 8.86 -9.70
N ASN C 374 -17.01 9.60 -8.66
CA ASN C 374 -16.10 10.75 -8.77
C ASN C 374 -16.78 11.96 -9.42
N ILE C 375 -18.08 12.11 -9.25
CA ILE C 375 -18.85 13.20 -9.86
C ILE C 375 -19.06 14.26 -8.80
N PRO C 376 -18.65 15.51 -9.04
CA PRO C 376 -18.76 16.54 -8.00
C PRO C 376 -20.21 16.88 -7.78
N VAL C 377 -20.52 17.32 -6.58
CA VAL C 377 -21.89 17.53 -6.19
C VAL C 377 -22.11 19.01 -6.00
N LEU C 378 -23.01 19.58 -6.79
CA LEU C 378 -23.40 20.98 -6.66
C LEU C 378 -24.74 21.07 -5.95
N THR C 379 -24.76 21.69 -4.78
CA THR C 379 -25.98 21.80 -3.99
C THR C 379 -26.57 23.20 -4.07
N PHE C 380 -27.90 23.27 -4.29
CA PHE C 380 -28.65 24.53 -4.13
C PHE C 380 -29.51 24.45 -2.87
N MET C 381 -29.20 25.25 -1.88
CA MET C 381 -29.84 25.13 -0.59
C MET C 381 -30.97 26.15 -0.49
N ASP C 382 -32.14 25.68 -0.09
CA ASP C 382 -33.27 26.53 0.23
C ASP C 382 -34.25 25.68 0.99
N VAL C 383 -33.97 25.44 2.27
CA VAL C 383 -34.60 24.38 3.04
C VAL C 383 -35.07 24.99 4.35
N PRO C 384 -36.37 24.99 4.65
CA PRO C 384 -36.81 25.57 5.91
C PRO C 384 -36.72 24.61 7.07
N GLY C 385 -36.39 23.35 6.82
CA GLY C 385 -36.32 22.36 7.85
C GLY C 385 -37.01 21.11 7.41
N TYR C 386 -37.27 20.22 8.36
CA TYR C 386 -37.87 18.93 8.06
C TYR C 386 -39.37 19.03 8.20
N LEU C 387 -40.08 18.17 7.48
CA LEU C 387 -41.54 18.14 7.46
C LEU C 387 -42.09 17.49 8.72
N PRO C 388 -42.95 18.16 9.46
CA PRO C 388 -43.41 17.63 10.76
C PRO C 388 -44.58 16.67 10.61
N GLY C 389 -44.71 15.81 11.60
CA GLY C 389 -45.84 14.92 11.68
C GLY C 389 -45.50 13.67 12.46
N VAL C 390 -46.56 12.94 12.86
CA VAL C 390 -46.37 11.71 13.62
C VAL C 390 -45.82 10.61 12.72
N GLY C 391 -46.31 10.54 11.49
CA GLY C 391 -45.80 9.57 10.54
C GLY C 391 -44.32 9.71 10.30
N GLN C 392 -43.84 10.94 10.09
CA GLN C 392 -42.42 11.10 9.86
C GLN C 392 -41.64 10.47 11.01
N GLU C 393 -42.05 10.72 12.24
CA GLU C 393 -41.29 10.20 13.37
C GLU C 393 -41.43 8.69 13.51
N HIS C 394 -42.67 8.18 13.50
CA HIS C 394 -42.89 6.75 13.69
C HIS C 394 -42.34 5.92 12.56
N GLN C 395 -42.16 6.47 11.37
CA GLN C 395 -41.55 5.68 10.32
C GLN C 395 -40.04 5.83 10.28
N GLY C 396 -39.47 6.71 11.10
CA GLY C 396 -38.05 6.75 11.28
C GLY C 396 -37.32 7.90 10.60
N ILE C 397 -37.82 9.12 10.73
CA ILE C 397 -37.16 10.26 10.09
C ILE C 397 -35.75 10.43 10.63
N ILE C 398 -35.53 10.04 11.89
CA ILE C 398 -34.20 10.16 12.48
C ILE C 398 -33.22 9.27 11.71
N ARG C 399 -33.47 7.98 11.64
CA ARG C 399 -32.44 7.14 11.08
C ARG C 399 -32.45 7.16 9.58
N ARG C 400 -33.51 7.64 8.97
CA ARG C 400 -33.59 7.71 7.53
C ARG C 400 -33.27 9.09 7.01
N GLY C 401 -33.68 10.14 7.72
CA GLY C 401 -33.20 11.47 7.38
C GLY C 401 -31.70 11.62 7.54
N ILE C 402 -31.10 10.92 8.51
CA ILE C 402 -29.68 11.07 8.76
C ILE C 402 -28.83 10.43 7.66
N LYS C 403 -29.40 9.57 6.83
CA LYS C 403 -28.66 9.06 5.67
C LYS C 403 -28.18 10.18 4.77
N LEU C 404 -28.88 11.30 4.72
CA LEU C 404 -28.42 12.38 3.88
C LEU C 404 -27.21 13.05 4.52
N PHE C 405 -27.23 13.20 5.85
CA PHE C 405 -26.05 13.72 6.55
C PHE C 405 -24.84 12.82 6.30
N TYR C 406 -24.99 11.52 6.54
CA TYR C 406 -23.89 10.61 6.31
C TYR C 406 -23.39 10.70 4.89
N ALA C 407 -24.30 10.82 3.92
CA ALA C 407 -23.91 10.80 2.52
C ALA C 407 -22.96 11.96 2.21
N TYR C 408 -23.34 13.17 2.58
CA TYR C 408 -22.48 14.34 2.37
C TYR C 408 -21.18 14.22 3.18
N ALA C 409 -21.27 13.90 4.45
CA ALA C 409 -20.08 13.83 5.29
C ALA C 409 -19.10 12.74 4.84
N GLU C 410 -19.59 11.63 4.30
CA GLU C 410 -18.66 10.61 3.81
C GLU C 410 -18.02 11.02 2.49
N SER C 411 -18.71 11.79 1.66
CA SER C 411 -18.26 12.00 0.30
C SER C 411 -17.00 12.85 0.26
N THR C 412 -16.17 12.61 -0.75
CA THR C 412 -14.95 13.38 -0.95
C THR C 412 -14.86 14.10 -2.27
N VAL C 413 -15.82 13.91 -3.17
CA VAL C 413 -15.77 14.61 -4.45
C VAL C 413 -15.87 16.09 -4.13
N PRO C 414 -15.46 16.97 -5.03
CA PRO C 414 -15.67 18.40 -4.78
C PRO C 414 -17.15 18.69 -4.52
N LYS C 415 -17.40 19.65 -3.67
CA LYS C 415 -18.77 19.99 -3.28
C LYS C 415 -18.87 21.49 -3.24
N ILE C 416 -19.66 22.06 -4.13
CA ILE C 416 -19.96 23.49 -4.14
C ILE C 416 -21.42 23.64 -3.74
N THR C 417 -21.70 24.62 -2.87
CA THR C 417 -23.04 24.82 -2.37
C THR C 417 -23.42 26.28 -2.57
N VAL C 418 -24.59 26.50 -3.17
CA VAL C 418 -25.12 27.83 -3.38
C VAL C 418 -26.36 27.92 -2.50
N ILE C 419 -26.33 28.80 -1.50
CA ILE C 419 -27.47 29.01 -0.61
C ILE C 419 -28.28 30.16 -1.17
N THR C 420 -29.41 29.84 -1.81
CA THR C 420 -30.23 30.89 -2.43
C THR C 420 -31.28 31.49 -1.53
N ARG C 421 -31.58 30.86 -0.39
CA ARG C 421 -32.61 31.41 0.48
C ARG C 421 -32.57 30.88 1.89
N LYS C 422 -33.41 29.89 2.16
CA LYS C 422 -33.61 29.42 3.52
C LYS C 422 -32.50 28.47 3.92
N ALA C 423 -31.90 28.72 5.11
CA ALA C 423 -30.90 27.86 5.71
C ALA C 423 -31.55 27.18 6.90
N TYR C 424 -31.31 27.62 8.13
CA TYR C 424 -32.06 27.08 9.28
C TYR C 424 -31.77 25.63 9.69
N GLY C 425 -31.01 25.46 10.76
CA GLY C 425 -31.13 24.26 11.59
C GLY C 425 -30.53 23.04 10.94
N GLY C 426 -31.15 21.90 11.21
CA GLY C 426 -30.69 20.67 10.61
C GLY C 426 -30.69 20.75 9.09
N GLY C 427 -31.66 21.47 8.52
CA GLY C 427 -31.68 21.60 7.07
C GLY C 427 -30.41 22.21 6.53
N TYR C 428 -30.03 23.36 7.07
CA TYR C 428 -28.77 23.97 6.66
C TYR C 428 -27.59 23.03 6.90
N ALA C 429 -27.56 22.36 8.05
CA ALA C 429 -26.41 21.51 8.36
C ALA C 429 -26.21 20.45 7.30
N VAL C 430 -27.29 19.81 6.88
CA VAL C 430 -27.21 18.65 6.01
C VAL C 430 -26.96 19.03 4.57
N MET C 431 -27.58 20.10 4.09
CA MET C 431 -27.58 20.43 2.67
C MET C 431 -26.25 21.01 2.25
N GLY C 432 -25.17 20.33 2.61
CA GLY C 432 -23.88 20.66 2.06
C GLY C 432 -23.26 21.89 2.68
N SER C 433 -23.44 22.09 3.98
CA SER C 433 -22.76 23.21 4.60
C SER C 433 -21.25 22.96 4.65
N ARG C 434 -20.49 23.98 5.03
CA ARG C 434 -19.05 23.85 5.08
C ARG C 434 -18.61 22.83 6.13
N GLN C 435 -19.26 22.82 7.29
CA GLN C 435 -18.83 21.92 8.33
C GLN C 435 -19.07 20.46 7.98
N ILE C 436 -19.99 20.16 7.08
CA ILE C 436 -20.22 18.78 6.65
C ILE C 436 -19.24 18.38 5.56
N GLY C 437 -18.43 19.31 5.08
CA GLY C 437 -17.48 18.90 4.07
C GLY C 437 -17.47 19.68 2.77
N ALA C 438 -18.38 20.62 2.56
CA ALA C 438 -18.34 21.37 1.32
C ALA C 438 -17.02 22.10 1.16
N ASP C 439 -16.54 22.16 -0.09
CA ASP C 439 -15.28 22.83 -0.42
C ASP C 439 -15.47 24.32 -0.61
N ARG C 440 -16.60 24.72 -1.19
CA ARG C 440 -16.88 26.10 -1.52
C ARG C 440 -18.37 26.34 -1.31
N VAL C 441 -18.72 27.29 -0.43
CA VAL C 441 -20.10 27.60 -0.09
C VAL C 441 -20.32 29.08 -0.37
N MET C 442 -21.19 29.40 -1.32
CA MET C 442 -21.53 30.79 -1.58
C MET C 442 -23.00 31.05 -1.28
N ALA C 443 -23.28 32.23 -0.72
CA ALA C 443 -24.62 32.61 -0.31
C ALA C 443 -25.10 33.80 -1.12
N TRP C 444 -26.35 33.72 -1.59
CA TRP C 444 -27.04 34.86 -2.15
C TRP C 444 -27.40 35.85 -1.05
N PRO C 445 -27.67 37.11 -1.40
CA PRO C 445 -28.08 38.10 -0.38
C PRO C 445 -29.37 37.74 0.29
N THR C 446 -30.18 36.88 -0.32
CA THR C 446 -31.47 36.43 0.21
C THR C 446 -31.35 35.17 1.07
N ALA C 447 -30.13 34.69 1.30
CA ALA C 447 -29.91 33.55 2.18
C ALA C 447 -30.17 33.91 3.64
N GLU C 448 -30.87 33.04 4.36
CA GLU C 448 -31.25 33.32 5.73
C GLU C 448 -30.70 32.19 6.60
N ILE C 449 -29.52 32.38 7.17
CA ILE C 449 -28.82 31.33 7.89
C ILE C 449 -28.94 31.60 9.39
N ALA C 450 -29.60 30.70 10.11
CA ALA C 450 -29.86 30.87 11.53
C ALA C 450 -30.31 29.52 12.11
N VAL C 451 -30.48 29.49 13.43
CA VAL C 451 -30.92 28.27 14.10
C VAL C 451 -32.41 28.02 13.86
N MET C 452 -33.19 29.05 13.78
CA MET C 452 -34.56 28.80 13.75
C MET C 452 -35.04 29.85 12.93
N GLY C 453 -36.33 29.88 12.81
CA GLY C 453 -36.85 31.02 12.16
C GLY C 453 -37.53 31.87 13.19
N ALA C 454 -38.12 32.92 12.63
CA ALA C 454 -39.04 33.83 13.28
C ALA C 454 -39.64 33.30 14.56
N ASN C 455 -40.26 32.15 14.47
CA ASN C 455 -40.85 31.51 15.65
C ASN C 455 -39.56 31.34 16.47
N SER C 456 -39.33 32.33 17.35
CA SER C 456 -38.35 32.25 18.43
C SER C 456 -38.74 33.19 19.57
N ALA C 457 -38.34 32.80 20.79
CA ALA C 457 -38.64 33.39 22.11
C ALA C 457 -39.79 32.62 22.77
N ARG C 486 -36.79 38.53 11.47
CA ARG C 486 -35.65 39.16 12.09
C ARG C 486 -34.86 39.84 11.02
N ARG C 487 -34.14 40.86 11.43
CA ARG C 487 -33.60 41.82 10.53
C ARG C 487 -32.15 41.59 10.59
N ARG C 488 -31.84 41.08 11.77
CA ARG C 488 -30.56 40.65 12.27
C ARG C 488 -30.12 39.22 11.96
N PHE C 489 -31.03 38.35 11.55
CA PHE C 489 -30.65 37.01 11.27
C PHE C 489 -31.56 36.55 10.20
N GLY C 490 -32.08 37.44 9.38
CA GLY C 490 -32.69 37.04 8.12
C GLY C 490 -31.81 37.33 6.92
N ASN C 491 -30.52 37.01 7.05
CA ASN C 491 -29.50 37.33 6.06
C ASN C 491 -28.32 36.41 6.29
N PRO C 492 -27.34 36.40 5.40
CA PRO C 492 -26.20 35.47 5.55
C PRO C 492 -24.98 36.04 6.28
N TYR C 493 -25.07 37.21 6.89
CA TYR C 493 -23.84 37.92 7.25
C TYR C 493 -23.27 37.50 8.59
N GLU C 494 -24.04 36.87 9.46
CA GLU C 494 -23.45 36.24 10.63
C GLU C 494 -22.58 35.06 10.21
N ALA C 495 -23.14 34.15 9.41
CA ALA C 495 -22.35 33.01 8.95
C ALA C 495 -21.18 33.48 8.12
N ALA C 496 -21.36 34.55 7.35
CA ALA C 496 -20.23 35.08 6.61
C ALA C 496 -19.17 35.61 7.56
N ALA C 497 -19.61 36.30 8.61
CA ALA C 497 -18.67 36.85 9.59
C ALA C 497 -17.79 35.77 10.17
N HIS C 498 -18.33 34.59 10.43
CA HIS C 498 -17.62 33.49 11.06
C HIS C 498 -16.87 32.61 10.07
N GLY C 499 -16.95 32.90 8.77
CA GLY C 499 -16.31 32.06 7.79
C GLY C 499 -17.05 30.79 7.45
N TYR C 500 -18.29 30.62 7.88
CA TYR C 500 -19.08 29.45 7.51
C TYR C 500 -19.56 29.50 6.07
N VAL C 501 -19.66 30.66 5.47
CA VAL C 501 -19.80 30.76 4.02
C VAL C 501 -18.60 31.54 3.49
N ASP C 502 -18.17 31.21 2.28
CA ASP C 502 -16.93 31.79 1.77
C ASP C 502 -17.13 33.09 0.99
N MET C 503 -18.30 33.26 0.37
CA MET C 503 -18.59 34.36 -0.53
C MET C 503 -20.04 34.72 -0.34
N VAL C 504 -20.35 36.00 -0.45
CA VAL C 504 -21.73 36.48 -0.59
C VAL C 504 -21.81 37.17 -1.93
N ILE C 505 -22.54 36.60 -2.84
CA ILE C 505 -22.55 37.04 -4.22
C ILE C 505 -23.95 37.46 -4.59
N SER C 506 -24.05 38.39 -5.52
CA SER C 506 -25.34 38.64 -6.12
C SER C 506 -25.65 37.51 -7.09
N PRO C 507 -26.92 37.08 -7.17
CA PRO C 507 -27.25 35.86 -7.92
C PRO C 507 -26.76 35.84 -9.35
N SER C 508 -26.68 36.99 -10.02
CA SER C 508 -26.29 36.98 -11.41
C SER C 508 -24.90 36.38 -11.66
N ARG C 509 -24.10 36.18 -10.63
CA ARG C 509 -22.77 35.66 -10.81
C ARG C 509 -22.64 34.20 -10.46
N THR C 510 -23.75 33.51 -10.17
CA THR C 510 -23.65 32.14 -9.71
C THR C 510 -22.97 31.27 -10.74
N ARG C 511 -23.47 31.28 -11.98
CA ARG C 511 -22.87 30.42 -12.99
C ARG C 511 -21.39 30.72 -13.14
N TYR C 512 -21.04 31.95 -12.94
CA TYR C 512 -19.66 32.37 -13.08
C TYR C 512 -18.80 31.82 -11.97
N GLU C 513 -19.25 31.95 -10.74
CA GLU C 513 -18.43 31.50 -9.63
C GLU C 513 -18.42 29.97 -9.48
N VAL C 514 -19.56 29.30 -9.71
CA VAL C 514 -19.61 27.85 -9.72
C VAL C 514 -18.59 27.27 -10.69
N ALA C 515 -18.52 27.84 -11.88
CA ALA C 515 -17.63 27.30 -12.90
C ALA C 515 -16.18 27.44 -12.48
N ARG C 516 -15.81 28.60 -11.94
CA ARG C 516 -14.46 28.80 -11.45
C ARG C 516 -14.16 27.89 -10.28
N ALA C 517 -15.13 27.70 -9.39
CA ALA C 517 -14.91 26.84 -8.25
C ALA C 517 -14.74 25.39 -8.66
N LEU C 518 -15.59 24.90 -9.54
CA LEU C 518 -15.40 23.54 -10.02
C LEU C 518 -14.03 23.37 -10.66
N ALA C 519 -13.60 24.36 -11.45
CA ALA C 519 -12.29 24.25 -12.10
C ALA C 519 -11.17 24.20 -11.07
N SER C 520 -11.29 24.96 -9.99
CA SER C 520 -10.24 25.03 -9.01
C SER C 520 -10.16 23.78 -8.17
N LEU C 521 -11.15 22.90 -8.24
CA LEU C 521 -11.18 21.75 -7.36
C LEU C 521 -10.98 20.42 -8.08
N ARG C 522 -10.50 20.42 -9.34
CA ARG C 522 -10.43 19.17 -10.09
C ARG C 522 -9.32 18.26 -9.62
N ASN C 523 -8.26 18.80 -9.04
CA ASN C 523 -7.16 18.01 -8.55
C ASN C 523 -7.34 17.62 -7.09
N LYS C 524 -8.51 17.88 -6.53
CA LYS C 524 -8.78 17.60 -5.12
C LYS C 524 -8.50 16.14 -4.78
N ARG C 525 -7.96 15.92 -3.59
CA ARG C 525 -7.88 14.57 -3.06
C ARG C 525 -7.91 14.62 -1.55
N GLN C 526 -8.73 13.75 -0.95
CA GLN C 526 -9.02 13.71 0.47
C GLN C 526 -8.79 12.29 0.97
N ALA C 527 -8.18 12.17 2.15
CA ALA C 527 -7.93 10.86 2.72
C ALA C 527 -9.22 10.34 3.36
N ARG C 528 -9.24 9.05 3.65
CA ARG C 528 -10.49 8.40 4.02
C ARG C 528 -10.26 7.33 5.06
N PRO C 529 -11.21 7.12 5.97
CA PRO C 529 -10.98 6.24 7.10
C PRO C 529 -10.50 4.87 6.64
N ALA C 530 -9.65 4.25 7.46
CA ALA C 530 -9.25 2.87 7.26
C ALA C 530 -10.30 1.97 7.93
N ARG C 531 -11.05 1.25 7.11
CA ARG C 531 -12.12 0.36 7.52
C ARG C 531 -12.56 -0.44 6.31
N LYS C 532 -13.00 -1.68 6.60
CA LYS C 532 -13.73 -2.44 5.61
C LYS C 532 -14.82 -1.58 4.98
N HIS C 533 -15.71 -1.07 5.81
CA HIS C 533 -16.80 -0.22 5.38
C HIS C 533 -17.32 0.50 6.61
N GLY C 534 -18.21 1.46 6.39
CA GLY C 534 -18.89 2.14 7.47
C GLY C 534 -20.09 1.35 7.92
N ASN C 535 -20.88 1.98 8.76
CA ASN C 535 -22.10 1.39 9.26
C ASN C 535 -23.14 2.51 9.22
N ILE C 536 -23.49 2.91 7.99
CA ILE C 536 -24.51 3.91 7.73
C ILE C 536 -25.84 3.44 8.28
N PRO C 537 -26.70 4.32 8.78
CA PRO C 537 -28.03 3.88 9.23
C PRO C 537 -28.82 3.31 8.07
N LEU C 538 -29.40 2.14 8.27
CA LEU C 538 -30.25 1.60 7.26
C LEU C 538 -31.74 1.74 7.65
N THR D 21 -44.74 -37.97 8.51
CA THR D 21 -43.42 -38.31 9.04
C THR D 21 -42.97 -37.43 10.22
N SER D 22 -42.55 -38.07 11.30
CA SER D 22 -42.30 -37.30 12.52
C SER D 22 -40.87 -36.78 12.56
N THR D 23 -40.66 -35.74 13.37
CA THR D 23 -39.31 -35.24 13.61
C THR D 23 -38.34 -36.37 13.91
N ALA D 24 -38.73 -37.30 14.77
CA ALA D 24 -37.87 -38.44 15.10
C ALA D 24 -37.69 -39.36 13.90
N ASP D 25 -38.73 -39.51 13.07
CA ASP D 25 -38.60 -40.28 11.84
C ASP D 25 -37.52 -39.69 10.94
N ARG D 26 -37.49 -38.37 10.83
CA ARG D 26 -36.48 -37.71 10.01
C ARG D 26 -35.07 -37.95 10.57
N ILE D 27 -34.87 -37.74 11.88
CA ILE D 27 -33.58 -38.03 12.51
C ILE D 27 -33.15 -39.47 12.22
N ALA D 28 -34.09 -40.42 12.36
CA ALA D 28 -33.78 -41.81 12.07
C ALA D 28 -33.43 -42.00 10.61
N ASP D 29 -34.15 -41.34 9.69
CA ASP D 29 -33.86 -41.52 8.28
C ASP D 29 -32.47 -41.00 7.94
N LEU D 30 -32.04 -39.92 8.61
CA LEU D 30 -30.68 -39.43 8.47
C LEU D 30 -29.67 -40.47 8.90
N ALA D 31 -29.91 -41.13 10.03
CA ALA D 31 -28.99 -42.19 10.47
C ALA D 31 -28.84 -43.26 9.39
N ALA D 32 -29.93 -43.57 8.71
CA ALA D 32 -29.93 -44.63 7.72
C ALA D 32 -29.18 -44.18 6.48
N ARG D 33 -29.37 -42.92 6.08
CA ARG D 33 -28.57 -42.40 4.98
C ARG D 33 -27.11 -42.33 5.37
N HIS D 34 -26.82 -41.90 6.58
CA HIS D 34 -25.43 -41.91 7.04
C HIS D 34 -24.85 -43.32 7.01
N GLU D 35 -25.62 -44.32 7.45
CA GLU D 35 -25.16 -45.70 7.41
C GLU D 35 -24.92 -46.15 5.97
N GLU D 36 -25.81 -45.76 5.07
CA GLU D 36 -25.61 -46.04 3.66
C GLU D 36 -24.32 -45.42 3.13
N ALA D 37 -24.05 -44.16 3.51
CA ALA D 37 -22.99 -43.39 2.85
C ALA D 37 -21.60 -43.75 3.34
N VAL D 38 -21.48 -44.26 4.56
CA VAL D 38 -20.19 -44.30 5.23
C VAL D 38 -19.80 -45.68 5.72
N VAL D 39 -20.76 -46.53 6.11
CA VAL D 39 -20.39 -47.85 6.61
C VAL D 39 -20.63 -48.90 5.56
N LEU D 40 -21.81 -48.95 4.96
CA LEU D 40 -22.07 -49.93 3.93
C LEU D 40 -21.13 -49.70 2.75
N ALA D 41 -20.98 -48.45 2.35
CA ALA D 41 -20.02 -48.14 1.30
C ALA D 41 -18.60 -48.48 1.75
N GLU D 42 -18.29 -48.30 3.02
CA GLU D 42 -16.95 -48.62 3.47
C GLU D 42 -16.68 -50.12 3.37
N LYS D 43 -17.66 -50.94 3.74
CA LYS D 43 -17.46 -52.38 3.68
C LYS D 43 -17.23 -52.84 2.26
N LYS D 44 -18.08 -52.41 1.33
CA LYS D 44 -17.86 -52.81 -0.05
C LYS D 44 -16.54 -52.26 -0.55
N ALA D 45 -16.26 -50.99 -0.31
CA ALA D 45 -14.99 -50.42 -0.74
C ALA D 45 -13.80 -51.14 -0.11
N ALA D 46 -13.94 -51.56 1.15
CA ALA D 46 -12.82 -52.22 1.81
C ALA D 46 -12.55 -53.58 1.20
N ASP D 47 -13.61 -54.31 0.85
CA ASP D 47 -13.42 -55.58 0.16
C ASP D 47 -12.89 -55.78 -1.25
N ARG D 48 -13.18 -54.85 -2.16
CA ARG D 48 -12.46 -54.85 -3.43
C ARG D 48 -11.11 -54.13 -3.38
N GLN D 49 -10.88 -53.24 -2.40
CA GLN D 49 -9.55 -52.63 -2.29
C GLN D 49 -8.54 -53.57 -1.65
N HIS D 50 -8.92 -54.25 -0.55
CA HIS D 50 -8.00 -55.19 0.10
C HIS D 50 -7.53 -56.28 -0.87
N LEU D 51 -8.43 -56.79 -1.71
CA LEU D 51 -8.03 -57.77 -2.71
C LEU D 51 -6.88 -57.27 -3.59
N LYS D 52 -6.63 -55.96 -3.60
CA LYS D 52 -5.49 -55.40 -4.32
C LYS D 52 -4.40 -54.84 -3.41
N GLY D 53 -4.51 -55.06 -2.11
CA GLY D 53 -3.48 -54.61 -1.19
C GLY D 53 -3.51 -53.14 -0.85
N LYS D 54 -4.69 -52.54 -0.90
CA LYS D 54 -4.84 -51.12 -0.71
C LYS D 54 -5.78 -50.87 0.45
N LEU D 55 -5.67 -49.70 1.05
CA LEU D 55 -6.63 -49.25 2.02
C LEU D 55 -7.73 -48.43 1.35
N THR D 56 -8.73 -48.07 2.14
CA THR D 56 -9.85 -47.33 1.59
C THR D 56 -9.62 -45.84 1.72
N ALA D 57 -10.39 -45.08 0.96
CA ALA D 57 -10.30 -43.63 1.03
C ALA D 57 -10.43 -43.13 2.47
N ARG D 58 -11.35 -43.71 3.25
CA ARG D 58 -11.58 -43.22 4.61
C ARG D 58 -10.55 -43.79 5.56
N ALA D 59 -10.03 -44.98 5.29
CA ALA D 59 -8.97 -45.52 6.13
C ALA D 59 -7.72 -44.68 6.03
N ARG D 60 -7.42 -44.20 4.83
CA ARG D 60 -6.30 -43.31 4.65
C ARG D 60 -6.49 -41.99 5.41
N ILE D 61 -7.69 -41.42 5.35
CA ILE D 61 -7.98 -40.19 6.10
C ILE D 61 -7.84 -40.43 7.59
N ASP D 62 -8.21 -41.63 8.05
CA ASP D 62 -8.14 -41.87 9.49
C ASP D 62 -6.71 -42.15 9.94
N LEU D 63 -5.90 -42.80 9.12
CA LEU D 63 -4.47 -42.86 9.42
C LEU D 63 -3.86 -41.46 9.41
N LEU D 64 -4.31 -40.58 8.52
CA LEU D 64 -3.61 -39.32 8.36
C LEU D 64 -3.93 -38.37 9.49
N LEU D 65 -5.20 -38.14 9.77
CA LEU D 65 -5.63 -37.06 10.65
C LEU D 65 -5.63 -37.51 12.11
N ASP D 66 -5.58 -36.54 13.01
CA ASP D 66 -5.68 -36.84 14.43
C ASP D 66 -7.01 -37.53 14.74
N PRO D 67 -6.99 -38.56 15.58
CA PRO D 67 -8.24 -39.24 15.93
C PRO D 67 -9.24 -38.27 16.53
N GLY D 68 -10.43 -38.26 15.93
CA GLY D 68 -11.53 -37.43 16.37
C GLY D 68 -11.67 -36.10 15.67
N SER D 69 -10.70 -35.73 14.84
CA SER D 69 -10.64 -34.37 14.33
C SER D 69 -11.30 -34.20 12.99
N PHE D 70 -11.62 -35.29 12.31
CA PHE D 70 -12.09 -35.22 10.94
C PHE D 70 -13.52 -34.72 10.88
N VAL D 71 -13.74 -33.70 10.06
CA VAL D 71 -15.04 -33.12 9.79
C VAL D 71 -15.26 -33.27 8.30
N GLU D 72 -16.25 -34.07 7.93
CA GLU D 72 -16.45 -34.40 6.54
C GLU D 72 -17.48 -33.47 5.93
N LEU D 73 -17.15 -32.91 4.79
CA LEU D 73 -18.06 -32.06 4.05
C LEU D 73 -18.62 -32.84 2.87
N ASP D 74 -19.83 -32.48 2.47
CA ASP D 74 -20.43 -32.98 1.24
C ASP D 74 -20.60 -34.48 1.29
N GLU D 75 -20.93 -35.01 2.46
CA GLU D 75 -21.15 -36.44 2.59
C GLU D 75 -22.27 -36.93 1.70
N PHE D 76 -23.29 -36.11 1.45
CA PHE D 76 -24.46 -36.55 0.70
C PHE D 76 -24.52 -35.95 -0.71
N VAL D 77 -23.40 -35.46 -1.23
CA VAL D 77 -23.36 -35.00 -2.60
C VAL D 77 -23.59 -36.16 -3.54
N ARG D 78 -24.27 -35.89 -4.65
CA ARG D 78 -24.56 -36.88 -5.68
C ARG D 78 -24.49 -36.18 -7.03
N HIS D 79 -23.98 -36.87 -8.05
CA HIS D 79 -24.11 -36.29 -9.38
C HIS D 79 -25.56 -36.41 -9.83
N ARG D 80 -25.91 -35.66 -10.86
CA ARG D 80 -27.31 -35.67 -11.22
C ARG D 80 -27.63 -36.51 -12.45
N THR D 81 -26.64 -36.81 -13.27
CA THR D 81 -26.85 -37.60 -14.50
C THR D 81 -27.14 -39.08 -14.18
N ILE D 86 -28.72 -45.72 -14.10
CA ILE D 86 -27.42 -45.09 -13.90
C ILE D 86 -27.30 -44.51 -12.48
N PRO D 87 -26.52 -45.17 -11.61
CA PRO D 87 -26.60 -44.92 -10.17
C PRO D 87 -25.83 -43.66 -9.75
N ARG D 88 -26.24 -43.12 -8.60
CA ARG D 88 -25.69 -41.88 -8.04
C ARG D 88 -25.35 -42.11 -6.58
N PRO D 89 -24.17 -42.67 -6.29
CA PRO D 89 -23.81 -42.93 -4.91
C PRO D 89 -23.45 -41.65 -4.16
N TYR D 90 -23.75 -41.65 -2.87
CA TYR D 90 -23.39 -40.53 -2.02
C TYR D 90 -21.90 -40.29 -2.11
N GLY D 91 -21.52 -39.02 -2.18
CA GLY D 91 -20.13 -38.64 -2.23
C GLY D 91 -19.55 -38.54 -3.61
N ASP D 92 -20.14 -39.21 -4.60
CA ASP D 92 -19.70 -39.21 -5.99
C ASP D 92 -18.26 -39.67 -6.17
N GLY D 93 -17.70 -40.35 -5.17
CA GLY D 93 -16.41 -40.99 -5.32
C GLY D 93 -15.24 -40.33 -4.64
N VAL D 94 -15.47 -39.33 -3.79
CA VAL D 94 -14.36 -38.69 -3.10
C VAL D 94 -14.80 -38.29 -1.70
N VAL D 95 -13.94 -38.51 -0.72
CA VAL D 95 -14.20 -38.03 0.63
C VAL D 95 -13.41 -36.76 0.88
N THR D 96 -14.09 -35.70 1.32
CA THR D 96 -13.45 -34.40 1.53
C THR D 96 -13.78 -33.89 2.92
N GLY D 97 -12.90 -33.07 3.47
CA GLY D 97 -13.15 -32.47 4.76
C GLY D 97 -11.86 -31.95 5.37
N HIS D 98 -11.94 -31.59 6.64
CA HIS D 98 -10.83 -30.95 7.31
C HIS D 98 -10.64 -31.56 8.68
N GLY D 99 -9.42 -31.48 9.17
CA GLY D 99 -9.07 -32.06 10.44
C GLY D 99 -7.79 -31.45 10.95
N THR D 100 -7.18 -32.08 11.94
CA THR D 100 -5.87 -31.61 12.36
C THR D 100 -4.86 -32.74 12.22
N ILE D 101 -3.62 -32.34 12.11
CA ILE D 101 -2.48 -33.24 12.17
C ILE D 101 -1.57 -32.69 13.26
N ASP D 102 -1.37 -33.46 14.33
CA ASP D 102 -0.64 -32.98 15.51
C ASP D 102 -1.17 -31.63 15.95
N GLY D 103 -2.50 -31.54 16.04
CA GLY D 103 -3.17 -30.39 16.58
C GLY D 103 -3.20 -29.15 15.70
N ARG D 104 -2.68 -29.18 14.47
CA ARG D 104 -2.73 -28.02 13.58
C ARG D 104 -3.63 -28.32 12.40
N GLN D 105 -4.45 -27.36 12.01
CA GLN D 105 -5.54 -27.60 11.07
C GLN D 105 -5.04 -27.91 9.65
N VAL D 106 -5.82 -28.71 8.92
CA VAL D 106 -5.42 -29.11 7.58
C VAL D 106 -6.67 -29.51 6.79
N CYS D 107 -6.53 -29.55 5.47
CA CYS D 107 -7.62 -29.97 4.59
C CYS D 107 -7.20 -31.23 3.85
N VAL D 108 -8.16 -32.05 3.47
CA VAL D 108 -7.83 -33.31 2.82
C VAL D 108 -8.93 -33.70 1.84
N PHE D 109 -8.55 -34.33 0.74
CA PHE D 109 -9.50 -35.06 -0.07
C PHE D 109 -8.94 -36.44 -0.31
N SER D 110 -9.81 -37.42 -0.53
CA SER D 110 -9.36 -38.79 -0.68
C SER D 110 -10.23 -39.53 -1.68
N HIS D 111 -9.62 -40.03 -2.76
CA HIS D 111 -10.37 -40.69 -3.82
C HIS D 111 -10.85 -42.07 -3.38
N ASP D 112 -12.10 -42.38 -3.74
CA ASP D 112 -12.69 -43.69 -3.56
C ASP D 112 -12.65 -44.42 -4.89
N PHE D 113 -11.61 -45.26 -5.07
CA PHE D 113 -11.38 -45.94 -6.33
C PHE D 113 -12.45 -46.96 -6.66
N THR D 114 -13.25 -47.39 -5.68
CA THR D 114 -14.29 -48.37 -5.94
C THR D 114 -15.57 -47.74 -6.47
N THR D 115 -15.84 -46.50 -6.09
CA THR D 115 -17.00 -45.76 -6.57
C THR D 115 -16.61 -45.04 -7.84
N LEU D 116 -17.00 -45.59 -8.99
CA LEU D 116 -16.78 -45.01 -10.30
C LEU D 116 -15.30 -44.86 -10.61
N GLY D 117 -14.45 -45.60 -9.91
CA GLY D 117 -13.04 -45.60 -10.26
C GLY D 117 -12.32 -44.34 -9.90
N GLY D 118 -12.86 -43.54 -8.99
CA GLY D 118 -12.25 -42.28 -8.62
C GLY D 118 -12.24 -41.26 -9.73
N SER D 119 -12.94 -41.56 -10.83
CA SER D 119 -12.97 -40.67 -11.98
C SER D 119 -13.53 -39.30 -11.61
N MET D 120 -12.99 -38.26 -12.22
CA MET D 120 -13.41 -36.90 -11.92
C MET D 120 -14.72 -36.61 -12.65
N GLY D 121 -15.80 -36.40 -11.87
CA GLY D 121 -17.06 -35.93 -12.39
C GLY D 121 -17.32 -34.50 -11.96
N GLU D 122 -18.54 -34.03 -12.27
CA GLU D 122 -18.94 -32.69 -11.85
C GLU D 122 -19.04 -32.57 -10.33
N ALA D 123 -19.75 -33.50 -9.69
CA ALA D 123 -19.97 -33.41 -8.25
C ALA D 123 -18.67 -33.60 -7.48
N PHE D 124 -17.95 -34.68 -7.78
CA PHE D 124 -16.59 -34.93 -7.36
C PHE D 124 -15.75 -33.66 -7.40
N GLY D 125 -15.67 -33.01 -8.56
CA GLY D 125 -14.85 -31.83 -8.68
C GLY D 125 -15.32 -30.73 -7.77
N SER D 126 -16.62 -30.52 -7.69
CA SER D 126 -17.15 -29.50 -6.78
C SER D 126 -16.70 -29.74 -5.35
N LYS D 127 -16.70 -31.01 -4.92
CA LYS D 127 -16.27 -31.31 -3.56
C LYS D 127 -14.81 -30.94 -3.35
N VAL D 128 -13.96 -31.24 -4.32
CA VAL D 128 -12.54 -30.96 -4.13
C VAL D 128 -12.31 -29.47 -4.18
N VAL D 129 -13.04 -28.79 -5.05
CA VAL D 129 -12.87 -27.35 -5.17
C VAL D 129 -13.27 -26.67 -3.88
N LYS D 130 -14.29 -27.20 -3.22
CA LYS D 130 -14.80 -26.58 -2.01
C LYS D 130 -13.79 -26.67 -0.88
N ILE D 131 -13.15 -27.83 -0.70
CA ILE D 131 -12.17 -27.85 0.38
C ILE D 131 -10.96 -27.04 0.00
N TYR D 132 -10.62 -26.99 -1.30
CA TYR D 132 -9.48 -26.18 -1.71
C TYR D 132 -9.73 -24.70 -1.40
N ASP D 133 -10.91 -24.22 -1.72
CA ASP D 133 -11.25 -22.84 -1.42
C ASP D 133 -11.22 -22.60 0.09
N PHE D 134 -11.65 -23.61 0.87
CA PHE D 134 -11.58 -23.48 2.32
C PHE D 134 -10.13 -23.36 2.79
N ALA D 135 -9.23 -24.19 2.24
CA ALA D 135 -7.83 -24.14 2.66
C ALA D 135 -7.18 -22.83 2.26
N MET D 136 -7.48 -22.33 1.07
CA MET D 136 -6.97 -21.01 0.70
C MET D 136 -7.62 -19.91 1.50
N SER D 137 -8.78 -20.18 2.09
CA SER D 137 -9.48 -19.15 2.83
C SER D 137 -8.91 -18.99 4.24
N VAL D 138 -8.62 -20.11 4.93
CA VAL D 138 -8.13 -20.06 6.31
C VAL D 138 -6.63 -20.27 6.42
N GLY D 139 -5.93 -20.43 5.29
CA GLY D 139 -4.50 -20.59 5.29
C GLY D 139 -4.01 -21.85 5.97
N CYS D 140 -4.35 -23.01 5.43
CA CYS D 140 -3.90 -24.26 6.03
C CYS D 140 -3.47 -25.17 4.89
N PRO D 141 -2.69 -26.20 5.17
CA PRO D 141 -2.22 -27.08 4.10
C PRO D 141 -3.34 -27.93 3.53
N VAL D 142 -3.13 -28.40 2.31
CA VAL D 142 -4.01 -29.38 1.69
C VAL D 142 -3.22 -30.66 1.43
N ILE D 143 -3.77 -31.79 1.87
CA ILE D 143 -3.21 -33.07 1.49
C ILE D 143 -4.22 -33.72 0.58
N GLY D 144 -3.80 -34.08 -0.63
CA GLY D 144 -4.65 -34.82 -1.52
C GLY D 144 -4.17 -36.25 -1.64
N ILE D 145 -5.08 -37.19 -1.41
CA ILE D 145 -4.82 -38.62 -1.46
C ILE D 145 -5.43 -39.19 -2.75
N ASN D 146 -4.58 -39.59 -3.70
CA ASN D 146 -5.02 -39.88 -5.08
C ASN D 146 -5.07 -41.38 -5.38
N ASP D 147 -6.12 -41.78 -6.09
CA ASP D 147 -6.39 -43.20 -6.32
C ASP D 147 -7.53 -43.23 -7.30
N SER D 148 -7.20 -43.02 -8.57
CA SER D 148 -8.18 -42.53 -9.53
C SER D 148 -7.90 -43.09 -10.92
N GLY D 149 -8.91 -43.68 -11.55
CA GLY D 149 -8.78 -44.06 -12.94
C GLY D 149 -8.34 -42.90 -13.81
N GLY D 150 -9.16 -41.88 -13.85
CA GLY D 150 -8.88 -40.70 -14.64
C GLY D 150 -10.14 -39.87 -14.75
N ALA D 151 -10.60 -39.62 -15.97
CA ALA D 151 -11.77 -38.79 -16.21
C ALA D 151 -12.98 -39.67 -16.52
N ARG D 152 -14.14 -39.24 -16.04
CA ARG D 152 -15.40 -39.84 -16.48
C ARG D 152 -15.63 -39.47 -17.94
N ILE D 153 -15.55 -40.47 -18.82
CA ILE D 153 -15.89 -40.23 -20.23
C ILE D 153 -17.37 -39.92 -20.36
N GLN D 154 -18.21 -40.56 -19.55
CA GLN D 154 -19.64 -40.36 -19.55
C GLN D 154 -20.05 -38.93 -19.22
N GLU D 155 -19.13 -38.09 -18.79
CA GLU D 155 -19.43 -36.70 -18.50
C GLU D 155 -18.78 -35.74 -19.48
N GLY D 156 -18.09 -36.27 -20.48
CA GLY D 156 -17.61 -35.40 -21.54
C GLY D 156 -16.69 -34.33 -21.02
N VAL D 157 -16.64 -33.20 -21.75
CA VAL D 157 -15.63 -32.18 -21.48
C VAL D 157 -15.83 -31.55 -20.11
N MET D 158 -17.00 -31.71 -19.50
CA MET D 158 -17.22 -31.25 -18.12
C MET D 158 -16.18 -31.82 -17.17
N SER D 159 -15.81 -33.08 -17.37
CA SER D 159 -14.76 -33.68 -16.56
C SER D 159 -13.45 -32.89 -16.69
N ILE D 160 -13.06 -32.55 -17.92
CA ILE D 160 -11.87 -31.73 -18.17
C ILE D 160 -11.99 -30.38 -17.49
N ALA D 161 -13.16 -29.76 -17.58
CA ALA D 161 -13.36 -28.46 -16.93
C ALA D 161 -13.02 -28.52 -15.45
N TYR D 162 -13.36 -29.62 -14.77
CA TYR D 162 -13.14 -29.65 -13.33
C TYR D 162 -11.68 -29.95 -13.02
N TYR D 163 -11.02 -30.71 -13.89
CA TYR D 163 -9.58 -30.91 -13.78
C TYR D 163 -8.85 -29.59 -13.87
N THR D 164 -9.28 -28.76 -14.82
CA THR D 164 -8.64 -27.48 -15.03
C THR D 164 -8.94 -26.55 -13.88
N GLU D 165 -10.17 -26.59 -13.39
CA GLU D 165 -10.50 -25.72 -12.28
C GLU D 165 -9.65 -26.04 -11.07
N LEU D 166 -9.25 -27.31 -10.89
CA LEU D 166 -8.48 -27.67 -9.70
C LEU D 166 -7.02 -27.29 -9.85
N GLY D 167 -6.46 -27.58 -11.02
CA GLY D 167 -5.10 -27.17 -11.29
C GLY D 167 -4.91 -25.68 -11.17
N VAL D 168 -5.93 -24.91 -11.56
CA VAL D 168 -5.84 -23.46 -11.40
C VAL D 168 -5.74 -23.11 -9.94
N ARG D 169 -6.51 -23.81 -9.10
CA ARG D 169 -6.40 -23.50 -7.69
C ARG D 169 -5.05 -23.90 -7.14
N ASN D 170 -4.48 -25.01 -7.62
CA ASN D 170 -3.11 -25.37 -7.25
C ASN D 170 -2.13 -24.29 -7.63
N VAL D 171 -2.29 -23.71 -8.82
CA VAL D 171 -1.36 -22.69 -9.28
C VAL D 171 -1.50 -21.46 -8.41
N HIS D 172 -2.73 -21.08 -8.11
CA HIS D 172 -2.94 -19.89 -7.30
C HIS D 172 -2.56 -20.11 -5.83
N SER D 173 -2.44 -21.36 -5.41
CA SER D 173 -2.03 -21.69 -4.07
C SER D 173 -0.53 -21.84 -3.95
N SER D 174 0.15 -21.91 -5.08
CA SER D 174 1.56 -22.24 -5.08
C SER D 174 2.33 -21.18 -4.31
N GLY D 175 3.11 -21.64 -3.33
CA GLY D 175 3.82 -20.72 -2.46
C GLY D 175 2.97 -19.92 -1.52
N VAL D 176 1.69 -20.25 -1.37
CA VAL D 176 0.78 -19.57 -0.43
C VAL D 176 0.41 -20.49 0.73
N ILE D 177 -0.01 -21.71 0.41
CA ILE D 177 -0.25 -22.78 1.37
C ILE D 177 0.48 -24.04 0.94
N PRO D 178 1.01 -24.84 1.86
CA PRO D 178 1.68 -26.09 1.47
C PRO D 178 0.69 -27.10 0.89
N GLN D 179 1.15 -27.83 -0.12
CA GLN D 179 0.31 -28.72 -0.89
C GLN D 179 1.08 -30.01 -1.09
N ILE D 180 0.55 -31.09 -0.58
CA ILE D 180 1.17 -32.40 -0.68
C ILE D 180 0.19 -33.35 -1.37
N SER D 181 0.71 -34.17 -2.29
CA SER D 181 -0.05 -35.25 -2.92
C SER D 181 0.49 -36.62 -2.50
N LEU D 182 -0.41 -37.47 -2.04
CA LEU D 182 -0.10 -38.88 -1.83
C LEU D 182 -0.64 -39.66 -3.03
N ILE D 183 0.21 -40.46 -3.64
CA ILE D 183 -0.20 -41.22 -4.83
C ILE D 183 -0.32 -42.68 -4.41
N MET D 184 -1.55 -43.15 -4.19
CA MET D 184 -1.79 -44.43 -3.54
C MET D 184 -2.62 -45.37 -4.41
N GLY D 185 -2.30 -45.40 -5.69
CA GLY D 185 -3.03 -46.18 -6.65
C GLY D 185 -2.65 -45.70 -8.02
N PRO D 186 -3.43 -46.04 -9.03
CA PRO D 186 -3.19 -45.49 -10.37
C PRO D 186 -3.42 -43.98 -10.45
N CYS D 187 -2.65 -43.34 -11.32
CA CYS D 187 -2.82 -41.90 -11.53
C CYS D 187 -2.44 -41.60 -12.98
N ALA D 188 -3.44 -41.53 -13.86
CA ALA D 188 -3.19 -41.40 -15.28
C ALA D 188 -4.01 -40.27 -15.89
N GLY D 189 -3.51 -39.74 -16.99
CA GLY D 189 -4.30 -38.82 -17.79
C GLY D 189 -4.58 -37.54 -17.04
N GLY D 190 -5.85 -37.15 -16.95
CA GLY D 190 -6.17 -35.92 -16.23
C GLY D 190 -5.71 -35.93 -14.79
N SER D 191 -5.63 -37.11 -14.17
CA SER D 191 -5.32 -37.17 -12.76
C SER D 191 -3.87 -36.83 -12.44
N VAL D 192 -3.00 -36.69 -13.45
CA VAL D 192 -1.62 -36.32 -13.15
C VAL D 192 -1.42 -34.82 -12.95
N TYR D 193 -2.40 -34.00 -13.26
CA TYR D 193 -2.15 -32.56 -13.32
C TYR D 193 -2.05 -31.96 -11.92
N SER D 194 -3.06 -32.18 -11.08
CA SER D 194 -2.98 -31.56 -9.75
C SER D 194 -1.73 -32.01 -9.01
N PRO D 195 -1.47 -33.30 -8.80
CA PRO D 195 -0.20 -33.68 -8.13
C PRO D 195 1.06 -33.05 -8.73
N ALA D 196 1.10 -32.78 -10.03
CA ALA D 196 2.27 -32.16 -10.62
C ALA D 196 2.45 -30.73 -10.12
N LEU D 197 1.36 -30.04 -9.81
CA LEU D 197 1.45 -28.67 -9.32
C LEU D 197 1.58 -28.56 -7.80
N THR D 198 1.31 -29.62 -7.05
CA THR D 198 1.60 -29.53 -5.63
C THR D 198 3.10 -29.52 -5.39
N ASP D 199 3.49 -29.27 -4.13
CA ASP D 199 4.89 -29.10 -3.80
C ASP D 199 5.62 -30.41 -3.66
N PHE D 200 4.93 -31.44 -3.20
CA PHE D 200 5.54 -32.72 -2.93
C PHE D 200 4.61 -33.83 -3.37
N THR D 201 5.18 -34.82 -4.04
CA THR D 201 4.45 -35.99 -4.48
C THR D 201 5.04 -37.20 -3.78
N VAL D 202 4.22 -37.91 -3.01
CA VAL D 202 4.66 -39.08 -2.27
C VAL D 202 3.94 -40.28 -2.83
N MET D 203 4.69 -41.28 -3.27
CA MET D 203 4.12 -42.50 -3.86
C MET D 203 4.28 -43.65 -2.88
N VAL D 204 3.56 -44.73 -3.17
CA VAL D 204 3.58 -45.93 -2.35
C VAL D 204 4.06 -47.09 -3.20
N LYS D 205 5.01 -47.87 -2.67
CA LYS D 205 5.54 -49.03 -3.38
C LYS D 205 4.47 -50.08 -3.59
N ASP D 206 4.50 -50.70 -4.78
CA ASP D 206 3.72 -51.88 -5.18
C ASP D 206 2.24 -51.62 -5.46
N ILE D 207 1.71 -50.42 -5.20
CA ILE D 207 0.31 -50.16 -5.49
C ILE D 207 0.08 -48.99 -6.42
N SER D 208 1.08 -48.15 -6.68
CA SER D 208 0.88 -46.88 -7.35
C SER D 208 1.70 -46.77 -8.64
N TYR D 209 1.21 -45.94 -9.55
CA TYR D 209 1.97 -45.51 -10.73
C TYR D 209 1.32 -44.26 -11.29
N MET D 210 2.02 -43.60 -12.22
CA MET D 210 1.64 -42.30 -12.79
C MET D 210 2.16 -42.20 -14.21
N PHE D 211 1.33 -41.70 -15.12
CA PHE D 211 1.76 -41.39 -16.49
C PHE D 211 0.68 -40.60 -17.22
N VAL D 212 1.07 -39.88 -18.28
CA VAL D 212 0.08 -39.19 -19.07
C VAL D 212 -0.60 -40.15 -20.04
N THR D 213 0.20 -40.87 -20.81
CA THR D 213 -0.29 -41.81 -21.82
C THR D 213 -0.20 -43.21 -21.24
N GLY D 214 -1.15 -44.06 -21.61
CA GLY D 214 -1.24 -45.37 -21.01
C GLY D 214 -0.18 -46.35 -21.48
N PRO D 215 -0.05 -47.47 -20.77
CA PRO D 215 0.92 -48.50 -21.20
C PRO D 215 0.56 -49.14 -22.54
N GLU D 216 -0.70 -49.51 -22.74
CA GLU D 216 -1.17 -49.97 -24.06
C GLU D 216 -0.61 -49.08 -25.15
N VAL D 217 -1.02 -47.81 -25.09
CA VAL D 217 -0.89 -46.93 -26.24
C VAL D 217 0.57 -46.64 -26.51
N VAL D 218 1.34 -46.40 -25.45
CA VAL D 218 2.77 -46.18 -25.64
C VAL D 218 3.38 -47.39 -26.32
N SER D 219 2.91 -48.58 -25.99
CA SER D 219 3.33 -49.74 -26.76
C SER D 219 2.89 -49.59 -28.23
N ALA D 220 3.89 -49.43 -29.10
CA ALA D 220 3.84 -49.16 -30.55
C ALA D 220 4.98 -48.19 -30.91
N GLN D 225 6.95 -52.42 -26.41
CA GLN D 225 5.95 -53.03 -25.54
C GLN D 225 6.35 -52.93 -24.05
N VAL D 226 5.69 -52.02 -23.33
CA VAL D 226 6.11 -51.67 -21.98
C VAL D 226 4.96 -51.83 -21.00
N THR D 227 5.31 -52.10 -19.76
CA THR D 227 4.37 -52.33 -18.67
C THR D 227 3.97 -51.01 -17.98
N ALA D 228 3.10 -51.09 -16.97
CA ALA D 228 2.78 -49.89 -16.19
C ALA D 228 3.93 -49.48 -15.28
N GLU D 229 4.55 -50.44 -14.61
CA GLU D 229 5.64 -50.11 -13.70
C GLU D 229 6.86 -49.58 -14.45
N GLN D 230 7.19 -50.19 -15.59
CA GLN D 230 8.28 -49.69 -16.42
C GLN D 230 7.98 -48.30 -16.95
N LEU D 231 6.71 -47.99 -17.14
CA LEU D 231 6.37 -46.68 -17.67
C LEU D 231 6.40 -45.62 -16.58
N GLY D 232 5.78 -45.92 -15.44
CA GLY D 232 5.71 -44.96 -14.37
C GLY D 232 5.50 -45.52 -12.99
N GLY D 233 6.13 -46.64 -12.66
CA GLY D 233 6.09 -47.14 -11.31
C GLY D 233 6.82 -46.22 -10.34
N PRO D 234 6.73 -46.48 -9.04
CA PRO D 234 7.42 -45.61 -8.09
C PRO D 234 8.91 -45.47 -8.36
N ALA D 235 9.60 -46.54 -8.73
CA ALA D 235 11.05 -46.47 -8.83
C ALA D 235 11.48 -45.56 -9.99
N VAL D 236 10.68 -45.53 -11.05
CA VAL D 236 10.99 -44.64 -12.17
C VAL D 236 10.87 -43.20 -11.73
N HIS D 237 9.81 -42.88 -11.00
CA HIS D 237 9.55 -41.50 -10.64
C HIS D 237 10.46 -41.01 -9.53
N ALA D 238 10.94 -41.91 -8.66
CA ALA D 238 11.85 -41.53 -7.58
C ALA D 238 13.31 -41.50 -7.99
N GLU D 239 13.69 -42.21 -9.05
CA GLU D 239 15.11 -42.34 -9.37
C GLU D 239 15.48 -41.81 -10.73
N VAL D 240 14.55 -41.72 -11.68
CA VAL D 240 14.86 -41.32 -13.04
C VAL D 240 14.21 -39.99 -13.39
N SER D 241 12.90 -39.87 -13.17
CA SER D 241 12.12 -38.72 -13.61
C SER D 241 12.05 -37.61 -12.57
N GLY D 242 12.16 -37.93 -11.30
CA GLY D 242 12.13 -36.92 -10.25
C GLY D 242 10.76 -36.44 -9.85
N ASN D 243 9.69 -37.00 -10.44
CA ASN D 243 8.33 -36.62 -10.08
C ASN D 243 8.00 -36.98 -8.65
N ALA D 244 8.64 -38.00 -8.10
CA ALA D 244 8.33 -38.46 -6.76
C ALA D 244 9.38 -37.91 -5.80
N HIS D 245 8.94 -37.30 -4.71
CA HIS D 245 9.87 -36.86 -3.69
C HIS D 245 10.18 -37.96 -2.70
N TYR D 246 9.36 -39.00 -2.64
CA TYR D 246 9.50 -40.05 -1.64
C TYR D 246 8.61 -41.21 -2.03
N VAL D 247 9.09 -42.42 -1.78
CA VAL D 247 8.30 -43.64 -2.03
C VAL D 247 8.22 -44.42 -0.73
N GLY D 248 7.04 -44.48 -0.14
CA GLY D 248 6.87 -45.24 1.09
C GLY D 248 6.89 -46.74 0.84
N ASP D 249 7.39 -47.47 1.83
CA ASP D 249 7.42 -48.93 1.71
C ASP D 249 6.02 -49.49 1.66
N ASP D 250 5.11 -48.88 2.39
CA ASP D 250 3.70 -49.23 2.39
C ASP D 250 2.93 -47.95 2.66
N GLU D 251 1.61 -48.05 2.72
CA GLU D 251 0.81 -46.84 2.92
C GLU D 251 1.13 -46.16 4.25
N GLN D 252 1.39 -46.92 5.29
CA GLN D 252 1.59 -46.30 6.58
C GLN D 252 2.88 -45.46 6.59
N ASP D 253 3.91 -45.94 5.90
CA ASP D 253 5.16 -45.19 5.79
C ASP D 253 4.95 -43.87 5.04
N ALA D 254 4.23 -43.90 3.93
CA ALA D 254 3.95 -42.68 3.20
C ALA D 254 3.21 -41.65 4.06
N ILE D 255 2.16 -42.08 4.75
CA ILE D 255 1.36 -41.14 5.52
C ILE D 255 2.20 -40.53 6.63
N SER D 256 2.98 -41.35 7.33
CA SER D 256 3.80 -40.82 8.42
C SER D 256 4.87 -39.90 7.88
N TRP D 257 5.35 -40.14 6.67
CA TRP D 257 6.30 -39.23 6.05
C TRP D 257 5.65 -37.87 5.81
N VAL D 258 4.38 -37.84 5.39
CA VAL D 258 3.70 -36.57 5.24
C VAL D 258 3.48 -35.89 6.58
N GLN D 259 3.12 -36.65 7.59
CA GLN D 259 2.93 -36.03 8.89
C GLN D 259 4.21 -35.35 9.36
N THR D 260 5.35 -36.00 9.16
CA THR D 260 6.63 -35.43 9.56
C THR D 260 6.93 -34.19 8.73
N LEU D 261 6.74 -34.28 7.42
CA LEU D 261 6.94 -33.11 6.58
C LEU D 261 6.18 -31.92 7.12
N LEU D 262 4.88 -32.10 7.38
CA LEU D 262 4.08 -31.00 7.91
C LEU D 262 4.64 -30.50 9.24
N GLY D 263 5.34 -31.34 9.98
CA GLY D 263 5.81 -30.93 11.28
C GLY D 263 6.90 -29.88 11.23
N TYR D 264 7.52 -29.70 10.07
CA TYR D 264 8.51 -28.67 9.83
C TYR D 264 7.90 -27.40 9.27
N LEU D 265 6.67 -27.45 8.79
CA LEU D 265 6.28 -26.38 7.92
C LEU D 265 5.31 -25.42 8.58
N PRO D 266 5.30 -24.17 8.16
CA PRO D 266 4.25 -23.27 8.57
C PRO D 266 2.94 -23.69 7.94
N PRO D 267 1.82 -23.17 8.44
CA PRO D 267 0.53 -23.41 7.77
C PRO D 267 0.33 -22.63 6.47
N ASN D 268 1.02 -21.52 6.28
CA ASN D 268 0.87 -20.69 5.09
C ASN D 268 2.13 -19.86 5.00
N ASN D 269 2.14 -18.90 4.10
CA ASN D 269 3.34 -18.13 3.85
C ASN D 269 3.42 -16.89 4.70
N LEU D 270 2.51 -16.70 5.64
CA LEU D 270 2.56 -15.60 6.59
C LEU D 270 2.84 -16.04 8.02
N ASP D 271 2.19 -17.07 8.52
CA ASP D 271 2.28 -17.46 9.91
C ASP D 271 3.58 -18.23 10.13
N PRO D 272 4.15 -18.16 11.34
CA PRO D 272 5.47 -18.76 11.57
C PRO D 272 5.43 -20.26 11.69
N ALA D 273 6.58 -20.86 11.35
CA ALA D 273 6.79 -22.29 11.43
C ALA D 273 6.84 -22.71 12.90
N PRO D 274 6.57 -23.97 13.20
CA PRO D 274 6.53 -24.36 14.62
C PRO D 274 7.92 -24.31 15.21
N VAL D 275 7.99 -24.03 16.51
CA VAL D 275 9.26 -23.98 17.22
C VAL D 275 9.23 -25.01 18.34
N TYR D 276 10.10 -26.01 18.25
CA TYR D 276 10.10 -27.10 19.21
C TYR D 276 11.16 -26.88 20.28
N ASP D 277 11.12 -27.73 21.30
CA ASP D 277 12.14 -27.72 22.33
C ASP D 277 13.34 -28.53 21.87
N HIS D 278 14.48 -28.28 22.50
CA HIS D 278 15.69 -28.98 22.13
C HIS D 278 16.56 -29.20 23.36
N ASP D 279 17.42 -30.23 23.24
CA ASP D 279 18.46 -30.47 24.22
C ASP D 279 19.85 -30.40 23.57
N CYS D 280 20.19 -29.23 23.04
CA CYS D 280 21.50 -29.00 22.43
C CYS D 280 22.48 -28.55 23.50
N ALA D 281 23.66 -29.15 23.48
CA ALA D 281 24.67 -28.85 24.50
C ALA D 281 25.37 -27.54 24.18
N PRO D 282 25.52 -26.65 25.16
CA PRO D 282 26.06 -25.32 24.89
C PRO D 282 27.56 -25.25 24.63
N GLY D 283 28.28 -26.38 24.73
CA GLY D 283 29.71 -26.40 24.50
C GLY D 283 30.10 -27.40 23.43
N ILE D 284 31.36 -27.79 23.40
CA ILE D 284 31.87 -28.71 22.38
C ILE D 284 31.64 -30.14 22.84
N THR D 285 30.94 -30.92 22.02
CA THR D 285 30.78 -32.35 22.26
C THR D 285 31.74 -33.12 21.38
N GLU D 286 31.86 -34.42 21.64
CA GLU D 286 32.78 -35.18 20.80
C GLU D 286 32.21 -35.46 19.43
N ALA D 287 30.88 -35.48 19.28
CA ALA D 287 30.32 -35.44 17.93
C ALA D 287 30.75 -34.18 17.20
N ASP D 288 30.85 -33.05 17.91
CA ASP D 288 31.39 -31.83 17.32
C ASP D 288 32.84 -32.03 16.91
N LEU D 289 33.65 -32.60 17.80
CA LEU D 289 35.07 -32.80 17.50
C LEU D 289 35.27 -33.75 16.32
N ALA D 290 34.37 -34.69 16.11
CA ALA D 290 34.59 -35.65 15.04
C ALA D 290 34.73 -34.95 13.70
N LEU D 291 34.14 -33.77 13.55
CA LEU D 291 34.21 -33.10 12.25
C LEU D 291 35.63 -32.67 11.93
N ASP D 292 36.51 -32.64 12.92
CA ASP D 292 37.89 -32.26 12.71
C ASP D 292 38.67 -33.32 11.96
N THR D 293 38.18 -34.57 11.95
CA THR D 293 38.86 -35.66 11.25
C THR D 293 37.99 -36.27 10.14
N VAL D 294 36.85 -35.64 9.82
CA VAL D 294 35.96 -36.16 8.80
C VAL D 294 36.53 -35.98 7.41
N ILE D 295 37.29 -34.91 7.16
CA ILE D 295 37.85 -34.72 5.83
C ILE D 295 39.11 -35.58 5.64
N PRO D 296 39.13 -36.47 4.66
CA PRO D 296 40.30 -37.32 4.46
C PRO D 296 41.52 -36.53 4.02
N ASP D 297 42.70 -37.10 4.27
CA ASP D 297 43.93 -36.45 3.82
C ASP D 297 44.08 -36.51 2.30
N SER D 298 43.56 -37.54 1.66
CA SER D 298 43.71 -37.68 0.21
C SER D 298 42.66 -36.88 -0.54
N GLU D 299 43.11 -36.18 -1.57
CA GLU D 299 42.18 -35.53 -2.48
C GLU D 299 41.28 -36.56 -3.15
N GLN D 300 41.84 -37.74 -3.46
CA GLN D 300 41.07 -38.81 -4.09
C GLN D 300 39.99 -39.34 -3.17
N GLN D 301 40.20 -39.24 -1.85
CA GLN D 301 39.30 -39.86 -0.90
C GLN D 301 38.03 -39.04 -0.75
N VAL D 302 36.96 -39.73 -0.40
CA VAL D 302 35.64 -39.15 -0.32
C VAL D 302 35.11 -39.39 1.09
N TYR D 303 34.12 -38.61 1.49
CA TYR D 303 33.50 -38.74 2.81
C TYR D 303 31.97 -38.62 2.66
N ASP D 304 31.25 -38.91 3.73
CA ASP D 304 29.79 -38.86 3.72
C ASP D 304 29.34 -37.51 4.31
N MET D 305 28.82 -36.64 3.45
CA MET D 305 28.36 -35.32 3.92
C MET D 305 27.32 -35.43 5.03
N ALA D 306 26.60 -36.55 5.12
CA ALA D 306 25.64 -36.73 6.19
C ALA D 306 26.30 -36.76 7.56
N ASP D 307 27.57 -37.14 7.64
CA ASP D 307 28.22 -37.04 8.94
C ASP D 307 28.23 -35.59 9.39
N VAL D 308 28.46 -34.66 8.46
CA VAL D 308 28.46 -33.25 8.80
C VAL D 308 27.07 -32.80 9.20
N ILE D 309 26.10 -33.08 8.34
CA ILE D 309 24.74 -32.58 8.53
C ILE D 309 24.18 -33.03 9.89
N THR D 310 24.34 -34.32 10.22
CA THR D 310 23.82 -34.80 11.50
C THR D 310 24.61 -34.26 12.69
N ALA D 311 25.88 -33.93 12.50
CA ALA D 311 26.60 -33.23 13.57
C ALA D 311 25.96 -31.88 13.89
N VAL D 312 25.45 -31.18 12.88
CA VAL D 312 24.94 -29.83 13.09
C VAL D 312 23.49 -29.82 13.55
N LEU D 313 22.64 -30.67 13.00
CA LEU D 313 21.20 -30.60 13.23
C LEU D 313 20.79 -31.23 14.54
N ASP D 314 19.73 -30.70 15.13
CA ASP D 314 19.22 -31.23 16.39
C ASP D 314 18.97 -32.71 16.24
N ASP D 315 19.47 -33.47 17.21
CA ASP D 315 19.28 -34.91 17.32
C ASP D 315 19.84 -35.68 16.14
N GLY D 316 20.65 -35.02 15.30
CA GLY D 316 21.16 -35.61 14.08
C GLY D 316 20.06 -36.18 13.22
N ASP D 317 18.89 -35.57 13.28
CA ASP D 317 17.76 -36.10 12.53
C ASP D 317 17.45 -35.16 11.39
N TYR D 318 16.94 -35.72 10.31
CA TYR D 318 16.45 -34.90 9.23
C TYR D 318 15.57 -35.74 8.34
N LEU D 319 14.58 -35.10 7.74
CA LEU D 319 13.77 -35.70 6.70
C LEU D 319 14.36 -35.30 5.35
N GLU D 320 14.75 -36.29 4.57
CA GLU D 320 15.33 -36.02 3.26
C GLU D 320 14.25 -35.94 2.18
N ILE D 321 14.37 -34.96 1.30
CA ILE D 321 13.53 -34.81 0.12
C ILE D 321 14.28 -35.40 -1.06
N HIS D 322 13.56 -36.11 -1.96
CA HIS D 322 14.17 -36.73 -3.13
C HIS D 322 15.35 -37.62 -2.77
N PRO D 323 15.30 -38.43 -1.70
CA PRO D 323 16.51 -39.16 -1.28
C PRO D 323 17.06 -40.14 -2.30
N ASP D 324 16.25 -40.64 -3.23
CA ASP D 324 16.69 -41.57 -4.24
C ASP D 324 16.89 -40.92 -5.59
N PHE D 325 16.73 -39.61 -5.70
CA PHE D 325 16.90 -38.87 -6.94
C PHE D 325 18.06 -37.90 -6.76
N ALA D 326 18.94 -37.85 -7.75
CA ALA D 326 20.13 -36.99 -7.73
C ALA D 326 20.88 -37.09 -6.40
N ARG D 327 21.37 -38.29 -6.12
CA ARG D 327 22.05 -38.55 -4.87
C ARG D 327 23.33 -37.73 -4.69
N ASN D 328 23.79 -37.02 -5.71
CA ASN D 328 24.99 -36.19 -5.57
C ASN D 328 24.71 -34.86 -4.90
N ILE D 329 23.51 -34.66 -4.41
CA ILE D 329 23.18 -33.47 -3.66
C ILE D 329 22.14 -33.92 -2.66
N ILE D 330 22.15 -33.32 -1.48
CA ILE D 330 21.20 -33.68 -0.44
C ILE D 330 20.28 -32.49 -0.21
N CYS D 331 18.98 -32.75 -0.08
CA CYS D 331 18.02 -31.71 0.28
C CYS D 331 17.19 -32.22 1.44
N ALA D 332 17.24 -31.54 2.59
CA ALA D 332 16.62 -32.09 3.78
C ALA D 332 16.04 -30.99 4.65
N LEU D 333 15.06 -31.37 5.46
CA LEU D 333 14.53 -30.50 6.51
C LEU D 333 15.02 -31.00 7.88
N GLY D 334 15.64 -30.11 8.64
CA GLY D 334 16.08 -30.45 9.98
C GLY D 334 15.68 -29.35 10.94
N ARG D 335 16.28 -29.32 12.12
CA ARG D 335 16.01 -28.25 13.06
C ARG D 335 17.32 -27.86 13.73
N VAL D 336 17.45 -26.58 14.06
CA VAL D 336 18.54 -26.09 14.88
C VAL D 336 17.97 -25.29 16.04
N GLU D 337 18.27 -25.71 17.26
CA GLU D 337 17.72 -25.09 18.46
C GLU D 337 16.19 -25.00 18.39
N GLY D 338 15.58 -26.01 17.77
CA GLY D 338 14.15 -26.11 17.68
C GLY D 338 13.51 -25.37 16.51
N HIS D 339 14.29 -24.71 15.66
CA HIS D 339 13.75 -23.99 14.51
C HIS D 339 13.97 -24.78 13.23
N SER D 340 12.93 -24.86 12.41
CA SER D 340 13.08 -25.48 11.10
C SER D 340 14.21 -24.83 10.33
N VAL D 341 15.00 -25.66 9.67
CA VAL D 341 16.10 -25.19 8.83
C VAL D 341 16.19 -26.12 7.63
N ALA D 342 16.40 -25.56 6.46
CA ALA D 342 16.52 -26.33 5.23
C ALA D 342 17.99 -26.60 4.94
N VAL D 343 18.29 -27.82 4.54
CA VAL D 343 19.68 -28.20 4.26
C VAL D 343 19.81 -28.54 2.75
N VAL D 344 20.73 -27.86 2.09
CA VAL D 344 21.16 -28.18 0.73
C VAL D 344 22.65 -28.41 0.81
N ALA D 345 23.10 -29.58 0.39
CA ALA D 345 24.49 -30.00 0.57
C ALA D 345 24.98 -30.85 -0.61
N ASN D 346 26.17 -30.54 -1.10
CA ASN D 346 26.76 -31.43 -2.10
C ASN D 346 27.17 -32.69 -1.40
N GLN D 347 27.02 -33.83 -2.07
CA GLN D 347 27.28 -35.13 -1.43
C GLN D 347 28.39 -35.83 -2.15
N PRO D 348 29.61 -35.86 -1.61
CA PRO D 348 30.74 -36.39 -2.39
C PRO D 348 30.68 -37.88 -2.65
N ARG D 349 29.85 -38.64 -1.92
CA ARG D 349 29.80 -40.09 -2.12
C ARG D 349 29.31 -40.48 -3.51
N HIS D 350 28.46 -39.67 -4.14
CA HIS D 350 27.99 -39.93 -5.50
C HIS D 350 28.55 -38.87 -6.45
N LEU D 351 29.23 -39.33 -7.51
CA LEU D 351 29.84 -38.48 -8.54
C LEU D 351 30.73 -37.38 -7.95
N ALA D 352 31.30 -37.63 -6.76
CA ALA D 352 32.17 -36.68 -6.07
C ALA D 352 31.47 -35.36 -5.83
N GLY D 353 30.15 -35.41 -5.66
CA GLY D 353 29.42 -34.21 -5.34
C GLY D 353 29.45 -33.17 -6.44
N VAL D 354 29.59 -33.57 -7.69
CA VAL D 354 29.41 -32.60 -8.76
C VAL D 354 27.94 -32.22 -8.89
N LEU D 355 27.69 -31.11 -9.56
CA LEU D 355 26.34 -30.75 -9.93
C LEU D 355 26.03 -31.24 -11.34
N ASP D 356 24.82 -31.77 -11.53
CA ASP D 356 24.35 -32.09 -12.87
C ASP D 356 22.93 -31.57 -13.02
N ILE D 357 22.32 -31.87 -14.17
CA ILE D 357 20.96 -31.41 -14.44
C ILE D 357 20.02 -31.80 -13.31
N ASP D 358 19.95 -33.10 -13.02
CA ASP D 358 19.03 -33.60 -12.01
C ASP D 358 19.29 -32.97 -10.64
N ALA D 359 20.56 -32.82 -10.27
CA ALA D 359 20.84 -32.22 -8.97
C ALA D 359 20.41 -30.77 -8.97
N SER D 360 20.69 -30.05 -10.03
CA SER D 360 20.32 -28.65 -10.05
C SER D 360 18.80 -28.46 -9.96
N GLU D 361 18.02 -29.28 -10.67
CA GLU D 361 16.58 -29.05 -10.62
C GLU D 361 15.97 -29.48 -9.30
N LYS D 362 16.53 -30.53 -8.69
CA LYS D 362 16.04 -31.03 -7.42
C LYS D 362 16.23 -30.00 -6.33
N ALA D 363 17.41 -29.40 -6.28
CA ALA D 363 17.70 -28.40 -5.25
C ALA D 363 17.02 -27.08 -5.57
N ALA D 364 16.96 -26.69 -6.85
CA ALA D 364 16.35 -25.41 -7.21
C ALA D 364 14.91 -25.34 -6.71
N ARG D 365 14.12 -26.38 -6.97
CA ARG D 365 12.72 -26.32 -6.55
C ARG D 365 12.62 -26.42 -5.05
N PHE D 366 13.49 -27.20 -4.42
CA PHE D 366 13.48 -27.26 -2.97
C PHE D 366 13.67 -25.87 -2.37
N ILE D 367 14.69 -25.14 -2.83
CA ILE D 367 15.04 -23.85 -2.24
C ILE D 367 13.91 -22.86 -2.45
N ARG D 368 13.36 -22.81 -3.66
CA ARG D 368 12.25 -21.91 -3.92
C ARG D 368 11.06 -22.19 -3.04
N PHE D 369 10.75 -23.47 -2.78
CA PHE D 369 9.67 -23.78 -1.86
C PHE D 369 9.99 -23.26 -0.47
N CYS D 370 11.17 -23.57 0.06
CA CYS D 370 11.55 -23.07 1.36
C CYS D 370 11.49 -21.55 1.42
N ASP D 371 12.06 -20.89 0.42
CA ASP D 371 12.03 -19.44 0.43
C ASP D 371 10.60 -18.95 0.44
N SER D 372 9.71 -19.65 -0.26
CA SER D 372 8.32 -19.22 -0.29
C SER D 372 7.69 -19.31 1.08
N PHE D 373 8.10 -20.28 1.89
CA PHE D 373 7.52 -20.51 3.19
C PHE D 373 8.47 -20.15 4.32
N ASN D 374 9.47 -19.31 4.03
CA ASN D 374 10.26 -18.56 5.00
C ASN D 374 11.11 -19.46 5.86
N ILE D 375 11.63 -20.53 5.27
CA ILE D 375 12.53 -21.43 5.98
C ILE D 375 13.96 -21.11 5.56
N PRO D 376 14.84 -20.71 6.48
CA PRO D 376 16.21 -20.38 6.11
C PRO D 376 16.94 -21.60 5.60
N VAL D 377 17.95 -21.37 4.76
CA VAL D 377 18.59 -22.38 3.95
C VAL D 377 20.05 -22.45 4.35
N LEU D 378 20.47 -23.59 4.84
CA LEU D 378 21.84 -23.87 5.26
C LEU D 378 22.53 -24.75 4.22
N THR D 379 23.60 -24.25 3.62
CA THR D 379 24.28 -24.96 2.55
C THR D 379 25.60 -25.54 3.03
N PHE D 380 25.91 -26.78 2.63
CA PHE D 380 27.19 -27.42 2.86
C PHE D 380 27.88 -27.64 1.51
N MET D 381 28.91 -26.86 1.23
CA MET D 381 29.48 -26.79 -0.11
C MET D 381 30.72 -27.67 -0.23
N ASP D 382 30.70 -28.59 -1.19
CA ASP D 382 31.87 -29.37 -1.59
C ASP D 382 31.64 -29.79 -3.04
N VAL D 383 31.96 -28.91 -3.98
CA VAL D 383 31.60 -29.07 -5.37
C VAL D 383 32.81 -28.92 -6.28
N PRO D 384 33.21 -29.96 -7.03
CA PRO D 384 34.35 -29.80 -7.94
C PRO D 384 33.99 -29.23 -9.31
N GLY D 385 32.73 -29.02 -9.58
CA GLY D 385 32.29 -28.47 -10.84
C GLY D 385 31.10 -29.24 -11.35
N TYR D 386 30.77 -28.99 -12.61
CA TYR D 386 29.60 -29.62 -13.17
C TYR D 386 30.01 -30.91 -13.86
N LEU D 387 29.08 -31.85 -13.91
CA LEU D 387 29.29 -33.13 -14.58
C LEU D 387 29.39 -32.97 -16.08
N PRO D 388 30.50 -33.33 -16.71
CA PRO D 388 30.66 -33.06 -18.14
C PRO D 388 30.09 -34.16 -19.00
N GLY D 389 29.76 -33.81 -20.23
CA GLY D 389 29.12 -34.79 -21.08
C GLY D 389 28.34 -34.17 -22.23
N VAL D 390 28.25 -34.87 -23.36
CA VAL D 390 27.40 -34.44 -24.45
C VAL D 390 25.94 -34.46 -24.00
N GLY D 391 25.59 -35.46 -23.20
CA GLY D 391 24.22 -35.50 -22.71
C GLY D 391 23.88 -34.24 -21.95
N GLN D 392 24.71 -33.91 -20.96
CA GLN D 392 24.47 -32.72 -20.16
C GLN D 392 24.26 -31.51 -21.04
N GLU D 393 25.14 -31.31 -22.01
CA GLU D 393 25.03 -30.13 -22.88
C GLU D 393 23.78 -30.17 -23.73
N HIS D 394 23.51 -31.30 -24.41
CA HIS D 394 22.40 -31.38 -25.34
C HIS D 394 21.05 -31.39 -24.64
N GLN D 395 21.01 -31.87 -23.41
CA GLN D 395 19.75 -31.90 -22.69
C GLN D 395 19.50 -30.60 -21.94
N GLY D 396 20.37 -29.61 -22.10
CA GLY D 396 20.10 -28.29 -21.58
C GLY D 396 20.68 -27.93 -20.23
N ILE D 397 21.90 -28.35 -19.90
CA ILE D 397 22.43 -28.03 -18.58
C ILE D 397 22.53 -26.52 -18.38
N ILE D 398 22.65 -25.76 -19.46
CA ILE D 398 22.75 -24.31 -19.34
C ILE D 398 21.46 -23.74 -18.76
N ARG D 399 20.33 -23.95 -19.42
CA ARG D 399 19.10 -23.36 -18.89
C ARG D 399 18.51 -24.16 -17.72
N ARG D 400 18.77 -25.47 -17.64
CA ARG D 400 18.22 -26.23 -16.53
C ARG D 400 19.13 -26.19 -15.32
N GLY D 401 20.45 -26.17 -15.52
CA GLY D 401 21.32 -26.01 -14.37
C GLY D 401 21.28 -24.61 -13.79
N ILE D 402 20.97 -23.60 -14.61
CA ILE D 402 20.95 -22.26 -14.07
C ILE D 402 19.78 -22.05 -13.13
N LYS D 403 18.81 -22.96 -13.12
CA LYS D 403 17.66 -22.80 -12.24
C LYS D 403 18.08 -22.69 -10.79
N LEU D 404 19.18 -23.36 -10.42
CA LEU D 404 19.65 -23.33 -9.05
C LEU D 404 20.26 -21.97 -8.72
N PHE D 405 21.01 -21.42 -9.65
CA PHE D 405 21.49 -20.06 -9.46
C PHE D 405 20.33 -19.11 -9.25
N TYR D 406 19.30 -19.16 -10.11
CA TYR D 406 18.16 -18.27 -10.00
C TYR D 406 17.46 -18.46 -8.67
N ALA D 407 17.45 -19.68 -8.15
CA ALA D 407 16.72 -19.96 -6.92
C ALA D 407 17.42 -19.36 -5.72
N TYR D 408 18.74 -19.53 -5.64
CA TYR D 408 19.50 -18.92 -4.56
C TYR D 408 19.38 -17.41 -4.64
N ALA D 409 19.65 -16.84 -5.82
CA ALA D 409 19.74 -15.39 -5.94
C ALA D 409 18.40 -14.72 -5.70
N GLU D 410 17.30 -15.43 -5.95
CA GLU D 410 15.98 -14.85 -5.77
C GLU D 410 15.54 -14.89 -4.33
N SER D 411 16.02 -15.89 -3.60
CA SER D 411 15.59 -16.14 -2.25
C SER D 411 15.96 -14.95 -1.39
N THR D 412 15.14 -14.70 -0.37
CA THR D 412 15.42 -13.67 0.61
C THR D 412 15.50 -14.23 2.02
N VAL D 413 15.23 -15.52 2.23
CA VAL D 413 15.34 -16.15 3.55
C VAL D 413 16.78 -16.12 4.01
N PRO D 414 17.05 -16.24 5.31
CA PRO D 414 18.43 -16.28 5.76
C PRO D 414 19.16 -17.44 5.11
N LYS D 415 20.42 -17.21 4.75
CA LYS D 415 21.27 -18.23 4.16
C LYS D 415 22.62 -18.30 4.88
N ILE D 416 22.97 -19.49 5.39
CA ILE D 416 24.29 -19.74 5.97
C ILE D 416 24.97 -20.85 5.20
N THR D 417 26.21 -20.62 4.77
CA THR D 417 26.94 -21.55 3.94
C THR D 417 28.23 -22.01 4.63
N VAL D 418 28.40 -23.31 4.73
CA VAL D 418 29.59 -23.92 5.29
C VAL D 418 30.32 -24.59 4.15
N ILE D 419 31.57 -24.21 3.95
CA ILE D 419 32.39 -24.75 2.89
C ILE D 419 33.35 -25.73 3.54
N THR D 420 33.20 -27.01 3.19
CA THR D 420 33.98 -28.10 3.76
C THR D 420 35.18 -28.49 2.93
N ARG D 421 35.07 -28.52 1.59
CA ARG D 421 36.22 -28.93 0.80
C ARG D 421 36.23 -28.24 -0.57
N LYS D 422 35.96 -28.95 -1.66
CA LYS D 422 36.07 -28.34 -2.98
C LYS D 422 35.14 -27.14 -3.12
N ALA D 423 35.57 -26.14 -3.87
CA ALA D 423 34.78 -24.93 -4.05
C ALA D 423 35.20 -24.22 -5.32
N TYR D 424 34.92 -24.81 -6.47
CA TYR D 424 35.53 -24.39 -7.73
C TYR D 424 34.52 -23.73 -8.65
N GLY D 425 34.87 -22.52 -9.12
CA GLY D 425 34.20 -21.94 -10.27
C GLY D 425 32.71 -21.80 -10.10
N GLY D 426 31.98 -22.16 -11.13
CA GLY D 426 30.54 -22.04 -11.08
C GLY D 426 29.93 -22.80 -9.92
N GLY D 427 30.51 -23.94 -9.56
CA GLY D 427 30.00 -24.67 -8.41
C GLY D 427 30.01 -23.82 -7.15
N TYR D 428 31.16 -23.19 -6.86
CA TYR D 428 31.27 -22.32 -5.69
C TYR D 428 30.27 -21.17 -5.77
N ALA D 429 30.20 -20.52 -6.93
CA ALA D 429 29.29 -19.39 -7.06
C ALA D 429 27.84 -19.79 -6.75
N VAL D 430 27.40 -20.92 -7.30
CA VAL D 430 25.99 -21.31 -7.21
C VAL D 430 25.64 -21.80 -5.84
N MET D 431 26.54 -22.53 -5.21
CA MET D 431 26.17 -23.20 -3.97
C MET D 431 26.17 -22.25 -2.78
N GLY D 432 25.44 -21.16 -2.84
CA GLY D 432 25.26 -20.30 -1.68
C GLY D 432 26.44 -19.42 -1.35
N SER D 433 27.11 -18.88 -2.36
CA SER D 433 28.23 -17.99 -2.09
C SER D 433 27.73 -16.66 -1.55
N ARG D 434 28.64 -15.90 -0.97
CA ARG D 434 28.23 -14.59 -0.48
C ARG D 434 27.78 -13.69 -1.62
N GLN D 435 28.35 -13.83 -2.82
CA GLN D 435 27.90 -12.95 -3.90
C GLN D 435 26.54 -13.33 -4.49
N ILE D 436 26.05 -14.54 -4.23
CA ILE D 436 24.73 -14.89 -4.70
C ILE D 436 23.68 -14.55 -3.67
N GLY D 437 24.10 -14.02 -2.52
CA GLY D 437 23.16 -13.49 -1.55
C GLY D 437 23.24 -14.08 -0.17
N ALA D 438 24.26 -14.90 0.11
CA ALA D 438 24.33 -15.60 1.38
C ALA D 438 24.62 -14.60 2.48
N ASP D 439 24.01 -14.82 3.65
CA ASP D 439 24.12 -13.85 4.72
C ASP D 439 25.37 -14.05 5.53
N ARG D 440 25.79 -15.31 5.70
CA ARG D 440 26.99 -15.68 6.45
C ARG D 440 27.65 -16.88 5.80
N VAL D 441 28.95 -16.79 5.52
CA VAL D 441 29.68 -17.81 4.77
C VAL D 441 30.96 -18.13 5.51
N MET D 442 31.10 -19.36 5.97
CA MET D 442 32.26 -19.77 6.73
C MET D 442 32.93 -20.93 6.02
N ALA D 443 34.26 -21.00 6.07
CA ALA D 443 35.02 -21.99 5.32
C ALA D 443 35.83 -22.81 6.29
N TRP D 444 35.95 -24.10 6.04
CA TRP D 444 36.87 -24.91 6.84
C TRP D 444 38.29 -24.70 6.32
N PRO D 445 39.31 -25.17 7.05
CA PRO D 445 40.65 -25.10 6.50
C PRO D 445 40.84 -26.03 5.32
N THR D 446 40.02 -27.06 5.21
CA THR D 446 40.10 -27.93 4.05
C THR D 446 39.45 -27.34 2.81
N ALA D 447 38.95 -26.11 2.88
CA ALA D 447 38.27 -25.50 1.75
C ALA D 447 39.27 -25.07 0.69
N GLU D 448 38.99 -25.36 -0.57
CA GLU D 448 39.82 -24.91 -1.68
C GLU D 448 38.89 -24.09 -2.56
N ILE D 449 38.95 -22.77 -2.45
CA ILE D 449 38.09 -21.87 -3.19
C ILE D 449 38.89 -21.25 -4.33
N ALA D 450 38.51 -21.54 -5.57
CA ALA D 450 39.36 -21.23 -6.71
C ALA D 450 38.56 -21.21 -8.00
N VAL D 451 39.13 -20.60 -9.03
CA VAL D 451 38.46 -20.60 -10.33
C VAL D 451 38.34 -22.01 -10.90
N MET D 452 39.32 -22.86 -10.65
CA MET D 452 39.27 -24.24 -11.11
C MET D 452 40.29 -25.03 -10.31
N GLY D 453 40.40 -26.32 -10.62
CA GLY D 453 41.28 -27.21 -9.88
C GLY D 453 42.58 -27.43 -10.63
N ALA D 454 43.64 -27.64 -9.87
CA ALA D 454 44.99 -27.81 -10.42
C ALA D 454 45.08 -28.91 -11.51
N ARG D 486 50.23 -24.67 -8.14
CA ARG D 486 48.96 -23.99 -7.96
C ARG D 486 48.28 -24.39 -6.66
N ARG D 487 48.88 -24.02 -5.52
CA ARG D 487 48.23 -24.21 -4.22
C ARG D 487 48.48 -23.02 -3.31
N ARG D 488 48.37 -21.81 -3.85
CA ARG D 488 47.73 -20.74 -3.12
C ARG D 488 46.24 -20.71 -3.44
N PHE D 489 45.79 -21.70 -4.23
CA PHE D 489 44.38 -22.00 -4.47
C PHE D 489 43.89 -23.17 -3.63
N GLY D 490 44.79 -23.89 -2.96
CA GLY D 490 44.35 -25.06 -2.24
C GLY D 490 43.85 -24.78 -0.83
N ASN D 491 43.45 -23.54 -0.56
CA ASN D 491 43.03 -23.10 0.77
C ASN D 491 41.97 -22.01 0.58
N PRO D 492 41.33 -21.58 1.66
CA PRO D 492 40.35 -20.50 1.57
C PRO D 492 40.89 -19.10 1.89
N TYR D 493 42.20 -18.88 1.94
CA TYR D 493 42.65 -17.62 2.49
C TYR D 493 42.70 -16.51 1.46
N GLU D 494 42.70 -16.82 0.17
CA GLU D 494 42.51 -15.76 -0.80
C GLU D 494 41.06 -15.30 -0.80
N ALA D 495 40.12 -16.24 -0.67
CA ALA D 495 38.71 -15.86 -0.57
C ALA D 495 38.46 -15.07 0.71
N ALA D 496 39.10 -15.46 1.81
CA ALA D 496 38.97 -14.70 3.04
C ALA D 496 39.65 -13.36 2.93
N ALA D 497 40.74 -13.27 2.17
CA ALA D 497 41.46 -12.02 2.07
C ALA D 497 40.55 -10.92 1.51
N HIS D 498 39.68 -11.28 0.57
CA HIS D 498 38.78 -10.35 -0.10
C HIS D 498 37.46 -10.12 0.63
N GLY D 499 37.15 -10.91 1.65
CA GLY D 499 35.84 -10.84 2.24
C GLY D 499 34.81 -11.73 1.60
N TYR D 500 35.21 -12.57 0.64
CA TYR D 500 34.24 -13.45 0.02
C TYR D 500 33.77 -14.54 0.96
N VAL D 501 34.56 -14.91 1.97
CA VAL D 501 34.03 -15.65 3.11
C VAL D 501 34.24 -14.80 4.36
N ASP D 502 33.38 -14.99 5.34
CA ASP D 502 33.37 -14.17 6.52
C ASP D 502 34.18 -14.73 7.68
N MET D 503 34.30 -16.06 7.77
CA MET D 503 35.04 -16.73 8.82
C MET D 503 35.73 -17.96 8.27
N VAL D 504 36.92 -18.25 8.80
CA VAL D 504 37.58 -19.55 8.64
C VAL D 504 37.64 -20.21 10.01
N ILE D 505 36.85 -21.24 10.21
CA ILE D 505 36.71 -21.84 11.51
C ILE D 505 37.34 -23.22 11.50
N SER D 506 37.62 -23.72 12.68
CA SER D 506 37.94 -25.13 12.82
C SER D 506 36.66 -25.95 12.68
N PRO D 507 36.69 -27.05 11.93
CA PRO D 507 35.43 -27.79 11.66
C PRO D 507 34.61 -28.11 12.89
N SER D 508 35.22 -28.39 14.04
CA SER D 508 34.43 -28.70 15.22
C SER D 508 33.60 -27.52 15.72
N ARG D 509 33.84 -26.31 15.25
CA ARG D 509 33.03 -25.20 15.71
C ARG D 509 31.81 -24.95 14.83
N THR D 510 31.55 -25.81 13.85
CA THR D 510 30.51 -25.54 12.87
C THR D 510 29.12 -25.43 13.49
N ARG D 511 28.71 -26.44 14.24
CA ARG D 511 27.39 -26.39 14.86
C ARG D 511 27.26 -25.13 15.71
N TYR D 512 28.33 -24.76 16.40
CA TYR D 512 28.19 -23.66 17.34
C TYR D 512 28.02 -22.34 16.61
N GLU D 513 28.72 -22.17 15.49
CA GLU D 513 28.64 -20.95 14.72
C GLU D 513 27.36 -20.87 13.90
N VAL D 514 27.02 -21.96 13.22
CA VAL D 514 25.74 -22.05 12.52
C VAL D 514 24.60 -21.72 13.47
N ALA D 515 24.59 -22.33 14.64
CA ALA D 515 23.54 -22.01 15.59
C ALA D 515 23.45 -20.51 15.82
N ARG D 516 24.59 -19.88 16.09
CA ARG D 516 24.61 -18.46 16.43
C ARG D 516 24.12 -17.63 15.28
N ALA D 517 24.54 -17.99 14.06
CA ALA D 517 24.19 -17.23 12.87
C ALA D 517 22.69 -17.33 12.57
N LEU D 518 22.09 -18.51 12.70
CA LEU D 518 20.65 -18.62 12.51
C LEU D 518 19.89 -17.72 13.45
N ALA D 519 20.31 -17.68 14.71
CA ALA D 519 19.66 -16.82 15.68
C ALA D 519 19.90 -15.35 15.37
N SER D 520 21.01 -15.02 14.72
CA SER D 520 21.26 -13.63 14.39
C SER D 520 20.41 -13.16 13.22
N LEU D 521 19.84 -14.07 12.47
CA LEU D 521 19.18 -13.71 11.23
C LEU D 521 17.67 -13.83 11.32
N ARG D 522 17.14 -14.08 12.51
CA ARG D 522 15.72 -14.34 12.58
C ARG D 522 14.89 -13.14 12.16
N ASN D 523 15.32 -11.93 12.51
CA ASN D 523 14.60 -10.74 12.13
C ASN D 523 15.03 -10.19 10.77
N LYS D 524 15.73 -10.98 9.97
CA LYS D 524 16.11 -10.51 8.64
C LYS D 524 14.87 -10.14 7.84
N ARG D 525 14.91 -9.04 7.14
CA ARG D 525 13.91 -8.65 6.17
C ARG D 525 14.64 -8.07 5.03
N GLN D 526 14.39 -8.62 3.86
CA GLN D 526 15.00 -8.18 2.61
C GLN D 526 13.93 -7.72 1.62
N ALA D 527 14.27 -6.69 0.86
CA ALA D 527 13.32 -6.17 -0.12
C ALA D 527 13.20 -7.13 -1.29
N ARG D 528 12.23 -6.82 -2.15
CA ARG D 528 11.74 -7.64 -3.25
C ARG D 528 11.69 -6.82 -4.53
N PRO D 529 11.91 -7.43 -5.69
CA PRO D 529 11.64 -6.72 -6.95
C PRO D 529 10.15 -6.54 -7.18
N ALA D 530 9.81 -5.42 -7.81
CA ALA D 530 8.42 -5.13 -8.16
C ALA D 530 8.13 -5.75 -9.53
N ARG D 531 7.36 -6.84 -9.53
CA ARG D 531 7.09 -7.55 -10.77
C ARG D 531 5.94 -8.52 -10.51
N LYS D 532 5.12 -8.77 -11.54
CA LYS D 532 4.13 -9.84 -11.48
C LYS D 532 4.76 -11.13 -11.01
N HIS D 533 5.89 -11.48 -11.60
CA HIS D 533 6.68 -12.68 -11.34
C HIS D 533 7.94 -12.51 -12.17
N GLY D 534 8.94 -13.33 -11.87
CA GLY D 534 10.14 -13.35 -12.65
C GLY D 534 9.92 -14.15 -13.90
N ASN D 535 10.99 -14.36 -14.64
CA ASN D 535 10.94 -15.23 -15.81
C ASN D 535 12.10 -16.23 -15.73
N ILE D 536 12.14 -16.96 -14.61
CA ILE D 536 13.08 -18.07 -14.36
C ILE D 536 13.17 -19.02 -15.55
N PRO D 537 14.35 -19.50 -15.89
CA PRO D 537 14.47 -20.47 -16.98
C PRO D 537 13.70 -21.76 -16.74
N LEU D 538 13.00 -22.22 -17.77
CA LEU D 538 12.23 -23.43 -17.68
C LEU D 538 12.86 -24.48 -18.59
N SER E 22 1.41 34.55 45.72
CA SER E 22 2.15 33.43 46.30
C SER E 22 1.73 32.09 45.73
N THR E 23 2.68 31.16 45.69
CA THR E 23 2.42 29.86 45.10
C THR E 23 1.31 29.13 45.83
N ALA E 24 1.32 29.17 47.15
CA ALA E 24 0.27 28.47 47.89
C ALA E 24 -1.10 29.13 47.71
N ASP E 25 -1.15 30.47 47.60
CA ASP E 25 -2.43 31.11 47.35
C ASP E 25 -2.97 30.65 46.03
N ARG E 26 -2.09 30.53 45.03
CA ARG E 26 -2.53 30.04 43.73
C ARG E 26 -3.09 28.64 43.83
N ILE E 27 -2.42 27.75 44.57
CA ILE E 27 -2.90 26.37 44.69
C ILE E 27 -4.26 26.33 45.39
N ALA E 28 -4.47 27.25 46.34
CA ALA E 28 -5.77 27.35 47.02
C ALA E 28 -6.82 27.92 46.08
N ASP E 29 -6.46 28.92 45.28
CA ASP E 29 -7.40 29.40 44.26
C ASP E 29 -7.79 28.28 43.30
N LEU E 30 -6.86 27.38 42.97
CA LEU E 30 -7.23 26.26 42.12
C LEU E 30 -8.22 25.35 42.82
N ALA E 31 -7.96 25.01 44.08
CA ALA E 31 -8.91 24.20 44.84
C ALA E 31 -10.28 24.86 44.92
N ALA E 32 -10.31 26.20 44.96
CA ALA E 32 -11.60 26.87 45.05
C ALA E 32 -12.34 26.80 43.73
N ARG E 33 -11.64 27.04 42.62
CA ARG E 33 -12.27 26.89 41.31
C ARG E 33 -12.74 25.46 41.12
N HIS E 34 -11.98 24.49 41.61
CA HIS E 34 -12.32 23.11 41.38
C HIS E 34 -13.55 22.71 42.14
N GLU E 35 -13.67 23.19 43.38
CA GLU E 35 -14.87 22.81 44.12
C GLU E 35 -16.08 23.53 43.56
N GLU E 36 -15.89 24.74 43.06
CA GLU E 36 -17.00 25.43 42.40
C GLU E 36 -17.48 24.65 41.18
N ALA E 37 -16.55 24.00 40.47
CA ALA E 37 -16.86 23.37 39.20
C ALA E 37 -17.41 21.96 39.33
N VAL E 38 -17.08 21.23 40.39
CA VAL E 38 -17.39 19.81 40.42
C VAL E 38 -18.27 19.45 41.62
N VAL E 39 -18.21 20.20 42.71
CA VAL E 39 -19.07 19.89 43.85
C VAL E 39 -20.21 20.89 43.97
N LEU E 40 -19.95 22.19 43.89
CA LEU E 40 -21.05 23.14 43.98
C LEU E 40 -22.00 22.99 42.81
N ALA E 41 -21.44 22.91 41.60
CA ALA E 41 -22.28 22.75 40.42
C ALA E 41 -23.02 21.43 40.44
N GLU E 42 -22.47 20.43 41.12
CA GLU E 42 -23.13 19.12 41.21
C GLU E 42 -24.31 19.19 42.16
N LYS E 43 -24.18 19.97 43.24
CA LYS E 43 -25.31 20.20 44.13
C LYS E 43 -26.44 20.93 43.41
N LYS E 44 -26.09 21.98 42.68
CA LYS E 44 -27.08 22.70 41.92
C LYS E 44 -27.75 21.79 40.90
N ALA E 45 -26.96 20.98 40.20
CA ALA E 45 -27.46 20.12 39.14
C ALA E 45 -28.39 19.05 39.68
N ALA E 46 -28.07 18.50 40.84
CA ALA E 46 -28.90 17.50 41.47
C ALA E 46 -30.25 18.06 41.90
N ASP E 47 -30.27 19.28 42.47
CA ASP E 47 -31.55 19.85 42.89
C ASP E 47 -32.46 20.03 41.70
N ARG E 48 -31.88 20.42 40.57
CA ARG E 48 -32.69 20.63 39.40
C ARG E 48 -33.02 19.33 38.69
N GLN E 49 -32.09 18.39 38.58
CA GLN E 49 -32.51 17.11 38.03
C GLN E 49 -33.44 16.35 38.97
N HIS E 50 -33.62 16.84 40.19
CA HIS E 50 -34.57 16.21 41.10
C HIS E 50 -36.00 16.49 40.66
N LEU E 51 -36.23 17.64 40.06
CA LEU E 51 -37.57 18.02 39.66
C LEU E 51 -38.08 17.17 38.50
N LYS E 52 -37.27 16.25 38.00
CA LYS E 52 -37.68 15.44 36.88
C LYS E 52 -37.36 13.96 37.05
N GLY E 53 -36.74 13.54 38.13
CA GLY E 53 -36.53 12.13 38.34
C GLY E 53 -35.32 11.58 37.65
N LYS E 54 -34.28 12.41 37.48
CA LYS E 54 -33.11 12.06 36.69
C LYS E 54 -31.85 12.15 37.54
N LEU E 55 -30.83 11.38 37.17
CA LEU E 55 -29.50 11.56 37.73
C LEU E 55 -28.81 12.77 37.07
N THR E 56 -27.61 13.09 37.56
CA THR E 56 -26.81 14.20 37.04
C THR E 56 -25.82 13.67 36.01
N ALA E 57 -25.17 14.60 35.30
CA ALA E 57 -24.16 14.17 34.33
C ALA E 57 -23.09 13.33 35.00
N ARG E 58 -22.54 13.82 36.11
CA ARG E 58 -21.41 13.17 36.76
C ARG E 58 -21.82 11.88 37.44
N ALA E 59 -23.06 11.81 37.92
CA ALA E 59 -23.51 10.59 38.55
C ALA E 59 -23.57 9.47 37.52
N ARG E 60 -23.95 9.82 36.29
CA ARG E 60 -24.03 8.81 35.24
C ARG E 60 -22.65 8.36 34.85
N ILE E 61 -21.73 9.33 34.73
CA ILE E 61 -20.35 9.00 34.43
C ILE E 61 -19.79 8.05 35.47
N ASP E 62 -20.12 8.27 36.75
CA ASP E 62 -19.58 7.39 37.80
C ASP E 62 -20.26 6.02 37.78
N LEU E 63 -21.54 5.96 37.46
CA LEU E 63 -22.17 4.66 37.26
C LEU E 63 -21.54 3.91 36.09
N LEU E 64 -21.11 4.63 35.06
CA LEU E 64 -20.68 3.94 33.85
C LEU E 64 -19.27 3.41 33.98
N LEU E 65 -18.31 4.29 34.34
CA LEU E 65 -16.90 3.94 34.40
C LEU E 65 -16.55 3.18 35.68
N ASP E 66 -15.47 2.43 35.59
CA ASP E 66 -14.89 1.82 36.78
C ASP E 66 -14.53 2.87 37.83
N PRO E 67 -14.75 2.57 39.10
CA PRO E 67 -14.47 3.56 40.15
C PRO E 67 -13.02 4.01 40.13
N GLY E 68 -12.80 5.32 40.25
CA GLY E 68 -11.48 5.88 40.29
C GLY E 68 -10.75 6.04 38.97
N SER E 69 -11.35 5.66 37.84
CA SER E 69 -10.70 5.71 36.53
C SER E 69 -11.03 6.95 35.71
N PHE E 70 -11.95 7.80 36.13
CA PHE E 70 -12.31 8.94 35.31
C PHE E 70 -11.23 10.01 35.34
N VAL E 71 -10.72 10.35 34.18
CA VAL E 71 -9.87 11.52 34.04
C VAL E 71 -10.68 12.58 33.30
N GLU E 72 -11.06 13.66 33.97
CA GLU E 72 -11.88 14.69 33.36
C GLU E 72 -11.04 15.69 32.57
N LEU E 73 -11.44 15.99 31.34
CA LEU E 73 -10.82 17.01 30.51
C LEU E 73 -11.68 18.26 30.46
N ASP E 74 -11.05 19.40 30.20
CA ASP E 74 -11.76 20.64 29.93
C ASP E 74 -12.70 21.01 31.08
N GLU E 75 -12.25 20.77 32.30
CA GLU E 75 -13.04 21.14 33.47
C GLU E 75 -13.34 22.63 33.53
N PHE E 76 -12.36 23.48 33.21
CA PHE E 76 -12.45 24.93 33.37
C PHE E 76 -12.71 25.65 32.05
N VAL E 77 -13.29 24.97 31.07
CA VAL E 77 -13.72 25.60 29.82
C VAL E 77 -14.96 26.47 30.07
N ARG E 78 -15.04 27.59 29.36
CA ARG E 78 -16.18 28.48 29.43
C ARG E 78 -16.43 29.08 28.06
N HIS E 79 -17.68 29.40 27.76
CA HIS E 79 -17.92 30.15 26.54
C HIS E 79 -17.37 31.56 26.73
N ARG E 80 -17.24 32.29 25.62
CA ARG E 80 -16.46 33.52 25.61
C ARG E 80 -17.29 34.78 25.83
N THR E 81 -18.60 34.71 25.62
CA THR E 81 -19.45 35.91 25.62
C THR E 81 -19.47 36.60 26.98
N VAL E 82 -19.53 37.93 26.95
CA VAL E 82 -20.02 38.74 28.07
C VAL E 82 -20.18 40.18 27.60
N PRO E 87 -23.37 34.97 33.57
CA PRO E 87 -23.47 33.52 33.84
C PRO E 87 -22.68 32.64 32.84
N ARG E 88 -21.41 32.33 33.14
CA ARG E 88 -20.54 31.52 32.29
C ARG E 88 -19.96 30.38 33.13
N PRO E 89 -20.73 29.32 33.34
CA PRO E 89 -20.29 28.25 34.24
C PRO E 89 -19.18 27.43 33.62
N TYR E 90 -18.32 26.89 34.49
CA TYR E 90 -17.25 26.03 34.00
C TYR E 90 -17.85 24.83 33.27
N GLY E 91 -17.22 24.43 32.17
CA GLY E 91 -17.64 23.26 31.43
C GLY E 91 -18.68 23.52 30.37
N ASP E 92 -19.35 24.66 30.39
CA ASP E 92 -20.34 25.07 29.41
C ASP E 92 -21.46 24.05 29.23
N GLY E 93 -21.62 23.12 30.15
CA GLY E 93 -22.78 22.26 30.11
C GLY E 93 -22.57 20.84 29.69
N VAL E 94 -21.34 20.35 29.67
CA VAL E 94 -21.11 18.96 29.34
C VAL E 94 -19.85 18.53 30.08
N VAL E 95 -19.85 17.32 30.62
CA VAL E 95 -18.70 16.76 31.29
C VAL E 95 -18.08 15.76 30.34
N THR E 96 -16.78 15.90 30.08
CA THR E 96 -16.09 15.05 29.13
C THR E 96 -14.86 14.46 29.80
N GLY E 97 -14.42 13.31 29.30
CA GLY E 97 -13.16 12.74 29.72
C GLY E 97 -13.07 11.29 29.30
N HIS E 98 -12.07 10.60 29.83
CA HIS E 98 -11.86 9.19 29.52
C HIS E 98 -11.76 8.43 30.82
N GLY E 99 -11.98 7.13 30.74
CA GLY E 99 -11.94 6.25 31.88
C GLY E 99 -11.78 4.82 31.37
N THR E 100 -12.16 3.85 32.19
CA THR E 100 -12.20 2.46 31.74
C THR E 100 -13.56 1.84 32.01
N ILE E 101 -13.87 0.77 31.32
CA ILE E 101 -15.03 -0.04 31.62
C ILE E 101 -14.55 -1.46 31.60
N ASP E 102 -14.68 -2.13 32.74
CA ASP E 102 -14.15 -3.47 32.91
C ASP E 102 -12.70 -3.53 32.45
N GLY E 103 -11.95 -2.53 32.85
CA GLY E 103 -10.54 -2.54 32.61
C GLY E 103 -10.08 -1.94 31.29
N ARG E 104 -10.98 -1.77 30.31
CA ARG E 104 -10.56 -1.32 28.99
C ARG E 104 -10.94 0.14 28.75
N GLN E 105 -10.07 0.84 28.04
CA GLN E 105 -10.17 2.28 27.93
C GLN E 105 -11.41 2.67 27.13
N VAL E 106 -11.93 3.85 27.43
CA VAL E 106 -13.21 4.30 26.93
C VAL E 106 -13.21 5.81 27.05
N CYS E 107 -13.89 6.49 26.13
CA CYS E 107 -14.16 7.91 26.25
C CYS E 107 -15.65 8.18 26.51
N VAL E 108 -15.96 9.32 27.11
CA VAL E 108 -17.33 9.58 27.53
C VAL E 108 -17.58 11.07 27.49
N PHE E 109 -18.76 11.48 27.05
CA PHE E 109 -19.24 12.82 27.33
C PHE E 109 -20.65 12.73 27.90
N SER E 110 -21.00 13.67 28.76
CA SER E 110 -22.28 13.60 29.46
C SER E 110 -22.90 14.98 29.53
N HIS E 111 -24.07 15.15 28.92
CA HIS E 111 -24.70 16.45 28.89
C HIS E 111 -25.27 16.78 30.25
N ASP E 112 -25.09 18.04 30.66
CA ASP E 112 -25.69 18.57 31.89
C ASP E 112 -26.91 19.41 31.50
N PHE E 113 -28.09 18.85 31.71
CA PHE E 113 -29.34 19.48 31.31
C PHE E 113 -29.65 20.73 32.13
N THR E 114 -28.97 20.94 33.25
CA THR E 114 -29.35 22.05 34.11
C THR E 114 -28.77 23.36 33.62
N THR E 115 -27.54 23.34 33.13
CA THR E 115 -26.94 24.54 32.53
C THR E 115 -27.42 24.69 31.09
N LEU E 116 -28.11 25.79 30.82
CA LEU E 116 -28.52 26.15 29.46
C LEU E 116 -29.45 25.12 28.82
N GLY E 117 -30.13 24.30 29.62
CA GLY E 117 -30.89 23.22 29.03
C GLY E 117 -30.05 22.18 28.33
N GLY E 118 -28.74 22.14 28.62
CA GLY E 118 -27.83 21.21 27.97
C GLY E 118 -27.56 21.50 26.51
N SER E 119 -27.94 22.66 26.01
CA SER E 119 -27.81 23.00 24.60
C SER E 119 -26.36 23.17 24.19
N MET E 120 -26.08 22.95 22.92
CA MET E 120 -24.70 22.96 22.43
C MET E 120 -24.27 24.36 22.00
N GLY E 121 -23.24 24.89 22.64
CA GLY E 121 -22.53 26.04 22.17
C GLY E 121 -21.14 25.68 21.65
N GLU E 122 -20.31 26.70 21.47
CA GLU E 122 -19.01 26.46 20.85
C GLU E 122 -18.03 25.77 21.80
N ALA E 123 -17.97 26.24 23.05
CA ALA E 123 -17.12 25.60 24.05
C ALA E 123 -17.57 24.19 24.35
N PHE E 124 -18.86 24.01 24.66
CA PHE E 124 -19.53 22.71 24.65
C PHE E 124 -19.11 21.87 23.47
N GLY E 125 -19.19 22.43 22.26
CA GLY E 125 -18.96 21.64 21.08
C GLY E 125 -17.52 21.20 20.95
N SER E 126 -16.60 22.07 21.30
CA SER E 126 -15.19 21.73 21.28
C SER E 126 -14.86 20.67 22.33
N LYS E 127 -15.56 20.64 23.46
CA LYS E 127 -15.26 19.58 24.42
C LYS E 127 -15.61 18.21 23.85
N VAL E 128 -16.77 18.11 23.21
CA VAL E 128 -17.11 16.82 22.68
C VAL E 128 -16.22 16.49 21.49
N VAL E 129 -15.78 17.51 20.76
CA VAL E 129 -14.90 17.25 19.64
C VAL E 129 -13.51 16.81 20.11
N LYS E 130 -13.02 17.41 21.18
CA LYS E 130 -11.76 16.92 21.75
C LYS E 130 -11.89 15.48 22.23
N ILE E 131 -12.96 15.16 22.96
CA ILE E 131 -13.14 13.79 23.40
C ILE E 131 -13.26 12.83 22.20
N TYR E 132 -13.85 13.26 21.13
CA TYR E 132 -14.00 12.35 20.01
C TYR E 132 -12.70 12.15 19.25
N ASP E 133 -11.98 13.23 18.95
CA ASP E 133 -10.70 13.09 18.28
C ASP E 133 -9.73 12.25 19.10
N PHE E 134 -9.81 12.31 20.42
CA PHE E 134 -8.92 11.49 21.23
C PHE E 134 -9.23 10.00 21.08
N ALA E 135 -10.50 9.61 21.10
CA ALA E 135 -10.85 8.21 20.92
C ALA E 135 -10.50 7.72 19.52
N MET E 136 -10.64 8.57 18.50
CA MET E 136 -10.20 8.19 17.16
C MET E 136 -8.71 7.99 17.14
N SER E 137 -8.01 8.68 18.02
CA SER E 137 -6.56 8.71 18.02
C SER E 137 -5.95 7.45 18.63
N VAL E 138 -6.51 6.97 19.74
CA VAL E 138 -6.04 5.78 20.42
C VAL E 138 -6.90 4.56 20.17
N GLY E 139 -7.99 4.69 19.42
CA GLY E 139 -8.84 3.56 19.07
C GLY E 139 -9.65 2.98 20.22
N CYS E 140 -10.53 3.76 20.85
CA CYS E 140 -11.35 3.24 21.92
C CYS E 140 -12.78 3.74 21.76
N PRO E 141 -13.75 3.05 22.35
CA PRO E 141 -15.15 3.45 22.17
C PRO E 141 -15.47 4.81 22.78
N VAL E 142 -16.51 5.42 22.23
CA VAL E 142 -17.12 6.65 22.75
C VAL E 142 -18.54 6.31 23.21
N ILE E 143 -18.85 6.61 24.45
CA ILE E 143 -20.22 6.54 24.92
C ILE E 143 -20.63 7.96 25.20
N GLY E 144 -21.69 8.44 24.56
CA GLY E 144 -22.20 9.77 24.81
C GLY E 144 -23.50 9.70 25.59
N ILE E 145 -23.57 10.45 26.66
CA ILE E 145 -24.73 10.44 27.51
C ILE E 145 -25.48 11.73 27.25
N ASN E 146 -26.63 11.63 26.59
CA ASN E 146 -27.35 12.76 26.04
C ASN E 146 -28.51 13.15 26.93
N ASP E 147 -28.69 14.45 27.09
CA ASP E 147 -29.75 14.98 27.93
C ASP E 147 -29.76 16.46 27.64
N SER E 148 -30.34 16.82 26.51
CA SER E 148 -30.00 18.07 25.84
C SER E 148 -31.25 18.72 25.31
N GLY E 149 -31.45 20.00 25.64
CA GLY E 149 -32.52 20.76 25.02
C GLY E 149 -32.48 20.72 23.50
N GLY E 150 -31.31 20.91 22.91
CA GLY E 150 -31.23 20.85 21.47
C GLY E 150 -30.06 21.62 20.88
N ALA E 151 -30.10 22.94 20.94
CA ALA E 151 -29.08 23.78 20.33
C ALA E 151 -29.26 25.17 20.91
N ARG E 152 -28.16 25.84 21.17
CA ARG E 152 -28.19 27.12 21.83
C ARG E 152 -28.45 28.20 20.78
N ILE E 153 -29.70 28.65 20.69
CA ILE E 153 -30.08 29.67 19.71
C ILE E 153 -29.33 30.98 19.92
N GLN E 154 -28.94 31.29 21.16
CA GLN E 154 -28.22 32.52 21.42
C GLN E 154 -26.76 32.48 20.95
N GLU E 155 -26.29 31.41 20.32
CA GLU E 155 -25.01 31.43 19.63
C GLU E 155 -25.18 31.26 18.12
N GLY E 156 -26.39 31.40 17.61
CA GLY E 156 -26.62 31.49 16.18
C GLY E 156 -26.12 30.29 15.41
N VAL E 157 -25.59 30.55 14.22
CA VAL E 157 -25.13 29.48 13.35
C VAL E 157 -24.01 28.68 13.99
N MET E 158 -23.31 29.26 14.97
CA MET E 158 -22.18 28.59 15.60
C MET E 158 -22.63 27.32 16.28
N SER E 159 -23.82 27.32 16.85
CA SER E 159 -24.33 26.11 17.45
C SER E 159 -24.43 24.98 16.43
N ILE E 160 -24.95 25.30 15.24
CA ILE E 160 -25.19 24.31 14.20
C ILE E 160 -23.87 23.80 13.62
N ALA E 161 -22.91 24.69 13.43
CA ALA E 161 -21.57 24.30 12.99
C ALA E 161 -20.99 23.19 13.84
N TYR E 162 -21.19 23.27 15.16
CA TYR E 162 -20.54 22.33 16.05
C TYR E 162 -21.26 21.01 16.08
N TYR E 163 -22.59 21.03 15.96
CA TYR E 163 -23.36 19.82 15.70
C TYR E 163 -22.87 19.13 14.44
N THR E 164 -22.70 19.89 13.37
CA THR E 164 -22.23 19.30 12.14
C THR E 164 -20.81 18.74 12.30
N GLU E 165 -19.94 19.48 12.96
CA GLU E 165 -18.60 18.95 13.18
C GLU E 165 -18.64 17.67 14.00
N LEU E 166 -19.58 17.56 14.93
CA LEU E 166 -19.70 16.36 15.73
C LEU E 166 -20.21 15.20 14.87
N GLY E 167 -21.30 15.43 14.14
CA GLY E 167 -21.79 14.40 13.26
C GLY E 167 -20.75 13.92 12.29
N VAL E 168 -20.02 14.85 11.66
CA VAL E 168 -18.94 14.48 10.76
C VAL E 168 -17.96 13.52 11.43
N ARG E 169 -17.62 13.78 12.68
CA ARG E 169 -16.76 12.83 13.37
C ARG E 169 -17.44 11.49 13.58
N ASN E 170 -18.74 11.50 13.88
CA ASN E 170 -19.48 10.25 13.98
C ASN E 170 -19.37 9.42 12.70
N VAL E 171 -19.47 10.09 11.53
CA VAL E 171 -19.42 9.38 10.26
C VAL E 171 -18.05 8.79 10.00
N HIS E 172 -16.97 9.56 10.24
CA HIS E 172 -15.64 9.01 9.99
C HIS E 172 -15.23 7.99 11.03
N SER E 173 -15.90 7.94 12.18
CA SER E 173 -15.64 6.90 13.15
C SER E 173 -16.43 5.63 12.88
N SER E 174 -17.44 5.72 12.04
CA SER E 174 -18.34 4.62 11.82
C SER E 174 -17.60 3.40 11.29
N GLY E 175 -17.70 2.30 12.01
CA GLY E 175 -16.95 1.14 11.61
C GLY E 175 -15.49 1.22 11.92
N VAL E 176 -15.05 2.25 12.60
CA VAL E 176 -13.69 2.35 13.10
C VAL E 176 -13.63 2.13 14.59
N ILE E 177 -14.40 2.88 15.37
CA ILE E 177 -14.50 2.63 16.80
C ILE E 177 -15.97 2.45 17.20
N PRO E 178 -16.28 1.58 18.15
CA PRO E 178 -17.69 1.41 18.53
C PRO E 178 -18.20 2.71 19.12
N GLN E 179 -19.41 3.10 18.73
CA GLN E 179 -20.00 4.32 19.28
C GLN E 179 -21.37 4.03 19.89
N ILE E 180 -21.59 4.45 21.13
CA ILE E 180 -22.83 4.14 21.84
C ILE E 180 -23.43 5.43 22.40
N SER E 181 -24.72 5.62 22.20
CA SER E 181 -25.42 6.79 22.71
C SER E 181 -26.46 6.35 23.72
N LEU E 182 -26.45 7.01 24.89
CA LEU E 182 -27.47 6.88 25.92
C LEU E 182 -28.37 8.11 25.88
N ILE E 183 -29.67 7.88 25.75
CA ILE E 183 -30.65 8.96 25.69
C ILE E 183 -31.34 8.98 27.05
N MET E 184 -30.96 9.92 27.89
CA MET E 184 -31.37 9.92 29.29
C MET E 184 -32.12 11.18 29.65
N GLY E 185 -32.88 11.70 28.71
CA GLY E 185 -33.57 12.95 28.83
C GLY E 185 -34.16 13.28 27.49
N PRO E 186 -34.62 14.50 27.32
CA PRO E 186 -35.03 14.97 26.00
C PRO E 186 -33.87 14.95 25.02
N CYS E 187 -34.23 14.83 23.76
CA CYS E 187 -33.27 14.81 22.67
C CYS E 187 -34.06 15.28 21.46
N ALA E 188 -33.88 16.52 21.05
CA ALA E 188 -34.67 17.11 19.99
C ALA E 188 -33.79 17.85 19.00
N GLY E 189 -34.25 17.95 17.77
CA GLY E 189 -33.52 18.72 16.77
C GLY E 189 -32.12 18.20 16.53
N GLY E 190 -31.14 19.10 16.60
CA GLY E 190 -29.76 18.71 16.34
C GLY E 190 -29.27 17.63 17.28
N SER E 191 -29.85 17.55 18.46
CA SER E 191 -29.38 16.56 19.42
C SER E 191 -29.64 15.14 18.95
N VAL E 192 -30.51 14.93 17.94
CA VAL E 192 -30.87 13.56 17.55
C VAL E 192 -29.97 12.99 16.47
N TYR E 193 -29.19 13.83 15.77
CA TYR E 193 -28.35 13.36 14.67
C TYR E 193 -27.16 12.55 15.15
N SER E 194 -26.37 13.10 16.07
CA SER E 194 -25.24 12.31 16.53
C SER E 194 -25.66 10.95 17.06
N PRO E 195 -26.68 10.83 17.92
CA PRO E 195 -27.07 9.48 18.30
C PRO E 195 -27.45 8.64 17.11
N ALA E 196 -28.14 9.21 16.11
CA ALA E 196 -28.55 8.43 14.95
C ALA E 196 -27.37 7.89 14.16
N LEU E 197 -26.24 8.61 14.16
CA LEU E 197 -25.04 8.17 13.47
C LEU E 197 -24.23 7.13 14.25
N THR E 198 -24.44 6.99 15.56
CA THR E 198 -23.68 6.01 16.34
C THR E 198 -24.22 4.61 16.09
N ASP E 199 -23.54 3.61 16.64
CA ASP E 199 -23.91 2.24 16.32
C ASP E 199 -25.09 1.71 17.13
N PHE E 200 -25.24 2.15 18.39
CA PHE E 200 -26.36 1.74 19.26
C PHE E 200 -26.92 2.94 20.03
N THR E 201 -28.26 3.03 20.07
CA THR E 201 -28.98 4.05 20.85
C THR E 201 -29.80 3.37 21.95
N VAL E 202 -29.59 3.77 23.21
CA VAL E 202 -30.21 3.15 24.38
C VAL E 202 -30.98 4.20 25.14
N MET E 203 -32.28 4.01 25.29
CA MET E 203 -33.14 4.99 25.94
C MET E 203 -33.54 4.50 27.32
N VAL E 204 -34.15 5.40 28.08
CA VAL E 204 -34.60 5.14 29.44
C VAL E 204 -36.10 5.38 29.51
N LYS E 205 -36.81 4.45 30.15
CA LYS E 205 -38.24 4.61 30.38
C LYS E 205 -38.54 5.90 31.14
N ASP E 206 -39.69 6.51 30.82
CA ASP E 206 -40.28 7.63 31.56
C ASP E 206 -39.52 8.95 31.47
N ILE E 207 -38.18 8.94 31.40
CA ILE E 207 -37.46 10.22 31.39
C ILE E 207 -36.99 10.71 30.02
N SER E 208 -36.99 9.87 28.98
CA SER E 208 -36.34 10.22 27.72
C SER E 208 -37.28 10.35 26.51
N TYR E 209 -36.84 11.18 25.55
CA TYR E 209 -37.52 11.43 24.28
C TYR E 209 -36.52 11.61 23.16
N MET E 210 -36.99 11.36 21.95
CA MET E 210 -36.29 11.75 20.74
C MET E 210 -37.31 12.18 19.71
N PHE E 211 -37.12 13.36 19.16
CA PHE E 211 -37.90 13.78 18.00
C PHE E 211 -37.15 14.87 17.26
N VAL E 212 -37.08 14.76 15.95
CA VAL E 212 -36.66 15.85 15.08
C VAL E 212 -37.42 17.12 15.40
N THR E 213 -38.71 17.12 15.11
CA THR E 213 -39.61 18.21 15.45
C THR E 213 -40.37 17.88 16.74
N GLY E 214 -40.53 18.88 17.61
CA GLY E 214 -41.14 18.66 18.90
C GLY E 214 -42.65 18.63 18.86
N PRO E 215 -43.25 18.23 19.98
CA PRO E 215 -44.69 18.02 20.01
C PRO E 215 -45.50 19.29 19.82
N GLU E 216 -44.99 20.43 20.26
CA GLU E 216 -45.71 21.68 20.14
C GLU E 216 -45.97 22.01 18.67
N VAL E 217 -44.89 22.08 17.87
CA VAL E 217 -45.00 22.35 16.45
C VAL E 217 -45.83 21.27 15.76
N VAL E 218 -45.60 20.00 16.10
CA VAL E 218 -46.34 18.92 15.48
C VAL E 218 -47.81 18.95 15.87
N GLY E 223 -50.12 22.77 13.83
CA GLY E 223 -50.07 22.29 15.19
C GLY E 223 -51.03 21.13 15.35
N GLU E 224 -50.50 20.02 15.83
CA GLU E 224 -51.30 18.83 16.09
C GLU E 224 -51.40 18.63 17.61
N GLN E 225 -52.18 17.62 18.00
CA GLN E 225 -52.60 17.42 19.39
C GLN E 225 -51.93 16.20 20.03
N VAL E 226 -50.61 16.16 20.04
CA VAL E 226 -49.86 14.98 20.44
C VAL E 226 -48.94 15.34 21.59
N THR E 227 -48.69 14.37 22.46
CA THR E 227 -47.75 14.59 23.56
C THR E 227 -46.35 14.14 23.17
N ALA E 228 -45.38 14.54 24.00
CA ALA E 228 -43.98 14.18 23.74
C ALA E 228 -43.79 12.67 23.70
N GLU E 229 -44.43 11.93 24.61
CA GLU E 229 -44.19 10.50 24.67
C GLU E 229 -44.99 9.71 23.63
N GLN E 230 -46.07 10.26 23.09
CA GLN E 230 -46.66 9.60 21.92
C GLN E 230 -45.95 9.94 20.62
N LEU E 231 -45.39 11.15 20.51
CA LEU E 231 -44.59 11.51 19.34
C LEU E 231 -43.29 10.72 19.30
N GLY E 232 -42.53 10.71 20.39
CA GLY E 232 -41.24 10.04 20.43
C GLY E 232 -40.78 9.47 21.76
N GLY E 233 -41.65 8.80 22.47
CA GLY E 233 -41.22 8.19 23.70
C GLY E 233 -40.45 6.93 23.46
N PRO E 234 -39.97 6.33 24.55
CA PRO E 234 -39.19 5.09 24.42
C PRO E 234 -39.90 3.99 23.66
N ALA E 235 -41.20 3.79 23.90
CA ALA E 235 -41.85 2.65 23.28
C ALA E 235 -41.93 2.84 21.79
N VAL E 236 -42.12 4.08 21.37
CA VAL E 236 -42.26 4.38 19.97
C VAL E 236 -40.98 4.01 19.24
N HIS E 237 -39.83 4.40 19.79
CA HIS E 237 -38.57 4.12 19.10
C HIS E 237 -38.13 2.69 19.29
N ALA E 238 -38.48 2.05 20.39
CA ALA E 238 -38.12 0.65 20.53
C ALA E 238 -39.02 -0.29 19.74
N GLU E 239 -40.27 0.10 19.44
CA GLU E 239 -41.22 -0.82 18.81
C GLU E 239 -41.72 -0.43 17.42
N VAL E 240 -41.64 0.84 17.02
CA VAL E 240 -42.27 1.31 15.78
C VAL E 240 -41.25 1.91 14.80
N SER E 241 -40.45 2.87 15.26
CA SER E 241 -39.44 3.44 14.37
C SER E 241 -38.14 2.65 14.31
N GLY E 242 -37.81 1.90 15.34
CA GLY E 242 -36.55 1.20 15.34
C GLY E 242 -35.35 2.05 15.65
N ASN E 243 -35.54 3.29 16.08
CA ASN E 243 -34.39 4.13 16.39
C ASN E 243 -33.65 3.65 17.64
N ALA E 244 -34.32 2.99 18.57
CA ALA E 244 -33.72 2.63 19.85
C ALA E 244 -33.44 1.15 19.87
N HIS E 245 -32.22 0.77 20.23
CA HIS E 245 -31.87 -0.64 20.26
C HIS E 245 -32.21 -1.29 21.58
N TYR E 246 -32.42 -0.49 22.63
CA TYR E 246 -32.77 -1.00 23.93
C TYR E 246 -33.39 0.12 24.74
N VAL E 247 -34.28 -0.25 25.66
CA VAL E 247 -34.82 0.68 26.64
C VAL E 247 -34.62 0.07 28.03
N GLY E 248 -33.92 0.81 28.89
CA GLY E 248 -33.70 0.35 30.25
C GLY E 248 -34.84 0.81 31.11
N ASP E 249 -35.22 -0.04 32.09
CA ASP E 249 -36.31 0.31 32.99
C ASP E 249 -36.00 1.54 33.82
N ASP E 250 -34.74 1.80 34.11
CA ASP E 250 -34.31 3.03 34.72
C ASP E 250 -32.89 3.29 34.24
N GLU E 251 -32.26 4.35 34.76
CA GLU E 251 -30.93 4.71 34.32
C GLU E 251 -29.91 3.63 34.65
N GLN E 252 -30.06 2.98 35.81
CA GLN E 252 -29.06 1.97 36.15
C GLN E 252 -29.12 0.79 35.19
N ASP E 253 -30.31 0.41 34.73
CA ASP E 253 -30.44 -0.69 33.77
C ASP E 253 -29.83 -0.33 32.42
N ALA E 254 -30.13 0.89 31.93
CA ALA E 254 -29.61 1.32 30.64
C ALA E 254 -28.09 1.26 30.62
N ILE E 255 -27.46 1.81 31.67
CA ILE E 255 -26.01 1.86 31.77
C ILE E 255 -25.44 0.46 31.93
N SER E 256 -26.09 -0.35 32.74
CA SER E 256 -25.63 -1.70 32.91
C SER E 256 -25.66 -2.46 31.58
N TRP E 257 -26.68 -2.19 30.74
CA TRP E 257 -26.79 -2.81 29.41
C TRP E 257 -25.62 -2.40 28.49
N VAL E 258 -25.23 -1.12 28.51
CA VAL E 258 -24.11 -0.66 27.70
C VAL E 258 -22.80 -1.28 28.17
N GLN E 259 -22.63 -1.43 29.48
CA GLN E 259 -21.43 -2.09 29.97
C GLN E 259 -21.35 -3.52 29.45
N THR E 260 -22.47 -4.24 29.48
CA THR E 260 -22.46 -5.61 28.98
C THR E 260 -22.15 -5.64 27.48
N LEU E 261 -22.66 -4.67 26.73
CA LEU E 261 -22.45 -4.64 25.30
C LEU E 261 -20.97 -4.46 24.98
N LEU E 262 -20.33 -3.45 25.56
CA LEU E 262 -18.91 -3.25 25.36
C LEU E 262 -18.09 -4.50 25.68
N GLY E 263 -18.56 -5.32 26.61
CA GLY E 263 -17.88 -6.55 26.96
C GLY E 263 -17.81 -7.59 25.84
N TYR E 264 -18.64 -7.49 24.81
CA TYR E 264 -18.56 -8.35 23.64
C TYR E 264 -17.73 -7.78 22.51
N LEU E 265 -17.36 -6.51 22.55
CA LEU E 265 -16.85 -5.84 21.37
C LEU E 265 -15.36 -5.61 21.46
N PRO E 266 -14.66 -5.50 20.33
CA PRO E 266 -13.28 -5.06 20.36
C PRO E 266 -13.21 -3.58 20.72
N PRO E 267 -12.02 -3.04 20.95
CA PRO E 267 -11.93 -1.61 21.18
C PRO E 267 -12.04 -0.75 19.92
N ASN E 268 -11.74 -1.33 18.75
CA ASN E 268 -11.66 -0.66 17.46
C ASN E 268 -11.63 -1.74 16.39
N ASN E 269 -11.56 -1.35 15.13
CA ASN E 269 -11.69 -2.33 14.05
C ASN E 269 -10.41 -3.07 13.71
N LEU E 270 -9.31 -2.87 14.45
CA LEU E 270 -8.12 -3.71 14.26
C LEU E 270 -7.87 -4.67 15.40
N ASP E 271 -8.07 -4.23 16.63
CA ASP E 271 -7.72 -5.08 17.77
C ASP E 271 -8.79 -6.13 18.03
N PRO E 272 -8.45 -7.22 18.70
CA PRO E 272 -9.42 -8.31 18.90
C PRO E 272 -10.41 -8.03 20.04
N ALA E 273 -11.59 -8.66 19.91
CA ALA E 273 -12.57 -8.74 20.98
C ALA E 273 -12.01 -9.50 22.19
N PRO E 274 -12.61 -9.33 23.35
CA PRO E 274 -12.13 -10.05 24.53
C PRO E 274 -12.45 -11.52 24.41
N VAL E 275 -11.55 -12.35 24.93
CA VAL E 275 -11.74 -13.79 25.02
C VAL E 275 -11.87 -14.17 26.48
N TYR E 276 -12.93 -14.90 26.82
CA TYR E 276 -13.16 -15.29 28.20
C TYR E 276 -12.94 -16.78 28.35
N ASP E 277 -12.88 -17.24 29.60
CA ASP E 277 -12.81 -18.66 29.83
C ASP E 277 -14.21 -19.26 29.74
N HIS E 278 -14.27 -20.58 29.61
CA HIS E 278 -15.55 -21.23 29.41
C HIS E 278 -15.57 -22.62 30.05
N ASP E 279 -16.77 -23.04 30.47
CA ASP E 279 -17.00 -24.37 31.04
C ASP E 279 -17.85 -25.22 30.10
N CYS E 280 -17.40 -25.39 28.85
CA CYS E 280 -18.17 -26.11 27.84
C CYS E 280 -17.89 -27.61 27.93
N ALA E 281 -18.95 -28.44 27.51
CA ALA E 281 -18.77 -29.88 27.66
C ALA E 281 -18.21 -30.51 26.39
N PRO E 282 -17.25 -31.42 26.53
CA PRO E 282 -16.67 -32.05 25.33
C PRO E 282 -17.62 -33.03 24.65
N GLY E 283 -18.67 -33.48 25.33
CA GLY E 283 -19.55 -34.46 24.74
C GLY E 283 -20.99 -34.00 24.64
N ILE E 284 -21.89 -34.93 24.39
CA ILE E 284 -23.31 -34.62 24.20
C ILE E 284 -23.96 -34.49 25.56
N THR E 285 -24.63 -33.37 25.80
CA THR E 285 -25.35 -33.14 27.04
C THR E 285 -26.84 -33.28 26.83
N GLU E 286 -27.59 -33.15 27.92
CA GLU E 286 -29.04 -33.15 27.78
C GLU E 286 -29.52 -31.89 27.09
N ALA E 287 -28.82 -30.78 27.29
CA ALA E 287 -29.23 -29.57 26.60
C ALA E 287 -29.01 -29.72 25.10
N ASP E 288 -27.96 -30.47 24.70
CA ASP E 288 -27.76 -30.78 23.29
C ASP E 288 -28.85 -31.69 22.78
N LEU E 289 -29.12 -32.78 23.50
CA LEU E 289 -30.14 -33.73 23.03
C LEU E 289 -31.51 -33.09 22.91
N ALA E 290 -31.82 -32.05 23.70
CA ALA E 290 -33.12 -31.39 23.59
C ALA E 290 -33.36 -30.90 22.17
N LEU E 291 -32.31 -30.48 21.47
CA LEU E 291 -32.48 -29.99 20.12
C LEU E 291 -33.11 -31.04 19.20
N ASP E 292 -32.91 -32.32 19.50
CA ASP E 292 -33.55 -33.36 18.70
C ASP E 292 -35.07 -33.34 18.78
N THR E 293 -35.65 -32.74 19.82
CA THR E 293 -37.09 -32.80 19.98
C THR E 293 -37.74 -31.42 19.98
N VAL E 294 -36.99 -30.35 19.68
CA VAL E 294 -37.51 -28.98 19.74
C VAL E 294 -38.34 -28.61 18.52
N ILE E 295 -38.17 -29.29 17.39
CA ILE E 295 -38.96 -29.04 16.19
C ILE E 295 -40.21 -29.90 16.27
N PRO E 296 -41.41 -29.31 16.22
CA PRO E 296 -42.62 -30.09 16.40
C PRO E 296 -42.91 -30.99 15.20
N ASP E 297 -43.72 -32.03 15.45
CA ASP E 297 -44.08 -32.95 14.39
C ASP E 297 -45.02 -32.32 13.37
N SER E 298 -45.90 -31.42 13.80
CA SER E 298 -46.79 -30.73 12.87
C SER E 298 -46.10 -29.53 12.28
N GLU E 299 -46.20 -29.36 10.96
CA GLU E 299 -45.55 -28.22 10.31
C GLU E 299 -46.24 -26.91 10.68
N GLN E 300 -47.52 -26.95 11.04
CA GLN E 300 -48.15 -25.73 11.51
C GLN E 300 -47.57 -25.31 12.87
N GLN E 301 -47.26 -26.26 13.74
CA GLN E 301 -46.83 -25.87 15.08
C GLN E 301 -45.49 -25.14 15.06
N VAL E 302 -45.34 -24.19 15.98
CA VAL E 302 -44.13 -23.41 16.07
C VAL E 302 -43.38 -23.79 17.34
N TYR E 303 -42.18 -23.22 17.46
CA TYR E 303 -41.30 -23.37 18.60
C TYR E 303 -40.62 -22.02 18.84
N ASP E 304 -39.95 -21.91 19.98
CA ASP E 304 -39.19 -20.72 20.31
C ASP E 304 -37.76 -20.93 19.80
N MET E 305 -37.34 -20.09 18.84
CA MET E 305 -35.97 -20.17 18.33
C MET E 305 -34.96 -19.90 19.43
N ALA E 306 -35.32 -19.08 20.40
CA ALA E 306 -34.43 -18.86 21.51
C ALA E 306 -34.08 -20.14 22.23
N ASP E 307 -34.88 -21.19 22.10
CA ASP E 307 -34.49 -22.48 22.66
C ASP E 307 -33.30 -23.08 21.91
N VAL E 308 -33.17 -22.82 20.60
CA VAL E 308 -32.01 -23.32 19.86
C VAL E 308 -30.79 -22.46 20.18
N ILE E 309 -30.99 -21.15 20.22
CA ILE E 309 -29.88 -20.24 20.43
C ILE E 309 -29.23 -20.52 21.77
N THR E 310 -30.04 -20.57 22.85
CA THR E 310 -29.46 -20.81 24.17
C THR E 310 -28.79 -22.17 24.27
N ALA E 311 -29.25 -23.15 23.52
CA ALA E 311 -28.56 -24.43 23.52
C ALA E 311 -27.10 -24.29 23.10
N VAL E 312 -26.84 -23.42 22.12
CA VAL E 312 -25.56 -23.35 21.44
C VAL E 312 -24.59 -22.39 22.13
N LEU E 313 -25.07 -21.29 22.68
CA LEU E 313 -24.18 -20.28 23.25
C LEU E 313 -23.74 -20.64 24.66
N ASP E 314 -22.52 -20.19 25.01
CA ASP E 314 -21.96 -20.36 26.35
C ASP E 314 -22.95 -19.93 27.40
N ASP E 315 -23.18 -20.78 28.40
CA ASP E 315 -24.02 -20.48 29.55
C ASP E 315 -25.47 -20.22 29.17
N GLY E 316 -25.87 -20.50 27.93
CA GLY E 316 -27.24 -20.25 27.54
C GLY E 316 -27.61 -18.79 27.52
N ASP E 317 -26.64 -17.89 27.44
CA ASP E 317 -26.82 -16.46 27.61
C ASP E 317 -26.65 -15.70 26.29
N TYR E 318 -27.38 -14.60 26.14
CA TYR E 318 -27.09 -13.70 25.04
C TYR E 318 -27.68 -12.33 25.31
N LEU E 319 -27.04 -11.31 24.76
CA LEU E 319 -27.51 -9.93 24.83
C LEU E 319 -28.27 -9.62 23.56
N GLU E 320 -29.57 -9.46 23.66
CA GLU E 320 -30.38 -9.26 22.47
C GLU E 320 -30.38 -7.80 22.09
N ILE E 321 -30.25 -7.53 20.78
CA ILE E 321 -30.32 -6.17 20.25
C ILE E 321 -31.68 -6.04 19.58
N HIS E 322 -32.28 -4.85 19.69
CA HIS E 322 -33.62 -4.58 19.18
C HIS E 322 -34.67 -5.60 19.64
N PRO E 323 -34.71 -5.94 20.94
CA PRO E 323 -35.60 -7.04 21.38
C PRO E 323 -37.09 -6.76 21.21
N ASP E 324 -37.53 -5.50 21.18
CA ASP E 324 -38.94 -5.16 21.01
C ASP E 324 -39.25 -4.65 19.62
N PHE E 325 -38.31 -4.74 18.70
CA PHE E 325 -38.51 -4.30 17.32
C PHE E 325 -38.33 -5.51 16.41
N ALA E 326 -39.30 -5.72 15.52
CA ALA E 326 -39.27 -6.80 14.56
C ALA E 326 -38.92 -8.13 15.23
N ARG E 327 -39.81 -8.54 16.13
CA ARG E 327 -39.59 -9.73 16.93
C ARG E 327 -39.55 -10.99 16.11
N ASN E 328 -39.96 -10.93 14.82
CA ASN E 328 -39.86 -12.07 13.91
C ASN E 328 -38.43 -12.39 13.54
N ILE E 329 -37.46 -11.58 13.95
CA ILE E 329 -36.04 -11.92 13.79
C ILE E 329 -35.30 -11.63 15.08
N ILE E 330 -34.33 -12.46 15.42
CA ILE E 330 -33.52 -12.28 16.62
C ILE E 330 -32.13 -11.84 16.23
N CYS E 331 -31.68 -10.73 16.79
CA CYS E 331 -30.29 -10.29 16.63
C CYS E 331 -29.66 -10.20 18.01
N ALA E 332 -28.56 -10.92 18.22
CA ALA E 332 -28.03 -10.96 19.57
C ALA E 332 -26.53 -11.13 19.54
N LEU E 333 -25.89 -10.78 20.66
CA LEU E 333 -24.47 -11.09 20.84
C LEU E 333 -24.29 -12.21 21.88
N GLY E 334 -23.60 -13.28 21.51
CA GLY E 334 -23.34 -14.30 22.51
C GLY E 334 -21.88 -14.72 22.49
N ARG E 335 -21.55 -15.86 23.08
CA ARG E 335 -20.19 -16.38 23.02
C ARG E 335 -20.24 -17.89 22.77
N VAL E 336 -19.22 -18.39 22.09
CA VAL E 336 -19.03 -19.82 21.86
C VAL E 336 -17.59 -20.12 22.15
N GLU E 337 -17.34 -20.96 23.17
CA GLU E 337 -16.00 -21.29 23.67
C GLU E 337 -15.24 -20.03 24.01
N GLY E 338 -15.96 -19.07 24.58
CA GLY E 338 -15.37 -17.86 25.10
C GLY E 338 -15.22 -16.73 24.11
N HIS E 339 -15.45 -16.96 22.83
CA HIS E 339 -15.26 -15.93 21.82
C HIS E 339 -16.59 -15.28 21.45
N SER E 340 -16.52 -13.98 21.13
CA SER E 340 -17.71 -13.25 20.69
C SER E 340 -18.26 -13.86 19.43
N VAL E 341 -19.59 -13.92 19.34
CA VAL E 341 -20.33 -14.40 18.17
C VAL E 341 -21.62 -13.59 18.05
N ALA E 342 -21.97 -13.21 16.84
CA ALA E 342 -23.26 -12.58 16.59
C ALA E 342 -24.24 -13.65 16.09
N VAL E 343 -25.48 -13.56 16.54
CA VAL E 343 -26.50 -14.53 16.17
C VAL E 343 -27.60 -13.80 15.44
N VAL E 344 -27.98 -14.32 14.29
CA VAL E 344 -29.11 -13.80 13.55
C VAL E 344 -30.04 -14.95 13.27
N ALA E 345 -31.24 -14.92 13.81
CA ALA E 345 -32.12 -16.07 13.70
C ALA E 345 -33.56 -15.65 13.47
N ASN E 346 -34.23 -16.33 12.53
CA ASN E 346 -35.67 -16.18 12.35
C ASN E 346 -36.37 -16.69 13.58
N GLN E 347 -37.40 -15.96 14.02
CA GLN E 347 -38.15 -16.36 15.20
C GLN E 347 -39.57 -16.83 14.86
N PRO E 348 -39.85 -18.13 14.78
CA PRO E 348 -41.21 -18.55 14.38
C PRO E 348 -42.29 -18.12 15.36
N ARG E 349 -41.94 -17.68 16.57
CA ARG E 349 -43.01 -17.29 17.46
C ARG E 349 -43.67 -15.98 17.09
N HIS E 350 -43.20 -15.27 16.06
CA HIS E 350 -43.84 -14.05 15.61
C HIS E 350 -43.87 -14.00 14.10
N LEU E 351 -45.07 -13.77 13.55
CA LEU E 351 -45.25 -13.71 12.11
C LEU E 351 -44.70 -14.93 11.40
N ALA E 352 -44.61 -16.06 12.11
CA ALA E 352 -44.05 -17.33 11.63
C ALA E 352 -42.58 -17.21 11.26
N GLY E 353 -41.93 -16.12 11.64
CA GLY E 353 -40.55 -15.97 11.27
C GLY E 353 -40.35 -15.52 9.86
N VAL E 354 -41.37 -14.95 9.21
CA VAL E 354 -41.19 -14.38 7.88
C VAL E 354 -40.36 -13.11 7.99
N LEU E 355 -39.88 -12.67 6.84
CA LEU E 355 -39.11 -11.45 6.75
C LEU E 355 -40.03 -10.31 6.35
N ASP E 356 -39.82 -9.12 6.89
CA ASP E 356 -40.53 -7.94 6.39
C ASP E 356 -39.54 -6.79 6.30
N ILE E 357 -40.08 -5.57 6.15
CA ILE E 357 -39.22 -4.39 6.09
C ILE E 357 -38.41 -4.21 7.36
N ASP E 358 -39.09 -4.27 8.52
CA ASP E 358 -38.44 -3.98 9.80
C ASP E 358 -37.43 -5.05 10.20
N ALA E 359 -37.77 -6.34 10.01
CA ALA E 359 -36.80 -7.37 10.30
C ALA E 359 -35.60 -7.31 9.34
N SER E 360 -35.80 -6.89 8.09
CA SER E 360 -34.68 -6.77 7.17
C SER E 360 -33.74 -5.64 7.59
N GLU E 361 -34.27 -4.50 7.94
CA GLU E 361 -33.41 -3.40 8.27
C GLU E 361 -32.73 -3.58 9.63
N LYS E 362 -33.42 -4.23 10.57
CA LYS E 362 -32.85 -4.52 11.86
C LYS E 362 -31.67 -5.47 11.71
N ALA E 363 -31.85 -6.55 10.95
CA ALA E 363 -30.79 -7.53 10.81
C ALA E 363 -29.66 -7.00 9.93
N ALA E 364 -29.99 -6.31 8.83
CA ALA E 364 -28.96 -5.76 7.97
C ALA E 364 -27.96 -4.92 8.76
N ARG E 365 -28.43 -3.88 9.47
CA ARG E 365 -27.47 -3.02 10.14
C ARG E 365 -26.72 -3.75 11.26
N PHE E 366 -27.38 -4.70 11.91
CA PHE E 366 -26.65 -5.53 12.87
C PHE E 366 -25.48 -6.22 12.21
N ILE E 367 -25.71 -6.89 11.08
CA ILE E 367 -24.67 -7.68 10.42
C ILE E 367 -23.55 -6.76 9.91
N ARG E 368 -23.90 -5.62 9.33
CA ARG E 368 -22.86 -4.72 8.83
C ARG E 368 -22.02 -4.14 9.97
N PHE E 369 -22.61 -3.88 11.13
CA PHE E 369 -21.81 -3.48 12.29
C PHE E 369 -20.86 -4.60 12.72
N CYS E 370 -21.38 -5.82 12.92
CA CYS E 370 -20.52 -6.93 13.31
C CYS E 370 -19.40 -7.16 12.29
N ASP E 371 -19.70 -7.06 11.00
CA ASP E 371 -18.67 -7.26 10.01
C ASP E 371 -17.61 -6.16 10.11
N SER E 372 -18.05 -4.92 10.37
CA SER E 372 -17.10 -3.86 10.61
C SER E 372 -16.11 -4.23 11.70
N PHE E 373 -16.59 -4.96 12.72
CA PHE E 373 -15.81 -5.22 13.92
C PHE E 373 -15.44 -6.67 14.08
N ASN E 374 -15.40 -7.40 12.96
CA ASN E 374 -14.75 -8.72 12.84
C ASN E 374 -15.33 -9.76 13.79
N ILE E 375 -16.62 -9.67 14.08
CA ILE E 375 -17.35 -10.65 14.87
C ILE E 375 -18.05 -11.64 13.94
N PRO E 376 -17.79 -12.93 14.04
CA PRO E 376 -18.40 -13.89 13.10
C PRO E 376 -19.90 -13.94 13.27
N VAL E 377 -20.59 -14.37 12.23
CA VAL E 377 -22.05 -14.33 12.21
C VAL E 377 -22.61 -15.74 12.16
N LEU E 378 -23.33 -16.13 13.21
CA LEU E 378 -24.01 -17.42 13.26
C LEU E 378 -25.49 -17.23 12.95
N THR E 379 -25.98 -17.85 11.89
CA THR E 379 -27.37 -17.71 11.48
C THR E 379 -28.14 -18.99 11.75
N PHE E 380 -29.31 -18.85 12.39
CA PHE E 380 -30.28 -19.93 12.52
C PHE E 380 -31.46 -19.61 11.59
N MET E 381 -31.69 -20.48 10.62
CA MET E 381 -32.63 -20.21 9.54
C MET E 381 -33.89 -21.07 9.64
N ASP E 382 -35.03 -20.40 9.69
CA ASP E 382 -36.35 -21.03 9.62
C ASP E 382 -37.26 -19.95 9.05
N VAL E 383 -37.24 -19.80 7.73
CA VAL E 383 -37.83 -18.65 7.07
C VAL E 383 -38.75 -19.16 5.96
N PRO E 384 -40.05 -18.89 6.03
CA PRO E 384 -40.98 -19.35 4.99
C PRO E 384 -41.19 -18.37 3.87
N GLY E 385 -40.68 -17.15 3.97
CA GLY E 385 -40.77 -16.20 2.88
C GLY E 385 -40.93 -14.81 3.43
N TYR E 386 -41.57 -13.91 2.69
CA TYR E 386 -41.78 -12.54 3.14
C TYR E 386 -43.24 -12.30 3.46
N LEU E 387 -43.46 -11.37 4.38
CA LEU E 387 -44.82 -10.97 4.74
C LEU E 387 -45.47 -10.26 3.56
N PRO E 388 -46.61 -10.73 3.05
CA PRO E 388 -47.19 -10.11 1.85
C PRO E 388 -48.12 -8.97 2.21
N GLY E 389 -48.33 -8.09 1.26
CA GLY E 389 -49.27 -6.99 1.44
C GLY E 389 -48.96 -5.80 0.55
N VAL E 390 -49.98 -4.96 0.38
CA VAL E 390 -49.80 -3.71 -0.36
C VAL E 390 -48.91 -2.75 0.40
N GLY E 391 -48.92 -2.80 1.73
CA GLY E 391 -48.08 -1.91 2.50
C GLY E 391 -46.61 -2.29 2.41
N GLN E 392 -46.31 -3.58 2.50
CA GLN E 392 -44.94 -3.98 2.28
C GLN E 392 -44.42 -3.50 0.92
N GLU E 393 -45.22 -3.64 -0.15
CA GLU E 393 -44.72 -3.26 -1.47
C GLU E 393 -44.58 -1.75 -1.61
N HIS E 394 -45.63 -1.01 -1.27
CA HIS E 394 -45.61 0.43 -1.49
C HIS E 394 -44.67 1.14 -0.53
N GLN E 395 -44.44 0.58 0.64
CA GLN E 395 -43.45 1.13 1.54
C GLN E 395 -42.03 0.72 1.18
N GLY E 396 -41.84 -0.16 0.20
CA GLY E 396 -40.55 -0.35 -0.43
C GLY E 396 -39.79 -1.59 0.02
N ILE E 397 -40.45 -2.75 0.08
CA ILE E 397 -39.75 -3.95 0.52
C ILE E 397 -38.62 -4.30 -0.43
N ILE E 398 -38.72 -3.93 -1.70
CA ILE E 398 -37.70 -4.33 -2.65
C ILE E 398 -36.35 -3.72 -2.31
N ARG E 399 -36.30 -2.40 -2.08
CA ARG E 399 -35.02 -1.76 -1.79
C ARG E 399 -34.69 -1.73 -0.30
N ARG E 400 -35.66 -1.94 0.58
CA ARG E 400 -35.36 -2.07 1.99
C ARG E 400 -35.14 -3.52 2.43
N GLY E 401 -35.81 -4.48 1.79
CA GLY E 401 -35.52 -5.86 2.08
C GLY E 401 -34.17 -6.31 1.55
N ILE E 402 -33.70 -5.68 0.47
CA ILE E 402 -32.47 -6.13 -0.17
C ILE E 402 -31.26 -5.68 0.63
N LYS E 403 -31.43 -4.74 1.57
CA LYS E 403 -30.36 -4.34 2.47
C LYS E 403 -29.81 -5.55 3.24
N LEU E 404 -30.66 -6.49 3.58
CA LEU E 404 -30.17 -7.66 4.28
C LEU E 404 -29.36 -8.57 3.35
N PHE E 405 -29.83 -8.75 2.09
CA PHE E 405 -29.03 -9.42 1.08
C PHE E 405 -27.67 -8.76 0.97
N TYR E 406 -27.67 -7.44 0.78
CA TYR E 406 -26.41 -6.73 0.70
C TYR E 406 -25.52 -7.05 1.88
N ALA E 407 -26.03 -6.82 3.11
CA ALA E 407 -25.22 -7.01 4.32
C ALA E 407 -24.58 -8.39 4.34
N TYR E 408 -25.35 -9.45 4.21
CA TYR E 408 -24.74 -10.78 4.15
C TYR E 408 -23.67 -10.87 3.05
N ALA E 409 -24.02 -10.49 1.81
CA ALA E 409 -23.10 -10.67 0.69
C ALA E 409 -21.81 -9.83 0.82
N GLU E 410 -21.87 -8.68 1.44
CA GLU E 410 -20.69 -7.84 1.57
C GLU E 410 -19.79 -8.29 2.72
N SER E 411 -20.35 -8.91 3.76
CA SER E 411 -19.55 -9.29 4.92
C SER E 411 -18.46 -10.27 4.54
N THR E 412 -17.35 -10.16 5.24
CA THR E 412 -16.25 -11.06 4.99
C THR E 412 -15.92 -11.91 6.21
N VAL E 413 -16.56 -11.64 7.34
CA VAL E 413 -16.34 -12.34 8.60
C VAL E 413 -16.81 -13.77 8.40
N PRO E 414 -16.33 -14.70 9.19
CA PRO E 414 -16.87 -16.06 9.13
C PRO E 414 -18.37 -16.06 9.32
N LYS E 415 -19.04 -16.88 8.55
CA LYS E 415 -20.47 -17.06 8.66
C LYS E 415 -20.78 -18.55 8.68
N ILE E 416 -21.37 -19.01 9.78
CA ILE E 416 -21.88 -20.38 9.89
C ILE E 416 -23.39 -20.30 9.95
N THR E 417 -24.05 -21.12 9.16
CA THR E 417 -25.50 -21.13 9.06
C THR E 417 -26.05 -22.51 9.38
N VAL E 418 -27.08 -22.51 10.20
CA VAL E 418 -27.65 -23.70 10.76
C VAL E 418 -29.13 -23.66 10.38
N ILE E 419 -29.55 -24.53 9.49
CA ILE E 419 -30.91 -24.47 8.97
C ILE E 419 -31.77 -25.43 9.78
N THR E 420 -32.66 -24.90 10.64
CA THR E 420 -33.53 -25.77 11.44
C THR E 420 -34.75 -26.26 10.67
N ARG E 421 -35.55 -25.36 10.08
CA ARG E 421 -36.76 -25.84 9.43
C ARG E 421 -36.98 -25.30 8.03
N LYS E 422 -37.76 -24.25 7.87
CA LYS E 422 -38.17 -23.81 6.56
C LYS E 422 -37.12 -22.94 5.87
N ALA E 423 -36.98 -23.15 4.58
CA ALA E 423 -35.89 -22.70 3.80
C ALA E 423 -36.38 -22.45 2.38
N TYR E 424 -37.23 -21.45 2.18
CA TYR E 424 -37.94 -21.30 0.92
C TYR E 424 -37.47 -20.05 0.21
N GLY E 425 -37.11 -20.21 -1.06
CA GLY E 425 -37.05 -19.11 -2.00
C GLY E 425 -36.08 -18.03 -1.60
N GLY E 426 -36.52 -16.78 -1.71
CA GLY E 426 -35.59 -15.70 -1.50
C GLY E 426 -35.15 -15.59 -0.05
N GLY E 427 -36.08 -15.88 0.87
CA GLY E 427 -35.73 -15.95 2.28
C GLY E 427 -34.57 -16.89 2.56
N TYR E 428 -34.58 -18.06 1.93
CA TYR E 428 -33.45 -18.98 2.08
C TYR E 428 -32.18 -18.37 1.52
N ALA E 429 -32.27 -17.71 0.38
CA ALA E 429 -31.10 -17.10 -0.24
C ALA E 429 -30.47 -16.07 0.68
N VAL E 430 -31.31 -15.20 1.27
CA VAL E 430 -30.79 -14.08 2.07
C VAL E 430 -30.25 -14.53 3.40
N MET E 431 -30.95 -15.46 4.07
CA MET E 431 -30.62 -15.83 5.44
C MET E 431 -29.37 -16.71 5.57
N GLY E 432 -28.21 -16.17 5.22
CA GLY E 432 -26.96 -16.91 5.35
C GLY E 432 -26.72 -18.11 4.47
N SER E 433 -27.17 -18.10 3.21
CA SER E 433 -26.98 -19.28 2.40
C SER E 433 -25.52 -19.43 1.95
N ARG E 434 -25.21 -20.60 1.41
CA ARG E 434 -23.84 -20.83 0.96
C ARG E 434 -23.47 -19.86 -0.15
N GLN E 435 -24.41 -19.59 -1.08
CA GLN E 435 -24.09 -18.78 -2.26
C GLN E 435 -24.00 -17.29 -1.98
N ILE E 436 -24.57 -16.82 -0.86
CA ILE E 436 -24.42 -15.42 -0.47
C ILE E 436 -23.13 -15.17 0.29
N GLY E 437 -22.34 -16.20 0.55
CA GLY E 437 -21.07 -16.04 1.23
C GLY E 437 -20.72 -16.95 2.40
N ALA E 438 -21.66 -17.77 2.85
CA ALA E 438 -21.49 -18.48 4.10
C ALA E 438 -20.34 -19.46 4.00
N ASP E 439 -19.54 -19.55 5.04
CA ASP E 439 -18.43 -20.48 5.04
C ASP E 439 -18.88 -21.90 5.37
N ARG E 440 -19.96 -22.07 6.09
CA ARG E 440 -20.34 -23.41 6.48
C ARG E 440 -21.84 -23.42 6.70
N VAL E 441 -22.53 -24.33 6.02
CA VAL E 441 -23.97 -24.46 6.17
C VAL E 441 -24.25 -25.88 6.55
N MET E 442 -24.89 -26.07 7.69
CA MET E 442 -25.36 -27.38 8.12
C MET E 442 -26.87 -27.37 8.26
N ALA E 443 -27.50 -28.47 7.90
CA ALA E 443 -28.95 -28.52 7.88
C ALA E 443 -29.42 -29.59 8.84
N TRP E 444 -30.46 -29.27 9.62
CA TRP E 444 -31.14 -30.32 10.38
C TRP E 444 -32.01 -31.15 9.44
N PRO E 445 -32.36 -32.38 9.83
CA PRO E 445 -33.22 -33.19 8.94
C PRO E 445 -34.60 -32.61 8.77
N THR E 446 -35.02 -31.71 9.63
CA THR E 446 -36.29 -31.03 9.52
C THR E 446 -36.26 -29.90 8.49
N ALA E 447 -35.09 -29.63 7.90
CA ALA E 447 -34.93 -28.51 6.96
C ALA E 447 -35.58 -28.82 5.62
N GLU E 448 -36.38 -27.88 5.11
CA GLU E 448 -37.03 -28.03 3.80
C GLU E 448 -36.50 -26.94 2.87
N ILE E 449 -35.55 -27.28 2.01
CA ILE E 449 -34.90 -26.30 1.15
C ILE E 449 -35.46 -26.44 -0.26
N ALA E 450 -36.10 -25.39 -0.74
CA ALA E 450 -37.00 -25.50 -1.89
C ALA E 450 -37.26 -24.12 -2.46
N VAL E 451 -37.79 -24.09 -3.68
CA VAL E 451 -38.28 -22.82 -4.20
C VAL E 451 -39.59 -22.41 -3.54
N MET E 452 -40.30 -23.33 -2.92
CA MET E 452 -41.69 -23.12 -2.54
C MET E 452 -42.15 -24.27 -1.64
N GLY E 453 -43.33 -24.10 -1.04
CA GLY E 453 -43.96 -25.18 -0.28
C GLY E 453 -45.09 -25.87 -1.00
N ALA E 454 -46.18 -26.17 -0.28
CA ALA E 454 -47.40 -26.72 -0.88
C ALA E 454 -48.16 -25.67 -1.69
N ASN E 455 -47.46 -25.02 -2.62
CA ASN E 455 -48.01 -23.98 -3.48
C ASN E 455 -47.62 -24.17 -4.94
N SER E 456 -46.74 -25.12 -5.24
CA SER E 456 -46.22 -25.30 -6.58
C SER E 456 -47.08 -26.22 -7.44
N ALA E 457 -47.60 -27.30 -6.85
CA ALA E 457 -48.44 -28.26 -7.57
C ALA E 457 -49.43 -27.53 -8.45
N VAL E 458 -50.10 -26.55 -7.86
CA VAL E 458 -50.79 -25.51 -8.59
C VAL E 458 -49.89 -24.95 -9.70
N ARG E 487 -42.71 -34.20 0.63
CA ARG E 487 -41.67 -35.21 0.84
C ARG E 487 -40.89 -35.41 -0.44
N ARG E 488 -41.17 -34.48 -1.32
CA ARG E 488 -40.39 -34.19 -2.50
C ARG E 488 -39.33 -33.16 -2.16
N PHE E 489 -39.76 -32.13 -1.44
CA PHE E 489 -38.98 -30.98 -1.01
C PHE E 489 -39.05 -30.81 0.49
N GLY E 490 -39.46 -31.86 1.22
CA GLY E 490 -39.65 -31.68 2.65
C GLY E 490 -38.41 -32.07 3.42
N ASN E 491 -37.26 -31.98 2.77
CA ASN E 491 -36.01 -32.44 3.36
C ASN E 491 -34.91 -31.57 2.81
N PRO E 492 -33.68 -31.72 3.29
CA PRO E 492 -32.56 -30.97 2.70
C PRO E 492 -31.77 -31.75 1.67
N TYR E 493 -32.20 -32.95 1.29
CA TYR E 493 -31.27 -33.81 0.58
C TYR E 493 -31.03 -33.42 -0.87
N GLU E 494 -31.92 -32.62 -1.48
CA GLU E 494 -31.59 -32.13 -2.81
C GLU E 494 -30.50 -31.08 -2.74
N ALA E 495 -30.62 -30.13 -1.81
CA ALA E 495 -29.58 -29.13 -1.65
C ALA E 495 -28.26 -29.78 -1.30
N ALA E 496 -28.30 -30.73 -0.38
CA ALA E 496 -27.09 -31.44 -0.01
C ALA E 496 -26.51 -32.20 -1.18
N ALA E 497 -27.40 -32.73 -2.03
CA ALA E 497 -26.94 -33.49 -3.20
C ALA E 497 -26.07 -32.61 -4.09
N HIS E 498 -26.47 -31.35 -4.27
CA HIS E 498 -25.79 -30.37 -5.11
C HIS E 498 -24.66 -29.64 -4.41
N GLY E 499 -24.48 -29.82 -3.11
CA GLY E 499 -23.43 -29.14 -2.39
C GLY E 499 -23.78 -27.77 -1.85
N TYR E 500 -25.05 -27.38 -1.90
CA TYR E 500 -25.47 -26.10 -1.38
C TYR E 500 -25.50 -26.06 0.14
N VAL E 501 -25.61 -27.21 0.81
CA VAL E 501 -25.36 -27.32 2.23
C VAL E 501 -24.21 -28.28 2.41
N ASP E 502 -23.39 -28.02 3.42
CA ASP E 502 -22.19 -28.80 3.62
C ASP E 502 -22.43 -30.06 4.41
N MET E 503 -23.34 -30.03 5.38
CA MET E 503 -23.51 -31.13 6.33
C MET E 503 -24.98 -31.29 6.65
N VAL E 504 -25.46 -32.51 6.72
CA VAL E 504 -26.78 -32.77 7.28
C VAL E 504 -26.57 -33.47 8.60
N ILE E 505 -26.89 -32.78 9.70
CA ILE E 505 -26.57 -33.21 11.05
C ILE E 505 -27.84 -33.45 11.84
N SER E 506 -27.70 -34.30 12.84
CA SER E 506 -28.76 -34.47 13.82
C SER E 506 -28.76 -33.29 14.75
N PRO E 507 -29.91 -32.72 15.08
CA PRO E 507 -29.90 -31.45 15.81
C PRO E 507 -29.00 -31.44 17.03
N SER E 508 -28.89 -32.57 17.73
CA SER E 508 -28.09 -32.63 18.94
C SER E 508 -26.62 -32.29 18.69
N ARG E 509 -26.17 -32.41 17.47
CA ARG E 509 -24.78 -32.14 17.12
C ARG E 509 -24.51 -30.67 16.87
N THR E 510 -25.52 -29.80 16.94
CA THR E 510 -25.36 -28.43 16.48
C THR E 510 -24.25 -27.70 17.23
N ARG E 511 -24.32 -27.64 18.55
CA ARG E 511 -23.30 -26.92 19.30
C ARG E 511 -21.89 -27.38 18.94
N TYR E 512 -21.68 -28.69 19.00
CA TYR E 512 -20.36 -29.23 18.75
C TYR E 512 -19.84 -28.87 17.36
N GLU E 513 -20.69 -28.95 16.32
CA GLU E 513 -20.29 -28.63 14.95
C GLU E 513 -20.09 -27.13 14.70
N VAL E 514 -20.89 -26.29 15.35
CA VAL E 514 -20.68 -24.85 15.27
C VAL E 514 -19.34 -24.46 15.89
N ALA E 515 -19.05 -25.00 17.07
CA ALA E 515 -17.81 -24.66 17.76
C ALA E 515 -16.61 -25.06 16.92
N ARG E 516 -16.62 -26.29 16.44
CA ARG E 516 -15.59 -26.76 15.53
C ARG E 516 -15.39 -25.79 14.37
N ALA E 517 -16.47 -25.53 13.63
CA ALA E 517 -16.38 -24.68 12.44
C ALA E 517 -15.87 -23.29 12.80
N LEU E 518 -16.43 -22.69 13.85
CA LEU E 518 -15.93 -21.39 14.27
C LEU E 518 -14.42 -21.43 14.46
N ALA E 519 -13.92 -22.41 15.21
CA ALA E 519 -12.48 -22.51 15.43
C ALA E 519 -11.76 -22.64 14.10
N SER E 520 -12.36 -23.37 13.16
CA SER E 520 -11.69 -23.58 11.89
C SER E 520 -11.57 -22.32 11.06
N LEU E 521 -12.29 -21.25 11.40
CA LEU E 521 -12.36 -20.08 10.56
C LEU E 521 -11.73 -18.86 11.19
N ARG E 522 -11.04 -19.01 12.32
CA ARG E 522 -10.53 -17.82 13.00
C ARG E 522 -9.46 -17.11 12.18
N ASN E 523 -8.72 -17.85 11.36
CA ASN E 523 -7.68 -17.26 10.53
C ASN E 523 -8.19 -16.90 9.16
N LYS E 524 -9.49 -16.73 8.99
CA LYS E 524 -10.05 -16.44 7.67
C LYS E 524 -9.61 -15.07 7.20
N ARG E 525 -9.49 -14.93 5.89
CA ARG E 525 -9.10 -13.67 5.27
C ARG E 525 -9.76 -13.54 3.90
N GLN E 526 -10.33 -12.37 3.63
CA GLN E 526 -11.04 -12.15 2.39
C GLN E 526 -10.70 -10.78 1.84
N ALA E 527 -10.36 -10.77 0.55
CA ALA E 527 -10.06 -9.53 -0.12
C ALA E 527 -11.37 -8.80 -0.45
N ARG E 528 -11.40 -7.53 -0.16
CA ARG E 528 -12.62 -6.79 -0.42
C ARG E 528 -12.43 -5.86 -1.63
N PRO E 529 -13.50 -5.57 -2.37
CA PRO E 529 -13.36 -4.73 -3.56
C PRO E 529 -12.58 -3.44 -3.29
N ALA E 530 -11.89 -2.96 -4.30
CA ALA E 530 -11.31 -1.64 -4.24
C ALA E 530 -12.36 -0.65 -4.71
N ARG E 531 -12.75 0.25 -3.83
CA ARG E 531 -13.76 1.26 -4.09
C ARG E 531 -13.79 2.15 -2.87
N LYS E 532 -14.15 3.42 -3.06
CA LYS E 532 -14.39 4.29 -1.91
C LYS E 532 -15.39 3.66 -0.95
N HIS E 533 -16.49 3.19 -1.47
CA HIS E 533 -17.57 2.58 -0.72
C HIS E 533 -18.52 2.02 -1.77
N GLY E 534 -19.39 1.13 -1.34
CA GLY E 534 -20.45 0.63 -2.19
C GLY E 534 -21.60 1.62 -2.29
N ASN E 535 -22.69 1.15 -2.89
CA ASN E 535 -23.91 1.94 -3.02
C ASN E 535 -25.11 1.09 -2.57
N ILE E 536 -25.06 0.62 -1.33
CA ILE E 536 -26.17 -0.11 -0.72
C ILE E 536 -27.45 0.67 -0.93
N PRO E 537 -28.59 0.03 -1.18
CA PRO E 537 -29.85 0.77 -1.30
C PRO E 537 -30.27 1.36 0.03
N LEU E 538 -30.64 2.63 0.01
CA LEU E 538 -31.01 3.34 1.22
C LEU E 538 -32.52 3.53 1.28
N SER F 22 47.44 -32.03 4.31
CA SER F 22 46.91 -32.83 5.44
C SER F 22 45.84 -32.08 6.28
N THR F 23 44.80 -32.80 6.70
CA THR F 23 43.71 -32.14 7.43
C THR F 23 44.18 -31.56 8.75
N ALA F 24 44.85 -32.35 9.59
CA ALA F 24 45.27 -31.83 10.89
C ALA F 24 46.27 -30.71 10.73
N ASP F 25 47.14 -30.82 9.72
CA ASP F 25 48.09 -29.74 9.48
C ASP F 25 47.37 -28.45 9.11
N ARG F 26 46.33 -28.56 8.29
CA ARG F 26 45.53 -27.39 7.91
C ARG F 26 44.86 -26.75 9.13
N ILE F 27 44.30 -27.57 10.03
CA ILE F 27 43.66 -27.04 11.23
C ILE F 27 44.66 -26.33 12.13
N ALA F 28 45.84 -26.92 12.31
CA ALA F 28 46.86 -26.28 13.13
C ALA F 28 47.36 -25.00 12.48
N ASP F 29 47.55 -25.00 11.16
CA ASP F 29 47.94 -23.77 10.47
C ASP F 29 46.92 -22.67 10.67
N LEU F 30 45.62 -23.03 10.74
CA LEU F 30 44.57 -22.08 11.06
C LEU F 30 44.73 -21.56 12.48
N ALA F 31 44.92 -22.46 13.45
CA ALA F 31 45.17 -21.99 14.82
C ALA F 31 46.33 -21.02 14.87
N ALA F 32 47.36 -21.24 14.04
CA ALA F 32 48.50 -20.35 14.00
C ALA F 32 48.13 -18.98 13.43
N ARG F 33 47.39 -18.97 12.32
CA ARG F 33 46.98 -17.70 11.74
C ARG F 33 46.06 -16.96 12.70
N HIS F 34 45.17 -17.67 13.37
CA HIS F 34 44.26 -16.98 14.26
C HIS F 34 45.04 -16.31 15.37
N GLU F 35 46.05 -17.02 15.88
CA GLU F 35 46.83 -16.46 16.96
C GLU F 35 47.67 -15.31 16.45
N GLU F 36 48.10 -15.36 15.21
CA GLU F 36 48.81 -14.21 14.66
C GLU F 36 47.90 -13.01 14.58
N ALA F 37 46.62 -13.22 14.24
CA ALA F 37 45.70 -12.13 13.98
C ALA F 37 45.03 -11.58 15.22
N VAL F 38 44.99 -12.33 16.31
CA VAL F 38 44.15 -11.98 17.45
C VAL F 38 44.95 -11.85 18.73
N VAL F 39 45.98 -12.67 18.93
CA VAL F 39 46.73 -12.65 20.17
C VAL F 39 47.98 -11.79 20.03
N LEU F 40 48.74 -11.99 18.95
CA LEU F 40 49.99 -11.26 18.78
C LEU F 40 49.74 -9.82 18.43
N ALA F 41 48.92 -9.59 17.41
CA ALA F 41 48.52 -8.22 17.07
C ALA F 41 47.98 -7.50 18.30
N GLU F 42 47.25 -8.20 19.15
CA GLU F 42 46.72 -7.60 20.37
C GLU F 42 47.83 -7.25 21.35
N LYS F 43 48.87 -8.08 21.43
CA LYS F 43 49.99 -7.73 22.29
C LYS F 43 50.66 -6.47 21.79
N LYS F 44 50.99 -6.42 20.50
CA LYS F 44 51.70 -5.24 20.02
C LYS F 44 50.81 -4.00 20.06
N ALA F 45 49.49 -4.16 19.87
CA ALA F 45 48.59 -3.03 20.00
C ALA F 45 48.44 -2.60 21.45
N ALA F 46 48.50 -3.54 22.38
CA ALA F 46 48.38 -3.17 23.78
C ALA F 46 49.57 -2.33 24.24
N ASP F 47 50.79 -2.66 23.81
CA ASP F 47 51.94 -1.86 24.24
C ASP F 47 51.86 -0.44 23.68
N ARG F 48 51.68 -0.30 22.37
CA ARG F 48 51.62 1.05 21.78
C ARG F 48 50.47 1.86 22.36
N GLN F 49 49.29 1.23 22.53
CA GLN F 49 48.12 2.00 22.98
C GLN F 49 48.26 2.38 24.45
N HIS F 50 48.67 1.44 25.30
CA HIS F 50 48.75 1.73 26.73
C HIS F 50 49.74 2.87 27.00
N LEU F 51 50.74 3.03 26.14
CA LEU F 51 51.68 4.12 26.35
C LEU F 51 51.01 5.48 26.19
N LYS F 52 50.00 5.60 25.35
CA LYS F 52 49.30 6.86 25.14
C LYS F 52 48.06 7.01 26.02
N GLY F 53 47.80 6.08 26.92
CA GLY F 53 46.64 6.19 27.80
C GLY F 53 45.37 5.64 27.20
N LYS F 54 45.50 4.68 26.29
CA LYS F 54 44.42 4.18 25.45
C LYS F 54 44.33 2.67 25.59
N LEU F 55 43.10 2.16 25.47
CA LEU F 55 42.81 0.76 25.35
C LEU F 55 42.90 0.36 23.89
N THR F 56 42.86 -0.94 23.64
CA THR F 56 42.98 -1.46 22.29
C THR F 56 41.61 -1.56 21.62
N ALA F 57 41.65 -1.73 20.30
CA ALA F 57 40.42 -1.94 19.57
C ALA F 57 39.64 -3.10 20.16
N ARG F 58 40.30 -4.22 20.39
CA ARG F 58 39.60 -5.40 20.91
C ARG F 58 39.23 -5.23 22.38
N ALA F 59 40.05 -4.54 23.18
CA ALA F 59 39.69 -4.40 24.58
C ALA F 59 38.41 -3.59 24.74
N ARG F 60 38.25 -2.58 23.89
CA ARG F 60 37.02 -1.80 23.87
C ARG F 60 35.82 -2.65 23.45
N ILE F 61 36.00 -3.55 22.48
CA ILE F 61 34.88 -4.40 22.09
C ILE F 61 34.45 -5.27 23.25
N ASP F 62 35.42 -5.78 24.00
CA ASP F 62 35.10 -6.64 25.13
C ASP F 62 34.40 -5.89 26.27
N LEU F 63 34.77 -4.62 26.50
CA LEU F 63 34.03 -3.84 27.48
C LEU F 63 32.60 -3.62 27.02
N LEU F 64 32.42 -3.42 25.72
CA LEU F 64 31.13 -3.00 25.21
C LEU F 64 30.13 -4.16 25.16
N LEU F 65 30.56 -5.31 24.66
CA LEU F 65 29.65 -6.43 24.45
C LEU F 65 29.54 -7.31 25.69
N ASP F 66 28.42 -8.01 25.79
CA ASP F 66 28.29 -9.01 26.82
C ASP F 66 29.40 -10.05 26.65
N PRO F 67 29.95 -10.57 27.73
CA PRO F 67 31.00 -11.60 27.58
C PRO F 67 30.49 -12.81 26.81
N GLY F 68 31.33 -13.29 25.89
CA GLY F 68 31.09 -14.46 25.09
C GLY F 68 30.19 -14.25 23.89
N SER F 69 29.68 -13.04 23.71
CA SER F 69 28.73 -12.76 22.65
C SER F 69 29.37 -12.29 21.36
N PHE F 70 30.65 -11.93 21.37
CA PHE F 70 31.28 -11.36 20.18
C PHE F 70 31.56 -12.43 19.14
N VAL F 71 30.98 -12.26 17.96
CA VAL F 71 31.35 -13.00 16.77
C VAL F 71 32.11 -12.02 15.89
N GLU F 72 33.36 -12.31 15.59
CA GLU F 72 34.15 -11.45 14.73
C GLU F 72 33.98 -11.87 13.29
N LEU F 73 33.84 -10.90 12.39
CA LEU F 73 33.79 -11.17 10.96
C LEU F 73 35.05 -10.63 10.26
N ASP F 74 35.36 -11.23 9.12
CA ASP F 74 36.49 -10.81 8.31
C ASP F 74 37.79 -10.69 9.12
N GLU F 75 37.99 -11.64 10.02
CA GLU F 75 39.24 -11.71 10.77
C GLU F 75 40.45 -11.71 9.85
N PHE F 76 40.37 -12.45 8.75
CA PHE F 76 41.51 -12.63 7.86
C PHE F 76 41.44 -11.77 6.59
N VAL F 77 40.70 -10.67 6.61
CA VAL F 77 40.75 -9.73 5.49
C VAL F 77 42.14 -9.12 5.39
N ARG F 78 42.61 -8.93 4.16
CA ARG F 78 43.89 -8.28 3.91
C ARG F 78 43.70 -7.29 2.78
N HIS F 79 44.53 -6.25 2.75
CA HIS F 79 44.49 -5.39 1.57
C HIS F 79 45.28 -6.05 0.44
N ARG F 80 45.24 -5.42 -0.74
CA ARG F 80 45.88 -5.94 -1.94
C ARG F 80 47.33 -5.47 -2.11
N PRO F 87 53.69 -4.40 4.28
CA PRO F 87 52.94 -5.13 5.31
C PRO F 87 51.44 -5.26 4.99
N ARG F 88 50.91 -6.49 5.12
CA ARG F 88 49.49 -6.82 4.86
C ARG F 88 48.92 -7.60 6.04
N PRO F 89 48.62 -6.91 7.13
CA PRO F 89 48.12 -7.61 8.32
C PRO F 89 46.66 -8.02 8.20
N TYR F 90 46.35 -9.14 8.85
CA TYR F 90 45.00 -9.60 8.94
C TYR F 90 44.08 -8.56 9.57
N GLY F 91 42.95 -8.30 8.93
CA GLY F 91 41.94 -7.40 9.42
C GLY F 91 41.98 -6.02 8.80
N ASP F 92 43.08 -5.66 8.15
CA ASP F 92 43.33 -4.36 7.52
C ASP F 92 43.09 -3.17 8.44
N GLY F 93 43.24 -3.36 9.74
CA GLY F 93 43.19 -2.27 10.69
C GLY F 93 41.89 -2.04 11.44
N VAL F 94 40.84 -2.81 11.20
CA VAL F 94 39.57 -2.61 11.88
C VAL F 94 39.05 -3.97 12.35
N VAL F 95 38.39 -3.98 13.50
CA VAL F 95 37.83 -5.19 14.07
C VAL F 95 36.31 -5.06 14.00
N THR F 96 35.67 -5.99 13.31
CA THR F 96 34.25 -5.87 13.05
C THR F 96 33.60 -7.17 13.46
N GLY F 97 32.34 -7.07 13.87
CA GLY F 97 31.54 -8.24 14.18
C GLY F 97 30.23 -7.83 14.81
N HIS F 98 29.51 -8.82 15.33
CA HIS F 98 28.27 -8.56 16.05
C HIS F 98 28.32 -9.26 17.40
N GLY F 99 27.50 -8.78 18.32
CA GLY F 99 27.40 -9.38 19.64
C GLY F 99 26.11 -8.95 20.28
N THR F 100 26.04 -8.98 21.61
CA THR F 100 24.88 -8.48 22.33
C THR F 100 25.29 -7.50 23.41
N ILE F 101 24.37 -6.60 23.75
CA ILE F 101 24.49 -5.74 24.91
C ILE F 101 23.24 -5.94 25.75
N ASP F 102 23.42 -6.42 26.98
CA ASP F 102 22.32 -6.80 27.85
C ASP F 102 21.29 -7.65 27.11
N GLY F 103 21.77 -8.71 26.46
CA GLY F 103 20.93 -9.68 25.81
C GLY F 103 20.38 -9.31 24.44
N ARG F 104 20.55 -8.08 23.98
CA ARG F 104 19.99 -7.69 22.71
C ARG F 104 21.12 -7.49 21.72
N GLN F 105 20.87 -7.84 20.46
CA GLN F 105 21.91 -7.86 19.44
C GLN F 105 22.30 -6.46 18.96
N VAL F 106 23.59 -6.29 18.68
CA VAL F 106 24.14 -5.07 18.10
C VAL F 106 25.29 -5.48 17.18
N CYS F 107 25.64 -4.61 16.25
CA CYS F 107 26.88 -4.74 15.48
C CYS F 107 27.89 -3.68 15.91
N VAL F 108 29.16 -3.91 15.60
CA VAL F 108 30.24 -3.10 16.16
C VAL F 108 31.43 -3.11 15.21
N PHE F 109 32.05 -1.96 15.05
CA PHE F 109 33.38 -1.90 14.47
C PHE F 109 34.31 -1.04 15.33
N SER F 110 35.57 -1.43 15.43
CA SER F 110 36.51 -0.78 16.31
C SER F 110 37.79 -0.55 15.53
N HIS F 111 38.22 0.71 15.42
CA HIS F 111 39.46 1.04 14.72
C HIS F 111 40.66 0.62 15.55
N ASP F 112 41.69 0.10 14.90
CA ASP F 112 42.95 -0.16 15.58
C ASP F 112 44.02 0.81 15.12
N PHE F 113 44.25 1.84 15.94
CA PHE F 113 45.17 2.93 15.60
C PHE F 113 46.59 2.44 15.30
N THR F 114 46.94 1.23 15.76
CA THR F 114 48.31 0.77 15.66
C THR F 114 48.62 0.18 14.30
N THR F 115 47.58 -0.24 13.58
CA THR F 115 47.70 -0.79 12.24
C THR F 115 47.41 0.30 11.22
N LEU F 116 48.42 0.69 10.45
CA LEU F 116 48.29 1.74 9.44
C LEU F 116 47.58 2.98 9.99
N GLY F 117 47.76 3.27 11.27
CA GLY F 117 47.08 4.41 11.85
C GLY F 117 45.59 4.27 11.88
N GLY F 118 45.07 3.04 11.77
CA GLY F 118 43.64 2.82 11.73
C GLY F 118 42.97 3.52 10.57
N SER F 119 43.64 3.61 9.43
CA SER F 119 43.28 4.45 8.32
C SER F 119 42.33 3.74 7.35
N MET F 120 41.66 4.54 6.53
CA MET F 120 40.55 4.08 5.71
C MET F 120 41.06 3.44 4.42
N GLY F 121 40.89 2.11 4.29
CA GLY F 121 41.33 1.39 3.12
C GLY F 121 40.18 0.66 2.43
N GLU F 122 40.48 0.12 1.25
CA GLU F 122 39.51 -0.69 0.51
C GLU F 122 39.05 -1.88 1.36
N ALA F 123 40.00 -2.64 1.92
CA ALA F 123 39.64 -3.81 2.70
C ALA F 123 38.93 -3.41 3.99
N PHE F 124 39.58 -2.56 4.79
CA PHE F 124 38.99 -1.82 5.91
C PHE F 124 37.55 -1.42 5.63
N GLY F 125 37.32 -0.71 4.53
CA GLY F 125 35.98 -0.25 4.26
C GLY F 125 35.03 -1.37 3.96
N SER F 126 35.45 -2.29 3.10
CA SER F 126 34.58 -3.44 2.85
C SER F 126 34.14 -4.09 4.15
N LYS F 127 34.98 -4.08 5.19
CA LYS F 127 34.59 -4.71 6.45
C LYS F 127 33.55 -3.89 7.20
N VAL F 128 33.71 -2.57 7.25
CA VAL F 128 32.72 -1.74 7.92
C VAL F 128 31.41 -1.71 7.13
N VAL F 129 31.51 -1.68 5.80
CA VAL F 129 30.32 -1.76 4.97
C VAL F 129 29.60 -3.08 5.22
N LYS F 130 30.35 -4.17 5.32
CA LYS F 130 29.69 -5.44 5.54
C LYS F 130 28.89 -5.40 6.82
N ILE F 131 29.47 -4.83 7.87
CA ILE F 131 28.83 -4.85 9.17
C ILE F 131 27.67 -3.86 9.21
N TYR F 132 27.73 -2.77 8.46
CA TYR F 132 26.54 -1.92 8.38
C TYR F 132 25.42 -2.57 7.58
N ASP F 133 25.75 -3.26 6.48
CA ASP F 133 24.70 -3.95 5.72
C ASP F 133 24.03 -5.00 6.59
N PHE F 134 24.81 -5.67 7.44
CA PHE F 134 24.21 -6.68 8.28
C PHE F 134 23.25 -6.05 9.27
N ALA F 135 23.63 -4.91 9.85
CA ALA F 135 22.75 -4.27 10.81
C ALA F 135 21.46 -3.81 10.17
N MET F 136 21.54 -3.20 8.98
CA MET F 136 20.31 -2.78 8.31
C MET F 136 19.49 -3.98 7.86
N SER F 137 20.14 -5.11 7.65
CA SER F 137 19.43 -6.31 7.22
C SER F 137 18.54 -6.87 8.33
N VAL F 138 19.02 -6.90 9.58
CA VAL F 138 18.29 -7.55 10.66
C VAL F 138 17.69 -6.56 11.66
N GLY F 139 17.92 -5.27 11.49
CA GLY F 139 17.33 -4.26 12.35
C GLY F 139 17.90 -4.20 13.75
N CYS F 140 19.20 -4.05 13.90
CA CYS F 140 19.82 -3.91 15.21
C CYS F 140 20.70 -2.68 15.15
N PRO F 141 21.06 -2.12 16.31
CA PRO F 141 21.94 -0.93 16.33
C PRO F 141 23.36 -1.22 15.84
N VAL F 142 24.01 -0.17 15.31
CA VAL F 142 25.44 -0.14 15.04
C VAL F 142 26.13 0.82 15.99
N ILE F 143 27.18 0.34 16.66
CA ILE F 143 28.11 1.17 17.44
C ILE F 143 29.48 1.15 16.76
N GLY F 144 29.93 2.33 16.33
CA GLY F 144 31.28 2.50 15.80
C GLY F 144 32.21 3.09 16.84
N ILE F 145 33.39 2.47 16.98
CA ILE F 145 34.41 2.89 17.93
C ILE F 145 35.56 3.47 17.12
N ASN F 146 35.76 4.77 17.19
CA ASN F 146 36.64 5.45 16.24
C ASN F 146 38.00 5.77 16.85
N ASP F 147 39.06 5.51 16.08
CA ASP F 147 40.42 5.77 16.52
C ASP F 147 41.34 5.70 15.32
N SER F 148 41.42 6.77 14.54
CA SER F 148 41.90 6.69 13.16
C SER F 148 42.92 7.78 12.86
N GLY F 149 43.98 7.42 12.15
CA GLY F 149 44.98 8.35 11.65
C GLY F 149 44.57 9.10 10.41
N GLY F 150 43.46 8.71 9.79
CA GLY F 150 42.92 9.46 8.67
C GLY F 150 42.72 8.58 7.47
N ALA F 151 43.13 9.07 6.30
CA ALA F 151 43.01 8.34 5.05
C ALA F 151 44.36 7.77 4.65
N ARG F 152 44.30 6.63 3.98
CA ARG F 152 45.50 6.06 3.36
C ARG F 152 45.75 6.78 2.05
N ILE F 153 46.68 7.72 2.08
CA ILE F 153 47.06 8.38 0.86
C ILE F 153 47.73 7.39 -0.09
N GLN F 154 48.26 6.28 0.44
CA GLN F 154 48.87 5.25 -0.39
C GLN F 154 47.84 4.55 -1.28
N GLU F 155 46.57 4.90 -1.15
CA GLU F 155 45.50 4.34 -1.97
C GLU F 155 44.75 5.42 -2.74
N GLY F 156 45.13 6.68 -2.58
CA GLY F 156 44.56 7.72 -3.40
C GLY F 156 43.05 7.76 -3.26
N VAL F 157 42.38 8.09 -4.36
CA VAL F 157 40.96 8.40 -4.33
C VAL F 157 40.14 7.25 -3.79
N MET F 158 40.69 6.04 -3.80
CA MET F 158 39.93 4.91 -3.30
C MET F 158 39.56 5.08 -1.83
N SER F 159 40.40 5.74 -1.03
CA SER F 159 40.02 5.93 0.36
C SER F 159 38.85 6.88 0.51
N ILE F 160 38.73 7.86 -0.41
CA ILE F 160 37.55 8.72 -0.41
C ILE F 160 36.32 7.92 -0.79
N ALA F 161 36.42 7.11 -1.82
CA ALA F 161 35.29 6.30 -2.23
C ALA F 161 34.69 5.53 -1.07
N TYR F 162 35.53 4.94 -0.23
CA TYR F 162 34.97 4.10 0.83
C TYR F 162 34.42 4.92 1.99
N TYR F 163 35.05 6.06 2.34
CA TYR F 163 34.42 7.01 3.26
C TYR F 163 33.00 7.30 2.82
N THR F 164 32.81 7.58 1.54
CA THR F 164 31.49 7.99 1.06
C THR F 164 30.50 6.84 1.04
N GLU F 165 30.97 5.64 0.71
CA GLU F 165 30.08 4.49 0.79
C GLU F 165 29.61 4.26 2.22
N LEU F 166 30.45 4.58 3.22
CA LEU F 166 30.00 4.50 4.61
C LEU F 166 28.96 5.55 4.94
N GLY F 167 29.25 6.80 4.62
CA GLY F 167 28.29 7.85 4.87
C GLY F 167 26.94 7.56 4.26
N VAL F 168 26.95 7.05 3.04
CA VAL F 168 25.67 6.74 2.39
C VAL F 168 24.92 5.75 3.24
N ARG F 169 25.61 4.74 3.72
CA ARG F 169 24.99 3.80 4.63
C ARG F 169 24.41 4.51 5.85
N ASN F 170 25.17 5.39 6.50
CA ASN F 170 24.64 6.13 7.63
C ASN F 170 23.37 6.90 7.25
N VAL F 171 23.34 7.50 6.07
CA VAL F 171 22.17 8.28 5.69
C VAL F 171 20.98 7.36 5.53
N HIS F 172 21.15 6.27 4.79
CA HIS F 172 20.00 5.38 4.60
C HIS F 172 19.60 4.68 5.89
N SER F 173 20.48 4.61 6.89
CA SER F 173 20.13 4.05 8.19
C SER F 173 19.49 5.06 9.11
N SER F 174 19.71 6.34 8.86
CA SER F 174 19.24 7.37 9.76
C SER F 174 17.76 7.20 9.99
N GLY F 175 17.37 7.07 11.25
CA GLY F 175 15.96 6.93 11.55
C GLY F 175 15.44 5.53 11.41
N VAL F 176 16.28 4.57 11.07
CA VAL F 176 15.85 3.20 10.91
C VAL F 176 16.41 2.34 12.01
N ILE F 177 17.72 2.45 12.26
CA ILE F 177 18.42 1.68 13.28
C ILE F 177 19.24 2.66 14.10
N PRO F 178 19.27 2.55 15.41
CA PRO F 178 20.08 3.48 16.20
C PRO F 178 21.55 3.38 15.81
N GLN F 179 22.18 4.54 15.62
CA GLN F 179 23.60 4.64 15.27
C GLN F 179 24.38 5.48 16.27
N ILE F 180 25.39 4.87 16.89
CA ILE F 180 26.18 5.51 17.94
C ILE F 180 27.65 5.50 17.55
N SER F 181 28.33 6.65 17.71
CA SER F 181 29.78 6.78 17.50
C SER F 181 30.50 7.02 18.82
N LEU F 182 31.50 6.19 19.11
CA LEU F 182 32.47 6.47 20.17
C LEU F 182 33.74 7.03 19.54
N ILE F 183 34.13 8.23 19.95
CA ILE F 183 35.35 8.87 19.49
C ILE F 183 36.41 8.63 20.57
N MET F 184 37.35 7.73 20.29
CA MET F 184 38.26 7.28 21.32
C MET F 184 39.72 7.44 20.91
N GLY F 185 40.04 8.55 20.28
CA GLY F 185 41.33 8.76 19.69
C GLY F 185 41.20 9.98 18.78
N PRO F 186 42.18 10.20 17.92
CA PRO F 186 42.07 11.30 16.97
C PRO F 186 40.97 10.98 15.98
N CYS F 187 40.30 12.04 15.53
CA CYS F 187 39.23 11.93 14.55
C CYS F 187 39.28 13.18 13.68
N ALA F 188 39.91 13.08 12.52
CA ALA F 188 40.17 14.25 11.70
C ALA F 188 39.82 13.95 10.27
N GLY F 189 39.51 15.00 9.52
CA GLY F 189 39.33 14.83 8.09
C GLY F 189 38.19 13.89 7.77
N GLY F 190 38.44 12.97 6.84
CA GLY F 190 37.41 12.03 6.40
C GLY F 190 36.83 11.18 7.51
N SER F 191 37.58 11.02 8.59
CA SER F 191 37.16 10.21 9.72
C SER F 191 36.02 10.82 10.50
N VAL F 192 35.67 12.08 10.26
CA VAL F 192 34.61 12.73 11.03
C VAL F 192 33.24 12.67 10.37
N TYR F 193 33.15 12.24 9.12
CA TYR F 193 31.88 12.30 8.39
C TYR F 193 30.90 11.27 8.91
N SER F 194 31.35 10.03 9.09
CA SER F 194 30.39 9.04 9.59
C SER F 194 29.91 9.39 10.99
N PRO F 195 30.75 9.67 11.96
CA PRO F 195 30.18 10.01 13.27
C PRO F 195 29.18 11.16 13.20
N ALA F 196 29.39 12.16 12.35
CA ALA F 196 28.46 13.29 12.33
C ALA F 196 27.10 12.88 11.79
N LEU F 197 27.04 11.83 10.99
CA LEU F 197 25.78 11.31 10.52
C LEU F 197 25.11 10.36 11.51
N THR F 198 25.84 9.80 12.47
CA THR F 198 25.16 8.93 13.39
C THR F 198 24.39 9.77 14.40
N ASP F 199 23.59 9.11 15.22
CA ASP F 199 22.64 9.87 16.03
C ASP F 199 23.26 10.38 17.32
N PHE F 200 24.28 9.71 17.83
CA PHE F 200 24.95 10.12 19.07
C PHE F 200 26.46 10.00 18.93
N THR F 201 27.17 11.05 19.35
CA THR F 201 28.63 11.05 19.34
C THR F 201 29.13 11.17 20.78
N VAL F 202 29.87 10.17 21.23
CA VAL F 202 30.37 10.14 22.60
C VAL F 202 31.89 10.15 22.57
N MET F 203 32.47 11.17 23.22
CA MET F 203 33.94 11.36 23.23
C MET F 203 34.54 10.96 24.57
N VAL F 204 35.85 10.78 24.59
CA VAL F 204 36.58 10.42 25.81
C VAL F 204 37.52 11.55 26.17
N LYS F 205 37.57 11.91 27.44
CA LYS F 205 38.45 12.96 27.95
C LYS F 205 39.92 12.68 27.66
N ASP F 206 40.64 13.71 27.25
CA ASP F 206 42.10 13.71 27.09
C ASP F 206 42.54 13.02 25.82
N ILE F 207 41.96 11.86 25.49
CA ILE F 207 42.54 11.06 24.42
C ILE F 207 41.90 11.28 23.06
N SER F 208 40.89 12.16 22.93
CA SER F 208 40.16 12.24 21.68
C SER F 208 40.03 13.69 21.22
N TYR F 209 39.85 13.88 19.92
CA TYR F 209 39.66 15.22 19.38
C TYR F 209 39.14 15.08 17.97
N MET F 210 38.31 16.04 17.57
CA MET F 210 37.65 16.03 16.27
C MET F 210 37.86 17.38 15.62
N PHE F 211 38.23 17.36 14.35
CA PHE F 211 38.11 18.56 13.54
C PHE F 211 38.17 18.12 12.09
N VAL F 212 37.72 19.00 11.21
CA VAL F 212 37.87 18.70 9.81
C VAL F 212 39.28 19.03 9.33
N THR F 213 39.72 20.27 9.57
CA THR F 213 41.04 20.75 9.20
C THR F 213 41.91 20.88 10.44
N GLY F 214 43.10 20.28 10.39
CA GLY F 214 43.98 20.16 11.54
C GLY F 214 44.77 21.40 11.87
N PRO F 215 45.26 21.47 13.10
CA PRO F 215 45.93 22.70 13.54
C PRO F 215 47.17 23.03 12.74
N GLU F 216 47.82 22.06 12.11
CA GLU F 216 48.94 22.39 11.25
C GLU F 216 48.48 23.29 10.11
N VAL F 217 47.32 22.98 9.52
CA VAL F 217 46.81 23.81 8.44
C VAL F 217 46.30 25.15 8.96
N VAL F 218 45.76 25.17 10.18
CA VAL F 218 45.28 26.43 10.73
C VAL F 218 46.44 27.39 10.94
N SER F 219 47.67 26.89 10.92
CA SER F 219 48.85 27.77 11.00
C SER F 219 49.25 28.34 9.64
N ALA F 220 49.44 27.46 8.66
CA ALA F 220 49.89 27.85 7.32
C ALA F 220 48.89 28.74 6.56
N VAL F 221 47.63 28.80 6.96
CA VAL F 221 46.66 29.55 6.18
C VAL F 221 46.11 30.67 7.05
N MET F 222 46.03 30.43 8.35
CA MET F 222 45.45 31.43 9.23
C MET F 222 46.50 32.21 9.99
N GLY F 223 47.72 31.72 10.07
CA GLY F 223 48.72 32.36 10.91
C GLY F 223 48.30 32.36 12.37
N GLU F 224 47.71 31.26 12.83
CA GLU F 224 47.32 31.11 14.22
C GLU F 224 47.78 29.76 14.71
N GLN F 225 48.38 29.74 15.90
CA GLN F 225 48.89 28.52 16.50
C GLN F 225 47.86 28.00 17.49
N VAL F 226 47.32 26.82 17.23
CA VAL F 226 46.34 26.20 18.11
C VAL F 226 46.78 24.77 18.35
N THR F 227 46.55 24.29 19.55
CA THR F 227 46.71 22.88 19.87
C THR F 227 45.53 22.09 19.34
N ALA F 228 45.68 20.76 19.34
CA ALA F 228 44.55 19.95 18.94
C ALA F 228 43.38 20.08 19.94
N GLU F 229 43.68 20.11 21.23
CA GLU F 229 42.56 20.22 22.17
C GLU F 229 41.98 21.61 22.16
N GLN F 230 42.75 22.62 21.78
CA GLN F 230 42.15 23.93 21.63
C GLN F 230 41.18 23.95 20.46
N LEU F 231 41.54 23.31 19.35
CA LEU F 231 40.73 23.40 18.13
C LEU F 231 39.51 22.49 18.18
N GLY F 232 39.68 21.24 18.62
CA GLY F 232 38.55 20.34 18.68
C GLY F 232 38.63 19.26 19.75
N GLY F 233 38.99 19.65 20.97
CA GLY F 233 39.03 18.72 22.05
C GLY F 233 37.64 18.41 22.53
N PRO F 234 37.50 17.45 23.43
CA PRO F 234 36.15 17.08 23.86
C PRO F 234 35.34 18.24 24.43
N ALA F 235 35.95 19.15 25.18
CA ALA F 235 35.19 20.24 25.78
C ALA F 235 34.63 21.18 24.72
N VAL F 236 35.38 21.41 23.65
CA VAL F 236 34.90 22.25 22.57
C VAL F 236 33.61 21.68 21.99
N HIS F 237 33.61 20.37 21.73
CA HIS F 237 32.46 19.75 21.10
C HIS F 237 31.32 19.50 22.07
N ALA F 238 31.60 19.38 23.36
CA ALA F 238 30.48 19.20 24.28
C ALA F 238 29.84 20.51 24.72
N GLU F 239 30.56 21.62 24.67
CA GLU F 239 30.07 22.88 25.20
C GLU F 239 29.92 24.00 24.18
N VAL F 240 30.62 23.96 23.05
CA VAL F 240 30.62 25.06 22.10
C VAL F 240 30.01 24.63 20.78
N SER F 241 30.56 23.60 20.18
CA SER F 241 30.04 23.21 18.88
C SER F 241 28.82 22.31 18.95
N GLY F 242 28.66 21.52 20.02
CA GLY F 242 27.57 20.58 20.12
C GLY F 242 27.77 19.28 19.37
N ASN F 243 28.91 19.05 18.76
CA ASN F 243 29.10 17.81 18.03
C ASN F 243 29.02 16.58 18.92
N ALA F 244 29.29 16.72 20.21
CA ALA F 244 29.40 15.58 21.12
C ALA F 244 28.26 15.61 22.13
N HIS F 245 27.58 14.49 22.27
CA HIS F 245 26.47 14.41 23.18
C HIS F 245 26.90 14.06 24.59
N TYR F 246 28.13 13.57 24.75
CA TYR F 246 28.65 13.19 26.05
C TYR F 246 30.16 12.96 26.00
N VAL F 247 30.85 13.38 27.05
CA VAL F 247 32.28 13.16 27.18
C VAL F 247 32.50 12.27 28.38
N GLY F 248 33.04 11.08 28.15
CA GLY F 248 33.36 10.21 29.26
C GLY F 248 34.64 10.65 29.98
N ASP F 249 34.58 10.60 31.30
CA ASP F 249 35.77 10.82 32.11
C ASP F 249 36.88 9.87 31.69
N ASP F 250 36.54 8.62 31.42
CA ASP F 250 37.47 7.67 30.86
C ASP F 250 36.72 6.74 29.89
N GLU F 251 37.45 5.80 29.31
CA GLU F 251 36.86 4.95 28.30
C GLU F 251 35.75 4.10 28.88
N GLN F 252 35.93 3.60 30.10
CA GLN F 252 34.88 2.78 30.69
C GLN F 252 33.63 3.60 30.94
N ASP F 253 33.80 4.88 31.29
CA ASP F 253 32.68 5.79 31.48
C ASP F 253 31.87 5.97 30.20
N ALA F 254 32.58 6.28 29.11
CA ALA F 254 31.94 6.48 27.82
C ALA F 254 31.16 5.24 27.36
N ILE F 255 31.77 4.06 27.46
CA ILE F 255 31.12 2.85 27.00
C ILE F 255 29.92 2.53 27.86
N SER F 256 30.04 2.80 29.16
CA SER F 256 28.92 2.55 30.06
C SER F 256 27.75 3.43 29.69
N TRP F 257 28.05 4.67 29.35
CA TRP F 257 26.99 5.59 28.96
C TRP F 257 26.27 5.09 27.72
N VAL F 258 27.01 4.51 26.77
CA VAL F 258 26.41 4.02 25.56
C VAL F 258 25.57 2.79 25.85
N GLN F 259 26.03 1.95 26.76
CA GLN F 259 25.23 0.80 27.15
C GLN F 259 23.92 1.25 27.73
N THR F 260 23.97 2.19 28.66
CA THR F 260 22.75 2.68 29.27
C THR F 260 21.85 3.32 28.21
N LEU F 261 22.45 3.99 27.25
CA LEU F 261 21.66 4.61 26.20
C LEU F 261 20.91 3.54 25.42
N LEU F 262 21.58 2.48 25.03
CA LEU F 262 20.92 1.47 24.25
C LEU F 262 19.81 0.83 25.03
N GLY F 263 19.92 0.84 26.35
CA GLY F 263 18.92 0.16 27.15
C GLY F 263 17.60 0.89 27.20
N TYR F 264 17.57 2.14 26.75
CA TYR F 264 16.32 2.84 26.53
C TYR F 264 15.78 2.67 25.12
N LEU F 265 16.61 2.30 24.17
CA LEU F 265 16.14 2.42 22.81
C LEU F 265 15.59 1.10 22.26
N PRO F 266 14.75 1.16 21.22
CA PRO F 266 14.38 -0.06 20.49
C PRO F 266 15.55 -0.54 19.66
N PRO F 267 15.49 -1.75 19.12
CA PRO F 267 16.54 -2.18 18.20
C PRO F 267 16.44 -1.53 16.83
N ASN F 268 15.29 -0.98 16.46
CA ASN F 268 15.05 -0.38 15.15
C ASN F 268 13.74 0.39 15.25
N ASN F 269 13.25 0.87 14.11
CA ASN F 269 12.09 1.75 14.10
C ASN F 269 10.76 1.01 13.99
N LEU F 270 10.77 -0.33 14.00
CA LEU F 270 9.56 -1.12 14.07
C LEU F 270 9.37 -1.85 15.38
N ASP F 271 10.41 -2.43 15.96
CA ASP F 271 10.18 -3.23 17.14
C ASP F 271 10.02 -2.34 18.37
N PRO F 272 9.42 -2.86 19.43
CA PRO F 272 9.16 -2.03 20.61
C PRO F 272 10.41 -1.89 21.46
N ALA F 273 10.39 -0.85 22.27
CA ALA F 273 11.41 -0.57 23.27
C ALA F 273 11.26 -1.49 24.48
N PRO F 274 12.34 -1.69 25.23
CA PRO F 274 12.23 -2.56 26.38
C PRO F 274 11.28 -1.98 27.41
N VAL F 275 10.59 -2.85 28.12
CA VAL F 275 9.75 -2.47 29.24
C VAL F 275 10.35 -3.11 30.48
N TYR F 276 10.57 -2.32 31.50
CA TYR F 276 11.18 -2.83 32.71
C TYR F 276 10.16 -2.88 33.83
N ASP F 277 10.45 -3.66 34.86
CA ASP F 277 9.59 -3.65 36.03
C ASP F 277 9.73 -2.31 36.74
N HIS F 278 8.73 -1.98 37.56
CA HIS F 278 8.76 -0.69 38.21
C HIS F 278 8.21 -0.79 39.63
N ASP F 279 8.75 0.08 40.49
CA ASP F 279 8.29 0.23 41.86
C ASP F 279 7.59 1.57 42.02
N CYS F 280 6.65 1.86 41.12
CA CYS F 280 5.87 3.09 41.18
C CYS F 280 4.69 2.89 42.12
N ALA F 281 4.38 3.94 42.86
CA ALA F 281 3.45 3.78 43.93
C ALA F 281 2.21 4.61 43.70
N PRO F 282 1.13 3.94 43.92
CA PRO F 282 -0.20 4.44 43.77
C PRO F 282 -0.33 5.12 45.05
N GLY F 283 -0.49 6.42 45.00
CA GLY F 283 -0.44 7.12 46.24
C GLY F 283 0.50 8.24 46.09
N ILE F 284 0.05 9.37 46.61
CA ILE F 284 0.79 10.58 46.61
C ILE F 284 1.89 10.44 47.63
N THR F 285 3.11 10.74 47.24
CA THR F 285 4.26 10.52 48.10
C THR F 285 4.84 11.86 48.55
N GLU F 286 5.86 11.77 49.43
CA GLU F 286 6.55 12.99 49.89
C GLU F 286 7.29 13.67 48.76
N ALA F 287 7.81 12.88 47.81
CA ALA F 287 8.43 13.45 46.63
C ALA F 287 7.39 14.17 45.79
N ASP F 288 6.20 13.58 45.67
CA ASP F 288 5.13 14.23 44.93
C ASP F 288 4.74 15.55 45.58
N LEU F 289 4.62 15.57 46.90
CA LEU F 289 4.17 16.77 47.60
C LEU F 289 5.20 17.89 47.53
N ALA F 290 6.49 17.55 47.38
CA ALA F 290 7.49 18.61 47.27
C ALA F 290 7.21 19.55 46.10
N LEU F 291 6.54 19.06 45.04
CA LEU F 291 6.28 19.91 43.90
C LEU F 291 5.36 21.07 44.23
N ASP F 292 4.59 20.94 45.32
CA ASP F 292 3.68 22.02 45.66
C ASP F 292 4.44 23.26 46.09
N THR F 293 5.66 23.08 46.58
CA THR F 293 6.47 24.21 47.04
C THR F 293 7.69 24.46 46.17
N VAL F 294 7.91 23.69 45.11
CA VAL F 294 9.11 23.86 44.30
C VAL F 294 9.09 25.20 43.56
N ILE F 295 7.94 25.73 43.20
CA ILE F 295 7.92 26.99 42.45
C ILE F 295 8.02 28.15 43.44
N PRO F 296 8.92 29.11 43.24
CA PRO F 296 9.07 30.19 44.22
C PRO F 296 7.94 31.19 44.15
N ASP F 297 7.73 31.89 45.28
CA ASP F 297 6.71 32.94 45.31
C ASP F 297 7.11 34.12 44.44
N SER F 298 8.39 34.47 44.43
CA SER F 298 8.83 35.67 43.72
C SER F 298 9.07 35.38 42.24
N GLU F 299 8.68 36.30 41.38
CA GLU F 299 9.00 36.10 39.97
C GLU F 299 10.52 36.15 39.74
N GLN F 300 11.25 36.88 40.57
CA GLN F 300 12.69 37.05 40.43
C GLN F 300 13.48 35.88 41.00
N GLN F 301 12.83 34.81 41.45
CA GLN F 301 13.52 33.66 42.01
C GLN F 301 13.19 32.41 41.19
N VAL F 302 14.21 31.66 40.79
CA VAL F 302 14.01 30.53 39.88
C VAL F 302 14.08 29.22 40.66
N TYR F 303 14.13 28.10 39.94
CA TYR F 303 14.19 26.76 40.52
C TYR F 303 14.98 25.88 39.58
N ASP F 304 15.23 24.67 40.00
CA ASP F 304 16.00 23.73 39.21
C ASP F 304 15.01 22.74 38.62
N MET F 305 14.77 22.84 37.31
CA MET F 305 13.77 22.00 36.69
C MET F 305 14.09 20.53 36.90
N ALA F 306 15.34 20.20 37.18
CA ALA F 306 15.66 18.81 37.51
C ALA F 306 14.91 18.35 38.75
N ASP F 307 14.58 19.26 39.66
CA ASP F 307 13.78 18.85 40.80
C ASP F 307 12.41 18.36 40.38
N VAL F 308 11.87 18.88 39.29
CA VAL F 308 10.58 18.41 38.76
C VAL F 308 10.73 17.08 38.05
N ILE F 309 11.65 17.02 37.09
CA ILE F 309 11.85 15.81 36.29
C ILE F 309 12.08 14.61 37.19
N THR F 310 12.91 14.75 38.23
CA THR F 310 13.23 13.56 39.02
C THR F 310 12.03 13.08 39.81
N ALA F 311 11.16 13.98 40.24
CA ALA F 311 9.95 13.57 40.93
C ALA F 311 9.01 12.74 40.02
N VAL F 312 8.98 13.01 38.71
CA VAL F 312 8.11 12.30 37.77
C VAL F 312 8.71 10.98 37.30
N LEU F 313 10.03 10.89 37.09
CA LEU F 313 10.60 9.70 36.48
C LEU F 313 10.82 8.57 37.50
N ASP F 314 10.66 7.33 37.04
CA ASP F 314 10.95 6.16 37.86
C ASP F 314 12.30 6.29 38.54
N ASP F 315 12.32 6.05 39.86
CA ASP F 315 13.54 6.10 40.67
C ASP F 315 14.27 7.43 40.55
N GLY F 316 13.56 8.47 40.10
CA GLY F 316 14.13 9.80 39.96
C GLY F 316 15.32 9.88 39.03
N ASP F 317 15.44 8.94 38.08
CA ASP F 317 16.62 8.74 37.25
C ASP F 317 16.39 9.17 35.81
N TYR F 318 17.47 9.59 35.15
CA TYR F 318 17.41 9.86 33.73
C TYR F 318 18.80 9.97 33.14
N LEU F 319 18.94 9.51 31.90
CA LEU F 319 20.16 9.68 31.13
C LEU F 319 20.05 10.96 30.34
N GLU F 320 20.95 11.91 30.61
CA GLU F 320 20.86 13.24 30.04
C GLU F 320 21.69 13.32 28.76
N ILE F 321 21.05 13.82 27.66
CA ILE F 321 21.69 14.06 26.38
C ILE F 321 22.16 15.51 26.34
N HIS F 322 23.36 15.72 25.83
CA HIS F 322 23.98 17.04 25.75
C HIS F 322 24.00 17.77 27.09
N PRO F 323 24.40 17.11 28.19
CA PRO F 323 24.30 17.77 29.49
C PRO F 323 25.09 19.06 29.62
N ASP F 324 26.18 19.25 28.87
CA ASP F 324 26.99 20.45 28.98
C ASP F 324 26.78 21.40 27.81
N PHE F 325 25.90 21.08 26.88
CA PHE F 325 25.60 21.95 25.76
C PHE F 325 24.22 22.54 25.97
N ALA F 326 24.11 23.86 25.80
CA ALA F 326 22.89 24.59 26.02
C ALA F 326 22.23 24.14 27.30
N ARG F 327 22.75 24.55 28.44
CA ARG F 327 22.22 24.05 29.69
C ARG F 327 20.92 24.69 30.09
N ASN F 328 20.46 25.71 29.35
CA ASN F 328 19.12 26.28 29.48
C ASN F 328 17.99 25.38 28.98
N ILE F 329 18.28 24.19 28.44
CA ILE F 329 17.25 23.22 28.12
C ILE F 329 17.79 21.85 28.46
N ILE F 330 16.93 20.96 28.94
CA ILE F 330 17.32 19.62 29.36
C ILE F 330 16.65 18.63 28.44
N CYS F 331 17.44 17.72 27.87
CA CYS F 331 16.94 16.65 27.03
C CYS F 331 17.42 15.35 27.63
N ALA F 332 16.49 14.45 27.92
CA ALA F 332 16.86 13.27 28.69
C ALA F 332 15.95 12.12 28.37
N LEU F 333 16.46 10.92 28.62
CA LEU F 333 15.71 9.68 28.51
C LEU F 333 15.52 9.09 29.90
N GLY F 334 14.27 8.83 30.26
CA GLY F 334 13.97 8.14 31.50
C GLY F 334 12.89 7.11 31.28
N ARG F 335 12.21 6.71 32.35
CA ARG F 335 11.15 5.72 32.29
C ARG F 335 10.03 6.11 33.26
N VAL F 336 8.79 5.88 32.84
CA VAL F 336 7.60 6.00 33.66
C VAL F 336 6.86 4.68 33.57
N GLU F 337 6.65 4.05 34.73
CA GLU F 337 6.09 2.71 34.87
C GLU F 337 6.80 1.70 33.97
N GLY F 338 8.11 1.80 33.92
CA GLY F 338 8.91 0.89 33.15
C GLY F 338 9.09 1.23 31.67
N HIS F 339 8.41 2.24 31.14
CA HIS F 339 8.41 2.52 29.71
C HIS F 339 9.33 3.70 29.39
N SER F 340 10.15 3.57 28.34
CA SER F 340 11.01 4.67 27.93
C SER F 340 10.21 5.92 27.65
N VAL F 341 10.68 7.04 28.18
CA VAL F 341 10.08 8.34 27.95
C VAL F 341 11.19 9.34 27.70
N ALA F 342 11.08 10.14 26.63
CA ALA F 342 11.98 11.26 26.38
C ALA F 342 11.47 12.50 27.08
N VAL F 343 12.40 13.34 27.55
CA VAL F 343 12.05 14.49 28.36
C VAL F 343 12.71 15.72 27.74
N VAL F 344 11.89 16.72 27.44
CA VAL F 344 12.35 18.01 26.95
C VAL F 344 11.83 19.06 27.92
N ALA F 345 12.72 19.75 28.61
CA ALA F 345 12.28 20.62 29.68
C ALA F 345 13.15 21.87 29.71
N ASN F 346 12.53 23.05 29.58
CA ASN F 346 13.27 24.27 29.83
C ASN F 346 13.86 24.26 31.23
N GLN F 347 15.10 24.74 31.37
CA GLN F 347 15.81 24.76 32.65
C GLN F 347 16.06 26.18 33.10
N PRO F 348 15.28 26.71 34.04
CA PRO F 348 15.49 28.09 34.47
C PRO F 348 16.77 28.33 35.28
N ARG F 349 17.49 27.30 35.74
CA ARG F 349 18.79 27.55 36.38
C ARG F 349 19.71 28.37 35.50
N HIS F 350 19.71 28.12 34.20
CA HIS F 350 20.72 28.63 33.31
C HIS F 350 20.09 29.47 32.24
N LEU F 351 20.68 30.63 31.98
CA LEU F 351 20.26 31.50 30.89
C LEU F 351 18.75 31.76 30.89
N ALA F 352 18.13 31.66 32.07
CA ALA F 352 16.70 31.94 32.28
C ALA F 352 15.79 30.95 31.54
N GLY F 353 16.30 29.79 31.16
CA GLY F 353 15.46 28.87 30.44
C GLY F 353 15.09 29.33 29.05
N VAL F 354 15.72 30.40 28.55
CA VAL F 354 15.34 30.97 27.26
C VAL F 354 15.64 29.96 26.15
N LEU F 355 15.02 30.19 24.99
CA LEU F 355 15.28 29.40 23.79
C LEU F 355 16.20 30.20 22.90
N ASP F 356 17.39 29.69 22.66
CA ASP F 356 18.33 30.35 21.77
C ASP F 356 18.71 29.34 20.70
N ILE F 357 19.61 29.73 19.81
CA ILE F 357 20.02 28.85 18.73
C ILE F 357 20.44 27.48 19.26
N ASP F 358 21.32 27.44 20.25
CA ASP F 358 21.86 26.17 20.74
C ASP F 358 20.77 25.32 21.38
N ALA F 359 19.91 25.93 22.19
CA ALA F 359 18.86 25.15 22.85
C ALA F 359 17.86 24.62 21.86
N SER F 360 17.63 25.36 20.78
CA SER F 360 16.66 24.93 19.79
C SER F 360 17.20 23.74 19.03
N GLU F 361 18.44 23.84 18.55
CA GLU F 361 18.98 22.76 17.74
C GLU F 361 19.25 21.53 18.59
N LYS F 362 19.63 21.72 19.86
CA LYS F 362 19.86 20.59 20.76
C LYS F 362 18.58 19.83 21.01
N ALA F 363 17.50 20.55 21.31
CA ALA F 363 16.24 19.86 21.58
C ALA F 363 15.64 19.33 20.29
N ALA F 364 15.77 20.07 19.18
CA ALA F 364 15.12 19.71 17.93
C ALA F 364 15.57 18.36 17.42
N ARG F 365 16.87 18.11 17.44
CA ARG F 365 17.32 16.84 16.87
C ARG F 365 16.99 15.69 17.82
N PHE F 366 16.93 15.95 19.10
CA PHE F 366 16.52 14.93 20.05
C PHE F 366 15.10 14.46 19.78
N ILE F 367 14.16 15.41 19.68
CA ILE F 367 12.77 15.10 19.40
C ILE F 367 12.65 14.26 18.13
N ARG F 368 13.28 14.73 17.05
CA ARG F 368 13.22 13.99 15.78
C ARG F 368 13.78 12.58 15.91
N PHE F 369 14.84 12.40 16.67
CA PHE F 369 15.33 11.05 16.90
C PHE F 369 14.29 10.21 17.65
N CYS F 370 13.76 10.75 18.76
CA CYS F 370 12.76 10.03 19.53
C CYS F 370 11.51 9.74 18.71
N ASP F 371 11.03 10.72 17.95
CA ASP F 371 9.91 10.45 17.09
C ASP F 371 10.21 9.36 16.08
N SER F 372 11.44 9.35 15.55
CA SER F 372 11.84 8.29 14.63
C SER F 372 11.77 6.94 15.30
N PHE F 373 12.10 6.89 16.57
CA PHE F 373 12.16 5.62 17.24
C PHE F 373 11.03 5.44 18.22
N ASN F 374 9.94 6.18 18.03
CA ASN F 374 8.67 5.88 18.68
C ASN F 374 8.73 6.07 20.18
N ILE F 375 9.49 7.06 20.64
CA ILE F 375 9.63 7.33 22.06
C ILE F 375 8.77 8.55 22.36
N PRO F 376 7.85 8.48 23.31
CA PRO F 376 6.98 9.63 23.57
C PRO F 376 7.73 10.75 24.28
N VAL F 377 7.29 11.97 24.04
CA VAL F 377 7.95 13.17 24.56
C VAL F 377 7.11 13.79 25.66
N LEU F 378 7.67 13.83 26.86
CA LEU F 378 7.15 14.60 27.98
C LEU F 378 7.88 15.94 28.03
N THR F 379 7.14 17.03 27.92
CA THR F 379 7.71 18.37 27.93
C THR F 379 7.32 19.13 29.21
N PHE F 380 8.30 19.73 29.85
CA PHE F 380 8.07 20.63 30.98
C PHE F 380 8.38 22.04 30.52
N MET F 381 7.37 22.89 30.46
CA MET F 381 7.48 24.20 29.81
C MET F 381 7.64 25.29 30.85
N ASP F 382 8.64 26.14 30.68
CA ASP F 382 8.77 27.38 31.48
C ASP F 382 9.66 28.29 30.69
N VAL F 383 9.10 29.06 29.77
CA VAL F 383 9.86 29.72 28.72
C VAL F 383 9.49 31.20 28.65
N PRO F 384 10.47 32.08 28.47
CA PRO F 384 10.14 33.49 28.19
C PRO F 384 10.01 33.79 26.71
N GLY F 385 10.30 32.83 25.85
CA GLY F 385 10.35 33.07 24.43
C GLY F 385 11.71 32.74 23.85
N TYR F 386 11.88 33.10 22.58
CA TYR F 386 13.18 33.07 21.95
C TYR F 386 14.03 34.25 22.40
N LEU F 387 15.35 34.04 22.40
CA LEU F 387 16.31 35.05 22.80
C LEU F 387 16.50 36.04 21.66
N PRO F 388 16.23 37.32 21.86
CA PRO F 388 16.47 38.30 20.80
C PRO F 388 17.88 38.87 20.94
N GLY F 389 18.26 39.63 19.93
CA GLY F 389 19.53 40.33 19.94
C GLY F 389 20.22 40.26 18.61
N VAL F 390 21.16 41.17 18.40
CA VAL F 390 21.94 41.15 17.19
C VAL F 390 22.68 39.82 17.05
N GLY F 391 23.24 39.31 18.14
CA GLY F 391 24.01 38.09 18.05
C GLY F 391 23.15 36.93 17.60
N GLN F 392 22.00 36.76 18.24
CA GLN F 392 21.11 35.68 17.87
C GLN F 392 20.52 35.88 16.48
N GLU F 393 20.12 37.10 16.15
CA GLU F 393 19.52 37.35 14.83
C GLU F 393 20.52 37.12 13.71
N HIS F 394 21.75 37.61 13.89
CA HIS F 394 22.70 37.53 12.79
C HIS F 394 23.16 36.11 12.52
N GLN F 395 23.02 35.21 13.47
CA GLN F 395 23.33 33.83 13.16
C GLN F 395 22.14 33.00 12.78
N GLY F 396 20.94 33.57 12.79
CA GLY F 396 19.82 32.90 12.18
C GLY F 396 18.92 32.17 13.16
N ILE F 397 18.56 32.81 14.26
CA ILE F 397 17.64 32.15 15.16
C ILE F 397 16.26 31.98 14.54
N ILE F 398 15.89 32.80 13.56
CA ILE F 398 14.67 32.57 12.82
C ILE F 398 14.71 31.21 12.12
N ARG F 399 15.72 30.96 11.28
CA ARG F 399 15.66 29.66 10.64
C ARG F 399 16.16 28.55 11.53
N ARG F 400 17.01 28.86 12.51
CA ARG F 400 17.58 27.85 13.38
C ARG F 400 16.72 27.59 14.60
N GLY F 401 16.10 28.62 15.16
CA GLY F 401 15.23 28.41 16.30
C GLY F 401 13.94 27.71 15.94
N ILE F 402 13.42 27.98 14.74
CA ILE F 402 12.15 27.37 14.33
C ILE F 402 12.30 25.88 14.06
N LYS F 403 13.51 25.35 13.91
CA LYS F 403 13.68 23.91 13.77
C LYS F 403 12.96 23.13 14.87
N LEU F 404 12.81 23.72 16.05
CA LEU F 404 12.15 22.99 17.13
C LEU F 404 10.64 22.97 16.92
N PHE F 405 10.11 24.07 16.36
CA PHE F 405 8.73 24.01 15.89
C PHE F 405 8.53 22.84 14.93
N TYR F 406 9.26 22.82 13.81
CA TYR F 406 9.14 21.71 12.86
C TYR F 406 9.21 20.37 13.58
N ALA F 407 10.18 20.20 14.47
CA ALA F 407 10.33 18.91 15.12
C ALA F 407 9.06 18.52 15.88
N TYR F 408 8.45 19.44 16.61
CA TYR F 408 7.29 19.07 17.39
C TYR F 408 6.08 18.84 16.48
N ALA F 409 5.88 19.73 15.52
CA ALA F 409 4.71 19.65 14.66
C ALA F 409 4.78 18.46 13.70
N GLU F 410 5.98 18.00 13.35
CA GLU F 410 6.15 16.82 12.53
C GLU F 410 5.95 15.53 13.34
N SER F 411 6.25 15.58 14.64
CA SER F 411 6.29 14.37 15.45
C SER F 411 4.92 13.75 15.58
N THR F 412 4.86 12.44 15.65
CA THR F 412 3.59 11.74 15.79
C THR F 412 3.52 10.86 17.02
N VAL F 413 4.60 10.73 17.77
CA VAL F 413 4.59 10.01 19.05
C VAL F 413 3.66 10.72 20.02
N PRO F 414 3.19 10.04 21.07
CA PRO F 414 2.46 10.78 22.12
C PRO F 414 3.29 11.93 22.69
N LYS F 415 2.61 13.02 23.00
CA LYS F 415 3.23 14.18 23.61
C LYS F 415 2.38 14.62 24.78
N ILE F 416 2.96 14.65 25.98
CA ILE F 416 2.35 15.23 27.18
C ILE F 416 3.16 16.44 27.63
N THR F 417 2.49 17.53 27.97
CA THR F 417 3.17 18.77 28.29
C THR F 417 2.70 19.26 29.63
N VAL F 418 3.64 19.56 30.52
CA VAL F 418 3.36 20.06 31.86
C VAL F 418 3.90 21.47 31.88
N ILE F 419 3.03 22.45 31.99
CA ILE F 419 3.46 23.85 32.04
C ILE F 419 3.61 24.29 33.50
N THR F 420 4.87 24.55 33.92
CA THR F 420 5.17 24.89 35.31
C THR F 420 4.98 26.37 35.58
N ARG F 421 5.48 27.24 34.70
CA ARG F 421 5.42 28.65 35.06
C ARG F 421 5.21 29.52 33.82
N LYS F 422 6.26 30.17 33.33
CA LYS F 422 6.08 31.10 32.23
C LYS F 422 5.84 30.35 30.92
N ALA F 423 5.01 30.95 30.08
CA ALA F 423 4.58 30.36 28.83
C ALA F 423 4.19 31.49 27.91
N TYR F 424 5.18 32.21 27.40
CA TYR F 424 4.95 33.39 26.60
C TYR F 424 5.26 33.14 25.13
N GLY F 425 4.39 33.66 24.28
CA GLY F 425 4.71 33.81 22.88
C GLY F 425 5.18 32.54 22.22
N GLY F 426 6.19 32.70 21.36
CA GLY F 426 6.72 31.58 20.62
C GLY F 426 7.22 30.47 21.52
N GLY F 427 7.65 30.81 22.73
CA GLY F 427 8.01 29.77 23.68
C GLY F 427 6.86 28.82 23.95
N TYR F 428 5.70 29.38 24.34
CA TYR F 428 4.54 28.54 24.64
C TYR F 428 4.12 27.75 23.40
N ALA F 429 4.13 28.39 22.23
CA ALA F 429 3.75 27.67 21.03
C ALA F 429 4.66 26.48 20.80
N VAL F 430 5.96 26.67 20.96
CA VAL F 430 6.89 25.64 20.51
C VAL F 430 6.99 24.50 21.50
N MET F 431 6.85 24.77 22.79
CA MET F 431 7.17 23.79 23.83
C MET F 431 6.03 22.82 24.04
N GLY F 432 5.54 22.24 22.95
CA GLY F 432 4.62 21.15 23.11
C GLY F 432 3.23 21.61 23.45
N SER F 433 2.79 22.71 22.87
CA SER F 433 1.45 23.16 23.14
C SER F 433 0.42 22.25 22.46
N ARG F 434 -0.84 22.48 22.77
CA ARG F 434 -1.85 21.63 22.17
C ARG F 434 -1.94 21.85 20.66
N GLN F 435 -1.77 23.09 20.20
CA GLN F 435 -1.95 23.33 18.78
C GLN F 435 -0.79 22.80 17.94
N ILE F 436 0.38 22.59 18.56
CA ILE F 436 1.50 22.07 17.80
C ILE F 436 1.46 20.55 17.70
N GLY F 437 0.45 19.93 18.34
CA GLY F 437 0.22 18.49 18.26
C GLY F 437 0.23 17.71 19.55
N ALA F 438 0.37 18.37 20.71
CA ALA F 438 0.41 17.64 21.98
C ALA F 438 -0.92 16.95 22.25
N ASP F 439 -0.83 15.76 22.83
CA ASP F 439 -1.98 14.95 23.12
C ASP F 439 -2.65 15.32 24.43
N ARG F 440 -1.89 15.71 25.44
CA ARG F 440 -2.44 16.10 26.73
C ARG F 440 -1.60 17.26 27.25
N VAL F 441 -2.24 18.33 27.70
CA VAL F 441 -1.51 19.49 28.19
C VAL F 441 -2.09 19.84 29.55
N MET F 442 -1.31 19.69 30.60
CA MET F 442 -1.76 20.09 31.93
C MET F 442 -0.91 21.23 32.42
N ALA F 443 -1.53 22.11 33.19
CA ALA F 443 -0.89 23.31 33.70
C ALA F 443 -0.91 23.34 35.23
N TRP F 444 0.19 23.79 35.82
CA TRP F 444 0.18 24.12 37.23
C TRP F 444 -0.46 25.48 37.44
N PRO F 445 -0.88 25.79 38.68
CA PRO F 445 -1.50 27.10 38.92
C PRO F 445 -0.53 28.25 38.77
N THR F 446 0.75 27.98 38.60
CA THR F 446 1.71 29.05 38.42
C THR F 446 1.97 29.31 36.94
N ALA F 447 1.35 28.53 36.06
CA ALA F 447 1.55 28.68 34.62
C ALA F 447 1.01 30.02 34.17
N GLU F 448 1.77 30.74 33.36
CA GLU F 448 1.34 32.07 32.95
C GLU F 448 1.43 32.09 31.44
N ILE F 449 0.27 32.12 30.79
CA ILE F 449 0.19 31.95 29.34
C ILE F 449 -0.33 33.23 28.75
N ALA F 450 0.42 33.78 27.79
CA ALA F 450 0.14 35.08 27.20
C ALA F 450 1.07 35.29 26.02
N VAL F 451 0.85 36.36 25.29
CA VAL F 451 1.73 36.68 24.17
C VAL F 451 3.03 37.33 24.64
N MET F 452 3.01 38.13 25.71
CA MET F 452 4.20 38.83 26.22
C MET F 452 4.01 39.05 27.72
N GLY F 453 4.69 40.07 28.28
CA GLY F 453 4.58 40.37 29.71
C GLY F 453 4.47 41.84 30.09
N ALA F 454 5.58 42.45 30.52
CA ALA F 454 5.69 43.90 30.68
C ALA F 454 6.18 44.58 29.40
N ASN F 455 6.02 43.92 28.26
CA ASN F 455 6.41 44.43 26.97
C ASN F 455 5.22 44.80 26.17
N SER F 456 4.10 44.28 26.56
CA SER F 456 2.87 44.53 25.87
C SER F 456 2.35 45.91 26.09
N ALA F 457 2.22 46.29 27.35
CA ALA F 457 1.70 47.59 27.74
C ALA F 457 2.13 48.64 26.72
N VAL F 458 3.30 48.44 26.15
CA VAL F 458 3.87 49.43 25.28
C VAL F 458 3.70 49.18 23.74
N PRO F 459 3.65 47.99 23.20
CA PRO F 459 3.15 48.03 21.86
C PRO F 459 1.67 48.28 21.95
N ILE F 460 1.11 48.60 23.11
CA ILE F 460 -0.34 48.64 23.14
C ILE F 460 -0.97 49.94 23.56
N LEU F 461 -0.32 50.76 24.39
CA LEU F 461 -0.91 52.07 24.76
C LEU F 461 0.15 53.17 24.62
N HIS F 462 0.57 53.42 23.38
CA HIS F 462 1.64 54.37 23.11
C HIS F 462 1.25 55.79 23.49
N ASN F 480 0.54 51.77 34.68
CA ASN F 480 1.00 50.71 35.58
C ASN F 480 -0.18 50.04 36.30
N LEU F 481 -1.34 50.72 36.31
CA LEU F 481 -2.57 50.00 36.59
C LEU F 481 -2.96 49.17 35.38
N VAL F 482 -2.74 49.72 34.18
CA VAL F 482 -2.99 49.04 32.92
C VAL F 482 -1.96 47.92 32.75
N ASP F 483 -1.02 47.83 33.70
CA ASP F 483 -0.04 46.75 33.78
C ASP F 483 -0.53 45.60 34.65
N ASP F 484 -1.03 45.88 35.86
CA ASP F 484 -1.53 44.77 36.66
C ASP F 484 -2.93 44.35 36.24
N TYR F 485 -3.62 45.18 35.45
CA TYR F 485 -4.76 44.73 34.66
C TYR F 485 -4.38 43.61 33.71
N ARG F 486 -3.09 43.52 33.40
CA ARG F 486 -2.54 42.59 32.43
C ARG F 486 -2.19 41.24 33.08
N ARG F 487 -2.89 40.90 34.19
CA ARG F 487 -2.86 39.59 34.87
C ARG F 487 -4.26 39.05 34.93
N ARG F 488 -4.98 39.40 33.89
CA ARG F 488 -5.81 38.43 33.21
C ARG F 488 -4.95 37.38 32.53
N PHE F 489 -3.62 37.59 32.50
CA PHE F 489 -2.70 36.67 31.84
C PHE F 489 -1.79 35.88 32.77
N GLY F 490 -1.48 36.38 33.95
CA GLY F 490 -0.53 35.67 34.80
C GLY F 490 -1.04 34.40 35.44
N ASN F 491 -1.91 33.67 34.74
CA ASN F 491 -2.50 32.43 35.22
C ASN F 491 -2.85 31.60 34.00
N PRO F 492 -3.18 30.32 34.20
CA PRO F 492 -3.62 29.49 33.06
C PRO F 492 -5.10 29.50 32.76
N TYR F 493 -5.89 30.40 33.33
CA TYR F 493 -7.31 30.14 33.27
C TYR F 493 -7.96 30.63 31.98
N GLU F 494 -7.33 31.57 31.27
CA GLU F 494 -7.89 31.93 29.98
C GLU F 494 -7.63 30.82 28.98
N ALA F 495 -6.40 30.29 28.96
CA ALA F 495 -6.10 29.19 28.07
C ALA F 495 -6.95 27.99 28.39
N ALA F 496 -7.19 27.76 29.68
CA ALA F 496 -8.10 26.68 30.06
C ALA F 496 -9.50 26.97 29.58
N ALA F 497 -9.89 28.25 29.59
CA ALA F 497 -11.23 28.59 29.16
C ALA F 497 -11.48 28.17 27.72
N HIS F 498 -10.50 28.37 26.86
CA HIS F 498 -10.61 28.06 25.46
C HIS F 498 -10.25 26.62 25.14
N GLY F 499 -9.96 25.79 26.15
CA GLY F 499 -9.54 24.44 25.87
C GLY F 499 -8.10 24.26 25.42
N TYR F 500 -7.27 25.31 25.47
CA TYR F 500 -5.90 25.21 24.98
C TYR F 500 -5.01 24.40 25.92
N VAL F 501 -5.38 24.33 27.21
CA VAL F 501 -4.87 23.32 28.13
C VAL F 501 -6.06 22.46 28.54
N ASP F 502 -5.79 21.19 28.79
CA ASP F 502 -6.86 20.28 29.14
C ASP F 502 -7.10 20.20 30.64
N MET F 503 -6.09 20.44 31.48
CA MET F 503 -6.22 20.29 32.92
C MET F 503 -5.47 21.38 33.63
N VAL F 504 -6.02 21.88 34.73
CA VAL F 504 -5.25 22.63 35.71
C VAL F 504 -5.13 21.75 36.93
N ILE F 505 -3.94 21.27 37.19
CA ILE F 505 -3.70 20.33 38.25
C ILE F 505 -2.86 20.96 39.35
N SER F 506 -3.00 20.44 40.55
CA SER F 506 -2.07 20.77 41.60
C SER F 506 -0.72 20.13 41.28
N PRO F 507 0.40 20.82 41.54
CA PRO F 507 1.71 20.26 41.19
C PRO F 507 1.94 18.89 41.76
N SER F 508 1.53 18.63 43.00
CA SER F 508 1.78 17.31 43.57
C SER F 508 1.13 16.16 42.80
N ARG F 509 0.21 16.44 41.88
CA ARG F 509 -0.50 15.43 41.11
C ARG F 509 0.15 15.12 39.77
N THR F 510 1.25 15.81 39.44
CA THR F 510 1.86 15.68 38.13
C THR F 510 2.23 14.24 37.80
N ARG F 511 3.07 13.61 38.61
CA ARG F 511 3.51 12.25 38.28
C ARG F 511 2.32 11.34 37.95
N TYR F 512 1.32 11.39 38.79
CA TYR F 512 0.23 10.43 38.69
C TYR F 512 -0.64 10.68 37.46
N GLU F 513 -0.82 11.95 37.09
CA GLU F 513 -1.57 12.26 35.87
C GLU F 513 -0.73 11.98 34.62
N VAL F 514 0.53 12.40 34.61
CA VAL F 514 1.43 12.05 33.52
C VAL F 514 1.42 10.54 33.26
N ALA F 515 1.48 9.75 34.31
CA ALA F 515 1.56 8.29 34.10
C ALA F 515 0.28 7.76 33.43
N ARG F 516 -0.88 8.19 33.91
CA ARG F 516 -2.13 7.77 33.30
C ARG F 516 -2.23 8.26 31.88
N ALA F 517 -1.85 9.51 31.63
CA ALA F 517 -1.86 10.03 30.28
C ALA F 517 -0.98 9.19 29.37
N LEU F 518 0.26 8.90 29.79
CA LEU F 518 1.12 8.10 28.94
C LEU F 518 0.49 6.73 28.66
N ALA F 519 -0.15 6.15 29.66
CA ALA F 519 -0.78 4.85 29.49
C ALA F 519 -1.95 4.92 28.51
N SER F 520 -2.72 6.00 28.59
CA SER F 520 -3.84 6.17 27.68
C SER F 520 -3.41 6.34 26.23
N LEU F 521 -2.15 6.59 25.93
CA LEU F 521 -1.75 6.89 24.57
C LEU F 521 -0.90 5.83 23.91
N ARG F 522 -0.74 4.66 24.52
CA ARG F 522 0.14 3.67 23.94
C ARG F 522 -0.37 3.10 22.63
N ASN F 523 -1.63 3.34 22.28
CA ASN F 523 -2.17 2.80 21.05
C ASN F 523 -2.32 3.88 20.01
N LYS F 524 -1.72 5.04 20.26
CA LYS F 524 -1.85 6.17 19.36
C LYS F 524 -1.45 5.80 17.95
N ARG F 525 -2.21 6.28 16.97
CA ARG F 525 -1.76 6.19 15.59
C ARG F 525 -2.20 7.42 14.83
N GLN F 526 -1.22 8.17 14.30
CA GLN F 526 -1.41 9.40 13.55
C GLN F 526 -0.87 9.27 12.12
N ALA F 527 -1.60 9.83 11.16
CA ALA F 527 -1.21 9.74 9.76
C ALA F 527 -0.18 10.81 9.41
N ARG F 528 0.59 10.54 8.37
CA ARG F 528 1.65 11.44 7.97
C ARG F 528 1.43 11.93 6.54
N PRO F 529 1.96 13.11 6.22
CA PRO F 529 1.93 13.57 4.81
C PRO F 529 2.62 12.61 3.85
N ALA F 530 2.13 12.58 2.63
CA ALA F 530 2.74 11.73 1.62
C ALA F 530 3.83 12.53 0.92
N ARG F 531 5.07 12.12 1.12
CA ARG F 531 6.16 12.91 0.56
C ARG F 531 7.39 12.04 0.60
N LYS F 532 8.34 12.33 -0.27
CA LYS F 532 9.64 11.70 -0.16
C LYS F 532 10.29 12.04 1.18
N HIS F 533 10.27 13.30 1.55
CA HIS F 533 10.77 13.82 2.81
C HIS F 533 10.29 15.26 2.87
N GLY F 534 10.38 15.86 4.04
CA GLY F 534 10.02 17.25 4.16
C GLY F 534 11.23 18.11 3.88
N ASN F 535 11.10 19.39 4.16
CA ASN F 535 12.19 20.30 3.88
C ASN F 535 12.41 21.21 5.09
N ILE F 536 12.78 20.58 6.20
CA ILE F 536 13.06 21.27 7.46
C ILE F 536 14.09 22.36 7.18
N PRO F 537 14.09 23.47 7.91
CA PRO F 537 15.13 24.48 7.67
C PRO F 537 16.49 24.00 8.17
N LEU F 538 17.53 24.37 7.43
CA LEU F 538 18.88 23.97 7.80
C LEU F 538 19.72 25.19 8.14
C2 HXC G . -1.41 44.04 18.64
C4 HXC G . -0.04 45.54 17.49
C5 HXC G . 0.89 44.54 17.30
C6 HXC G . 0.64 43.26 17.81
C8 HXC G . 1.63 46.35 16.36
N9 HXC G . 0.43 46.67 16.89
N7 HXC G . 1.92 45.06 16.60
N3 HXC G . -1.20 45.28 18.14
N1 HXC G . -0.51 43.04 18.47
N6 HXC G . 1.61 42.25 17.59
C1' HXC G . -0.23 47.93 16.83
C2' HXC G . 0.37 48.89 17.44
O2' HXC G . -0.14 49.01 18.83
C3' HXC G . 0.04 50.17 16.54
O3' HXC G . -1.24 50.55 16.62
C4' HXC G . 0.26 49.57 15.15
O4' HXC G . -0.42 48.48 15.26
C5' HXC G . 1.71 49.08 15.03
O5' HXC G . 2.57 49.85 14.23
P1 HXC G . 4.06 49.70 14.75
O11 HXC G . 4.62 51.11 14.92
O12 HXC G . 4.89 48.94 13.75
O6 HXC G . 3.95 48.85 16.12
P2 HXC G . 5.17 48.36 17.04
O21 HXC G . 6.44 49.13 16.72
O22 HXC G . 4.79 48.53 18.49
O7 HXC G . 5.49 46.82 16.80
CPB HXC G . 6.58 46.26 17.54
CPA HXC G . 6.66 44.76 17.22
CP7 HXC G . 5.53 44.09 18.02
CP9 HXC G . 6.43 44.54 15.74
CP8 HXC G . 8.01 44.19 17.61
OP3 HXC G . 4.38 44.10 17.25
CP6 HXC G . 5.88 42.66 18.43
OP2 HXC G . 6.41 42.43 19.49
NP2 HXC G . 5.51 41.56 17.55
CP5 HXC G . 5.80 40.20 17.97
CP4 HXC G . 4.45 39.55 18.33
CP3 HXC G . 4.55 38.04 18.12
OP1 HXC G . 4.47 37.58 16.98
NP1 HXC G . 4.75 37.29 19.33
CP2 HXC G . 4.92 35.86 19.49
CP1 HXC G . 4.53 35.04 18.29
S HXC G . 4.30 33.37 18.82
P3 HXC G . -1.77 51.79 17.50
O31 HXC G . -2.76 52.56 16.67
O32 HXC G . -0.64 52.71 17.90
O33 HXC G . -2.46 51.26 18.74
CM1 HXC G . 3.60 32.55 17.43
CM2 HXC G . 4.00 31.12 17.08
CM3 HXC G . 4.08 30.98 15.56
OM2 HXC G . 2.80 33.16 16.76
CM4 HXC G . 4.52 29.57 15.18
CM5 HXC G . 5.42 29.58 13.95
CM6 HXC G . 4.65 29.33 12.66
#